data_9P3D
#
_entry.id   9P3D
#
loop_
_entity.id
_entity.type
_entity.pdbx_description
1 polymer 'Actin, alpha skeletal muscle'
2 polymer 'Vibrio VopV'
3 non-polymer 'MAGNESIUM ION'
4 non-polymer 'PHOSPHOAMINOPHOSPHONIC ACID-ADENYLATE ESTER'
5 water water
#
loop_
_entity_poly.entity_id
_entity_poly.type
_entity_poly.pdbx_seq_one_letter_code
_entity_poly.pdbx_strand_id
1 'polypeptide(L)'
;ETTALVCDNGSGLVKAGFAGDDAPRAVFPSIVGRPRHQGVMVGMGQKDSYVGDEAQSKRGILTLKYPIEHGIITNWDDME
KIWHHTFYNELRVAPEEHPTLLTEAPLNPKANREKMTQIMFETFNVPAMYVAIQAVLSLYASGRTTGIVLDSGDGVTHNV
PIYEGYALPHAIMRLDLAGRDLTDYLMKILTERGYSFVTTAEREIVRDIKEKLCYVALDFENEMATAASSSSLEKSYELP
DGQVITIGNERFRCPETLFQPSFIGMESAGIHETTYNSIMKCDIDIRKDLYANNVMSGGTTMYPGIADRMQKEITALAPS
TMKIKIIAPPERKYSVWIGGSILASLSTFQQMWITKQEYDEAGPSIVHRKCF
;
Q,R,S,T,U,V,W,X,Y,Z,a
2 'polypeptide(L)' KKWPEVKIPARIITTSGNASVDGNPGYRPTRVDSNGETMGYEMRDRV c,d,e,f,g,h,i,j,k,l,m
#
loop_
_chem_comp.id
_chem_comp.type
_chem_comp.name
_chem_comp.formula
ANP non-polymer 'PHOSPHOAMINOPHOSPHONIC ACID-ADENYLATE ESTER' 'C10 H17 N6 O12 P3'
MG non-polymer 'MAGNESIUM ION' 'Mg 2'
#
# COMPACT_ATOMS: atom_id res chain seq x y z
N GLU A 1 15.23 78.46 112.69
CA GLU A 1 15.23 77.02 112.97
C GLU A 1 16.65 76.47 112.98
N THR A 2 17.29 76.54 114.14
CA THR A 2 18.70 76.16 114.24
C THR A 2 18.87 74.66 114.46
N THR A 3 18.26 74.12 115.52
CA THR A 3 18.48 72.72 115.88
C THR A 3 17.16 72.11 116.32
N ALA A 4 16.83 70.94 115.80
CA ALA A 4 15.62 70.24 116.19
C ALA A 4 15.69 69.71 117.62
N LEU A 5 14.55 69.65 118.31
CA LEU A 5 14.35 68.86 119.52
C LEU A 5 13.85 67.46 119.17
N VAL A 6 14.13 66.52 120.04
CA VAL A 6 13.61 65.15 119.94
C VAL A 6 13.08 64.77 121.31
N CYS A 7 11.88 64.21 121.36
CA CYS A 7 11.22 63.85 122.62
C CYS A 7 10.61 62.47 122.49
N ASP A 8 10.99 61.59 123.41
CA ASP A 8 10.29 60.33 123.63
C ASP A 8 9.41 60.54 124.86
N ASN A 9 8.12 60.79 124.64
CA ASN A 9 7.17 60.99 125.74
C ASN A 9 6.85 59.63 126.33
N GLY A 10 7.81 59.12 127.11
CA GLY A 10 7.67 57.78 127.64
C GLY A 10 6.57 57.69 128.69
N SER A 11 6.02 56.51 128.75
CA SER A 11 5.06 56.14 129.75
C SER A 11 5.58 56.31 131.17
N GLY A 12 6.89 56.20 131.42
CA GLY A 12 7.53 56.37 132.70
C GLY A 12 8.56 57.48 132.75
N LEU A 13 9.27 57.70 131.64
CA LEU A 13 10.39 58.64 131.61
C LEU A 13 10.30 59.48 130.34
N VAL A 14 10.13 60.80 130.50
CA VAL A 14 10.24 61.71 129.36
C VAL A 14 11.72 61.91 129.04
N LYS A 15 12.13 61.55 127.83
CA LYS A 15 13.51 61.70 127.38
C LYS A 15 13.53 62.78 126.30
N ALA A 16 14.24 63.89 126.52
CA ALA A 16 14.25 65.03 125.62
C ALA A 16 15.68 65.52 125.44
N GLY A 17 15.94 66.13 124.29
CA GLY A 17 17.25 66.69 124.00
C GLY A 17 17.34 67.12 122.56
N PHE A 18 18.41 67.81 122.20
CA PHE A 18 18.61 68.31 120.85
C PHE A 18 19.06 67.22 119.88
N ALA A 19 18.73 67.35 118.60
CA ALA A 19 19.24 66.46 117.56
C ALA A 19 20.76 66.55 117.41
N GLY A 20 21.38 65.51 116.88
CA GLY A 20 22.83 65.40 116.67
C GLY A 20 23.64 65.01 117.92
N ASP A 21 23.18 65.34 119.13
CA ASP A 21 23.75 64.80 120.37
C ASP A 21 23.51 63.29 120.49
N ASP A 22 24.43 62.58 121.14
CA ASP A 22 24.38 61.13 121.33
C ASP A 22 23.71 60.69 122.64
N ALA A 23 23.20 61.63 123.44
CA ALA A 23 22.54 61.35 124.71
C ALA A 23 21.51 62.43 124.98
N PRO A 24 20.38 62.08 125.59
CA PRO A 24 19.37 63.09 125.87
C PRO A 24 19.86 64.14 126.86
N ARG A 25 19.42 65.38 126.66
CA ARG A 25 19.82 66.46 127.56
C ARG A 25 19.21 66.29 128.94
N ALA A 26 17.95 65.88 129.01
CA ALA A 26 17.25 65.75 130.29
C ALA A 26 16.33 64.54 130.26
N VAL A 27 16.34 63.78 131.36
CA VAL A 27 15.45 62.65 131.55
C VAL A 27 14.80 62.81 132.92
N PHE A 28 13.48 62.70 132.96
CA PHE A 28 12.73 62.85 134.20
C PHE A 28 11.44 62.05 134.09
N PRO A 29 10.89 61.61 135.22
CA PRO A 29 9.64 60.83 135.15
C PRO A 29 8.49 61.65 134.58
N SER A 30 7.64 60.97 133.82
CA SER A 30 6.41 61.58 133.29
C SER A 30 5.31 61.56 134.35
N ILE A 31 5.57 62.29 135.43
CA ILE A 31 4.72 62.28 136.62
C ILE A 31 4.27 63.69 136.93
N VAL A 32 2.99 63.86 137.20
CA VAL A 32 2.45 65.09 137.80
C VAL A 32 1.95 64.73 139.19
N GLY A 33 2.14 65.62 140.16
CA GLY A 33 1.71 65.39 141.53
C GLY A 33 0.93 66.57 142.09
N ARG A 34 -0.15 66.31 142.81
CA ARG A 34 -0.95 67.33 143.52
C ARG A 34 -0.76 67.15 145.02
N PRO A 35 -0.61 68.22 145.83
CA PRO A 35 -0.48 68.12 147.27
C PRO A 35 -1.74 67.50 147.89
N ARG A 36 -1.55 66.42 148.65
CA ARG A 36 -2.62 65.62 149.23
C ARG A 36 -3.12 66.19 150.55
N HIS A 37 -2.20 66.53 151.44
CA HIS A 37 -2.50 66.97 152.81
C HIS A 37 -2.83 68.47 152.91
N GLN A 38 -3.24 68.91 154.09
CA GLN A 38 -3.58 70.29 154.39
C GLN A 38 -2.35 71.21 154.34
N GLY A 39 -2.50 72.41 153.76
CA GLY A 39 -1.45 73.43 153.68
C GLY A 39 -1.26 74.22 154.98
N VAL A 40 -0.91 73.55 156.07
CA VAL A 40 -0.98 74.10 157.43
C VAL A 40 -0.06 75.30 157.68
N MET A 41 1.11 75.36 157.05
CA MET A 41 2.09 76.43 157.28
C MET A 41 2.11 77.42 156.11
N VAL A 42 1.86 78.69 156.41
CA VAL A 42 1.86 79.78 155.41
C VAL A 42 3.26 80.07 154.89
N GLY A 43 3.38 80.34 153.59
CA GLY A 43 4.65 80.75 152.98
C GLY A 43 5.73 79.66 152.90
N MET A 44 5.41 78.38 153.15
CA MET A 44 6.37 77.26 152.98
C MET A 44 6.71 76.97 151.51
N GLY A 45 6.19 77.76 150.56
CA GLY A 45 6.49 77.66 149.13
C GLY A 45 5.70 76.58 148.39
N GLN A 46 4.61 76.05 148.97
CA GLN A 46 3.85 74.94 148.39
C GLN A 46 3.09 75.40 147.13
N LYS A 47 3.70 75.21 145.96
CA LYS A 47 3.04 75.25 144.64
C LYS A 47 1.85 74.28 144.61
N ASP A 48 0.83 74.61 143.82
CA ASP A 48 -0.40 73.81 143.71
C ASP A 48 -0.21 72.45 143.02
N SER A 49 0.94 72.24 142.37
CA SER A 49 1.26 71.03 141.62
C SER A 49 2.75 70.99 141.29
N TYR A 50 3.23 69.80 140.94
CA TYR A 50 4.64 69.53 140.63
C TYR A 50 4.73 68.59 139.45
N VAL A 51 5.87 68.58 138.78
CA VAL A 51 6.08 67.75 137.61
C VAL A 51 7.54 67.32 137.56
N GLY A 52 7.78 66.08 137.14
CA GLY A 52 9.14 65.61 136.97
C GLY A 52 9.84 65.35 138.28
N ASP A 53 11.08 65.81 138.38
CA ASP A 53 11.91 65.51 139.55
C ASP A 53 11.35 66.12 140.83
N GLU A 54 10.67 67.27 140.71
CA GLU A 54 10.08 67.89 141.89
C GLU A 54 9.03 66.98 142.52
N ALA A 55 8.17 66.39 141.68
CA ALA A 55 7.17 65.45 142.19
C ALA A 55 7.84 64.19 142.72
N GLN A 56 8.88 63.70 142.04
CA GLN A 56 9.53 62.47 142.45
C GLN A 56 10.20 62.61 143.82
N SER A 57 10.86 63.75 144.06
CA SER A 57 11.58 63.94 145.31
C SER A 57 10.63 64.19 146.47
N LYS A 58 9.57 64.98 146.27
CA LYS A 58 8.58 65.32 147.29
C LYS A 58 7.42 64.33 147.33
N ARG A 59 7.61 63.08 146.92
CA ARG A 59 6.51 62.13 146.75
C ARG A 59 5.73 61.91 148.03
N GLY A 60 6.31 62.16 149.22
CA GLY A 60 5.67 61.86 150.50
C GLY A 60 4.41 62.68 150.82
N ILE A 61 4.18 63.80 150.13
CA ILE A 61 3.00 64.68 150.32
C ILE A 61 2.13 64.78 149.06
N LEU A 62 2.37 63.95 148.03
CA LEU A 62 1.77 64.12 146.71
C LEU A 62 0.97 62.88 146.26
N THR A 63 -0.15 63.10 145.56
CA THR A 63 -0.78 62.08 144.72
C THR A 63 -0.08 62.05 143.36
N LEU A 64 1.03 61.32 143.24
CA LEU A 64 1.68 61.10 141.94
C LEU A 64 0.70 60.41 140.97
N LYS A 65 0.64 60.84 139.72
CA LYS A 65 -0.14 60.18 138.66
C LYS A 65 0.54 60.29 137.30
N TYR A 66 0.39 59.29 136.45
CA TYR A 66 1.02 59.26 135.15
C TYR A 66 0.03 59.69 134.08
N PRO A 67 0.26 60.81 133.40
CA PRO A 67 -0.64 61.17 132.28
C PRO A 67 -0.66 60.15 131.17
N ILE A 68 0.46 59.47 130.93
CA ILE A 68 0.51 58.43 129.91
C ILE A 68 0.06 57.11 130.52
N GLU A 69 -0.80 56.40 129.81
CA GLU A 69 -1.19 55.05 130.17
C GLU A 69 -1.15 54.17 128.93
N HIS A 70 -0.29 53.16 128.95
CA HIS A 70 -0.13 52.22 127.85
C HIS A 70 0.16 52.95 126.54
N GLY A 71 1.00 53.99 126.61
CA GLY A 71 1.38 54.74 125.43
C GLY A 71 0.35 55.74 124.93
N ILE A 72 -0.76 55.89 125.64
CA ILE A 72 -1.85 56.76 125.23
C ILE A 72 -2.00 57.88 126.25
N ILE A 73 -2.14 59.12 125.81
CA ILE A 73 -2.36 60.25 126.71
C ILE A 73 -3.76 60.15 127.31
N THR A 74 -3.85 60.10 128.64
CA THR A 74 -5.14 60.00 129.36
C THR A 74 -5.58 61.29 130.04
N ASN A 75 -4.74 62.33 130.08
CA ASN A 75 -5.11 63.59 130.72
C ASN A 75 -4.31 64.71 130.05
N TRP A 76 -4.96 65.47 129.18
CA TRP A 76 -4.28 66.47 128.37
C TRP A 76 -3.86 67.72 129.13
N ASP A 77 -4.48 68.03 130.27
CA ASP A 77 -4.04 69.14 131.11
C ASP A 77 -2.72 68.80 131.79
N ASP A 78 -2.60 67.60 132.36
CA ASP A 78 -1.33 67.14 132.90
C ASP A 78 -0.28 66.93 131.81
N MET A 79 -0.67 66.43 130.63
CA MET A 79 0.27 66.27 129.52
C MET A 79 0.78 67.62 129.01
N GLU A 80 -0.11 68.61 128.92
CA GLU A 80 0.33 69.95 128.53
C GLU A 80 1.30 70.51 129.56
N LYS A 81 1.06 70.26 130.85
CA LYS A 81 1.97 70.67 131.91
C LYS A 81 3.32 69.98 131.78
N ILE A 82 3.36 68.72 131.36
CA ILE A 82 4.61 68.01 131.15
C ILE A 82 5.35 68.56 129.93
N TRP A 83 4.62 68.82 128.84
CA TRP A 83 5.22 69.48 127.68
C TRP A 83 5.86 70.80 128.07
N HIS A 84 5.10 71.63 128.80
CA HIS A 84 5.60 72.95 129.19
C HIS A 84 6.84 72.84 130.06
N HIS A 85 6.84 71.88 130.99
CA HIS A 85 8.04 71.65 131.79
C HIS A 85 9.22 71.24 130.92
N THR A 86 9.04 70.21 130.09
CA THR A 86 10.16 69.66 129.35
C THR A 86 10.72 70.68 128.36
N PHE A 87 9.92 71.67 127.97
CA PHE A 87 10.47 72.75 127.15
C PHE A 87 11.12 73.83 127.99
N TYR A 88 10.37 74.45 128.90
CA TYR A 88 10.80 75.70 129.51
C TYR A 88 11.68 75.53 130.75
N ASN A 89 11.79 74.34 131.31
CA ASN A 89 12.57 74.15 132.53
C ASN A 89 13.73 73.18 132.35
N GLU A 90 13.48 72.01 131.77
CA GLU A 90 14.55 71.03 131.57
C GLU A 90 15.45 71.44 130.42
N LEU A 91 14.88 71.55 129.21
CA LEU A 91 15.66 72.02 128.07
C LEU A 91 15.96 73.51 128.18
N ARG A 92 15.11 74.26 128.89
CA ARG A 92 15.23 75.72 129.00
C ARG A 92 15.28 76.37 127.62
N VAL A 93 14.42 75.89 126.72
CA VAL A 93 14.39 76.33 125.33
C VAL A 93 12.98 76.74 124.97
N ALA A 94 12.85 77.88 124.31
CA ALA A 94 11.56 78.31 123.80
C ALA A 94 11.20 77.48 122.58
N PRO A 95 10.10 76.71 122.61
CA PRO A 95 9.77 75.84 121.47
C PRO A 95 9.23 76.57 120.27
N GLU A 96 9.05 77.89 120.35
CA GLU A 96 8.47 78.66 119.25
C GLU A 96 9.38 78.71 118.02
N GLU A 97 10.65 78.31 118.14
CA GLU A 97 11.57 78.37 117.02
C GLU A 97 12.39 77.10 116.84
N HIS A 98 11.96 75.97 117.41
CA HIS A 98 12.68 74.71 117.28
C HIS A 98 11.74 73.65 116.73
N PRO A 99 12.02 73.06 115.57
CA PRO A 99 11.24 71.90 115.13
C PRO A 99 11.39 70.76 116.11
N THR A 100 10.36 69.94 116.23
CA THR A 100 10.32 68.91 117.27
C THR A 100 9.89 67.58 116.67
N LEU A 101 10.57 66.49 117.01
CA LEU A 101 10.23 65.13 116.61
C LEU A 101 9.72 64.35 117.83
N LEU A 102 8.58 63.69 117.71
CA LEU A 102 7.94 62.96 118.79
C LEU A 102 7.82 61.49 118.42
N THR A 103 8.02 60.63 119.40
CA THR A 103 8.05 59.20 119.22
C THR A 103 6.80 58.59 119.85
N GLU A 104 6.05 57.77 119.11
CA GLU A 104 4.79 57.22 119.58
C GLU A 104 4.73 55.72 119.30
N ALA A 105 4.02 55.01 120.17
CA ALA A 105 3.80 53.58 119.97
C ALA A 105 2.86 53.35 118.79
N PRO A 106 3.01 52.23 118.08
CA PRO A 106 2.12 51.94 116.95
C PRO A 106 0.75 51.48 117.42
N LEU A 107 -0.18 51.47 116.47
CA LEU A 107 -1.57 51.06 116.71
C LEU A 107 -2.24 51.90 117.80
N ASN A 108 -1.80 53.14 117.94
CA ASN A 108 -2.42 54.07 118.87
C ASN A 108 -3.68 54.67 118.25
N PRO A 109 -4.60 55.19 119.08
CA PRO A 109 -5.79 55.87 118.61
C PRO A 109 -5.39 57.10 117.80
N LYS A 110 -5.98 57.32 116.62
CA LYS A 110 -5.60 58.44 115.78
C LYS A 110 -5.84 59.78 116.47
N ALA A 111 -6.83 59.85 117.35
CA ALA A 111 -7.13 61.05 118.11
C ALA A 111 -5.98 61.46 119.04
N ASN A 112 -5.19 60.50 119.55
CA ASN A 112 -3.99 60.77 120.33
C ASN A 112 -3.00 61.60 119.50
N ARG A 113 -2.74 61.19 118.25
CA ARG A 113 -1.87 61.95 117.34
C ARG A 113 -2.49 63.29 116.98
N GLU A 114 -3.77 63.35 116.69
CA GLU A 114 -4.37 64.60 116.22
C GLU A 114 -4.35 65.65 117.32
N LYS A 115 -4.72 65.31 118.56
CA LYS A 115 -4.64 66.28 119.66
C LYS A 115 -3.19 66.60 120.02
N MET A 116 -2.28 65.63 119.95
CA MET A 116 -0.84 65.88 120.12
C MET A 116 -0.36 66.96 119.15
N THR A 117 -0.69 66.83 117.87
CA THR A 117 -0.27 67.79 116.86
C THR A 117 -0.95 69.14 117.05
N GLN A 118 -2.25 69.14 117.37
CA GLN A 118 -2.97 70.39 117.62
C GLN A 118 -2.33 71.14 118.80
N ILE A 119 -2.00 70.43 119.88
CA ILE A 119 -1.33 71.04 121.03
C ILE A 119 0.02 71.61 120.61
N MET A 120 0.78 70.82 119.85
CA MET A 120 2.12 71.26 119.47
C MET A 120 2.06 72.54 118.65
N PHE A 121 1.11 72.64 117.72
CA PHE A 121 1.07 73.81 116.84
C PHE A 121 0.32 75.01 117.43
N GLU A 122 -0.66 74.79 118.31
CA GLU A 122 -1.58 75.86 118.73
C GLU A 122 -1.37 76.39 120.14
N THR A 123 -0.56 75.74 121.00
CA THR A 123 -0.18 76.33 122.28
C THR A 123 1.32 76.41 122.51
N PHE A 124 2.12 75.66 121.73
CA PHE A 124 3.56 75.77 121.78
C PHE A 124 4.17 76.35 120.50
N ASN A 125 3.38 76.47 119.44
CA ASN A 125 3.74 77.21 118.24
C ASN A 125 5.02 76.70 117.58
N VAL A 126 5.26 75.38 117.62
CA VAL A 126 6.49 74.84 117.02
C VAL A 126 6.48 75.08 115.53
N PRO A 127 7.58 75.56 114.92
CA PRO A 127 7.56 75.81 113.48
C PRO A 127 7.31 74.57 112.64
N ALA A 128 7.75 73.40 113.10
CA ALA A 128 7.53 72.16 112.37
C ALA A 128 7.61 71.00 113.36
N MET A 129 6.98 69.89 113.01
CA MET A 129 7.00 68.73 113.88
C MET A 129 6.73 67.46 113.07
N TYR A 130 7.10 66.33 113.63
CA TYR A 130 6.93 65.02 113.00
C TYR A 130 6.74 63.94 114.05
N VAL A 131 6.04 62.87 113.71
CA VAL A 131 5.80 61.73 114.58
C VAL A 131 6.36 60.48 113.93
N ALA A 132 7.14 59.72 114.69
CA ALA A 132 7.81 58.50 114.25
C ALA A 132 7.48 57.35 115.19
N ILE A 133 7.36 56.13 114.68
CA ILE A 133 7.07 54.98 115.52
C ILE A 133 8.28 54.65 116.37
N GLN A 134 8.09 54.56 117.71
CA GLN A 134 9.14 54.35 118.74
C GLN A 134 10.10 53.22 118.33
N ALA A 135 9.57 52.13 117.78
CA ALA A 135 10.39 51.01 117.32
C ALA A 135 11.26 51.35 116.11
N VAL A 136 10.76 52.06 115.09
CA VAL A 136 11.52 52.33 113.84
C VAL A 136 12.79 53.12 114.14
N LEU A 137 12.72 54.05 115.09
CA LEU A 137 13.89 54.78 115.56
C LEU A 137 14.96 53.87 116.16
N SER A 138 14.58 52.75 116.77
CA SER A 138 15.54 51.81 117.32
C SER A 138 16.47 51.24 116.24
N LEU A 139 16.04 51.08 114.98
CA LEU A 139 16.97 50.65 113.92
C LEU A 139 17.96 51.75 113.53
N TYR A 140 17.54 53.01 113.48
CA TYR A 140 18.49 54.12 113.31
C TYR A 140 19.51 54.14 114.44
N ALA A 141 19.09 53.87 115.68
CA ALA A 141 19.99 53.81 116.82
C ALA A 141 21.02 52.69 116.71
N SER A 142 20.63 51.52 116.19
CA SER A 142 21.55 50.40 116.00
C SER A 142 22.38 50.55 114.74
N GLY A 143 21.97 51.41 113.81
CA GLY A 143 22.69 51.57 112.56
C GLY A 143 22.39 50.45 111.58
N ARG A 144 21.11 50.12 111.39
CA ARG A 144 20.65 49.02 110.51
C ARG A 144 19.50 49.44 109.60
N THR A 145 19.34 48.74 108.48
CA THR A 145 18.15 48.81 107.63
C THR A 145 17.26 47.57 107.71
N THR A 146 17.71 46.50 108.36
CA THR A 146 16.95 45.24 108.48
C THR A 146 17.00 44.73 109.90
N GLY A 147 15.85 44.33 110.44
CA GLY A 147 15.75 43.77 111.78
C GLY A 147 14.32 43.76 112.28
N ILE A 148 14.09 43.07 113.39
CA ILE A 148 12.81 43.12 114.10
C ILE A 148 13.05 43.77 115.44
N VAL A 149 12.37 44.87 115.72
CA VAL A 149 12.58 45.63 116.96
C VAL A 149 11.55 45.21 117.98
N LEU A 150 11.97 44.65 119.11
CA LEU A 150 11.20 44.73 120.34
C LEU A 150 11.52 46.06 120.98
N ASP A 151 10.54 46.92 121.04
CA ASP A 151 10.61 48.08 121.92
C ASP A 151 9.72 47.79 123.10
N SER A 152 10.24 47.91 124.31
CA SER A 152 9.40 48.06 125.47
C SER A 152 10.02 48.96 126.51
N GLY A 153 9.56 50.20 126.49
CA GLY A 153 9.68 51.03 127.64
C GLY A 153 8.71 50.60 128.73
N ASP A 154 8.16 51.59 129.39
CA ASP A 154 7.35 51.49 130.56
C ASP A 154 5.89 51.18 130.30
N GLY A 155 5.32 51.57 129.16
CA GLY A 155 3.89 51.44 128.93
C GLY A 155 3.44 50.31 128.01
N VAL A 156 4.24 49.92 127.03
CA VAL A 156 3.90 48.87 126.04
C VAL A 156 5.08 47.96 125.77
N THR A 157 4.83 46.83 125.14
CA THR A 157 5.84 46.18 124.29
C THR A 157 5.28 46.06 122.89
N HIS A 158 6.09 46.22 121.87
CA HIS A 158 5.66 45.95 120.50
C HIS A 158 6.81 45.46 119.64
N ASN A 159 6.47 44.66 118.64
CA ASN A 159 7.39 44.13 117.64
C ASN A 159 7.10 44.83 116.33
N VAL A 160 8.07 45.49 115.71
CA VAL A 160 7.95 45.99 114.33
C VAL A 160 9.02 45.35 113.47
N PRO A 161 8.69 44.40 112.59
CA PRO A 161 9.64 43.82 111.66
C PRO A 161 9.86 44.75 110.47
N ILE A 162 11.11 44.94 110.08
CA ILE A 162 11.53 45.85 109.02
C ILE A 162 12.60 45.15 108.17
N TYR A 163 12.50 45.23 106.86
CA TYR A 163 13.46 44.59 105.96
C TYR A 163 13.88 45.54 104.84
N GLU A 164 15.18 45.73 104.69
CA GLU A 164 15.82 46.67 103.79
C GLU A 164 15.15 48.04 103.80
N GLY A 165 14.63 48.47 104.96
CA GLY A 165 14.00 49.76 105.15
C GLY A 165 12.52 49.81 104.89
N TYR A 166 11.92 48.73 104.39
CA TYR A 166 10.47 48.64 104.26
C TYR A 166 9.89 47.98 105.50
N ALA A 167 8.93 48.64 106.12
CA ALA A 167 8.23 48.06 107.27
C ALA A 167 7.12 47.14 106.80
N LEU A 168 6.77 46.18 107.64
CA LEU A 168 5.68 45.26 107.35
C LEU A 168 4.55 45.52 108.34
N PRO A 169 3.65 46.46 108.05
CA PRO A 169 2.64 46.85 109.04
C PRO A 169 1.72 45.72 109.47
N HIS A 170 1.41 44.78 108.57
CA HIS A 170 0.50 43.70 108.92
C HIS A 170 1.10 42.73 109.93
N ALA A 171 2.41 42.72 110.09
CA ALA A 171 3.09 41.83 111.02
C ALA A 171 3.37 42.47 112.37
N ILE A 172 2.93 43.71 112.59
CA ILE A 172 3.19 44.38 113.86
C ILE A 172 2.38 43.71 114.97
N MET A 173 3.05 43.45 116.09
CA MET A 173 2.41 42.89 117.27
C MET A 173 2.57 43.87 118.43
N ARG A 174 1.57 43.88 119.31
CA ARG A 174 1.57 44.81 120.43
C ARG A 174 0.99 44.14 121.67
N LEU A 175 1.63 44.38 122.82
CA LEU A 175 1.13 43.95 124.12
C LEU A 175 1.16 45.14 125.06
N ASP A 176 0.10 45.31 125.83
CA ASP A 176 0.05 46.39 126.81
C ASP A 176 0.71 46.03 128.13
N LEU A 177 1.20 44.80 128.27
CA LEU A 177 1.95 44.42 129.47
C LEU A 177 3.38 44.92 129.38
N ALA A 178 3.77 45.84 130.25
CA ALA A 178 5.07 46.49 130.24
C ALA A 178 5.45 47.03 131.62
N GLY A 179 6.40 47.95 131.70
CA GLY A 179 6.99 48.43 132.95
C GLY A 179 6.00 48.79 134.07
N ARG A 180 4.96 49.57 133.81
CA ARG A 180 4.02 49.96 134.87
C ARG A 180 3.19 48.77 135.34
N ASP A 181 2.64 48.00 134.39
CA ASP A 181 1.84 46.84 134.75
C ASP A 181 2.68 45.81 135.50
N LEU A 182 3.92 45.63 135.06
CA LEU A 182 4.81 44.65 135.68
C LEU A 182 5.30 45.10 137.05
N THR A 183 5.29 46.41 137.33
CA THR A 183 5.56 46.88 138.68
C THR A 183 4.40 46.56 139.61
N ASP A 184 3.16 46.67 139.10
CA ASP A 184 2.00 46.36 139.93
C ASP A 184 2.01 44.91 140.37
N TYR A 185 2.43 44.00 139.49
CA TYR A 185 2.54 42.60 139.88
C TYR A 185 3.56 42.42 140.99
N LEU A 186 4.65 43.19 140.95
CA LEU A 186 5.64 43.13 142.02
C LEU A 186 5.03 43.57 143.34
N MET A 187 4.18 44.60 143.32
CA MET A 187 3.48 45.02 144.53
C MET A 187 2.61 43.90 145.07
N LYS A 188 1.91 43.19 144.17
CA LYS A 188 1.05 42.09 144.59
C LYS A 188 1.85 40.97 145.22
N ILE A 189 2.96 40.58 144.59
CA ILE A 189 3.72 39.44 145.06
C ILE A 189 4.55 39.74 146.30
N LEU A 190 4.87 41.02 146.55
CA LEU A 190 5.60 41.35 147.76
C LEU A 190 4.79 41.06 149.02
N THR A 191 3.46 40.99 148.88
CA THR A 191 2.62 40.74 150.05
C THR A 191 2.74 39.32 150.57
N GLU A 192 3.22 38.37 149.75
CA GLU A 192 3.45 37.02 150.27
C GLU A 192 4.51 37.01 151.36
N ARG A 193 5.45 37.94 151.28
CA ARG A 193 6.54 38.08 152.25
C ARG A 193 6.17 38.99 153.41
N GLY A 194 5.01 39.64 153.38
CA GLY A 194 4.55 40.49 154.46
C GLY A 194 4.61 41.98 154.18
N TYR A 195 5.26 42.41 153.10
CA TYR A 195 5.38 43.83 152.81
C TYR A 195 4.14 44.33 152.08
N SER A 196 3.63 45.48 152.49
CA SER A 196 2.41 46.06 151.92
C SER A 196 2.71 47.45 151.40
N PHE A 197 2.49 47.64 150.09
CA PHE A 197 2.65 48.94 149.44
C PHE A 197 1.38 49.23 148.65
N VAL A 198 0.64 50.26 149.04
CA VAL A 198 -0.66 50.53 148.41
C VAL A 198 -0.75 51.95 147.90
N THR A 199 0.02 52.88 148.46
CA THR A 199 -0.04 54.30 148.08
C THR A 199 0.65 54.56 146.75
N THR A 200 0.24 55.60 146.02
CA THR A 200 0.91 55.97 144.76
C THR A 200 2.36 56.44 144.96
N ALA A 201 2.73 56.90 146.15
CA ALA A 201 4.12 57.15 146.49
C ALA A 201 4.95 55.85 146.54
N GLU A 202 4.43 54.79 147.12
CA GLU A 202 5.17 53.53 147.26
C GLU A 202 5.32 52.79 145.94
N ARG A 203 4.54 53.17 144.92
CA ARG A 203 4.79 52.65 143.58
C ARG A 203 6.21 52.94 143.12
N GLU A 204 6.72 54.12 143.47
CA GLU A 204 8.09 54.47 143.09
C GLU A 204 9.11 53.65 143.87
N ILE A 205 8.84 53.37 145.14
CA ILE A 205 9.74 52.51 145.92
C ILE A 205 9.78 51.11 145.32
N VAL A 206 8.61 50.58 144.95
CA VAL A 206 8.56 49.27 144.33
C VAL A 206 9.25 49.27 142.98
N ARG A 207 9.12 50.37 142.22
CA ARG A 207 9.84 50.49 140.95
C ARG A 207 11.34 50.48 141.17
N ASP A 208 11.82 51.17 142.20
CA ASP A 208 13.24 51.16 142.52
C ASP A 208 13.71 49.76 142.89
N ILE A 209 12.93 49.06 143.71
CA ILE A 209 13.26 47.68 144.07
C ILE A 209 13.35 46.81 142.82
N LYS A 210 12.38 46.98 141.92
CA LYS A 210 12.36 46.22 140.67
C LYS A 210 13.61 46.50 139.84
N GLU A 211 13.97 47.77 139.67
CA GLU A 211 15.09 48.12 138.82
C GLU A 211 16.41 47.66 139.42
N LYS A 212 16.53 47.69 140.75
CA LYS A 212 17.80 47.32 141.37
C LYS A 212 17.97 45.80 141.47
N LEU A 213 16.95 45.08 141.92
CA LEU A 213 17.09 43.68 142.31
C LEU A 213 16.53 42.66 141.32
N CYS A 214 15.62 43.03 140.43
CA CYS A 214 14.99 42.03 139.57
C CYS A 214 15.93 41.60 138.44
N TYR A 215 15.76 40.36 137.99
CA TYR A 215 16.55 39.74 136.93
C TYR A 215 15.78 38.57 136.34
N VAL A 216 16.17 38.09 135.17
CA VAL A 216 15.45 37.05 134.44
C VAL A 216 16.24 35.75 134.55
N ALA A 217 15.67 34.65 134.06
CA ALA A 217 16.20 33.33 134.30
C ALA A 217 16.65 32.71 132.99
N LEU A 218 17.36 31.58 133.11
CA LEU A 218 17.57 30.71 131.98
C LEU A 218 16.61 29.53 131.98
N ASP A 219 16.23 29.05 133.16
CA ASP A 219 15.21 28.01 133.32
C ASP A 219 14.41 28.36 134.56
N PHE A 220 13.16 28.76 134.36
CA PHE A 220 12.38 29.34 135.46
C PHE A 220 12.18 28.33 136.58
N GLU A 221 11.89 27.06 136.24
CA GLU A 221 11.70 26.05 137.27
C GLU A 221 12.98 25.79 138.04
N ASN A 222 14.13 25.86 137.37
CA ASN A 222 15.40 25.68 138.08
C ASN A 222 15.64 26.81 139.07
N GLU A 223 15.36 28.05 138.68
CA GLU A 223 15.48 29.16 139.62
C GLU A 223 14.50 29.01 140.77
N MET A 224 13.27 28.54 140.51
CA MET A 224 12.32 28.31 141.60
C MET A 224 12.84 27.24 142.55
N ALA A 225 13.42 26.17 142.01
CA ALA A 225 13.95 25.11 142.85
C ALA A 225 15.13 25.59 143.69
N THR A 226 16.04 26.35 143.09
CA THR A 226 17.21 26.87 143.82
C THR A 226 16.82 27.95 144.83
N ALA A 227 15.76 28.72 144.60
CA ALA A 227 15.20 29.61 145.61
C ALA A 227 14.51 28.85 146.76
N ALA A 228 13.89 27.69 146.50
CA ALA A 228 13.27 26.86 147.53
C ALA A 228 14.30 26.26 148.50
N SER A 229 15.49 25.91 148.00
CA SER A 229 16.69 25.70 148.84
C SER A 229 17.28 27.06 149.26
N SER A 230 16.71 27.68 150.30
CA SER A 230 17.00 29.07 150.67
C SER A 230 18.51 29.35 150.81
N SER A 231 18.98 30.33 150.05
CA SER A 231 20.40 30.52 149.72
C SER A 231 20.60 31.90 149.03
N SER A 232 21.71 32.07 148.29
CA SER A 232 22.16 33.32 147.67
C SER A 232 21.19 33.94 146.65
N LEU A 233 20.08 33.29 146.30
CA LEU A 233 18.99 33.89 145.55
C LEU A 233 18.41 35.12 146.27
N GLU A 234 18.39 35.12 147.60
CA GLU A 234 17.85 36.24 148.37
C GLU A 234 18.73 37.49 148.30
N LYS A 235 18.10 38.66 148.19
CA LYS A 235 18.76 39.97 148.24
C LYS A 235 17.98 40.91 149.16
N SER A 236 18.62 41.98 149.61
CA SER A 236 18.06 42.92 150.57
C SER A 236 18.11 44.36 150.07
N TYR A 237 17.18 45.18 150.52
CA TYR A 237 17.00 46.56 150.06
C TYR A 237 16.64 47.45 151.24
N GLU A 238 17.11 48.69 151.28
CA GLU A 238 16.82 49.62 152.38
C GLU A 238 15.84 50.70 151.91
N LEU A 239 14.69 50.78 152.54
CA LEU A 239 13.67 51.78 152.27
C LEU A 239 14.16 53.17 152.64
N PRO A 240 13.54 54.21 152.08
CA PRO A 240 13.88 55.58 152.51
C PRO A 240 13.61 55.84 153.98
N ASP A 241 12.72 55.07 154.60
CA ASP A 241 12.49 55.19 156.04
C ASP A 241 13.67 54.60 156.83
N GLY A 242 14.41 53.66 156.25
CA GLY A 242 15.47 52.98 156.95
C GLY A 242 15.19 51.54 157.32
N GLN A 243 14.00 51.02 157.03
CA GLN A 243 13.73 49.60 157.23
C GLN A 243 14.38 48.78 156.11
N VAL A 244 14.69 47.52 156.39
CA VAL A 244 15.40 46.64 155.44
C VAL A 244 14.50 45.49 155.04
N ILE A 245 14.17 45.46 153.75
CA ILE A 245 13.47 44.38 153.08
C ILE A 245 14.45 43.27 152.73
N THR A 246 13.97 42.04 152.71
CA THR A 246 14.58 40.93 151.96
C THR A 246 13.56 40.42 150.95
N ILE A 247 13.99 40.02 149.76
CA ILE A 247 13.15 39.37 148.74
C ILE A 247 13.83 38.10 148.21
N GLY A 248 13.03 37.08 147.94
CA GLY A 248 13.49 35.76 147.51
C GLY A 248 13.12 35.52 146.07
N ASN A 249 12.18 34.61 145.83
CA ASN A 249 11.66 34.31 144.49
C ASN A 249 11.14 35.55 143.76
N GLU A 250 10.64 36.57 144.45
CA GLU A 250 9.92 37.67 143.81
C GLU A 250 10.77 38.39 142.78
N ARG A 251 12.10 38.44 142.96
CA ARG A 251 12.98 39.21 142.08
C ARG A 251 13.08 38.62 140.68
N PHE A 252 12.84 37.33 140.50
CA PHE A 252 12.74 36.71 139.17
C PHE A 252 11.31 36.27 138.81
N ARG A 253 10.37 36.15 139.76
CA ARG A 253 8.96 35.95 139.43
C ARG A 253 8.38 37.15 138.70
N CYS A 254 8.82 38.36 139.08
CA CYS A 254 8.22 39.56 138.51
C CYS A 254 8.60 39.77 137.05
N PRO A 255 9.88 39.72 136.65
CA PRO A 255 10.18 39.83 135.21
C PRO A 255 9.62 38.68 134.39
N GLU A 256 9.39 37.51 135.00
CA GLU A 256 8.90 36.36 134.25
C GLU A 256 7.52 36.59 133.66
N THR A 257 6.75 37.54 134.20
CA THR A 257 5.44 37.83 133.65
C THR A 257 5.53 38.29 132.20
N LEU A 258 6.68 38.84 131.77
CA LEU A 258 6.91 39.18 130.37
C LEU A 258 6.76 37.93 129.52
N PHE A 259 7.35 36.82 129.93
CA PHE A 259 7.31 35.59 129.14
C PHE A 259 6.11 34.72 129.45
N GLN A 260 5.47 34.91 130.60
CA GLN A 260 4.25 34.19 130.96
C GLN A 260 3.21 35.18 131.45
N PRO A 261 2.49 35.83 130.53
CA PRO A 261 1.44 36.77 130.95
C PRO A 261 0.30 36.14 131.72
N SER A 262 0.27 34.81 131.82
CA SER A 262 -0.75 34.15 132.64
C SER A 262 -0.65 34.58 134.10
N PHE A 263 0.54 35.00 134.53
CA PHE A 263 0.72 35.44 135.90
C PHE A 263 -0.11 36.68 136.20
N ILE A 264 -0.17 37.62 135.27
CA ILE A 264 -0.86 38.88 135.49
C ILE A 264 -2.29 38.71 134.99
N GLY A 265 -2.67 37.48 134.66
CA GLY A 265 -4.03 37.17 134.26
C GLY A 265 -4.35 37.37 132.80
N MET A 266 -3.36 37.69 131.97
CA MET A 266 -3.61 37.88 130.55
C MET A 266 -3.51 36.57 129.78
N GLU A 267 -4.29 36.47 128.71
CA GLU A 267 -4.25 35.29 127.85
C GLU A 267 -3.10 35.33 126.85
N SER A 268 -2.63 36.52 126.51
CA SER A 268 -1.68 36.69 125.41
C SER A 268 -0.38 35.95 125.68
N ALA A 269 0.31 35.58 124.60
CA ALA A 269 1.61 34.95 124.71
C ALA A 269 2.63 35.94 125.26
N GLY A 270 3.77 35.41 125.68
CA GLY A 270 4.80 36.21 126.32
C GLY A 270 5.47 37.17 125.36
N ILE A 271 6.53 37.84 125.80
CA ILE A 271 7.35 38.67 124.95
C ILE A 271 8.02 37.79 123.89
N HIS A 272 8.46 36.60 124.25
CA HIS A 272 8.71 35.56 123.26
C HIS A 272 7.39 35.03 122.72
N GLU A 273 7.47 34.42 121.53
CA GLU A 273 6.32 33.83 120.85
C GLU A 273 5.39 34.90 120.29
N THR A 274 5.66 36.17 120.60
CA THR A 274 5.04 37.26 119.84
C THR A 274 6.01 37.82 118.82
N THR A 275 7.29 37.94 119.17
CA THR A 275 8.38 38.19 118.23
C THR A 275 8.45 37.09 117.19
N TYR A 276 8.36 35.83 117.61
CA TYR A 276 8.33 34.71 116.67
C TYR A 276 7.08 34.75 115.79
N ASN A 277 5.91 35.08 116.35
CA ASN A 277 4.70 35.16 115.52
C ASN A 277 4.81 36.29 114.50
N SER A 278 5.38 37.44 114.88
CA SER A 278 5.62 38.52 113.91
C SER A 278 6.58 38.08 112.83
N ILE A 279 7.66 37.38 113.15
CA ILE A 279 8.53 36.78 112.13
C ILE A 279 7.75 35.83 111.23
N MET A 280 6.89 34.97 111.76
CA MET A 280 6.08 34.06 110.96
C MET A 280 5.05 34.77 110.07
N LYS A 281 4.61 35.99 110.40
CA LYS A 281 3.73 36.73 109.51
C LYS A 281 4.49 37.34 108.34
N CYS A 282 5.78 37.62 108.53
CA CYS A 282 6.64 38.18 107.50
C CYS A 282 6.80 37.22 106.32
N ASP A 283 7.26 37.75 105.19
CA ASP A 283 7.41 36.94 103.98
C ASP A 283 8.43 35.83 104.21
N ILE A 284 8.34 34.79 103.37
CA ILE A 284 9.11 33.57 103.60
C ILE A 284 10.61 33.84 103.51
N ASP A 285 11.04 34.63 102.52
CA ASP A 285 12.46 34.91 102.36
C ASP A 285 12.98 35.90 103.39
N ILE A 286 12.08 36.61 104.08
CA ILE A 286 12.50 37.70 104.95
C ILE A 286 13.10 37.16 106.24
N ARG A 287 12.63 35.99 106.68
CA ARG A 287 12.84 35.56 108.06
C ARG A 287 14.29 35.24 108.37
N LYS A 288 15.11 34.94 107.36
CA LYS A 288 16.52 34.69 107.60
C LYS A 288 17.19 35.88 108.26
N ASP A 289 16.90 37.09 107.78
CA ASP A 289 17.54 38.28 108.31
C ASP A 289 16.88 38.77 109.60
N LEU A 290 15.57 38.59 109.76
CA LEU A 290 14.91 38.94 111.02
C LEU A 290 15.42 38.09 112.19
N TYR A 291 15.62 36.79 112.01
CA TYR A 291 16.17 35.96 113.07
C TYR A 291 17.59 36.35 113.48
N ALA A 292 18.38 36.95 112.59
CA ALA A 292 19.73 37.35 112.91
C ALA A 292 19.84 38.78 113.45
N ASN A 293 18.83 39.61 113.20
CA ASN A 293 18.80 41.02 113.55
C ASN A 293 17.61 41.33 114.48
N ASN A 294 17.38 40.49 115.48
CA ASN A 294 16.39 40.75 116.50
C ASN A 294 16.93 41.82 117.47
N VAL A 295 16.37 43.03 117.48
CA VAL A 295 16.91 44.21 118.20
C VAL A 295 16.04 44.54 119.40
N MET A 296 16.62 44.78 120.57
CA MET A 296 15.87 45.18 121.77
C MET A 296 16.09 46.64 122.17
N SER A 297 15.04 47.33 122.57
CA SER A 297 15.04 48.74 122.97
C SER A 297 14.01 49.03 124.06
N GLY A 298 14.12 50.19 124.71
CA GLY A 298 13.18 50.62 125.73
C GLY A 298 13.49 50.01 127.10
N GLY A 299 13.22 50.77 128.15
CA GLY A 299 13.82 50.52 129.45
C GLY A 299 13.49 49.18 130.08
N THR A 300 12.38 48.51 129.80
CA THR A 300 12.16 47.17 130.39
C THR A 300 13.00 46.08 129.74
N THR A 301 13.72 46.34 128.65
CA THR A 301 14.64 45.34 128.08
C THR A 301 16.00 45.31 128.78
N MET A 302 16.13 45.90 129.97
CA MET A 302 17.38 46.09 130.69
C MET A 302 17.63 45.04 131.77
N TYR A 303 16.66 44.17 132.02
CA TYR A 303 16.82 43.18 133.08
C TYR A 303 18.00 42.27 132.78
N PRO A 304 18.87 42.00 133.74
CA PRO A 304 19.97 41.05 133.51
C PRO A 304 19.43 39.69 133.12
N GLY A 305 20.08 39.07 132.13
CA GLY A 305 19.68 37.77 131.66
C GLY A 305 18.50 37.75 130.70
N ILE A 306 17.99 38.93 130.30
CA ILE A 306 16.88 38.96 129.36
C ILE A 306 17.30 38.38 128.01
N ALA A 307 18.53 38.68 127.58
CA ALA A 307 19.00 38.20 126.30
C ALA A 307 19.10 36.67 126.27
N ASP A 308 19.59 36.08 127.36
CA ASP A 308 19.71 34.62 127.40
C ASP A 308 18.35 33.94 127.36
N ARG A 309 17.41 34.42 128.18
CA ARG A 309 16.07 33.86 128.19
C ARG A 309 15.42 33.96 126.81
N MET A 310 15.46 35.15 126.23
CA MET A 310 14.80 35.33 124.95
C MET A 310 15.49 34.54 123.86
N GLN A 311 16.81 34.46 123.85
CA GLN A 311 17.51 33.68 122.85
C GLN A 311 17.17 32.20 122.98
N LYS A 312 17.11 31.69 124.21
CA LYS A 312 16.75 30.29 124.40
C LYS A 312 15.34 30.01 123.87
N GLU A 313 14.39 30.89 124.20
CA GLU A 313 13.02 30.67 123.73
C GLU A 313 12.91 30.75 122.21
N ILE A 314 13.58 31.76 121.61
CA ILE A 314 13.48 31.92 120.16
C ILE A 314 14.16 30.76 119.45
N THR A 315 15.31 30.30 119.95
CA THR A 315 15.95 29.13 119.34
C THR A 315 15.07 27.90 119.48
N ALA A 316 14.38 27.74 120.62
CA ALA A 316 13.49 26.61 120.78
C ALA A 316 12.34 26.66 119.77
N LEU A 317 11.74 27.83 119.51
CA LEU A 317 10.64 27.96 118.54
C LEU A 317 11.11 27.88 117.08
N ALA A 318 12.18 28.59 116.72
CA ALA A 318 12.67 28.67 115.35
C ALA A 318 13.25 27.33 114.85
N PRO A 319 13.37 27.12 113.53
CA PRO A 319 13.99 25.92 112.98
C PRO A 319 15.44 25.78 113.43
N SER A 320 15.86 24.57 113.79
CA SER A 320 17.19 24.24 114.33
C SER A 320 18.37 24.67 113.45
N THR A 321 18.15 24.75 112.13
CA THR A 321 19.11 25.23 111.13
C THR A 321 19.33 26.77 111.15
N MET A 322 18.47 27.55 111.80
CA MET A 322 18.50 29.00 111.74
C MET A 322 19.31 29.56 112.90
N LYS A 323 20.26 30.44 112.60
CA LYS A 323 21.13 31.04 113.60
C LYS A 323 20.45 32.26 114.21
N ILE A 324 19.93 32.10 115.43
CA ILE A 324 19.30 33.22 116.13
C ILE A 324 20.37 34.10 116.75
N LYS A 325 20.22 35.41 116.59
CA LYS A 325 21.14 36.37 117.20
C LYS A 325 20.34 37.56 117.68
N ILE A 326 20.55 37.95 118.93
CA ILE A 326 19.84 39.06 119.54
C ILE A 326 20.80 40.22 119.75
N ILE A 327 20.40 41.41 119.32
CA ILE A 327 21.21 42.62 119.43
C ILE A 327 20.65 43.44 120.59
N ALA A 328 21.52 43.76 121.55
CA ALA A 328 21.11 44.52 122.74
C ALA A 328 22.27 45.39 123.18
N PRO A 329 22.46 46.54 122.53
CA PRO A 329 23.52 47.46 122.97
C PRO A 329 23.22 47.99 124.36
N PRO A 330 24.24 48.33 125.14
CA PRO A 330 23.99 48.72 126.54
C PRO A 330 23.11 49.95 126.71
N GLU A 331 22.93 50.75 125.65
CA GLU A 331 22.11 51.95 125.71
C GLU A 331 20.64 51.70 125.37
N ARG A 332 20.10 50.52 125.69
CA ARG A 332 18.71 50.20 125.35
C ARG A 332 17.75 51.29 125.80
N LYS A 333 17.96 51.86 126.98
CA LYS A 333 17.00 52.79 127.55
C LYS A 333 16.81 54.02 126.66
N TYR A 334 17.91 54.57 126.16
CA TYR A 334 17.86 55.78 125.36
C TYR A 334 17.90 55.53 123.86
N SER A 335 17.91 54.27 123.43
CA SER A 335 18.06 53.89 122.03
C SER A 335 16.96 54.50 121.16
N VAL A 336 15.71 54.49 121.57
CA VAL A 336 14.61 55.13 120.82
C VAL A 336 14.88 56.62 120.62
N TRP A 337 15.29 57.32 121.68
CA TRP A 337 15.62 58.75 121.58
C TRP A 337 16.85 58.99 120.70
N ILE A 338 17.89 58.19 120.84
CA ILE A 338 19.10 58.26 120.02
C ILE A 338 18.71 58.09 118.55
N GLY A 339 17.85 57.12 118.23
CA GLY A 339 17.30 56.96 116.90
C GLY A 339 16.65 58.22 116.37
N GLY A 340 15.84 58.90 117.18
CA GLY A 340 15.26 60.18 116.81
C GLY A 340 16.32 61.27 116.59
N SER A 341 17.35 61.32 117.42
CA SER A 341 18.43 62.30 117.29
C SER A 341 19.27 62.10 116.02
N ILE A 342 19.40 60.86 115.53
CA ILE A 342 19.91 60.57 114.20
C ILE A 342 18.94 61.10 113.15
N LEU A 343 17.69 60.60 113.16
CA LEU A 343 16.72 60.85 112.12
C LEU A 343 16.49 62.34 111.87
N ALA A 344 16.26 63.10 112.94
CA ALA A 344 16.04 64.54 112.88
C ALA A 344 17.22 65.33 112.26
N SER A 345 18.42 64.75 112.25
CA SER A 345 19.63 65.37 111.71
C SER A 345 19.87 65.09 110.23
N LEU A 346 19.20 64.11 109.62
CA LEU A 346 19.49 63.71 108.24
C LEU A 346 19.06 64.79 107.24
N SER A 347 19.90 65.10 106.26
CA SER A 347 19.59 66.11 105.23
C SER A 347 18.39 65.72 104.35
N THR A 348 18.24 64.42 104.06
CA THR A 348 17.09 63.87 103.34
C THR A 348 15.79 63.95 104.15
N PHE A 349 15.85 63.85 105.49
CA PHE A 349 14.66 63.92 106.34
C PHE A 349 14.04 65.32 106.42
N GLN A 350 14.79 66.39 106.15
CA GLN A 350 14.29 67.76 106.34
C GLN A 350 13.06 68.11 105.49
N GLN A 351 12.77 67.35 104.43
CA GLN A 351 11.58 67.60 103.62
C GLN A 351 10.31 67.00 104.22
N MET A 352 10.43 66.15 105.23
CA MET A 352 9.28 65.45 105.78
C MET A 352 8.67 66.09 107.01
N TRP A 353 9.25 67.18 107.54
CA TRP A 353 8.65 67.85 108.67
C TRP A 353 7.30 68.45 108.27
N ILE A 354 6.29 68.36 109.14
CA ILE A 354 5.00 69.01 108.99
C ILE A 354 5.18 70.47 109.37
N THR A 355 5.26 71.35 108.37
CA THR A 355 5.48 72.76 108.65
C THR A 355 4.24 73.40 109.24
N LYS A 356 4.43 74.56 109.87
CA LYS A 356 3.31 75.33 110.40
C LYS A 356 2.33 75.69 109.29
N GLN A 357 2.86 76.06 108.12
CA GLN A 357 2.01 76.44 107.00
C GLN A 357 1.29 75.25 106.37
N GLU A 358 1.80 74.03 106.56
CA GLU A 358 1.04 72.85 106.15
C GLU A 358 -0.09 72.53 107.12
N TYR A 359 0.15 72.71 108.42
CA TYR A 359 -0.90 72.49 109.43
C TYR A 359 -2.02 73.51 109.25
N ASP A 360 -1.70 74.80 109.17
CA ASP A 360 -2.75 75.82 109.20
C ASP A 360 -3.64 75.84 107.94
N GLU A 361 -3.23 75.12 106.88
CA GLU A 361 -3.98 74.90 105.65
C GLU A 361 -4.79 73.59 105.65
N ALA A 362 -4.50 72.62 106.52
CA ALA A 362 -5.10 71.27 106.48
C ALA A 362 -5.62 70.74 107.83
N GLY A 363 -5.38 71.47 108.92
CA GLY A 363 -5.73 71.08 110.27
C GLY A 363 -4.90 69.94 110.84
N PRO A 364 -5.24 69.46 112.05
CA PRO A 364 -4.51 68.37 112.72
C PRO A 364 -4.55 67.05 111.96
N SER A 365 -5.34 66.92 110.89
CA SER A 365 -5.44 65.66 110.15
C SER A 365 -4.25 65.44 109.22
N ILE A 366 -3.35 66.41 109.10
CA ILE A 366 -2.23 66.30 108.18
C ILE A 366 -1.31 65.13 108.54
N VAL A 367 -1.32 64.70 109.81
CA VAL A 367 -0.35 63.72 110.28
C VAL A 367 -0.52 62.38 109.57
N HIS A 368 -1.77 61.97 109.31
CA HIS A 368 -2.00 60.67 108.68
C HIS A 368 -1.52 60.62 107.25
N ARG A 369 -1.24 61.77 106.63
CA ARG A 369 -0.71 61.77 105.27
C ARG A 369 0.81 61.96 105.24
N LYS A 370 1.34 62.83 106.10
CA LYS A 370 2.78 63.07 106.12
C LYS A 370 3.55 61.95 106.79
N CYS A 371 3.02 61.41 107.89
CA CYS A 371 3.74 60.46 108.72
C CYS A 371 3.21 59.04 108.53
N PHE A 372 4.02 58.07 108.97
CA PHE A 372 3.56 56.71 109.15
C PHE A 372 2.57 56.77 110.31
N GLU B 1 -30.28 1.40 107.53
CA GLU B 1 -29.90 2.78 107.28
C GLU B 1 -31.13 3.60 106.89
N THR B 2 -31.83 4.12 107.90
CA THR B 2 -33.09 4.82 107.65
C THR B 2 -32.86 6.19 107.04
N THR B 3 -31.92 6.96 107.57
CA THR B 3 -31.76 8.35 107.15
C THR B 3 -30.29 8.71 107.20
N ALA B 4 -29.84 9.47 106.20
CA ALA B 4 -28.47 9.95 106.16
C ALA B 4 -28.31 11.23 106.97
N LEU B 5 -27.05 11.56 107.27
CA LEU B 5 -26.68 12.79 107.94
C LEU B 5 -25.81 13.64 107.02
N VAL B 6 -25.90 14.95 107.18
CA VAL B 6 -25.09 15.90 106.44
C VAL B 6 -24.43 16.84 107.43
N CYS B 7 -23.13 17.02 107.31
CA CYS B 7 -22.36 17.88 108.21
C CYS B 7 -21.43 18.77 107.41
N ASP B 8 -21.59 20.08 107.56
CA ASP B 8 -20.64 21.05 107.04
C ASP B 8 -19.75 21.47 108.21
N ASN B 9 -18.53 20.94 108.30
CA ASN B 9 -17.60 21.30 109.36
C ASN B 9 -17.02 22.69 109.06
N GLY B 10 -17.84 23.70 109.30
CA GLY B 10 -17.47 25.07 109.06
C GLY B 10 -16.31 25.53 109.92
N SER B 11 -15.46 26.38 109.35
CA SER B 11 -14.39 26.98 110.15
C SER B 11 -14.94 27.80 111.30
N GLY B 12 -16.13 28.36 111.15
CA GLY B 12 -16.75 29.11 112.22
C GLY B 12 -18.00 28.47 112.80
N LEU B 13 -18.78 27.80 111.96
CA LEU B 13 -20.09 27.27 112.35
C LEU B 13 -20.25 25.85 111.83
N VAL B 14 -20.32 24.87 112.72
CA VAL B 14 -20.73 23.51 112.38
C VAL B 14 -22.19 23.55 112.01
N LYS B 15 -22.57 22.92 110.91
CA LYS B 15 -23.96 22.84 110.44
C LYS B 15 -24.27 21.37 110.24
N ALA B 16 -25.25 20.80 110.94
CA ALA B 16 -25.54 19.37 110.85
C ALA B 16 -27.05 19.16 110.87
N GLY B 17 -27.47 18.06 110.26
CA GLY B 17 -28.88 17.72 110.22
C GLY B 17 -29.10 16.52 109.32
N PHE B 18 -30.33 16.02 109.37
CA PHE B 18 -30.70 14.86 108.57
C PHE B 18 -30.87 15.25 107.10
N ALA B 19 -30.75 14.25 106.24
CA ALA B 19 -30.94 14.46 104.81
C ALA B 19 -32.41 14.70 104.49
N GLY B 20 -32.65 15.34 103.36
CA GLY B 20 -34.01 15.62 102.92
C GLY B 20 -34.57 16.92 103.48
N ASP B 21 -34.19 17.26 104.70
CA ASP B 21 -34.65 18.50 105.31
C ASP B 21 -34.05 19.70 104.59
N ASP B 22 -34.82 20.79 104.56
CA ASP B 22 -34.39 22.01 103.89
C ASP B 22 -33.61 22.94 104.81
N ALA B 23 -33.41 22.57 106.07
CA ALA B 23 -32.65 23.38 107.00
C ALA B 23 -31.94 22.46 107.97
N PRO B 24 -30.73 22.82 108.42
CA PRO B 24 -30.01 21.97 109.38
C PRO B 24 -30.72 21.91 110.72
N ARG B 25 -30.62 20.76 111.37
CA ARG B 25 -31.21 20.59 112.70
C ARG B 25 -30.49 21.42 113.75
N ALA B 26 -29.17 21.52 113.66
CA ALA B 26 -28.39 22.24 114.67
C ALA B 26 -27.26 23.02 114.01
N VAL B 27 -27.08 24.25 114.45
CA VAL B 27 -25.97 25.09 114.04
C VAL B 27 -25.33 25.67 115.29
N PHE B 28 -24.03 25.45 115.45
CA PHE B 28 -23.30 25.92 116.62
C PHE B 28 -21.87 26.21 116.20
N PRO B 29 -21.19 27.11 116.90
CA PRO B 29 -19.80 27.43 116.53
C PRO B 29 -18.89 26.21 116.69
N SER B 30 -17.92 26.07 115.78
CA SER B 30 -16.88 25.03 115.84
C SER B 30 -15.80 25.41 116.85
N ILE B 31 -16.18 25.63 118.11
CA ILE B 31 -15.31 26.18 119.13
C ILE B 31 -15.17 25.19 120.27
N VAL B 32 -13.94 24.92 120.69
CA VAL B 32 -13.65 24.20 121.92
C VAL B 32 -13.00 25.18 122.86
N GLY B 33 -13.36 25.17 124.13
CA GLY B 33 -12.82 26.07 125.12
C GLY B 33 -12.39 25.33 126.37
N ARG B 34 -11.33 25.81 127.01
CA ARG B 34 -10.80 25.25 128.26
C ARG B 34 -10.88 26.33 129.36
N PRO B 35 -11.15 25.99 130.62
CA PRO B 35 -11.21 26.96 131.72
C PRO B 35 -9.86 27.63 131.93
N ARG B 36 -9.87 28.96 131.95
CA ARG B 36 -8.63 29.72 132.08
C ARG B 36 -8.25 29.93 133.54
N HIS B 37 -9.17 30.47 134.34
CA HIS B 37 -8.87 30.80 135.73
C HIS B 37 -9.07 29.58 136.61
N GLN B 38 -8.52 29.67 137.83
CA GLN B 38 -8.62 28.58 138.79
C GLN B 38 -10.02 28.45 139.34
N GLY B 39 -10.39 27.22 139.70
CA GLY B 39 -11.69 26.96 140.29
C GLY B 39 -11.68 27.08 141.79
N VAL B 40 -12.56 27.92 142.33
CA VAL B 40 -12.59 28.19 143.76
C VAL B 40 -13.56 27.27 144.47
N MET B 41 -14.84 27.35 144.10
CA MET B 41 -15.87 26.60 144.80
C MET B 41 -15.86 25.14 144.38
N VAL B 42 -16.17 24.25 145.32
CA VAL B 42 -16.24 22.81 145.07
C VAL B 42 -17.68 22.43 144.75
N GLY B 43 -17.83 21.45 143.86
CA GLY B 43 -19.14 20.94 143.50
C GLY B 43 -19.90 21.76 142.48
N MET B 44 -19.37 22.89 142.05
CA MET B 44 -20.06 23.71 141.05
C MET B 44 -20.01 23.10 139.66
N GLY B 45 -19.21 22.05 139.46
CA GLY B 45 -19.28 21.30 138.22
C GLY B 45 -18.62 21.91 137.01
N GLN B 46 -17.54 22.67 137.19
CA GLN B 46 -16.82 23.21 136.05
C GLN B 46 -16.18 22.09 135.24
N LYS B 47 -16.66 21.87 134.03
CA LYS B 47 -16.12 20.82 133.18
C LYS B 47 -14.72 21.19 132.70
N ASP B 48 -13.96 20.15 132.33
CA ASP B 48 -12.61 20.38 131.83
C ASP B 48 -12.58 21.00 130.44
N SER B 49 -13.71 21.01 129.72
CA SER B 49 -13.78 21.63 128.41
C SER B 49 -15.24 21.90 128.07
N TYR B 50 -15.43 22.79 127.09
CA TYR B 50 -16.75 23.12 126.58
C TYR B 50 -16.69 23.19 125.07
N VAL B 51 -17.84 23.02 124.43
CA VAL B 51 -17.90 22.98 122.97
C VAL B 51 -19.23 23.55 122.52
N GLY B 52 -19.20 24.27 121.40
CA GLY B 52 -20.43 24.78 120.82
C GLY B 52 -21.00 25.94 121.63
N ASP B 53 -22.32 25.89 121.86
CA ASP B 53 -22.99 27.00 122.51
C ASP B 53 -22.55 27.15 123.97
N GLU B 54 -22.14 26.05 124.61
CA GLU B 54 -21.68 26.15 125.99
C GLU B 54 -20.43 27.03 126.09
N ALA B 55 -19.46 26.80 125.20
CA ALA B 55 -18.28 27.64 125.18
C ALA B 55 -18.61 29.07 124.77
N GLN B 56 -19.53 29.23 123.83
CA GLN B 56 -19.87 30.56 123.34
C GLN B 56 -20.52 31.41 124.42
N SER B 57 -21.41 30.81 125.22
CA SER B 57 -22.13 31.56 126.24
C SER B 57 -21.26 31.85 127.45
N LYS B 58 -20.42 30.90 127.86
CA LYS B 58 -19.54 31.04 129.00
C LYS B 58 -18.14 31.48 128.61
N ARG B 59 -18.02 32.29 127.55
CA ARG B 59 -16.71 32.63 126.99
C ARG B 59 -15.86 33.42 127.98
N GLY B 60 -16.48 34.09 128.96
CA GLY B 60 -15.74 34.96 129.84
C GLY B 60 -14.68 34.27 130.67
N ILE B 61 -14.81 32.97 130.88
CA ILE B 61 -13.87 32.20 131.70
C ILE B 61 -13.11 31.19 130.87
N LEU B 62 -13.26 31.20 129.55
CA LEU B 62 -12.74 30.14 128.68
C LEU B 62 -11.77 30.70 127.67
N THR B 63 -10.82 29.86 127.26
CA THR B 63 -9.88 30.18 126.17
C THR B 63 -10.38 29.51 124.89
N LEU B 64 -11.31 30.20 124.22
CA LEU B 64 -11.88 29.66 122.99
C LEU B 64 -10.81 29.48 121.93
N LYS B 65 -10.91 28.37 121.18
CA LYS B 65 -10.07 28.08 120.01
C LYS B 65 -10.84 27.25 118.97
N TYR B 66 -10.48 27.36 117.71
CA TYR B 66 -11.17 26.73 116.58
C TYR B 66 -10.30 25.62 115.99
N PRO B 67 -10.70 24.35 116.05
CA PRO B 67 -9.85 23.28 115.52
C PRO B 67 -9.71 23.29 114.00
N ILE B 68 -10.71 23.79 113.28
CA ILE B 68 -10.63 24.07 111.84
C ILE B 68 -9.90 25.39 111.62
N GLU B 69 -9.00 25.46 110.65
CA GLU B 69 -8.23 26.65 110.31
C GLU B 69 -7.99 26.69 108.80
N HIS B 70 -8.56 27.68 108.09
CA HIS B 70 -8.58 27.73 106.62
C HIS B 70 -9.06 26.41 106.02
N GLY B 71 -10.06 25.81 106.66
CA GLY B 71 -10.61 24.55 106.19
C GLY B 71 -9.79 23.32 106.51
N ILE B 72 -8.67 23.42 107.22
CA ILE B 72 -7.80 22.29 107.57
C ILE B 72 -7.98 21.97 109.05
N ILE B 73 -8.15 20.70 109.41
CA ILE B 73 -8.21 20.31 110.82
C ILE B 73 -6.80 20.38 111.39
N THR B 74 -6.60 21.25 112.38
CA THR B 74 -5.29 21.47 113.02
C THR B 74 -5.16 20.85 114.39
N ASN B 75 -6.26 20.38 115.00
CA ASN B 75 -6.21 19.64 116.26
C ASN B 75 -7.25 18.53 116.24
N TRP B 76 -6.81 17.30 115.96
CA TRP B 76 -7.70 16.16 115.83
C TRP B 76 -8.32 15.71 117.15
N ASP B 77 -7.70 15.98 118.29
CA ASP B 77 -8.31 15.68 119.59
C ASP B 77 -9.52 16.59 119.88
N ASP B 78 -9.38 17.89 119.65
CA ASP B 78 -10.52 18.81 119.75
C ASP B 78 -11.55 18.60 118.63
N MET B 79 -11.13 18.25 117.42
CA MET B 79 -12.08 17.95 116.36
C MET B 79 -12.86 16.66 116.63
N GLU B 80 -12.25 15.61 117.19
CA GLU B 80 -13.01 14.46 117.67
C GLU B 80 -14.02 14.84 118.76
N LYS B 81 -13.72 15.85 119.60
CA LYS B 81 -14.68 16.37 120.57
C LYS B 81 -15.83 17.11 119.90
N ILE B 82 -15.59 17.91 118.86
CA ILE B 82 -16.66 18.55 118.07
C ILE B 82 -17.52 17.50 117.34
N TRP B 83 -16.92 16.48 116.74
CA TRP B 83 -17.68 15.38 116.15
C TRP B 83 -18.53 14.67 117.20
N HIS B 84 -17.99 14.32 118.37
CA HIS B 84 -18.78 13.69 119.42
C HIS B 84 -19.96 14.56 119.82
N HIS B 85 -19.75 15.85 120.03
CA HIS B 85 -20.81 16.78 120.38
C HIS B 85 -21.90 16.87 119.31
N THR B 86 -21.51 17.05 118.04
CA THR B 86 -22.51 17.25 116.98
C THR B 86 -23.31 15.97 116.73
N PHE B 87 -22.76 14.81 117.08
CA PHE B 87 -23.55 13.59 116.96
C PHE B 87 -24.44 13.36 118.18
N TYR B 88 -23.84 13.32 119.38
CA TYR B 88 -24.58 12.83 120.54
C TYR B 88 -25.41 13.92 121.21
N ASN B 89 -24.89 15.13 121.35
CA ASN B 89 -25.59 16.17 122.10
C ASN B 89 -26.58 16.94 121.24
N GLU B 90 -26.14 17.46 120.10
CA GLU B 90 -27.01 18.30 119.28
C GLU B 90 -28.02 17.47 118.50
N LEU B 91 -27.52 16.59 117.61
CA LEU B 91 -28.43 15.78 116.81
C LEU B 91 -29.11 14.69 117.61
N ARG B 92 -28.57 14.35 118.78
CA ARG B 92 -29.10 13.28 119.63
C ARG B 92 -29.18 11.96 118.87
N VAL B 93 -28.21 11.69 118.01
CA VAL B 93 -28.20 10.52 117.15
C VAL B 93 -26.91 9.75 117.37
N ALA B 94 -27.04 8.44 117.53
CA ALA B 94 -25.87 7.56 117.55
C ALA B 94 -25.37 7.37 116.11
N PRO B 95 -24.15 7.78 115.80
CA PRO B 95 -23.67 7.67 114.41
C PRO B 95 -23.39 6.26 113.94
N GLU B 96 -23.62 5.25 114.79
CA GLU B 96 -23.31 3.87 114.44
C GLU B 96 -24.21 3.32 113.35
N GLU B 97 -25.30 4.01 113.01
CA GLU B 97 -26.26 3.47 112.04
C GLU B 97 -26.75 4.51 111.05
N HIS B 98 -26.08 5.65 110.90
CA HIS B 98 -26.48 6.69 109.95
C HIS B 98 -25.33 6.97 109.00
N PRO B 99 -25.48 6.74 107.69
CA PRO B 99 -24.45 7.20 106.75
C PRO B 99 -24.32 8.71 106.81
N THR B 100 -23.09 9.19 106.67
CA THR B 100 -22.77 10.59 106.96
C THR B 100 -22.04 11.21 105.78
N LEU B 101 -22.49 12.40 105.36
CA LEU B 101 -21.86 13.14 104.28
C LEU B 101 -21.15 14.36 104.86
N LEU B 102 -19.89 14.54 104.46
CA LEU B 102 -19.04 15.59 105.00
C LEU B 102 -18.60 16.53 103.89
N THR B 103 -18.63 17.83 104.18
CA THR B 103 -18.14 18.82 103.23
C THR B 103 -16.68 19.16 103.48
N GLU B 104 -15.99 19.53 102.41
CA GLU B 104 -14.58 19.90 102.49
C GLU B 104 -14.26 20.94 101.43
N ALA B 105 -13.25 21.75 101.70
CA ALA B 105 -12.78 22.72 100.73
C ALA B 105 -11.88 22.04 99.70
N PRO B 106 -11.84 22.56 98.47
CA PRO B 106 -10.95 21.98 97.45
C PRO B 106 -9.49 22.32 97.73
N LEU B 107 -8.62 21.53 97.12
CA LEU B 107 -7.16 21.66 97.27
C LEU B 107 -6.72 21.50 98.71
N ASN B 108 -7.50 20.80 99.53
CA ASN B 108 -7.10 20.52 100.90
C ASN B 108 -6.02 19.44 100.92
N PRO B 109 -5.22 19.37 102.00
CA PRO B 109 -4.23 18.31 102.18
C PRO B 109 -4.92 16.95 102.23
N LYS B 110 -4.40 15.95 101.55
CA LYS B 110 -5.00 14.62 101.47
C LYS B 110 -5.10 13.96 102.84
N ALA B 111 -4.13 14.23 103.72
CA ALA B 111 -4.17 13.73 105.09
C ALA B 111 -5.42 14.18 105.87
N ASN B 112 -6.01 15.33 105.52
CA ASN B 112 -7.24 15.82 106.14
C ASN B 112 -8.42 14.88 105.88
N ARG B 113 -8.78 14.63 104.61
CA ARG B 113 -9.88 13.71 104.27
C ARG B 113 -9.56 12.24 104.59
N GLU B 114 -8.30 11.85 104.59
CA GLU B 114 -7.89 10.53 105.05
C GLU B 114 -8.18 10.35 106.54
N LYS B 115 -7.69 11.24 107.41
CA LYS B 115 -7.97 11.09 108.84
C LYS B 115 -9.44 11.32 109.16
N MET B 116 -10.19 12.17 108.44
CA MET B 116 -11.65 12.24 108.59
C MET B 116 -12.24 10.84 108.42
N THR B 117 -11.86 10.17 107.35
CA THR B 117 -12.44 8.87 107.00
C THR B 117 -12.04 7.80 108.00
N GLN B 118 -10.78 7.80 108.45
CA GLN B 118 -10.34 6.88 109.51
C GLN B 118 -11.11 7.12 110.81
N ILE B 119 -11.35 8.37 111.20
CA ILE B 119 -12.13 8.75 112.38
C ILE B 119 -13.55 8.22 112.24
N MET B 120 -14.20 8.47 111.10
CA MET B 120 -15.58 8.05 110.94
C MET B 120 -15.73 6.54 110.98
N PHE B 121 -14.79 5.78 110.44
CA PHE B 121 -14.89 4.32 110.45
C PHE B 121 -14.31 3.65 111.70
N GLU B 122 -13.46 4.30 112.50
CA GLU B 122 -12.77 3.64 113.61
C GLU B 122 -13.05 4.23 115.00
N THR B 123 -13.71 5.38 115.14
CA THR B 123 -14.14 5.88 116.45
C THR B 123 -15.64 6.16 116.51
N PHE B 124 -16.27 6.58 115.41
CA PHE B 124 -17.73 6.67 115.31
C PHE B 124 -18.40 5.42 114.72
N ASN B 125 -17.70 4.65 113.89
CA ASN B 125 -18.19 3.43 113.24
C ASN B 125 -19.48 3.70 112.46
N VAL B 126 -19.43 4.68 111.57
CA VAL B 126 -20.55 4.98 110.69
C VAL B 126 -20.68 3.87 109.65
N PRO B 127 -21.90 3.51 109.24
CA PRO B 127 -22.03 2.47 108.21
C PRO B 127 -21.46 2.86 106.87
N ALA B 128 -21.52 4.14 106.50
CA ALA B 128 -20.97 4.62 105.25
C ALA B 128 -20.75 6.12 105.36
N MET B 129 -19.94 6.67 104.47
CA MET B 129 -19.74 8.11 104.38
C MET B 129 -19.23 8.56 103.02
N TYR B 130 -19.22 9.86 102.78
CA TYR B 130 -18.67 10.44 101.56
C TYR B 130 -18.13 11.84 101.84
N VAL B 131 -17.20 12.34 101.03
CA VAL B 131 -16.68 13.72 101.15
C VAL B 131 -16.98 14.49 99.87
N ALA B 132 -17.66 15.63 99.98
CA ALA B 132 -18.08 16.44 98.83
C ALA B 132 -17.57 17.89 98.93
N ILE B 133 -17.26 18.51 97.80
CA ILE B 133 -16.72 19.87 97.78
C ILE B 133 -17.84 20.90 98.03
N GLN B 134 -17.62 21.80 99.02
CA GLN B 134 -18.59 22.83 99.46
C GLN B 134 -19.20 23.61 98.28
N ALA B 135 -18.41 23.86 97.24
CA ALA B 135 -18.88 24.57 96.05
C ALA B 135 -19.92 23.77 95.26
N VAL B 136 -19.69 22.49 94.97
CA VAL B 136 -20.64 21.62 94.25
C VAL B 136 -21.97 21.56 94.98
N LEU B 137 -21.94 21.51 96.31
CA LEU B 137 -23.14 21.55 97.14
C LEU B 137 -23.90 22.85 96.95
N SER B 138 -23.22 23.95 96.70
CA SER B 138 -23.89 25.23 96.47
C SER B 138 -24.66 25.18 95.15
N LEU B 139 -24.15 24.52 94.10
CA LEU B 139 -24.93 24.28 92.89
C LEU B 139 -26.13 23.37 93.16
N TYR B 140 -25.97 22.35 93.99
CA TYR B 140 -27.11 21.52 94.37
C TYR B 140 -28.21 22.35 95.03
N ALA B 141 -27.82 23.24 95.95
CA ALA B 141 -28.79 24.11 96.59
C ALA B 141 -29.45 25.05 95.58
N SER B 142 -28.67 25.55 94.62
CA SER B 142 -29.19 26.49 93.63
C SER B 142 -30.04 25.82 92.55
N GLY B 143 -30.04 24.49 92.45
CA GLY B 143 -30.86 23.71 91.52
C GLY B 143 -30.23 23.57 90.12
N ARG B 144 -29.73 24.67 89.56
CA ARG B 144 -28.99 24.70 88.27
C ARG B 144 -27.75 23.81 88.28
N THR B 145 -27.36 23.29 87.13
CA THR B 145 -26.22 22.36 86.95
C THR B 145 -25.08 22.93 86.09
N THR B 146 -25.11 24.24 85.83
CA THR B 146 -24.03 25.01 85.22
C THR B 146 -23.85 26.32 85.97
N GLY B 147 -22.62 26.70 86.25
CA GLY B 147 -22.31 27.97 86.90
C GLY B 147 -20.91 27.99 87.47
N ILE B 148 -20.42 29.16 87.84
CA ILE B 148 -19.23 29.26 88.67
C ILE B 148 -19.70 29.54 90.07
N VAL B 149 -19.44 28.63 90.99
CA VAL B 149 -19.72 28.91 92.40
C VAL B 149 -18.60 29.73 92.97
N LEU B 150 -18.93 30.79 93.68
CA LEU B 150 -18.06 31.44 94.62
C LEU B 150 -18.55 31.14 96.02
N ASP B 151 -17.70 30.53 96.83
CA ASP B 151 -17.96 30.27 98.23
C ASP B 151 -17.03 31.17 99.05
N SER B 152 -17.54 31.89 100.04
CA SER B 152 -16.72 32.26 101.18
C SER B 152 -17.42 31.92 102.47
N GLY B 153 -16.97 30.86 103.11
CA GLY B 153 -17.31 30.58 104.49
C GLY B 153 -16.44 31.40 105.42
N ASP B 154 -16.18 30.87 106.59
CA ASP B 154 -15.39 31.51 107.60
C ASP B 154 -13.90 31.26 107.43
N GLY B 155 -13.48 30.13 106.83
CA GLY B 155 -12.08 29.79 106.63
C GLY B 155 -11.46 30.29 105.34
N VAL B 156 -12.04 29.90 104.22
CA VAL B 156 -11.51 30.15 102.88
C VAL B 156 -12.56 30.76 101.97
N THR B 157 -12.10 31.42 100.92
CA THR B 157 -12.95 31.66 99.76
C THR B 157 -12.37 30.96 98.56
N HIS B 158 -13.20 30.29 97.77
CA HIS B 158 -12.77 29.56 96.59
C HIS B 158 -13.87 29.58 95.55
N ASN B 159 -13.50 29.35 94.31
CA ASN B 159 -14.48 29.20 93.25
C ASN B 159 -14.20 27.99 92.38
N VAL B 160 -15.28 27.32 91.98
CA VAL B 160 -15.25 26.10 91.20
C VAL B 160 -16.21 26.25 90.04
N PRO B 161 -15.73 26.40 88.79
CA PRO B 161 -16.58 26.42 87.63
C PRO B 161 -17.03 25.01 87.27
N ILE B 162 -18.33 24.85 87.02
CA ILE B 162 -18.99 23.61 86.63
C ILE B 162 -19.82 23.92 85.38
N TYR B 163 -19.77 23.07 84.36
CA TYR B 163 -20.65 23.19 83.19
C TYR B 163 -21.30 21.86 82.84
N GLU B 164 -22.63 21.88 82.68
CA GLU B 164 -23.48 20.72 82.43
C GLU B 164 -23.06 19.48 83.24
N GLY B 165 -22.73 19.73 84.50
CA GLY B 165 -22.32 18.74 85.47
C GLY B 165 -20.88 18.22 85.43
N TYR B 166 -20.05 18.65 84.50
CA TYR B 166 -18.61 18.42 84.57
C TYR B 166 -17.89 19.60 85.23
N ALA B 167 -16.99 19.27 86.15
CA ALA B 167 -16.17 20.26 86.83
C ALA B 167 -14.93 20.57 86.00
N LEU B 168 -14.36 21.76 86.16
CA LEU B 168 -13.12 22.13 85.52
C LEU B 168 -12.05 22.29 86.60
N PRO B 169 -11.40 21.19 87.03
CA PRO B 169 -10.50 21.21 88.18
C PRO B 169 -9.28 22.13 87.96
N HIS B 170 -8.82 22.34 86.73
CA HIS B 170 -7.67 23.19 86.50
C HIS B 170 -7.99 24.67 86.66
N ALA B 171 -9.28 25.04 86.67
CA ALA B 171 -9.70 26.43 86.80
C ALA B 171 -10.08 26.81 88.22
N ILE B 172 -9.96 25.89 89.20
CA ILE B 172 -10.29 26.17 90.60
C ILE B 172 -9.28 27.17 91.16
N MET B 173 -9.77 28.22 91.81
CA MET B 173 -8.96 29.20 92.52
C MET B 173 -9.32 29.18 94.00
N ARG B 174 -8.32 29.36 94.85
CA ARG B 174 -8.53 29.33 96.29
C ARG B 174 -7.78 30.47 96.96
N LEU B 175 -8.48 31.17 97.85
CA LEU B 175 -7.90 32.23 98.67
C LEU B 175 -8.12 31.87 100.13
N ASP B 176 -7.05 31.89 100.92
CA ASP B 176 -7.15 31.63 102.36
C ASP B 176 -7.39 32.95 103.11
N LEU B 177 -8.45 33.64 102.67
CA LEU B 177 -8.89 34.96 103.09
C LEU B 177 -10.40 34.93 103.26
N ALA B 178 -10.91 34.98 104.48
CA ALA B 178 -12.34 34.81 104.73
C ALA B 178 -12.79 35.38 106.07
N GLY B 179 -13.95 34.95 106.56
CA GLY B 179 -14.61 35.49 107.73
C GLY B 179 -13.71 35.71 108.96
N ARG B 180 -12.81 34.78 109.25
CA ARG B 180 -11.91 34.88 110.40
C ARG B 180 -10.88 35.99 110.18
N ASP B 181 -10.29 36.05 109.00
CA ASP B 181 -9.30 37.08 108.72
C ASP B 181 -9.93 38.47 108.69
N LEU B 182 -11.16 38.59 108.22
CA LEU B 182 -11.87 39.86 108.27
C LEU B 182 -12.13 40.26 109.72
N THR B 183 -12.39 39.31 110.61
CA THR B 183 -12.51 39.63 112.03
C THR B 183 -11.19 40.17 112.58
N ASP B 184 -10.08 39.55 112.19
CA ASP B 184 -8.77 39.98 112.65
C ASP B 184 -8.47 41.39 112.18
N TYR B 185 -8.77 41.69 110.92
CA TYR B 185 -8.52 43.03 110.40
C TYR B 185 -9.42 44.06 111.08
N LEU B 186 -10.67 43.69 111.35
CA LEU B 186 -11.60 44.55 112.08
C LEU B 186 -11.03 44.85 113.47
N MET B 187 -10.44 43.86 114.14
CA MET B 187 -9.81 44.08 115.43
C MET B 187 -8.67 45.08 115.32
N LYS B 188 -7.89 45.00 114.23
CA LYS B 188 -6.79 45.93 114.03
C LYS B 188 -7.30 47.35 113.82
N ILE B 189 -8.29 47.52 112.95
CA ILE B 189 -8.73 48.86 112.59
C ILE B 189 -9.59 49.50 113.69
N LEU B 190 -10.15 48.71 114.60
CA LEU B 190 -10.88 49.30 115.71
C LEU B 190 -9.96 50.09 116.64
N THR B 191 -8.68 49.74 116.69
CA THR B 191 -7.74 50.47 117.53
C THR B 191 -7.51 51.90 117.04
N GLU B 192 -7.82 52.18 115.78
CA GLU B 192 -7.71 53.55 115.29
C GLU B 192 -8.63 54.49 116.05
N ARG B 193 -9.77 53.99 116.52
CA ARG B 193 -10.79 54.76 117.25
C ARG B 193 -10.69 54.59 118.77
N GLY B 194 -9.69 53.83 119.24
CA GLY B 194 -9.39 53.66 120.66
C GLY B 194 -9.97 52.42 121.32
N TYR B 195 -10.81 51.66 120.62
CA TYR B 195 -11.33 50.38 121.12
C TYR B 195 -10.29 49.28 120.90
N SER B 196 -9.94 48.57 121.97
CA SER B 196 -8.93 47.52 121.99
C SER B 196 -9.55 46.19 122.39
N PHE B 197 -9.30 45.17 121.59
CA PHE B 197 -9.74 43.80 121.88
C PHE B 197 -8.60 42.85 121.58
N VAL B 198 -8.18 42.07 122.59
CA VAL B 198 -7.00 41.23 122.44
C VAL B 198 -7.29 39.78 122.81
N THR B 199 -8.28 39.55 123.67
CA THR B 199 -8.52 38.19 124.13
C THR B 199 -9.39 37.44 123.13
N THR B 200 -9.30 36.11 123.19
CA THR B 200 -10.07 35.28 122.27
C THR B 200 -11.56 35.40 122.51
N ALA B 201 -11.97 35.75 123.74
CA ALA B 201 -13.39 35.99 124.00
C ALA B 201 -13.88 37.20 123.24
N GLU B 202 -13.06 38.25 123.16
CA GLU B 202 -13.46 39.46 122.46
C GLU B 202 -13.44 39.27 120.95
N ARG B 203 -12.80 38.22 120.44
CA ARG B 203 -12.93 37.90 119.02
C ARG B 203 -14.38 37.65 118.66
N GLU B 204 -15.13 37.01 119.55
CA GLU B 204 -16.55 36.79 119.29
C GLU B 204 -17.33 38.10 119.31
N ILE B 205 -16.97 39.02 120.20
CA ILE B 205 -17.63 40.33 120.22
C ILE B 205 -17.37 41.07 118.93
N VAL B 206 -16.13 41.03 118.44
CA VAL B 206 -15.79 41.69 117.18
C VAL B 206 -16.51 41.00 116.02
N ARG B 207 -16.64 39.68 116.06
CA ARG B 207 -17.40 38.98 115.03
C ARG B 207 -18.86 39.41 115.02
N ASP B 208 -19.43 39.60 116.20
CA ASP B 208 -20.81 40.04 116.35
C ASP B 208 -20.99 41.47 115.81
N ILE B 209 -20.08 42.40 116.18
CA ILE B 209 -20.03 43.76 115.61
C ILE B 209 -19.98 43.70 114.09
N LYS B 210 -19.11 42.82 113.55
CA LYS B 210 -18.94 42.67 112.11
C LYS B 210 -20.21 42.20 111.43
N GLU B 211 -20.82 41.13 111.91
CA GLU B 211 -22.02 40.56 111.32
C GLU B 211 -23.19 41.54 111.36
N LYS B 212 -23.31 42.34 112.43
CA LYS B 212 -24.44 43.25 112.63
C LYS B 212 -24.29 44.60 111.95
N LEU B 213 -23.07 45.16 111.82
CA LEU B 213 -22.87 46.52 111.30
C LEU B 213 -22.10 46.63 109.98
N CYS B 214 -21.32 45.64 109.57
CA CYS B 214 -20.52 45.78 108.35
C CYS B 214 -21.34 45.62 107.07
N TYR B 215 -20.89 46.27 106.00
CA TYR B 215 -21.45 46.23 104.65
C TYR B 215 -20.34 46.50 103.63
N VAL B 216 -20.57 46.26 102.34
CA VAL B 216 -19.56 46.51 101.31
C VAL B 216 -20.13 47.38 100.19
N ALA B 217 -19.40 48.42 99.78
CA ALA B 217 -20.01 49.54 99.08
C ALA B 217 -19.63 49.62 97.60
N LEU B 218 -20.60 49.89 96.72
CA LEU B 218 -20.36 49.86 95.27
C LEU B 218 -19.39 50.92 94.74
N ASP B 219 -18.96 51.89 95.56
CA ASP B 219 -17.72 52.63 95.29
C ASP B 219 -17.02 52.99 96.60
N PHE B 220 -16.02 52.20 96.96
CA PHE B 220 -15.27 52.36 98.22
C PHE B 220 -14.68 53.76 98.36
N GLU B 221 -14.19 54.35 97.28
CA GLU B 221 -13.62 55.69 97.34
C GLU B 221 -14.67 56.74 97.69
N ASN B 222 -15.90 56.59 97.19
CA ASN B 222 -16.98 57.50 97.58
C ASN B 222 -17.37 57.29 99.04
N GLU B 223 -17.33 56.07 99.59
CA GLU B 223 -17.56 55.94 101.02
C GLU B 223 -16.46 56.62 101.84
N MET B 224 -15.20 56.41 101.48
CA MET B 224 -14.10 57.12 102.15
C MET B 224 -14.23 58.64 102.02
N ALA B 225 -14.81 59.15 100.92
CA ALA B 225 -15.14 60.56 100.80
C ALA B 225 -16.32 60.96 101.71
N THR B 226 -17.44 60.25 101.70
CA THR B 226 -18.61 60.63 102.47
C THR B 226 -18.41 60.46 103.97
N ALA B 227 -17.48 59.60 104.38
CA ALA B 227 -17.17 59.45 105.80
C ALA B 227 -16.47 60.67 106.37
N ALA B 228 -15.99 61.59 105.53
CA ALA B 228 -15.45 62.84 106.04
C ALA B 228 -16.54 63.66 106.72
N SER B 229 -17.74 63.69 106.15
CA SER B 229 -18.93 64.21 106.84
C SER B 229 -19.47 63.09 107.74
N SER B 230 -18.77 62.88 108.85
CA SER B 230 -18.92 61.67 109.66
C SER B 230 -20.12 61.72 110.58
N SER B 231 -21.33 61.77 110.02
CA SER B 231 -22.54 61.62 110.82
C SER B 231 -23.46 60.57 110.21
N SER B 232 -23.52 60.52 108.87
CA SER B 232 -24.49 59.66 108.21
C SER B 232 -24.12 58.19 108.28
N LEU B 233 -22.84 57.83 108.09
CA LEU B 233 -22.41 56.43 108.02
C LEU B 233 -22.15 55.81 109.40
N GLU B 234 -22.04 56.60 110.45
CA GLU B 234 -21.65 56.06 111.75
C GLU B 234 -22.80 55.33 112.41
N LYS B 235 -22.50 54.19 113.03
CA LYS B 235 -23.44 53.37 113.79
C LYS B 235 -22.92 53.11 115.19
N SER B 236 -23.80 53.10 116.17
CA SER B 236 -23.48 52.65 117.53
C SER B 236 -23.63 51.13 117.68
N TYR B 237 -22.96 50.57 118.68
CA TYR B 237 -23.06 49.16 119.09
C TYR B 237 -22.95 49.08 120.61
N GLU B 238 -23.64 48.15 121.26
CA GLU B 238 -23.60 47.99 122.71
C GLU B 238 -22.87 46.70 123.05
N LEU B 239 -21.77 46.83 123.77
CA LEU B 239 -21.01 45.68 124.24
C LEU B 239 -21.79 44.96 125.34
N PRO B 240 -21.47 43.68 125.60
CA PRO B 240 -22.15 42.97 126.69
C PRO B 240 -21.94 43.61 128.05
N ASP B 241 -20.85 44.36 128.25
CA ASP B 241 -20.64 45.06 129.51
C ASP B 241 -21.55 46.27 129.68
N GLY B 242 -22.15 46.74 128.59
CA GLY B 242 -22.93 47.97 128.62
C GLY B 242 -22.22 49.18 128.07
N GLN B 243 -20.95 49.05 127.69
CA GLN B 243 -20.24 50.14 127.02
C GLN B 243 -20.72 50.25 125.58
N VAL B 244 -20.73 51.45 125.04
CA VAL B 244 -21.27 51.71 123.70
C VAL B 244 -20.14 52.14 122.78
N ILE B 245 -19.94 51.38 121.71
CA ILE B 245 -19.01 51.65 120.62
C ILE B 245 -19.72 52.50 119.57
N THR B 246 -18.99 53.34 118.85
CA THR B 246 -19.45 53.98 117.62
C THR B 246 -18.37 53.80 116.57
N ILE B 247 -18.72 53.26 115.40
CA ILE B 247 -17.78 53.01 114.29
C ILE B 247 -18.25 53.72 113.04
N GLY B 248 -17.30 54.24 112.27
CA GLY B 248 -17.56 54.94 111.03
C GLY B 248 -17.04 54.19 109.82
N ASN B 249 -15.88 54.61 109.32
CA ASN B 249 -15.28 54.01 108.14
C ASN B 249 -15.12 52.49 108.30
N GLU B 250 -14.81 52.02 109.51
CA GLU B 250 -14.41 50.65 109.80
C GLU B 250 -15.37 49.62 109.21
N ARG B 251 -16.66 49.92 109.23
CA ARG B 251 -17.74 48.98 108.84
C ARG B 251 -17.80 48.70 107.34
N PHE B 252 -17.19 49.51 106.50
CA PHE B 252 -16.96 49.14 105.10
C PHE B 252 -15.48 48.91 104.77
N ARG B 253 -14.54 49.44 105.56
CA ARG B 253 -13.12 49.09 105.47
C ARG B 253 -12.91 47.59 105.68
N CYS B 254 -13.57 46.97 106.66
CA CYS B 254 -13.43 45.54 106.92
C CYS B 254 -13.84 44.63 105.75
N PRO B 255 -15.07 44.69 105.20
CA PRO B 255 -15.44 43.86 104.05
C PRO B 255 -14.67 44.16 102.79
N GLU B 256 -14.22 45.40 102.59
CA GLU B 256 -13.46 45.76 101.39
C GLU B 256 -12.15 44.98 101.28
N THR B 257 -11.60 44.42 102.37
CA THR B 257 -10.40 43.60 102.25
C THR B 257 -10.65 42.36 101.41
N LEU B 258 -11.90 41.90 101.23
CA LEU B 258 -12.20 40.84 100.29
C LEU B 258 -11.91 41.28 98.86
N PHE B 259 -12.17 42.55 98.52
CA PHE B 259 -11.97 43.09 97.19
C PHE B 259 -10.56 43.66 97.00
N GLN B 260 -9.86 43.98 98.09
CA GLN B 260 -8.48 44.45 98.10
C GLN B 260 -7.69 43.75 99.20
N PRO B 261 -7.10 42.56 98.96
CA PRO B 261 -6.30 41.87 99.99
C PRO B 261 -5.04 42.63 100.40
N SER B 262 -4.70 43.72 99.71
CA SER B 262 -3.53 44.51 100.10
C SER B 262 -3.67 45.05 101.52
N PHE B 263 -4.90 45.26 101.99
CA PHE B 263 -5.13 45.79 103.32
C PHE B 263 -4.64 44.84 104.41
N ILE B 264 -4.80 43.53 104.21
CA ILE B 264 -4.36 42.55 105.21
C ILE B 264 -2.95 42.11 104.83
N GLY B 265 -2.37 42.78 103.84
CA GLY B 265 -1.00 42.53 103.43
C GLY B 265 -0.81 41.43 102.42
N MET B 266 -1.87 40.77 102.00
CA MET B 266 -1.75 39.70 101.01
C MET B 266 -1.56 40.29 99.61
N GLU B 267 -0.88 39.53 98.75
CA GLU B 267 -0.57 40.00 97.41
C GLU B 267 -1.68 39.68 96.42
N SER B 268 -2.34 38.54 96.60
CA SER B 268 -3.28 38.03 95.60
C SER B 268 -4.45 39.00 95.39
N ALA B 269 -5.13 38.81 94.26
CA ALA B 269 -6.29 39.64 93.95
C ALA B 269 -7.45 39.31 94.89
N GLY B 270 -8.48 40.14 94.82
CA GLY B 270 -9.61 39.99 95.73
C GLY B 270 -10.55 38.85 95.39
N ILE B 271 -11.77 38.88 95.90
CA ILE B 271 -12.83 37.90 95.62
C ILE B 271 -13.45 38.09 94.23
N HIS B 272 -13.62 39.34 93.79
CA HIS B 272 -13.70 39.66 92.36
C HIS B 272 -12.33 39.41 91.73
N GLU B 273 -12.21 39.44 90.41
CA GLU B 273 -10.95 39.15 89.70
C GLU B 273 -10.37 37.74 89.82
N THR B 274 -10.33 37.10 90.98
CA THR B 274 -10.02 35.66 91.03
C THR B 274 -11.15 34.87 90.39
N THR B 275 -12.39 35.27 90.65
CA THR B 275 -13.57 34.74 89.95
C THR B 275 -13.49 34.96 88.44
N TYR B 276 -13.10 36.15 87.98
CA TYR B 276 -12.86 36.38 86.55
C TYR B 276 -11.69 35.56 86.00
N ASN B 277 -10.60 35.40 86.74
CA ASN B 277 -9.50 34.54 86.29
C ASN B 277 -9.95 33.09 86.20
N SER B 278 -10.79 32.62 87.11
CA SER B 278 -11.32 31.27 87.06
C SER B 278 -12.15 31.08 85.79
N ILE B 279 -13.01 32.04 85.46
CA ILE B 279 -13.78 32.06 84.20
C ILE B 279 -12.83 32.05 82.99
N MET B 280 -11.74 32.80 83.00
CA MET B 280 -10.84 32.87 81.85
C MET B 280 -10.02 31.60 81.68
N LYS B 281 -9.78 30.85 82.76
CA LYS B 281 -9.12 29.56 82.63
C LYS B 281 -10.03 28.52 82.01
N CYS B 282 -11.34 28.72 82.05
CA CYS B 282 -12.31 27.81 81.46
C CYS B 282 -12.26 27.86 79.93
N ASP B 283 -12.88 26.88 79.28
CA ASP B 283 -12.86 26.78 77.81
C ASP B 283 -13.49 28.02 77.14
N ILE B 284 -13.25 28.26 75.85
CA ILE B 284 -13.70 29.52 75.22
C ILE B 284 -15.23 29.59 75.10
N ASP B 285 -15.90 28.50 74.73
CA ASP B 285 -17.37 28.45 74.70
C ASP B 285 -18.02 28.38 76.09
N ILE B 286 -17.26 28.04 77.14
CA ILE B 286 -17.82 27.81 78.46
C ILE B 286 -18.30 29.11 79.10
N ARG B 287 -17.63 30.23 78.78
CA ARG B 287 -17.70 31.41 79.63
C ARG B 287 -19.05 32.13 79.55
N LYS B 288 -19.80 31.93 78.46
CA LYS B 288 -21.10 32.59 78.34
C LYS B 288 -22.03 32.20 79.48
N ASP B 289 -22.06 30.93 79.84
CA ASP B 289 -22.97 30.45 80.87
C ASP B 289 -22.44 30.75 82.27
N LEU B 290 -21.12 30.74 82.47
CA LEU B 290 -20.54 31.09 83.77
C LEU B 290 -20.84 32.54 84.16
N TYR B 291 -20.73 33.51 83.25
CA TYR B 291 -21.07 34.90 83.56
C TYR B 291 -22.56 35.08 83.89
N ALA B 292 -23.46 34.26 83.33
CA ALA B 292 -24.87 34.38 83.65
C ALA B 292 -25.26 33.65 84.93
N ASN B 293 -24.44 32.71 85.39
CA ASN B 293 -24.70 31.81 86.50
C ASN B 293 -23.57 31.86 87.54
N ASN B 294 -23.17 33.05 87.97
CA ASN B 294 -22.21 33.20 89.06
C ASN B 294 -22.94 33.00 90.39
N VAL B 295 -22.71 31.89 91.09
CA VAL B 295 -23.53 31.46 92.25
C VAL B 295 -22.78 31.74 93.55
N MET B 296 -23.37 32.51 94.45
CA MET B 296 -22.66 33.04 95.60
C MET B 296 -23.09 32.37 96.91
N SER B 297 -22.14 31.97 97.76
CA SER B 297 -22.38 30.98 98.82
C SER B 297 -21.52 31.19 100.07
N GLY B 298 -21.94 30.65 101.21
CA GLY B 298 -21.18 30.67 102.47
C GLY B 298 -21.32 31.99 103.23
N GLY B 299 -21.23 31.93 104.55
CA GLY B 299 -21.64 33.05 105.41
C GLY B 299 -20.83 34.33 105.22
N THR B 300 -19.58 34.29 104.79
CA THR B 300 -18.81 35.51 104.52
C THR B 300 -19.31 36.25 103.26
N THR B 301 -20.19 35.67 102.45
CA THR B 301 -20.85 36.39 101.34
C THR B 301 -22.15 37.09 101.75
N MET B 302 -22.43 37.26 103.05
CA MET B 302 -23.70 37.83 103.51
C MET B 302 -23.76 39.36 103.59
N TYR B 303 -22.64 40.08 103.45
CA TYR B 303 -22.64 41.53 103.63
C TYR B 303 -23.67 42.23 102.73
N PRO B 304 -24.44 43.20 103.26
CA PRO B 304 -25.26 44.05 102.42
C PRO B 304 -24.44 44.72 101.32
N GLY B 305 -24.99 44.79 100.11
CA GLY B 305 -24.34 45.39 98.95
C GLY B 305 -23.36 44.51 98.19
N ILE B 306 -23.03 43.30 98.65
CA ILE B 306 -21.97 42.51 97.99
C ILE B 306 -22.31 42.04 96.58
N ALA B 307 -23.56 41.69 96.27
CA ALA B 307 -23.96 41.38 94.91
C ALA B 307 -23.78 42.58 93.97
N ASP B 308 -24.03 43.80 94.43
CA ASP B 308 -23.79 45.01 93.64
C ASP B 308 -22.29 45.29 93.45
N ARG B 309 -21.50 45.23 94.54
CA ARG B 309 -20.03 45.39 94.47
C ARG B 309 -19.45 44.39 93.48
N MET B 310 -19.84 43.14 93.58
CA MET B 310 -19.36 42.06 92.73
C MET B 310 -19.79 42.25 91.28
N GLN B 311 -21.04 42.59 91.01
CA GLN B 311 -21.52 42.81 89.65
C GLN B 311 -20.83 44.02 89.00
N LYS B 312 -20.60 45.11 89.74
CA LYS B 312 -19.85 46.25 89.21
C LYS B 312 -18.44 45.83 88.80
N GLU B 313 -17.73 45.11 89.65
CA GLU B 313 -16.36 44.68 89.35
C GLU B 313 -16.30 43.65 88.23
N ILE B 314 -17.11 42.57 88.26
CA ILE B 314 -17.08 41.57 87.18
C ILE B 314 -17.45 42.21 85.85
N THR B 315 -18.46 43.09 85.78
CA THR B 315 -18.75 43.80 84.53
C THR B 315 -17.62 44.72 84.09
N ALA B 316 -16.84 45.32 84.98
CA ALA B 316 -15.71 46.15 84.59
C ALA B 316 -14.53 45.35 84.01
N LEU B 317 -14.32 44.11 84.46
CA LEU B 317 -13.28 43.23 83.90
C LEU B 317 -13.73 42.52 82.62
N ALA B 318 -14.94 41.98 82.63
CA ALA B 318 -15.50 41.19 81.54
C ALA B 318 -15.87 42.05 80.31
N PRO B 319 -16.14 41.45 79.15
CA PRO B 319 -16.60 42.19 77.98
C PRO B 319 -17.92 42.89 78.22
N SER B 320 -18.10 44.05 77.60
CA SER B 320 -19.31 44.86 77.63
C SER B 320 -20.56 44.15 77.09
N THR B 321 -20.40 43.30 76.07
CA THR B 321 -21.51 42.58 75.43
C THR B 321 -21.97 41.38 76.25
N MET B 322 -21.26 41.04 77.32
CA MET B 322 -21.53 39.88 78.12
C MET B 322 -22.47 40.22 79.28
N LYS B 323 -23.73 39.79 79.22
CA LYS B 323 -24.64 39.99 80.34
C LYS B 323 -24.19 39.16 81.52
N ILE B 324 -24.02 39.81 82.66
CA ILE B 324 -23.52 39.23 83.91
C ILE B 324 -24.62 39.26 84.95
N LYS B 325 -24.84 38.12 85.59
CA LYS B 325 -25.89 37.94 86.59
C LYS B 325 -25.35 37.12 87.74
N ILE B 326 -25.57 37.61 88.96
CA ILE B 326 -25.02 37.03 90.18
C ILE B 326 -26.19 36.50 91.00
N ILE B 327 -26.19 35.19 91.21
CA ILE B 327 -27.25 34.50 91.95
C ILE B 327 -26.90 34.54 93.42
N ALA B 328 -27.71 35.19 94.22
CA ALA B 328 -27.49 35.36 95.64
C ALA B 328 -28.80 35.06 96.39
N PRO B 329 -29.21 33.78 96.48
CA PRO B 329 -30.42 33.46 97.23
C PRO B 329 -30.24 33.80 98.69
N PRO B 330 -31.33 34.14 99.41
CA PRO B 330 -31.23 34.62 100.78
C PRO B 330 -30.69 33.56 101.76
N GLU B 331 -30.58 32.29 101.35
CA GLU B 331 -30.06 31.23 102.21
C GLU B 331 -28.58 30.94 101.95
N ARG B 332 -27.77 31.94 101.55
CA ARG B 332 -26.33 31.76 101.25
C ARG B 332 -25.62 30.95 102.33
N LYS B 333 -25.86 31.29 103.61
CA LYS B 333 -25.24 30.68 104.80
C LYS B 333 -25.39 29.16 104.82
N TYR B 334 -26.59 28.66 104.54
CA TYR B 334 -26.86 27.23 104.65
C TYR B 334 -26.91 26.51 103.31
N SER B 335 -26.68 27.20 102.19
CA SER B 335 -26.71 26.62 100.85
C SER B 335 -25.74 25.45 100.71
N VAL B 336 -24.52 25.56 101.25
CA VAL B 336 -23.55 24.46 101.27
C VAL B 336 -24.15 23.22 101.92
N TRP B 337 -24.85 23.37 103.05
CA TRP B 337 -25.44 22.22 103.72
C TRP B 337 -26.70 21.73 102.99
N ILE B 338 -27.47 22.66 102.42
CA ILE B 338 -28.69 22.27 101.72
C ILE B 338 -28.36 21.41 100.50
N GLY B 339 -27.28 21.75 99.81
CA GLY B 339 -26.88 20.93 98.68
C GLY B 339 -26.51 19.51 99.08
N GLY B 340 -25.79 19.37 100.19
CA GLY B 340 -25.48 18.04 100.69
C GLY B 340 -26.72 17.29 101.10
N SER B 341 -27.66 17.98 101.76
CA SER B 341 -28.91 17.33 102.14
C SER B 341 -29.72 16.90 100.92
N ILE B 342 -29.63 17.65 99.83
CA ILE B 342 -30.33 17.31 98.60
C ILE B 342 -29.69 16.08 97.97
N LEU B 343 -28.38 16.09 97.79
CA LEU B 343 -27.73 15.01 97.06
C LEU B 343 -27.68 13.72 97.87
N ALA B 344 -27.61 13.82 99.20
CA ALA B 344 -27.58 12.62 100.03
C ALA B 344 -28.87 11.81 99.92
N SER B 345 -29.97 12.44 99.52
CA SER B 345 -31.24 11.75 99.37
C SER B 345 -31.48 11.21 97.98
N LEU B 346 -30.61 11.52 97.01
CA LEU B 346 -30.81 11.05 95.65
C LEU B 346 -30.66 9.54 95.57
N SER B 347 -31.57 8.89 94.85
CA SER B 347 -31.50 7.44 94.67
C SER B 347 -30.27 7.04 93.87
N THR B 348 -29.87 7.86 92.89
CA THR B 348 -28.69 7.55 92.10
C THR B 348 -27.41 7.67 92.92
N PHE B 349 -27.39 8.56 93.92
CA PHE B 349 -26.20 8.75 94.72
C PHE B 349 -25.93 7.59 95.69
N GLN B 350 -26.92 6.74 95.94
CA GLN B 350 -26.79 5.69 96.94
C GLN B 350 -25.65 4.73 96.62
N GLN B 351 -25.22 4.62 95.36
CA GLN B 351 -24.13 3.72 94.95
C GLN B 351 -22.73 4.31 95.20
N MET B 352 -22.62 5.62 95.46
CA MET B 352 -21.34 6.31 95.60
C MET B 352 -20.81 6.42 97.03
N TRP B 353 -21.63 6.16 98.06
CA TRP B 353 -21.16 6.15 99.45
C TRP B 353 -19.94 5.23 99.63
N ILE B 354 -18.90 5.66 100.33
CA ILE B 354 -17.86 4.76 100.83
C ILE B 354 -18.49 3.88 101.90
N THR B 355 -18.59 2.59 101.67
CA THR B 355 -19.14 1.65 102.65
C THR B 355 -18.10 1.32 103.72
N LYS B 356 -18.52 0.99 104.95
CA LYS B 356 -17.64 0.41 105.98
C LYS B 356 -16.81 -0.74 105.45
N GLN B 357 -17.41 -1.64 104.67
CA GLN B 357 -16.71 -2.74 104.02
C GLN B 357 -15.68 -2.29 102.97
N GLU B 358 -15.93 -1.20 102.23
CA GLU B 358 -14.96 -0.70 101.26
C GLU B 358 -13.77 -0.02 101.93
N TYR B 359 -13.97 0.60 103.10
CA TYR B 359 -12.87 1.05 103.94
C TYR B 359 -12.11 -0.12 104.56
N ASP B 360 -12.79 -1.06 105.21
CA ASP B 360 -12.07 -2.08 105.99
C ASP B 360 -11.25 -3.04 105.11
N GLU B 361 -11.54 -3.09 103.81
CA GLU B 361 -10.77 -3.79 102.78
C GLU B 361 -9.57 -3.00 102.20
N ALA B 362 -9.44 -1.68 102.46
CA ALA B 362 -8.43 -0.84 101.79
C ALA B 362 -7.82 0.31 102.64
N GLY B 363 -8.29 0.53 103.86
CA GLY B 363 -7.88 1.63 104.73
C GLY B 363 -8.27 3.01 104.19
N PRO B 364 -7.78 4.11 104.79
CA PRO B 364 -8.12 5.46 104.35
C PRO B 364 -7.64 5.80 102.94
N SER B 365 -6.87 4.93 102.25
CA SER B 365 -6.58 5.10 100.82
C SER B 365 -7.83 5.22 99.96
N ILE B 366 -8.97 4.66 100.39
CA ILE B 366 -10.20 4.52 99.61
C ILE B 366 -10.78 5.85 99.14
N VAL B 367 -10.58 6.93 99.89
CA VAL B 367 -11.22 8.23 99.64
C VAL B 367 -10.89 8.76 98.25
N HIS B 368 -9.61 8.72 97.87
CA HIS B 368 -9.17 9.32 96.61
C HIS B 368 -9.66 8.58 95.37
N ARG B 369 -10.05 7.31 95.50
CA ARG B 369 -10.70 6.56 94.42
C ARG B 369 -12.20 6.87 94.32
N LYS B 370 -12.89 6.97 95.46
CA LYS B 370 -14.36 7.12 95.50
C LYS B 370 -14.83 8.57 95.33
N CYS B 371 -14.18 9.53 95.97
CA CYS B 371 -14.61 10.93 96.02
C CYS B 371 -13.93 11.83 94.99
N PHE B 372 -14.47 13.03 94.77
CA PHE B 372 -13.83 14.12 94.02
C PHE B 372 -12.65 14.70 94.82
N GLU C 1 32.02 48.67 64.07
CA GLU C 1 31.32 47.57 64.72
C GLU C 1 32.32 46.49 65.15
N THR C 2 32.85 46.63 66.37
CA THR C 2 33.91 45.74 66.82
C THR C 2 33.38 44.33 67.10
N THR C 3 32.27 44.22 67.82
CA THR C 3 31.80 42.93 68.29
C THR C 3 30.28 42.91 68.31
N ALA C 4 29.66 41.84 67.82
CA ALA C 4 28.22 41.67 67.93
C ALA C 4 27.83 41.23 69.34
N LEU C 5 26.66 41.66 69.83
CA LEU C 5 26.00 41.11 70.99
C LEU C 5 24.96 40.08 70.58
N VAL C 6 24.71 39.09 71.42
CA VAL C 6 23.66 38.09 71.21
C VAL C 6 22.84 38.00 72.47
N CYS C 7 21.52 38.02 72.35
CA CYS C 7 20.61 38.02 73.49
C CYS C 7 19.48 37.04 73.23
N ASP C 8 19.24 36.16 74.20
CA ASP C 8 18.07 35.29 74.21
C ASP C 8 17.16 35.82 75.31
N ASN C 9 16.17 36.62 74.92
CA ASN C 9 15.23 37.17 75.88
C ASN C 9 14.18 36.13 76.24
N GLY C 10 14.62 35.08 76.93
CA GLY C 10 13.72 33.99 77.25
C GLY C 10 12.71 34.40 78.32
N SER C 11 11.65 33.58 78.43
CA SER C 11 10.59 33.88 79.37
C SER C 11 11.06 33.86 80.82
N GLY C 12 12.03 33.01 81.15
CA GLY C 12 12.48 32.90 82.52
C GLY C 12 13.86 33.47 82.78
N LEU C 13 14.78 33.31 81.84
CA LEU C 13 16.17 33.72 82.00
C LEU C 13 16.63 34.47 80.77
N VAL C 14 17.24 35.64 80.98
CA VAL C 14 17.89 36.36 79.90
C VAL C 14 19.34 35.90 79.80
N LYS C 15 19.76 35.53 78.59
CA LYS C 15 21.15 35.20 78.31
C LYS C 15 21.71 36.24 77.35
N ALA C 16 22.81 36.88 77.74
CA ALA C 16 23.42 37.91 76.92
C ALA C 16 24.93 37.77 76.97
N GLY C 17 25.58 38.16 75.89
CA GLY C 17 27.03 38.08 75.82
C GLY C 17 27.51 38.37 74.42
N PHE C 18 28.81 38.64 74.27
CA PHE C 18 29.42 38.94 72.98
C PHE C 18 29.47 37.71 72.07
N ALA C 19 29.44 37.90 70.75
CA ALA C 19 29.59 36.82 69.79
C ALA C 19 31.00 36.21 69.83
N GLY C 20 31.14 34.96 69.40
CA GLY C 20 32.41 34.22 69.39
C GLY C 20 32.86 33.66 70.75
N ASP C 21 32.37 34.17 71.89
CA ASP C 21 32.51 33.49 73.17
C ASP C 21 31.66 32.21 73.21
N ASP C 22 32.10 31.21 73.96
CA ASP C 22 31.42 29.90 74.05
C ASP C 22 30.42 29.80 75.21
N ALA C 23 30.23 30.87 75.99
CA ALA C 23 29.25 30.93 77.06
C ALA C 23 28.78 32.36 77.22
N PRO C 24 27.53 32.58 77.58
CA PRO C 24 27.03 33.95 77.77
C PRO C 24 27.73 34.65 78.91
N ARG C 25 27.98 35.95 78.72
CA ARG C 25 28.62 36.74 79.76
C ARG C 25 27.74 36.87 81.00
N ALA C 26 26.44 37.11 80.82
CA ALA C 26 25.54 37.35 81.93
C ALA C 26 24.26 36.55 81.74
N VAL C 27 23.81 35.91 82.82
CA VAL C 27 22.53 35.21 82.85
C VAL C 27 21.81 35.64 84.12
N PHE C 28 20.58 36.12 83.97
CA PHE C 28 19.80 36.60 85.10
C PHE C 28 18.33 36.42 84.78
N PRO C 29 17.48 36.24 85.78
CA PRO C 29 16.05 36.07 85.52
C PRO C 29 15.44 37.30 84.86
N SER C 30 14.51 37.06 83.94
CA SER C 30 13.81 38.14 83.23
C SER C 30 12.62 38.62 84.05
N ILE C 31 12.92 39.21 85.21
CA ILE C 31 11.90 39.67 86.14
C ILE C 31 12.10 41.14 86.43
N VAL C 32 10.99 41.83 86.69
CA VAL C 32 11.00 43.20 87.19
C VAL C 32 10.11 43.23 88.43
N GLY C 33 10.60 43.85 89.49
CA GLY C 33 9.91 43.85 90.76
C GLY C 33 9.70 45.25 91.28
N ARG C 34 8.61 45.42 92.03
CA ARG C 34 8.26 46.67 92.67
C ARG C 34 8.14 46.45 94.18
N PRO C 35 8.47 47.45 94.99
CA PRO C 35 8.26 47.32 96.43
C PRO C 35 6.77 47.12 96.74
N ARG C 36 6.50 46.23 97.70
CA ARG C 36 5.13 45.88 98.04
C ARG C 36 4.64 46.52 99.33
N HIS C 37 5.53 47.08 100.15
CA HIS C 37 5.15 47.68 101.41
C HIS C 37 5.82 49.04 101.54
N GLN C 38 5.36 49.80 102.52
CA GLN C 38 5.76 51.19 102.68
C GLN C 38 7.24 51.32 103.06
N GLY C 39 7.91 52.32 102.50
CA GLY C 39 9.30 52.59 102.81
C GLY C 39 9.46 53.46 104.04
N VAL C 40 9.34 52.86 105.23
CA VAL C 40 9.38 53.63 106.47
C VAL C 40 10.73 54.30 106.69
N MET C 41 11.80 53.77 106.09
CA MET C 41 13.14 54.27 106.35
C MET C 41 13.51 55.32 105.30
N VAL C 42 13.89 56.51 105.74
CA VAL C 42 14.35 57.58 104.86
C VAL C 42 15.86 57.45 104.62
N GLY C 43 16.31 57.76 103.40
CA GLY C 43 17.72 57.73 103.05
C GLY C 43 18.32 56.32 102.92
N MET C 44 17.50 55.27 102.77
CA MET C 44 18.02 53.91 102.74
C MET C 44 18.63 53.54 101.39
N GLY C 45 18.49 54.39 100.39
CA GLY C 45 18.96 54.04 99.05
C GLY C 45 17.96 53.24 98.25
N GLN C 46 16.67 53.59 98.32
CA GLN C 46 15.64 52.85 97.61
C GLN C 46 15.76 53.05 96.10
N LYS C 47 15.15 52.13 95.36
CA LYS C 47 14.87 52.33 93.95
C LYS C 47 13.41 51.99 93.69
N ASP C 48 12.81 52.68 92.72
CA ASP C 48 11.41 52.45 92.42
C ASP C 48 11.15 51.06 91.89
N SER C 49 12.15 50.42 91.28
CA SER C 49 12.00 49.07 90.76
C SER C 49 13.36 48.40 90.74
N TYR C 50 13.34 47.06 90.76
CA TYR C 50 14.54 46.25 90.69
C TYR C 50 14.38 45.21 89.60
N VAL C 51 15.49 44.81 89.01
CA VAL C 51 15.47 43.93 87.84
C VAL C 51 16.61 42.93 87.95
N GLY C 52 16.36 41.71 87.50
CA GLY C 52 17.41 40.70 87.47
C GLY C 52 17.75 40.19 88.86
N ASP C 53 19.05 40.06 89.12
CA ASP C 53 19.49 39.47 90.38
C ASP C 53 19.12 40.32 91.58
N GLU C 54 18.98 41.63 91.40
CA GLU C 54 18.55 42.48 92.51
C GLU C 54 17.14 42.11 92.97
N ALA C 55 16.23 41.95 92.02
CA ALA C 55 14.86 41.54 92.36
C ALA C 55 14.84 40.10 92.89
N GLN C 56 15.66 39.23 92.29
CA GLN C 56 15.67 37.83 92.71
C GLN C 56 16.15 37.67 94.14
N SER C 57 17.19 38.42 94.52
CA SER C 57 17.74 38.29 95.87
C SER C 57 16.81 38.91 96.92
N LYS C 58 16.22 40.07 96.59
CA LYS C 58 15.29 40.75 97.48
C LYS C 58 13.84 40.40 97.18
N ARG C 59 13.56 39.18 96.72
CA ARG C 59 12.21 38.80 96.31
C ARG C 59 11.23 38.86 97.47
N GLY C 60 11.72 38.69 98.71
CA GLY C 60 10.83 38.68 99.86
C GLY C 60 10.10 39.98 100.11
N ILE C 61 10.58 41.08 99.53
CA ILE C 61 9.99 42.40 99.76
C ILE C 61 9.32 42.94 98.50
N LEU C 62 9.46 42.26 97.36
CA LEU C 62 9.01 42.77 96.08
C LEU C 62 7.88 41.94 95.50
N THR C 63 7.12 42.55 94.59
CA THR C 63 6.14 41.85 93.77
C THR C 63 6.77 41.58 92.41
N LEU C 64 7.28 40.36 92.23
CA LEU C 64 7.94 40.00 90.97
C LEU C 64 6.91 39.78 89.87
N LYS C 65 7.28 40.15 88.65
CA LYS C 65 6.44 39.93 87.48
C LYS C 65 7.31 39.71 86.25
N TYR C 66 6.85 38.83 85.36
CA TYR C 66 7.62 38.47 84.19
C TYR C 66 7.11 39.24 82.99
N PRO C 67 7.92 40.10 82.36
CA PRO C 67 7.48 40.77 81.13
C PRO C 67 7.20 39.83 79.99
N ILE C 68 7.85 38.67 79.94
CA ILE C 68 7.63 37.70 78.86
C ILE C 68 6.61 36.68 79.32
N GLU C 69 5.63 36.40 78.46
CA GLU C 69 4.68 35.32 78.67
C GLU C 69 4.57 34.50 77.40
N HIS C 70 4.95 33.22 77.48
CA HIS C 70 4.94 32.31 76.34
C HIS C 70 5.68 32.91 75.14
N GLY C 71 6.81 33.57 75.41
CA GLY C 71 7.61 34.15 74.35
C GLY C 71 7.10 35.46 73.81
N ILE C 72 6.02 36.00 74.35
CA ILE C 72 5.41 37.24 73.87
C ILE C 72 5.60 38.32 74.92
N ILE C 73 6.10 39.48 74.50
CA ILE C 73 6.30 40.60 75.40
C ILE C 73 4.94 41.20 75.73
N THR C 74 4.57 41.16 77.02
CA THR C 74 3.27 41.64 77.46
C THR C 74 3.31 43.01 78.12
N ASN C 75 4.50 43.50 78.49
CA ASN C 75 4.63 44.82 79.09
C ASN C 75 5.92 45.43 78.59
N TRP C 76 5.82 46.42 77.70
CA TRP C 76 7.00 46.95 77.04
C TRP C 76 7.79 47.94 77.89
N ASP C 77 7.18 48.51 78.94
CA ASP C 77 7.96 49.34 79.85
C ASP C 77 8.95 48.49 80.63
N ASP C 78 8.48 47.39 81.23
CA ASP C 78 9.38 46.50 81.95
C ASP C 78 10.35 45.81 81.01
N MET C 79 9.90 45.49 79.80
CA MET C 79 10.81 44.89 78.82
C MET C 79 11.91 45.85 78.41
N GLU C 80 11.56 47.13 78.20
CA GLU C 80 12.59 48.13 77.93
C GLU C 80 13.52 48.28 79.11
N LYS C 81 12.99 48.17 80.34
CA LYS C 81 13.86 48.20 81.52
C LYS C 81 14.84 47.03 81.51
N ILE C 82 14.37 45.84 81.13
CA ILE C 82 15.25 44.67 81.09
C ILE C 82 16.31 44.84 80.00
N TRP C 83 15.91 45.35 78.83
CA TRP C 83 16.87 45.67 77.78
C TRP C 83 17.94 46.62 78.30
N HIS C 84 17.51 47.70 78.95
CA HIS C 84 18.44 48.69 79.48
C HIS C 84 19.38 48.06 80.49
N HIS C 85 18.85 47.19 81.35
CA HIS C 85 19.69 46.52 82.33
C HIS C 85 20.75 45.66 81.64
N THR C 86 20.32 44.75 80.75
CA THR C 86 21.26 43.80 80.16
C THR C 86 22.30 44.51 79.32
N PHE C 87 21.97 45.69 78.77
CA PHE C 87 22.97 46.44 78.04
C PHE C 87 23.92 47.19 78.98
N TYR C 88 23.38 48.03 79.87
CA TYR C 88 24.21 49.00 80.55
C TYR C 88 24.79 48.51 81.88
N ASN C 89 24.15 47.56 82.57
CA ASN C 89 24.60 47.13 83.88
C ASN C 89 25.31 45.79 83.88
N GLU C 90 24.79 44.80 83.15
CA GLU C 90 25.42 43.49 83.13
C GLU C 90 26.61 43.46 82.17
N LEU C 91 26.34 43.69 80.88
CA LEU C 91 27.43 43.72 79.91
C LEU C 91 28.29 44.97 80.04
N ARG C 92 27.77 46.03 80.65
CA ARG C 92 28.47 47.31 80.76
C ARG C 92 28.91 47.81 79.40
N VAL C 93 27.97 47.77 78.45
CA VAL C 93 28.25 48.07 77.04
C VAL C 93 27.24 49.10 76.56
N ALA C 94 27.74 50.11 75.84
CA ALA C 94 26.84 51.04 75.18
C ALA C 94 26.35 50.40 73.89
N PRO C 95 25.04 50.13 73.76
CA PRO C 95 24.55 49.42 72.56
C PRO C 95 24.54 50.28 71.32
N GLU C 96 25.03 51.52 71.39
CA GLU C 96 25.02 52.41 70.23
C GLU C 96 25.97 51.99 69.14
N GLU C 97 26.85 51.02 69.40
CA GLU C 97 27.88 50.65 68.43
C GLU C 97 28.08 49.16 68.25
N HIS C 98 27.21 48.32 68.80
CA HIS C 98 27.33 46.87 68.66
C HIS C 98 26.07 46.30 68.03
N PRO C 99 26.14 45.67 66.87
CA PRO C 99 24.96 44.99 66.33
C PRO C 99 24.51 43.87 67.24
N THR C 100 23.19 43.66 67.29
CA THR C 100 22.60 42.77 68.28
C THR C 100 21.73 41.73 67.58
N LEU C 101 21.91 40.45 67.90
CA LEU C 101 21.08 39.36 67.40
C LEU C 101 20.16 38.88 68.51
N LEU C 102 18.86 38.78 68.22
CA LEU C 102 17.82 38.45 69.19
C LEU C 102 17.12 37.17 68.78
N THR C 103 16.77 36.36 69.76
CA THR C 103 16.19 35.06 69.50
C THR C 103 14.73 35.02 69.94
N GLU C 104 13.78 34.71 69.04
CA GLU C 104 12.36 34.73 69.29
C GLU C 104 11.75 33.36 68.94
N ALA C 105 10.69 33.01 69.66
CA ALA C 105 9.97 31.78 69.36
C ALA C 105 9.24 31.90 68.02
N PRO C 106 9.04 30.79 67.31
CA PRO C 106 8.31 30.85 66.05
C PRO C 106 6.81 31.03 66.26
N LEU C 107 6.13 31.44 65.19
CA LEU C 107 4.69 31.69 65.20
C LEU C 107 4.30 32.76 66.22
N ASN C 108 5.21 33.68 66.49
CA ASN C 108 4.92 34.79 67.38
C ASN C 108 4.15 35.89 66.65
N PRO C 109 3.39 36.70 67.38
CA PRO C 109 2.71 37.84 66.75
C PRO C 109 3.71 38.78 66.10
N LYS C 110 3.35 39.30 64.94
CA LYS C 110 4.27 40.13 64.18
C LYS C 110 4.56 41.45 64.89
N ALA C 111 3.57 42.00 65.60
CA ALA C 111 3.77 43.26 66.30
C ALA C 111 4.87 43.14 67.35
N ASN C 112 5.07 41.95 67.91
CA ASN C 112 6.16 41.75 68.85
C ASN C 112 7.51 42.03 68.18
N ARG C 113 7.73 41.45 67.00
CA ARG C 113 8.95 41.74 66.25
C ARG C 113 9.03 43.21 65.88
N GLU C 114 7.90 43.80 65.46
CA GLU C 114 7.89 45.19 65.02
C GLU C 114 8.34 46.12 66.14
N LYS C 115 7.79 45.92 67.34
CA LYS C 115 8.12 46.80 68.44
C LYS C 115 9.51 46.49 69.01
N MET C 116 9.96 45.23 68.92
CA MET C 116 11.36 44.95 69.22
C MET C 116 12.26 45.80 68.35
N THR C 117 11.98 45.83 67.04
CA THR C 117 12.81 46.58 66.12
C THR C 117 12.77 48.07 66.41
N GLN C 118 11.56 48.59 66.69
CA GLN C 118 11.45 50.00 67.06
C GLN C 118 12.27 50.31 68.29
N ILE C 119 12.18 49.46 69.31
CA ILE C 119 12.97 49.69 70.52
C ILE C 119 14.46 49.71 70.19
N MET C 120 14.93 48.69 69.48
CA MET C 120 16.37 48.55 69.24
C MET C 120 16.90 49.73 68.44
N PHE C 121 16.15 50.20 67.45
CA PHE C 121 16.63 51.28 66.59
C PHE C 121 16.29 52.67 67.09
N GLU C 122 15.42 52.84 68.09
CA GLU C 122 14.99 54.18 68.45
C GLU C 122 15.12 54.54 69.93
N THR C 123 15.47 53.61 70.81
CA THR C 123 15.78 54.03 72.17
C THR C 123 17.18 53.55 72.56
N PHE C 124 17.66 52.50 71.89
CA PHE C 124 19.02 52.04 72.09
C PHE C 124 19.93 52.34 70.91
N ASN C 125 19.37 52.66 69.74
CA ASN C 125 20.13 53.18 68.61
C ASN C 125 21.24 52.21 68.18
N VAL C 126 20.92 50.92 68.14
CA VAL C 126 21.93 49.94 67.73
C VAL C 126 22.24 50.12 66.25
N PRO C 127 23.49 49.92 65.82
CA PRO C 127 23.79 50.07 64.38
C PRO C 127 23.10 49.05 63.51
N ALA C 128 22.86 47.84 64.00
CA ALA C 128 22.19 46.80 63.22
C ALA C 128 21.59 45.80 64.18
N MET C 129 20.63 45.03 63.69
CA MET C 129 20.00 44.00 64.52
C MET C 129 19.38 42.95 63.61
N TYR C 130 19.15 41.77 64.17
CA TYR C 130 18.56 40.65 63.46
C TYR C 130 17.75 39.78 64.42
N VAL C 131 16.70 39.15 63.91
CA VAL C 131 15.84 38.27 64.71
C VAL C 131 16.02 36.85 64.17
N ALA C 132 16.49 35.94 65.00
CA ALA C 132 16.66 34.54 64.69
C ALA C 132 15.68 33.73 65.53
N ILE C 133 15.27 32.58 65.05
CA ILE C 133 14.28 31.75 65.73
C ILE C 133 15.00 30.79 66.66
N GLN C 134 14.55 30.74 67.92
CA GLN C 134 15.23 30.06 69.01
C GLN C 134 15.61 28.63 68.68
N ALA C 135 14.73 27.91 67.98
CA ALA C 135 15.01 26.52 67.63
C ALA C 135 16.18 26.42 66.66
N VAL C 136 16.28 27.30 65.67
CA VAL C 136 17.28 27.16 64.59
C VAL C 136 18.69 27.34 65.12
N LEU C 137 18.89 28.22 66.10
CA LEU C 137 20.19 28.34 66.75
C LEU C 137 20.67 27.04 67.38
N SER C 138 19.78 26.14 67.82
CA SER C 138 20.22 24.89 68.44
C SER C 138 21.04 24.05 67.48
N LEU C 139 20.74 24.11 66.17
CA LEU C 139 21.55 23.36 65.21
C LEU C 139 22.96 23.91 65.11
N TYR C 140 23.12 25.24 65.08
CA TYR C 140 24.44 25.85 65.08
C TYR C 140 25.19 25.49 66.36
N ALA C 141 24.48 25.44 67.50
CA ALA C 141 25.05 24.99 68.75
C ALA C 141 25.50 23.52 68.71
N SER C 142 24.75 22.66 68.01
CA SER C 142 25.11 21.26 67.87
C SER C 142 26.15 21.01 66.79
N GLY C 143 26.48 22.02 66.00
CA GLY C 143 27.38 21.79 64.87
C GLY C 143 26.77 20.88 63.82
N ARG C 144 25.49 21.09 63.51
CA ARG C 144 24.74 20.17 62.67
C ARG C 144 23.96 20.99 61.64
N THR C 145 23.49 20.30 60.59
CA THR C 145 22.75 20.95 59.53
C THR C 145 21.45 20.23 59.18
N THR C 146 21.13 19.14 59.87
CA THR C 146 19.93 18.37 59.59
C THR C 146 19.40 17.77 60.89
N GLY C 147 18.10 17.95 61.12
CA GLY C 147 17.47 17.27 62.23
C GLY C 147 16.38 18.08 62.86
N ILE C 148 15.51 17.38 63.60
CA ILE C 148 14.49 18.04 64.40
C ILE C 148 15.13 18.78 65.55
N VAL C 149 14.68 20.00 65.80
CA VAL C 149 15.06 20.75 67.00
C VAL C 149 13.88 20.80 67.94
N LEU C 150 14.06 20.27 69.15
CA LEU C 150 13.04 20.31 70.18
C LEU C 150 13.52 21.30 71.22
N ASP C 151 13.10 22.55 71.09
CA ASP C 151 13.48 23.61 72.01
C ASP C 151 12.33 23.90 72.95
N SER C 152 12.60 23.86 74.26
CA SER C 152 11.59 24.12 75.26
C SER C 152 12.23 24.94 76.38
N GLY C 153 11.91 26.23 76.43
CA GLY C 153 12.44 27.08 77.47
C GLY C 153 11.51 27.20 78.66
N ASP C 154 11.35 28.41 79.18
CA ASP C 154 10.44 28.66 80.27
C ASP C 154 9.05 29.07 79.80
N GLY C 155 8.93 29.54 78.56
CA GLY C 155 7.65 30.00 78.06
C GLY C 155 6.91 29.03 77.16
N VAL C 156 7.59 28.47 76.15
CA VAL C 156 6.96 27.60 75.16
C VAL C 156 7.87 26.42 74.84
N THR C 157 7.26 25.40 74.25
CA THR C 157 7.98 24.35 73.53
C THR C 157 7.62 24.44 72.06
N HIS C 158 8.61 24.27 71.20
CA HIS C 158 8.36 24.23 69.77
C HIS C 158 9.42 23.38 69.11
N ASN C 159 9.04 22.76 68.00
CA ASN C 159 9.95 21.95 67.22
C ASN C 159 9.92 22.39 65.76
N VAL C 160 11.11 22.56 65.19
CA VAL C 160 11.27 23.05 63.83
C VAL C 160 12.12 22.07 63.03
N PRO C 161 11.53 21.28 62.15
CA PRO C 161 12.31 20.32 61.36
C PRO C 161 13.16 21.04 60.32
N ILE C 162 14.43 20.67 60.26
CA ILE C 162 15.39 21.24 59.32
C ILE C 162 16.05 20.09 58.57
N TYR C 163 16.31 20.29 57.28
CA TYR C 163 16.98 19.27 56.49
C TYR C 163 17.94 19.93 55.51
N GLU C 164 19.24 19.68 55.73
CA GLU C 164 20.30 20.16 54.84
C GLU C 164 20.19 21.67 54.59
N GLY C 165 19.90 22.41 55.65
CA GLY C 165 19.84 23.85 55.58
C GLY C 165 18.48 24.44 55.27
N TYR C 166 17.56 23.64 54.75
CA TYR C 166 16.22 24.13 54.43
C TYR C 166 15.26 23.81 55.56
N ALA C 167 14.46 24.81 55.93
CA ALA C 167 13.42 24.64 56.94
C ALA C 167 12.15 24.11 56.31
N LEU C 168 11.27 23.58 57.15
CA LEU C 168 9.96 23.14 56.70
C LEU C 168 8.91 23.85 57.55
N PRO C 169 8.58 25.11 57.23
CA PRO C 169 7.71 25.89 58.12
C PRO C 169 6.33 25.29 58.32
N HIS C 170 5.80 24.57 57.34
CA HIS C 170 4.47 24.01 57.48
C HIS C 170 4.41 22.89 58.52
N ALA C 171 5.56 22.34 58.90
CA ALA C 171 5.62 21.26 59.88
C ALA C 171 5.96 21.75 61.28
N ILE C 172 6.07 23.07 61.49
CA ILE C 172 6.39 23.59 62.81
C ILE C 172 5.20 23.40 63.74
N MET C 173 5.47 22.88 64.93
CA MET C 173 4.47 22.72 65.97
C MET C 173 4.89 23.54 67.19
N ARG C 174 3.92 24.06 67.95
CA ARG C 174 4.16 24.87 69.15
C ARG C 174 3.17 24.49 70.24
N LEU C 175 3.64 24.32 71.47
CA LEU C 175 2.81 24.28 72.68
C LEU C 175 3.19 25.43 73.59
N ASP C 176 2.20 26.20 74.01
CA ASP C 176 2.40 27.18 75.06
C ASP C 176 2.31 26.49 76.43
N LEU C 177 3.24 25.56 76.70
CA LEU C 177 3.32 24.82 77.96
C LEU C 177 4.80 24.58 78.26
N ALA C 178 5.32 25.26 79.28
CA ALA C 178 6.76 25.20 79.57
C ALA C 178 7.03 25.41 81.06
N GLY C 179 8.27 25.80 81.37
CA GLY C 179 8.70 25.84 82.77
C GLY C 179 7.78 26.62 83.67
N ARG C 180 7.27 27.76 83.21
CA ARG C 180 6.34 28.54 84.04
C ARG C 180 5.11 27.73 84.40
N ASP C 181 4.51 27.07 83.40
CA ASP C 181 3.36 26.21 83.67
C ASP C 181 3.77 25.02 84.53
N LEU C 182 4.99 24.53 84.35
CA LEU C 182 5.49 23.45 85.18
C LEU C 182 5.59 23.88 86.65
N THR C 183 6.05 25.10 86.88
CA THR C 183 6.09 25.65 88.24
C THR C 183 4.69 25.79 88.81
N ASP C 184 3.74 26.27 87.99
CA ASP C 184 2.37 26.45 88.47
C ASP C 184 1.74 25.13 88.87
N TYR C 185 1.96 24.08 88.08
CA TYR C 185 1.39 22.77 88.43
C TYR C 185 2.03 22.21 89.68
N LEU C 186 3.35 22.42 89.84
CA LEU C 186 4.02 21.96 91.06
C LEU C 186 3.46 22.67 92.28
N MET C 187 3.17 23.97 92.16
CA MET C 187 2.54 24.69 93.26
C MET C 187 1.19 24.09 93.61
N LYS C 188 0.43 23.66 92.60
CA LYS C 188 -0.87 23.06 92.85
C LYS C 188 -0.73 21.72 93.57
N ILE C 189 0.13 20.85 93.04
CA ILE C 189 0.24 19.50 93.61
C ILE C 189 0.96 19.50 94.96
N LEU C 190 1.73 20.54 95.27
CA LEU C 190 2.36 20.59 96.59
C LEU C 190 1.33 20.72 97.70
N THR C 191 0.17 21.31 97.41
CA THR C 191 -0.87 21.45 98.43
C THR C 191 -1.48 20.11 98.81
N GLU C 192 -1.25 19.07 98.01
CA GLU C 192 -1.74 17.74 98.39
C GLU C 192 -1.11 17.28 99.69
N ARG C 193 0.14 17.66 99.93
CA ARG C 193 0.88 17.33 101.16
C ARG C 193 0.83 18.46 102.20
N GLY C 194 0.08 19.52 101.91
CA GLY C 194 -0.18 20.62 102.82
C GLY C 194 0.78 21.81 102.71
N TYR C 195 1.82 21.74 101.90
CA TYR C 195 2.67 22.90 101.62
C TYR C 195 1.91 23.89 100.73
N SER C 196 1.83 25.16 101.15
CA SER C 196 1.07 26.20 100.46
C SER C 196 2.02 27.29 99.99
N PHE C 197 1.95 27.62 98.70
CA PHE C 197 2.72 28.72 98.12
C PHE C 197 1.82 29.47 97.16
N VAL C 198 1.57 30.75 97.44
CA VAL C 198 0.63 31.52 96.63
C VAL C 198 1.24 32.83 96.15
N THR C 199 2.24 33.34 96.86
CA THR C 199 2.80 34.63 96.48
C THR C 199 3.79 34.46 95.33
N THR C 200 4.01 35.56 94.59
CA THR C 200 4.93 35.52 93.47
C THR C 200 6.37 35.28 93.93
N ALA C 201 6.69 35.64 95.16
CA ALA C 201 8.02 35.33 95.68
C ALA C 201 8.22 33.83 95.83
N GLU C 202 7.21 33.12 96.32
CA GLU C 202 7.30 31.67 96.49
C GLU C 202 7.30 30.93 95.16
N ARG C 203 6.91 31.60 94.07
CA ARG C 203 7.10 31.01 92.75
C ARG C 203 8.57 30.66 92.52
N GLU C 204 9.47 31.49 93.01
CA GLU C 204 10.90 31.23 92.83
C GLU C 204 11.35 30.05 93.69
N ILE C 205 10.81 29.92 94.91
CA ILE C 205 11.13 28.77 95.75
C ILE C 205 10.65 27.48 95.10
N VAL C 206 9.45 27.50 94.55
CA VAL C 206 8.92 26.32 93.86
C VAL C 206 9.74 26.03 92.60
N ARG C 207 10.21 27.07 91.91
CA ARG C 207 11.10 26.86 90.77
C ARG C 207 12.40 26.20 91.19
N ASP C 208 12.96 26.62 92.33
CA ASP C 208 14.17 25.98 92.84
C ASP C 208 13.91 24.51 93.18
N ILE C 209 12.77 24.24 93.82
CA ILE C 209 12.41 22.85 94.14
C ILE C 209 12.32 22.03 92.86
N LYS C 210 11.66 22.58 91.85
CA LYS C 210 11.52 21.88 90.57
C LYS C 210 12.87 21.61 89.92
N GLU C 211 13.74 22.62 89.88
CA GLU C 211 15.02 22.45 89.21
C GLU C 211 15.94 21.50 89.96
N LYS C 212 15.83 21.45 91.29
CA LYS C 212 16.77 20.65 92.06
C LYS C 212 16.31 19.22 92.31
N LEU C 213 14.99 18.98 92.38
CA LEU C 213 14.50 17.67 92.77
C LEU C 213 13.73 16.92 91.68
N CYS C 214 13.17 17.60 90.70
CA CYS C 214 12.30 16.94 89.74
C CYS C 214 13.08 16.09 88.76
N TYR C 215 12.43 15.03 88.29
CA TYR C 215 12.98 14.13 87.28
C TYR C 215 11.82 13.49 86.53
N VAL C 216 12.14 12.83 85.42
CA VAL C 216 11.14 12.28 84.51
C VAL C 216 11.19 10.75 84.58
N ALA C 217 10.02 10.15 84.74
CA ALA C 217 9.92 8.70 84.85
C ALA C 217 10.17 8.03 83.51
N LEU C 218 10.82 6.86 83.56
CA LEU C 218 10.86 6.00 82.38
C LEU C 218 9.51 5.37 82.11
N ASP C 219 8.85 4.87 83.16
CA ASP C 219 7.49 4.37 83.09
C ASP C 219 6.71 5.04 84.22
N PHE C 220 5.70 5.82 83.85
CA PHE C 220 4.98 6.62 84.84
C PHE C 220 4.25 5.74 85.84
N GLU C 221 3.61 4.67 85.36
CA GLU C 221 2.90 3.77 86.25
C GLU C 221 3.85 3.02 87.18
N ASN C 222 5.05 2.67 86.70
CA ASN C 222 6.01 2.00 87.56
C ASN C 222 6.46 2.89 88.71
N GLU C 223 6.69 4.18 88.42
CA GLU C 223 7.08 5.10 89.48
C GLU C 223 5.92 5.36 90.43
N MET C 224 4.68 5.38 89.92
CA MET C 224 3.53 5.41 90.82
C MET C 224 3.47 4.17 91.70
N ALA C 225 3.77 2.99 91.15
CA ALA C 225 3.73 1.77 91.93
C ALA C 225 4.80 1.77 93.02
N THR C 226 6.03 2.15 92.66
CA THR C 226 7.11 2.19 93.63
C THR C 226 6.91 3.30 94.67
N ALA C 227 6.11 4.31 94.36
CA ALA C 227 5.82 5.35 95.34
C ALA C 227 4.99 4.85 96.51
N ALA C 228 4.36 3.67 96.37
CA ALA C 228 3.64 3.09 97.49
C ALA C 228 4.59 2.76 98.64
N SER C 229 5.76 2.22 98.32
CA SER C 229 6.86 2.12 99.29
C SER C 229 7.54 3.48 99.38
N SER C 230 6.90 4.39 100.12
CA SER C 230 7.23 5.81 100.09
C SER C 230 8.40 6.12 101.03
N SER C 231 9.55 5.52 100.71
CA SER C 231 10.78 5.84 101.41
C SER C 231 11.90 6.17 100.42
N SER C 232 11.91 5.47 99.28
CA SER C 232 13.01 5.59 98.34
C SER C 232 12.97 6.91 97.56
N LEU C 233 11.78 7.33 97.13
CA LEU C 233 11.65 8.52 96.31
C LEU C 233 11.42 9.80 97.11
N GLU C 234 11.41 9.70 98.44
CA GLU C 234 11.06 10.84 99.30
C GLU C 234 12.29 11.71 99.54
N LYS C 235 12.64 12.49 98.53
CA LYS C 235 13.69 13.48 98.69
C LYS C 235 13.20 14.65 99.54
N SER C 236 14.15 15.44 100.04
CA SER C 236 13.83 16.56 100.91
C SER C 236 14.56 17.81 100.44
N TYR C 237 13.97 18.96 100.76
CA TYR C 237 14.51 20.25 100.38
C TYR C 237 14.29 21.23 101.53
N GLU C 238 15.17 22.20 101.73
CA GLU C 238 15.14 23.14 102.84
C GLU C 238 14.82 24.54 102.35
N LEU C 239 13.71 25.11 102.82
CA LEU C 239 13.30 26.46 102.48
C LEU C 239 14.29 27.48 103.04
N PRO C 240 14.29 28.71 102.52
CA PRO C 240 15.13 29.76 103.12
C PRO C 240 14.79 30.05 104.56
N ASP C 241 13.59 29.74 105.03
CA ASP C 241 13.23 29.85 106.45
C ASP C 241 13.79 28.72 107.31
N GLY C 242 14.45 27.70 106.74
CA GLY C 242 14.91 26.53 107.48
C GLY C 242 13.84 25.48 107.79
N GLN C 243 12.58 25.72 107.44
CA GLN C 243 11.56 24.68 107.32
C GLN C 243 11.96 23.69 106.22
N VAL C 244 11.56 22.41 106.35
CA VAL C 244 11.92 21.36 105.39
C VAL C 244 10.69 20.70 104.75
N ILE C 245 10.70 20.65 103.43
CA ILE C 245 9.77 19.89 102.60
C ILE C 245 10.28 18.46 102.42
N THR C 246 9.35 17.52 102.27
CA THR C 246 9.60 16.23 101.62
C THR C 246 8.58 15.99 100.52
N ILE C 247 9.01 15.44 99.38
CA ILE C 247 8.16 15.17 98.24
C ILE C 247 8.48 13.81 97.66
N GLY C 248 7.42 13.07 97.33
CA GLY C 248 7.50 11.74 96.75
C GLY C 248 7.04 11.74 95.31
N ASN C 249 5.77 11.40 95.09
CA ASN C 249 5.21 11.39 93.75
C ASN C 249 5.41 12.73 93.05
N GLU C 250 5.32 13.83 93.79
CA GLU C 250 5.22 15.15 93.18
C GLU C 250 6.42 15.48 92.31
N ARG C 251 7.61 14.98 92.66
CA ARG C 251 8.80 15.40 91.94
C ARG C 251 8.88 14.82 90.53
N PHE C 252 8.13 13.77 90.24
CA PHE C 252 8.01 13.30 88.86
C PHE C 252 6.61 13.44 88.29
N ARG C 253 5.61 13.71 89.14
CA ARG C 253 4.30 14.10 88.63
C ARG C 253 4.37 15.40 87.86
N CYS C 254 5.14 16.37 88.37
CA CYS C 254 5.22 17.68 87.72
C CYS C 254 5.84 17.60 86.33
N PRO C 255 7.03 17.03 86.13
CA PRO C 255 7.56 16.94 84.76
C PRO C 255 6.72 16.09 83.82
N GLU C 256 5.90 15.18 84.37
CA GLU C 256 5.09 14.31 83.52
C GLU C 256 4.10 15.12 82.68
N THR C 257 3.68 16.30 83.15
CA THR C 257 2.72 17.10 82.40
C THR C 257 3.26 17.53 81.04
N LEU C 258 4.58 17.51 80.85
CA LEU C 258 5.12 17.73 79.52
C LEU C 258 4.63 16.66 78.55
N PHE C 259 4.67 15.40 78.97
CA PHE C 259 4.23 14.30 78.13
C PHE C 259 2.73 14.06 78.18
N GLN C 260 2.06 14.52 79.25
CA GLN C 260 0.61 14.41 79.38
C GLN C 260 0.04 15.75 79.78
N PRO C 261 -0.25 16.62 78.80
CA PRO C 261 -0.86 17.92 79.13
C PRO C 261 -2.26 17.81 79.70
N SER C 262 -2.85 16.62 79.74
CA SER C 262 -4.16 16.45 80.36
C SER C 262 -4.13 16.84 81.84
N PHE C 263 -2.96 16.74 82.47
CA PHE C 263 -2.86 17.09 83.89
C PHE C 263 -3.17 18.57 84.12
N ILE C 264 -2.68 19.44 83.25
CA ILE C 264 -2.86 20.88 83.43
C ILE C 264 -4.15 21.26 82.70
N GLY C 265 -4.84 20.25 82.17
CA GLY C 265 -6.12 20.45 81.53
C GLY C 265 -6.07 20.74 80.04
N MET C 266 -4.91 20.79 79.40
CA MET C 266 -4.84 21.05 77.96
C MET C 266 -5.30 19.84 77.16
N GLU C 267 -5.94 20.06 76.02
CA GLU C 267 -6.29 18.96 75.10
C GLU C 267 -5.07 18.40 74.37
N SER C 268 -4.08 19.27 74.07
CA SER C 268 -2.95 19.00 73.20
C SER C 268 -2.13 17.77 73.61
N ALA C 269 -1.42 17.17 72.66
CA ALA C 269 -0.55 16.03 72.94
C ALA C 269 0.69 16.49 73.69
N GLY C 270 1.42 15.52 74.22
CA GLY C 270 2.58 15.81 75.04
C GLY C 270 3.75 16.39 74.27
N ILE C 271 4.91 16.47 74.90
CA ILE C 271 6.12 16.89 74.20
C ILE C 271 6.51 15.85 73.17
N HIS C 272 6.35 14.58 73.50
CA HIS C 272 6.31 13.53 72.49
C HIS C 272 4.98 13.59 71.76
N GLU C 273 4.94 12.95 70.60
CA GLU C 273 3.74 12.84 69.77
C GLU C 273 3.41 14.19 69.12
N THR C 274 4.14 15.24 69.49
CA THR C 274 4.14 16.46 68.69
C THR C 274 5.42 16.54 67.87
N THR C 275 6.54 16.09 68.42
CA THR C 275 7.75 15.89 67.63
C THR C 275 7.50 14.83 66.55
N TYR C 276 6.81 13.75 66.92
CA TYR C 276 6.49 12.72 65.94
C TYR C 276 5.57 13.27 64.85
N ASN C 277 4.58 14.08 65.23
CA ASN C 277 3.69 14.68 64.24
C ASN C 277 4.43 15.64 63.33
N SER C 278 5.35 16.44 63.90
CA SER C 278 6.14 17.35 63.08
C SER C 278 7.04 16.59 62.11
N ILE C 279 7.57 15.44 62.54
CA ILE C 279 8.32 14.58 61.63
C ILE C 279 7.40 14.07 60.53
N MET C 280 6.19 13.65 60.89
CA MET C 280 5.27 13.07 59.91
C MET C 280 4.78 14.10 58.90
N LYS C 281 4.72 15.38 59.28
CA LYS C 281 4.32 16.40 58.32
C LYS C 281 5.39 16.64 57.26
N CYS C 282 6.63 16.23 57.51
CA CYS C 282 7.70 16.44 56.55
C CYS C 282 7.58 15.45 55.40
N ASP C 283 8.45 15.64 54.41
CA ASP C 283 8.45 14.78 53.24
C ASP C 283 8.85 13.36 53.63
N ILE C 284 8.51 12.40 52.76
CA ILE C 284 8.67 10.99 53.09
C ILE C 284 10.13 10.65 53.30
N ASP C 285 11.02 11.17 52.45
CA ASP C 285 12.44 10.82 52.55
C ASP C 285 13.14 11.54 53.69
N ILE C 286 12.58 12.66 54.16
CA ILE C 286 13.24 13.45 55.20
C ILE C 286 13.21 12.72 56.54
N ARG C 287 12.21 11.86 56.74
CA ARG C 287 11.94 11.32 58.07
C ARG C 287 13.10 10.46 58.59
N LYS C 288 13.85 9.82 57.68
CA LYS C 288 14.99 9.01 58.10
C LYS C 288 16.00 9.84 58.88
N ASP C 289 16.41 10.99 58.33
CA ASP C 289 17.43 11.79 58.98
C ASP C 289 16.89 12.53 60.20
N LEU C 290 15.60 12.87 60.20
CA LEU C 290 15.00 13.54 61.35
C LEU C 290 15.00 12.63 62.57
N TYR C 291 14.69 11.34 62.37
CA TYR C 291 14.68 10.41 63.50
C TYR C 291 16.08 10.27 64.12
N ALA C 292 17.12 10.36 63.31
CA ALA C 292 18.48 10.15 63.80
C ALA C 292 19.14 11.42 64.33
N ASN C 293 18.49 12.58 64.21
CA ASN C 293 19.09 13.84 64.60
C ASN C 293 18.09 14.70 65.38
N ASN C 294 17.41 14.09 66.34
CA ASN C 294 16.48 14.82 67.19
C ASN C 294 17.28 15.55 68.28
N VAL C 295 17.48 16.85 68.10
CA VAL C 295 18.35 17.65 68.95
C VAL C 295 17.48 18.41 69.94
N MET C 296 17.81 18.30 71.23
CA MET C 296 17.07 18.98 72.27
C MET C 296 17.79 20.24 72.71
N SER C 297 17.00 21.20 73.23
CA SER C 297 17.56 22.44 73.74
C SER C 297 16.55 23.05 74.70
N GLY C 298 17.00 24.05 75.44
CA GLY C 298 16.13 24.75 76.37
C GLY C 298 16.22 24.26 77.79
N GLY C 299 15.70 25.06 78.73
CA GLY C 299 15.84 24.75 80.14
C GLY C 299 15.04 23.54 80.58
N THR C 300 13.84 23.36 80.04
CA THR C 300 12.96 22.29 80.51
C THR C 300 13.28 20.94 79.90
N THR C 301 14.28 20.84 79.02
CA THR C 301 14.81 19.54 78.65
C THR C 301 15.91 19.07 79.59
N MET C 302 16.14 19.78 80.69
CA MET C 302 17.21 19.44 81.61
C MET C 302 16.83 18.36 82.61
N TYR C 303 15.55 18.03 82.73
CA TYR C 303 15.11 17.05 83.71
C TYR C 303 15.80 15.72 83.46
N PRO C 304 16.40 15.09 84.47
CA PRO C 304 17.02 13.79 84.26
C PRO C 304 16.00 12.78 83.77
N GLY C 305 16.42 11.95 82.80
CA GLY C 305 15.54 10.99 82.19
C GLY C 305 14.73 11.49 81.02
N ILE C 306 14.88 12.76 80.63
CA ILE C 306 14.17 13.27 79.45
C ILE C 306 14.61 12.51 78.20
N ALA C 307 15.92 12.23 78.09
CA ALA C 307 16.41 11.56 76.89
C ALA C 307 15.84 10.15 76.78
N ASP C 308 15.91 9.37 77.86
CA ASP C 308 15.45 7.99 77.82
C ASP C 308 13.94 7.92 77.59
N ARG C 309 13.18 8.76 78.31
CA ARG C 309 11.72 8.75 78.15
C ARG C 309 11.32 9.15 76.74
N MET C 310 11.91 10.22 76.21
CA MET C 310 11.54 10.65 74.86
C MET C 310 11.96 9.61 73.82
N GLN C 311 13.14 8.98 74.01
CA GLN C 311 13.54 7.93 73.10
C GLN C 311 12.56 6.76 73.12
N LYS C 312 12.11 6.38 74.32
CA LYS C 312 11.12 5.31 74.42
C LYS C 312 9.84 5.67 73.70
N GLU C 313 9.36 6.90 73.90
CA GLU C 313 8.11 7.32 73.25
C GLU C 313 8.27 7.33 71.73
N ILE C 314 9.37 7.89 71.23
CA ILE C 314 9.56 8.00 69.79
C ILE C 314 9.73 6.62 69.16
N THR C 315 10.46 5.72 69.82
CA THR C 315 10.55 4.36 69.31
C THR C 315 9.20 3.67 69.32
N ALA C 316 8.36 3.93 70.33
CA ALA C 316 7.03 3.35 70.35
C ALA C 316 6.18 3.86 69.20
N LEU C 317 6.28 5.15 68.87
CA LEU C 317 5.44 5.72 67.82
C LEU C 317 6.00 5.44 66.43
N ALA C 318 7.29 5.70 66.23
CA ALA C 318 7.91 5.57 64.92
C ALA C 318 8.03 4.10 64.52
N PRO C 319 8.22 3.82 63.23
CA PRO C 319 8.38 2.43 62.79
C PRO C 319 9.56 1.76 63.49
N SER C 320 9.39 0.47 63.78
CA SER C 320 10.38 -0.27 64.55
C SER C 320 11.74 -0.33 63.84
N THR C 321 11.74 -0.34 62.51
CA THR C 321 12.99 -0.48 61.77
C THR C 321 13.82 0.80 61.77
N MET C 322 13.28 1.91 62.27
CA MET C 322 14.00 3.18 62.26
C MET C 322 14.81 3.33 63.54
N LYS C 323 16.07 3.70 63.38
CA LYS C 323 16.99 3.87 64.51
C LYS C 323 16.82 5.28 65.07
N ILE C 324 16.06 5.39 66.16
CA ILE C 324 15.86 6.67 66.83
C ILE C 324 17.13 7.03 67.60
N LYS C 325 17.61 8.25 67.42
CA LYS C 325 18.78 8.74 68.13
C LYS C 325 18.52 10.18 68.54
N ILE C 326 18.63 10.46 69.84
CA ILE C 326 18.35 11.77 70.40
C ILE C 326 19.65 12.40 70.86
N ILE C 327 19.90 13.63 70.40
CA ILE C 327 21.09 14.37 70.75
C ILE C 327 20.74 15.31 71.89
N ALA C 328 21.41 15.14 73.04
CA ALA C 328 21.18 15.95 74.22
C ALA C 328 22.52 16.38 74.80
N PRO C 329 23.15 17.39 74.18
CA PRO C 329 24.42 17.90 74.72
C PRO C 329 24.22 18.47 76.11
N PRO C 330 25.22 18.37 76.99
CA PRO C 330 25.04 18.82 78.37
C PRO C 330 24.74 20.30 78.51
N GLU C 331 25.02 21.11 77.49
CA GLU C 331 24.78 22.55 77.51
C GLU C 331 23.39 22.94 77.01
N ARG C 332 22.38 22.07 77.19
CA ARG C 332 21.02 22.37 76.72
C ARG C 332 20.58 23.78 77.05
N LYS C 333 20.85 24.24 78.27
CA LYS C 333 20.30 25.52 78.73
C LYS C 333 20.78 26.68 77.88
N TYR C 334 22.09 26.72 77.58
CA TYR C 334 22.67 27.83 76.85
C TYR C 334 22.83 27.56 75.36
N SER C 335 22.37 26.41 74.86
CA SER C 335 22.55 26.03 73.46
C SER C 335 21.94 27.04 72.49
N VAL C 336 20.75 27.59 72.77
CA VAL C 336 20.15 28.64 71.93
C VAL C 336 21.08 29.85 71.81
N TRP C 337 21.64 30.31 72.93
CA TRP C 337 22.57 31.43 72.92
C TRP C 337 23.88 31.07 72.23
N ILE C 338 24.44 29.88 72.48
CA ILE C 338 25.68 29.41 71.84
C ILE C 338 25.49 29.40 70.33
N GLY C 339 24.36 28.90 69.83
CA GLY C 339 24.07 28.94 68.41
C GLY C 339 24.06 30.36 67.86
N GLY C 340 23.44 31.31 68.56
CA GLY C 340 23.48 32.71 68.16
C GLY C 340 24.91 33.27 68.16
N SER C 341 25.72 32.92 69.14
CA SER C 341 27.11 33.36 69.26
C SER C 341 27.99 32.85 68.13
N ILE C 342 27.68 31.68 67.56
CA ILE C 342 28.27 31.19 66.32
C ILE C 342 27.75 32.02 65.15
N LEU C 343 26.43 32.05 64.95
CA LEU C 343 25.80 32.64 63.76
C LEU C 343 26.21 34.09 63.55
N ALA C 344 26.15 34.93 64.59
CA ALA C 344 26.52 36.34 64.50
C ALA C 344 27.98 36.57 64.10
N SER C 345 28.86 35.59 64.30
CA SER C 345 30.29 35.69 63.98
C SER C 345 30.65 35.20 62.55
N LEU C 346 29.74 34.54 61.83
CA LEU C 346 30.04 33.97 60.51
C LEU C 346 30.27 35.06 59.47
N SER C 347 31.30 34.94 58.65
CA SER C 347 31.61 35.94 57.59
C SER C 347 30.53 36.01 56.50
N THR C 348 29.83 34.91 56.25
CA THR C 348 28.65 34.88 55.35
C THR C 348 27.43 35.61 55.93
N PHE C 349 27.29 35.67 57.26
CA PHE C 349 26.11 36.27 57.90
C PHE C 349 26.12 37.80 57.90
N GLN C 350 27.26 38.46 57.69
CA GLN C 350 27.37 39.91 57.90
C GLN C 350 26.53 40.76 56.94
N GLN C 351 26.00 40.20 55.85
CA GLN C 351 25.08 40.90 54.97
C GLN C 351 23.62 40.71 55.37
N MET C 352 23.34 39.82 56.33
CA MET C 352 21.98 39.55 56.73
C MET C 352 21.43 40.53 57.76
N TRP C 353 22.30 41.35 58.36
CA TRP C 353 21.93 42.34 59.36
C TRP C 353 20.90 43.35 58.81
N ILE C 354 19.94 43.78 59.62
CA ILE C 354 19.09 44.92 59.32
C ILE C 354 19.82 46.17 59.79
N THR C 355 20.41 46.90 58.84
CA THR C 355 21.22 48.05 59.21
C THR C 355 20.33 49.23 59.60
N LYS C 356 20.93 50.19 60.31
CA LYS C 356 20.22 51.39 60.69
C LYS C 356 19.72 52.14 59.46
N GLN C 357 20.55 52.23 58.42
CA GLN C 357 20.17 52.92 57.20
C GLN C 357 19.08 52.17 56.43
N GLU C 358 18.93 50.87 56.64
CA GLU C 358 17.82 50.15 56.05
C GLU C 358 16.52 50.35 56.84
N TYR C 359 16.61 50.45 58.17
CA TYR C 359 15.41 50.60 58.98
C TYR C 359 14.73 51.94 58.72
N ASP C 360 15.49 53.04 58.73
CA ASP C 360 14.88 54.35 58.62
C ASP C 360 14.32 54.64 57.23
N GLU C 361 14.58 53.77 56.26
CA GLU C 361 14.02 53.91 54.92
C GLU C 361 12.73 53.13 54.74
N ALA C 362 12.49 52.10 55.56
CA ALA C 362 11.32 51.25 55.39
C ALA C 362 10.46 51.10 56.63
N GLY C 363 10.85 51.67 57.77
CA GLY C 363 10.09 51.52 58.99
C GLY C 363 10.37 50.21 59.68
N PRO C 364 9.64 49.91 60.75
CA PRO C 364 9.82 48.62 61.44
C PRO C 364 9.35 47.42 60.64
N SER C 365 8.67 47.63 59.51
CA SER C 365 8.15 46.51 58.73
C SER C 365 9.27 45.72 58.05
N ILE C 366 10.50 46.24 58.09
CA ILE C 366 11.62 45.63 57.38
C ILE C 366 11.88 44.20 57.85
N VAL C 367 11.51 43.88 59.10
CA VAL C 367 11.89 42.59 59.68
C VAL C 367 11.27 41.43 58.91
N HIS C 368 10.00 41.56 58.53
CA HIS C 368 9.33 40.45 57.87
C HIS C 368 9.92 40.13 56.50
N ARG C 369 10.75 41.02 55.95
CA ARG C 369 11.42 40.76 54.69
C ARG C 369 12.86 40.26 54.89
N LYS C 370 13.59 40.85 55.84
CA LYS C 370 14.98 40.47 56.04
C LYS C 370 15.12 39.16 56.80
N CYS C 371 14.21 38.90 57.75
CA CYS C 371 14.30 37.74 58.62
C CYS C 371 13.31 36.67 58.19
N PHE C 372 13.56 35.44 58.66
CA PHE C 372 12.64 34.34 58.46
C PHE C 372 11.65 34.34 59.60
N GLU D 1 -40.67 -0.94 49.93
CA GLU D 1 -39.72 0.16 49.77
C GLU D 1 -40.46 1.44 49.36
N THR D 2 -40.97 2.16 50.36
CA THR D 2 -41.80 3.33 50.08
C THR D 2 -40.96 4.49 49.55
N THR D 3 -39.82 4.77 50.18
CA THR D 3 -39.03 5.96 49.85
C THR D 3 -37.57 5.66 50.06
N ALA D 4 -36.69 6.06 49.13
CA ALA D 4 -35.26 5.91 49.32
C ALA D 4 -34.68 6.98 50.25
N LEU D 5 -33.68 6.63 51.05
CA LEU D 5 -32.85 7.59 51.76
C LEU D 5 -31.65 7.94 50.89
N VAL D 6 -31.18 9.18 51.00
CA VAL D 6 -29.96 9.65 50.35
C VAL D 6 -29.10 10.30 51.42
N CYS D 7 -27.83 9.89 51.53
CA CYS D 7 -26.90 10.39 52.51
C CYS D 7 -25.60 10.79 51.82
N ASP D 8 -25.24 12.06 51.85
CA ASP D 8 -23.95 12.55 51.35
C ASP D 8 -23.03 12.66 52.53
N ASN D 9 -22.53 11.52 53.02
CA ASN D 9 -21.78 11.45 54.26
C ASN D 9 -20.33 11.91 54.08
N GLY D 10 -20.16 13.12 53.54
CA GLY D 10 -18.87 13.72 53.26
C GLY D 10 -18.15 14.19 54.53
N SER D 11 -16.93 14.66 54.36
CA SER D 11 -16.01 15.04 55.43
C SER D 11 -16.48 16.13 56.38
N GLY D 12 -17.44 16.94 55.94
CA GLY D 12 -17.97 18.12 56.60
C GLY D 12 -19.35 17.80 57.20
N LEU D 13 -20.40 18.19 56.51
CA LEU D 13 -21.76 18.08 57.03
C LEU D 13 -22.43 16.85 56.44
N VAL D 14 -23.19 16.14 57.28
CA VAL D 14 -23.88 14.92 56.89
C VAL D 14 -25.26 15.27 56.34
N LYS D 15 -25.33 15.58 55.05
CA LYS D 15 -26.60 15.90 54.40
C LYS D 15 -27.38 14.59 54.24
N ALA D 16 -28.55 14.44 54.86
CA ALA D 16 -29.36 13.23 54.75
C ALA D 16 -30.82 13.61 54.62
N GLY D 17 -31.56 12.80 53.86
CA GLY D 17 -32.97 13.06 53.66
C GLY D 17 -33.55 12.07 52.66
N PHE D 18 -34.85 12.14 52.42
CA PHE D 18 -35.54 11.24 51.49
C PHE D 18 -35.37 11.68 50.03
N ALA D 19 -35.41 10.72 49.10
CA ALA D 19 -35.43 11.01 47.68
C ALA D 19 -36.70 11.78 47.26
N GLY D 20 -36.63 12.52 46.16
CA GLY D 20 -37.75 13.35 45.67
C GLY D 20 -37.95 14.68 46.41
N ASP D 21 -37.55 14.81 47.67
CA ASP D 21 -37.41 16.13 48.32
C ASP D 21 -36.31 16.95 47.63
N ASP D 22 -36.48 18.27 47.58
CA ASP D 22 -35.53 19.21 46.95
C ASP D 22 -34.48 19.77 47.91
N ALA D 23 -34.52 19.38 49.19
CA ALA D 23 -33.60 19.84 50.21
C ALA D 23 -33.40 18.74 51.24
N PRO D 24 -32.21 18.61 51.81
CA PRO D 24 -31.98 17.57 52.80
C PRO D 24 -32.72 17.84 54.10
N ARG D 25 -33.08 16.75 54.78
CA ARG D 25 -33.78 16.87 56.05
C ARG D 25 -32.86 17.29 57.19
N ALA D 26 -31.62 16.81 57.20
CA ALA D 26 -30.69 17.09 58.28
C ALA D 26 -29.31 17.37 57.72
N VAL D 27 -28.65 18.39 58.28
CA VAL D 27 -27.34 18.82 57.81
C VAL D 27 -26.38 18.88 59.00
N PHE D 28 -26.55 17.96 59.95
CA PHE D 28 -25.72 17.99 61.15
C PHE D 28 -24.27 17.62 60.81
N PRO D 29 -23.31 18.20 61.53
CA PRO D 29 -21.90 17.91 61.24
C PRO D 29 -21.52 16.48 61.57
N SER D 30 -20.53 15.97 60.84
CA SER D 30 -19.99 14.64 61.08
C SER D 30 -18.99 14.67 62.24
N ILE D 31 -19.47 14.93 63.45
CA ILE D 31 -18.61 15.11 64.61
C ILE D 31 -19.08 14.19 65.73
N VAL D 32 -18.14 13.48 66.35
CA VAL D 32 -18.39 12.72 67.56
C VAL D 32 -17.45 13.24 68.63
N GLY D 33 -18.00 13.45 69.82
CA GLY D 33 -17.24 14.05 70.91
C GLY D 33 -17.37 13.25 72.19
N ARG D 34 -16.29 13.29 72.98
CA ARG D 34 -16.23 12.66 74.29
C ARG D 34 -16.03 13.72 75.35
N PRO D 35 -16.56 13.53 76.56
CA PRO D 35 -16.33 14.50 77.63
C PRO D 35 -14.86 14.52 78.03
N ARG D 36 -14.29 15.73 78.10
CA ARG D 36 -12.88 15.95 78.39
C ARG D 36 -12.60 15.92 79.89
N HIS D 37 -13.38 16.65 80.70
CA HIS D 37 -13.16 16.77 82.13
C HIS D 37 -14.08 15.81 82.89
N GLN D 38 -13.74 15.59 84.16
CA GLN D 38 -14.40 14.63 85.05
C GLN D 38 -15.83 15.06 85.41
N GLY D 39 -16.76 14.10 85.45
CA GLY D 39 -18.11 14.41 85.88
C GLY D 39 -18.21 14.46 87.39
N VAL D 40 -18.97 15.42 87.88
CA VAL D 40 -19.09 15.74 89.32
C VAL D 40 -20.53 15.84 89.75
N MET D 41 -21.41 16.46 88.95
CA MET D 41 -22.83 16.55 89.30
C MET D 41 -23.47 15.23 88.94
N VAL D 42 -23.65 14.39 89.95
CA VAL D 42 -24.27 13.09 89.79
C VAL D 42 -25.78 13.27 89.72
N GLY D 43 -26.44 12.46 88.89
CA GLY D 43 -27.85 12.61 88.63
C GLY D 43 -28.21 13.51 87.47
N MET D 44 -27.21 14.17 86.85
CA MET D 44 -27.42 15.02 85.66
C MET D 44 -27.82 14.20 84.43
N GLY D 45 -27.40 12.93 84.35
CA GLY D 45 -27.70 12.11 83.19
C GLY D 45 -26.73 12.28 82.05
N GLN D 46 -25.44 12.44 82.37
CA GLN D 46 -24.43 12.63 81.34
C GLN D 46 -24.27 11.38 80.47
N LYS D 47 -24.15 11.60 79.17
CA LYS D 47 -23.86 10.52 78.24
C LYS D 47 -22.35 10.37 78.06
N ASP D 48 -21.94 9.16 77.65
CA ASP D 48 -20.52 8.91 77.42
C ASP D 48 -20.02 9.54 76.14
N SER D 49 -20.91 9.94 75.23
CA SER D 49 -20.51 10.57 73.99
C SER D 49 -21.67 11.36 73.44
N TYR D 50 -21.35 12.32 72.57
CA TYR D 50 -22.34 13.14 71.90
C TYR D 50 -21.98 13.23 70.42
N VAL D 51 -23.00 13.49 69.59
CA VAL D 51 -22.84 13.44 68.14
C VAL D 51 -23.69 14.53 67.50
N GLY D 52 -23.16 15.11 66.43
CA GLY D 52 -23.93 16.08 65.66
C GLY D 52 -24.10 17.39 66.40
N ASP D 53 -25.32 17.92 66.36
CA ASP D 53 -25.60 19.23 66.94
C ASP D 53 -25.37 19.25 68.44
N GLU D 54 -25.60 18.12 69.12
CA GLU D 54 -25.35 18.06 70.55
C GLU D 54 -23.87 18.29 70.86
N ALA D 55 -22.99 17.64 70.11
CA ALA D 55 -21.55 17.87 70.29
C ALA D 55 -21.16 19.28 69.87
N GLN D 56 -21.79 19.79 68.81
CA GLN D 56 -21.44 21.12 68.32
C GLN D 56 -21.82 22.20 69.32
N SER D 57 -22.90 22.01 70.06
CA SER D 57 -23.34 22.99 71.05
C SER D 57 -22.57 22.89 72.36
N LYS D 58 -22.29 21.67 72.81
CA LYS D 58 -21.55 21.43 74.05
C LYS D 58 -20.04 21.34 73.81
N ARG D 59 -19.51 21.90 72.73
CA ARG D 59 -18.09 21.74 72.35
C ARG D 59 -17.11 22.27 73.38
N GLY D 60 -17.52 23.20 74.24
CA GLY D 60 -16.67 23.73 75.31
C GLY D 60 -16.17 22.67 76.30
N ILE D 61 -16.74 21.46 76.28
CA ILE D 61 -16.44 20.39 77.22
C ILE D 61 -16.09 19.09 76.53
N LEU D 62 -15.94 19.09 75.20
CA LEU D 62 -15.73 17.87 74.42
C LEU D 62 -14.42 17.87 73.64
N THR D 63 -13.79 16.71 73.55
CA THR D 63 -12.78 16.41 72.52
C THR D 63 -13.47 16.06 71.21
N LEU D 64 -14.07 17.04 70.53
CA LEU D 64 -14.65 16.83 69.20
C LEU D 64 -13.64 16.18 68.25
N LYS D 65 -14.03 15.09 67.59
CA LYS D 65 -13.23 14.44 66.57
C LYS D 65 -14.09 14.02 65.39
N TYR D 66 -13.50 14.02 64.20
CA TYR D 66 -14.19 13.74 62.95
C TYR D 66 -13.89 12.31 62.52
N PRO D 67 -14.89 11.45 62.31
CA PRO D 67 -14.68 10.10 61.76
C PRO D 67 -14.22 10.11 60.31
N ILE D 68 -14.65 11.09 59.52
CA ILE D 68 -14.27 11.18 58.11
C ILE D 68 -13.06 12.09 57.99
N GLU D 69 -12.03 11.61 57.30
CA GLU D 69 -10.82 12.39 57.07
C GLU D 69 -10.44 12.25 55.60
N HIS D 70 -10.53 13.36 54.86
CA HIS D 70 -10.30 13.37 53.41
C HIS D 70 -11.16 12.33 52.69
N GLY D 71 -12.43 12.24 53.06
CA GLY D 71 -13.37 11.31 52.44
C GLY D 71 -13.14 9.86 52.81
N ILE D 72 -12.26 9.54 53.76
CA ILE D 72 -11.97 8.17 54.15
C ILE D 72 -12.32 8.00 55.62
N ILE D 73 -13.08 6.96 55.93
CA ILE D 73 -13.48 6.68 57.30
C ILE D 73 -12.27 6.15 58.07
N THR D 74 -11.91 6.85 59.15
CA THR D 74 -10.74 6.49 59.94
C THR D 74 -11.08 5.80 61.25
N ASN D 75 -12.32 5.91 61.71
CA ASN D 75 -12.75 5.25 62.95
C ASN D 75 -14.17 4.76 62.75
N TRP D 76 -14.34 3.44 62.63
CA TRP D 76 -15.63 2.89 62.25
C TRP D 76 -16.60 2.75 63.42
N ASP D 77 -16.13 2.80 64.66
CA ASP D 77 -17.07 2.82 65.78
C ASP D 77 -17.81 4.16 65.83
N ASP D 78 -17.08 5.27 65.74
CA ASP D 78 -17.72 6.58 65.67
C ASP D 78 -18.55 6.71 64.39
N MET D 79 -18.08 6.09 63.30
CA MET D 79 -18.84 6.16 62.06
C MET D 79 -20.16 5.40 62.16
N GLU D 80 -20.14 4.22 62.80
CA GLU D 80 -21.38 3.51 63.06
C GLU D 80 -22.29 4.32 63.97
N LYS D 81 -21.71 5.03 64.93
CA LYS D 81 -22.50 5.89 65.78
C LYS D 81 -23.17 7.00 64.98
N ILE D 82 -22.44 7.60 64.03
CA ILE D 82 -23.01 8.67 63.21
C ILE D 82 -24.10 8.13 62.29
N TRP D 83 -23.88 6.96 61.69
CA TRP D 83 -24.91 6.28 60.92
C TRP D 83 -26.17 6.05 61.75
N HIS D 84 -26.00 5.49 62.95
CA HIS D 84 -27.13 5.24 63.82
C HIS D 84 -27.86 6.53 64.17
N HIS D 85 -27.10 7.60 64.43
CA HIS D 85 -27.72 8.89 64.72
C HIS D 85 -28.55 9.38 63.55
N THR D 86 -27.94 9.44 62.35
CA THR D 86 -28.64 10.04 61.21
C THR D 86 -29.86 9.22 60.81
N PHE D 87 -29.84 7.92 61.10
CA PHE D 87 -31.03 7.13 60.82
C PHE D 87 -32.10 7.30 61.89
N TYR D 88 -31.74 7.09 63.17
CA TYR D 88 -32.77 6.94 64.19
C TYR D 88 -33.18 8.26 64.83
N ASN D 89 -32.25 9.19 65.06
CA ASN D 89 -32.56 10.41 65.78
C ASN D 89 -32.96 11.56 64.86
N GLU D 90 -32.16 11.84 63.82
CA GLU D 90 -32.45 12.97 62.95
C GLU D 90 -33.62 12.68 62.03
N LEU D 91 -33.49 11.67 61.18
CA LEU D 91 -34.55 11.37 60.22
C LEU D 91 -35.70 10.60 60.83
N ARG D 92 -35.52 10.06 62.04
CA ARG D 92 -36.57 9.32 62.75
C ARG D 92 -37.09 8.16 61.90
N VAL D 93 -36.17 7.38 61.33
CA VAL D 93 -36.49 6.34 60.36
C VAL D 93 -35.83 5.03 60.80
N ALA D 94 -36.58 3.94 60.69
CA ALA D 94 -35.99 2.62 60.83
C ALA D 94 -35.38 2.23 59.49
N PRO D 95 -34.05 2.08 59.42
CA PRO D 95 -33.41 1.81 58.12
C PRO D 95 -33.63 0.42 57.59
N GLU D 96 -34.34 -0.44 58.32
CA GLU D 96 -34.54 -1.83 57.91
C GLU D 96 -35.44 -1.96 56.68
N GLU D 97 -36.10 -0.89 56.24
CA GLU D 97 -37.06 -0.99 55.16
C GLU D 97 -36.92 0.10 54.10
N HIS D 98 -35.84 0.88 54.11
CA HIS D 98 -35.64 1.94 53.12
C HIS D 98 -34.31 1.74 52.41
N PRO D 99 -34.29 1.59 51.08
CA PRO D 99 -33.01 1.57 50.37
C PRO D 99 -32.27 2.88 50.55
N THR D 100 -30.94 2.79 50.69
CA THR D 100 -30.12 3.94 51.04
C THR D 100 -29.04 4.14 49.99
N LEU D 101 -28.94 5.34 49.42
CA LEU D 101 -27.89 5.72 48.47
C LEU D 101 -26.82 6.55 49.17
N LEU D 102 -25.56 6.17 49.00
CA LEU D 102 -24.41 6.76 49.63
C LEU D 102 -23.49 7.42 48.61
N THR D 103 -22.62 8.31 49.10
CA THR D 103 -21.68 9.04 48.25
C THR D 103 -20.25 8.74 48.63
N GLU D 104 -19.33 8.80 47.69
CA GLU D 104 -17.90 8.64 47.95
C GLU D 104 -17.07 9.57 47.04
N ALA D 105 -15.89 9.98 47.47
CA ALA D 105 -14.92 10.61 46.58
C ALA D 105 -14.33 9.56 45.61
N PRO D 106 -13.93 9.94 44.39
CA PRO D 106 -13.24 9.02 43.51
C PRO D 106 -11.85 8.66 44.06
N LEU D 107 -11.31 7.53 43.61
CA LEU D 107 -9.98 7.03 43.95
C LEU D 107 -9.84 6.78 45.45
N ASN D 108 -10.93 6.42 46.10
CA ASN D 108 -10.90 6.05 47.51
C ASN D 108 -10.39 4.62 47.67
N PRO D 109 -9.83 4.28 48.84
CA PRO D 109 -9.48 2.88 49.10
C PRO D 109 -10.72 2.01 49.01
N LYS D 110 -10.56 0.84 48.38
CA LYS D 110 -11.70 -0.03 48.15
C LYS D 110 -12.29 -0.54 49.46
N ALA D 111 -11.43 -0.76 50.46
CA ALA D 111 -11.84 -1.23 51.76
C ALA D 111 -12.86 -0.30 52.43
N ASN D 112 -12.83 1.00 52.11
CA ASN D 112 -13.75 1.97 52.69
C ASN D 112 -15.19 1.65 52.27
N ARG D 113 -15.44 1.55 50.97
CA ARG D 113 -16.78 1.22 50.49
C ARG D 113 -17.13 -0.22 50.81
N GLU D 114 -16.18 -1.15 50.83
CA GLU D 114 -16.48 -2.54 51.19
C GLU D 114 -17.05 -2.61 52.61
N LYS D 115 -16.37 -1.99 53.59
CA LYS D 115 -16.89 -1.96 54.95
C LYS D 115 -18.15 -1.09 55.07
N MET D 116 -18.32 -0.03 54.25
CA MET D 116 -19.59 0.68 54.18
C MET D 116 -20.73 -0.28 53.87
N THR D 117 -20.54 -1.09 52.82
CA THR D 117 -21.57 -2.03 52.42
C THR D 117 -21.80 -3.11 53.47
N GLN D 118 -20.72 -3.63 54.07
CA GLN D 118 -20.88 -4.61 55.13
C GLN D 118 -21.67 -4.03 56.30
N ILE D 119 -21.39 -2.79 56.69
CA ILE D 119 -22.12 -2.14 57.78
C ILE D 119 -23.59 -2.01 57.41
N MET D 120 -23.87 -1.48 56.22
CA MET D 120 -25.26 -1.23 55.83
C MET D 120 -26.06 -2.52 55.77
N PHE D 121 -25.49 -3.66 55.36
CA PHE D 121 -26.24 -4.93 55.38
C PHE D 121 -26.21 -5.69 56.70
N GLU D 122 -25.20 -5.53 57.57
CA GLU D 122 -25.01 -6.41 58.73
C GLU D 122 -25.20 -5.74 60.10
N THR D 123 -25.42 -4.42 60.18
CA THR D 123 -25.84 -3.76 61.43
C THR D 123 -27.07 -2.87 61.27
N PHE D 124 -27.38 -2.36 60.07
CA PHE D 124 -28.60 -1.60 59.83
C PHE D 124 -29.60 -2.36 58.97
N ASN D 125 -29.16 -3.42 58.29
CA ASN D 125 -30.05 -4.34 57.58
C ASN D 125 -30.92 -3.62 56.55
N VAL D 126 -30.32 -2.70 55.79
CA VAL D 126 -31.09 -2.00 54.76
C VAL D 126 -31.47 -2.98 53.67
N PRO D 127 -32.65 -2.86 53.06
CA PRO D 127 -33.02 -3.80 51.99
C PRO D 127 -32.17 -3.67 50.75
N ALA D 128 -31.67 -2.48 50.44
CA ALA D 128 -30.82 -2.28 49.28
C ALA D 128 -29.98 -1.02 49.50
N MET D 129 -28.91 -0.90 48.74
CA MET D 129 -28.04 0.26 48.86
C MET D 129 -27.21 0.41 47.59
N TYR D 130 -26.66 1.59 47.38
CA TYR D 130 -25.86 1.92 46.22
C TYR D 130 -24.86 3.01 46.57
N VAL D 131 -23.74 3.07 45.85
CA VAL D 131 -22.69 4.06 46.07
C VAL D 131 -22.46 4.82 44.76
N ALA D 132 -22.46 6.15 44.83
CA ALA D 132 -22.24 7.05 43.72
C ALA D 132 -21.10 8.04 44.00
N ILE D 133 -20.41 8.51 42.98
CA ILE D 133 -19.32 9.47 43.15
C ILE D 133 -19.88 10.85 43.52
N GLN D 134 -19.33 11.54 44.53
CA GLN D 134 -19.82 12.87 44.94
C GLN D 134 -19.97 13.81 43.74
N ALA D 135 -18.95 13.99 42.90
CA ALA D 135 -19.06 14.84 41.71
C ALA D 135 -20.10 14.39 40.67
N VAL D 136 -20.32 13.10 40.42
CA VAL D 136 -21.28 12.68 39.37
C VAL D 136 -22.70 13.06 39.73
N LEU D 137 -23.05 13.03 41.02
CA LEU D 137 -24.35 13.51 41.47
C LEU D 137 -24.56 14.99 41.17
N SER D 138 -23.53 15.83 41.22
CA SER D 138 -23.67 17.25 40.92
C SER D 138 -24.20 17.50 39.50
N LEU D 139 -23.89 16.66 38.52
CA LEU D 139 -24.50 16.81 37.18
C LEU D 139 -26.00 16.58 37.20
N TYR D 140 -26.50 15.62 37.98
CA TYR D 140 -27.94 15.43 38.11
C TYR D 140 -28.62 16.64 38.74
N ALA D 141 -28.01 17.28 39.74
CA ALA D 141 -28.56 18.51 40.31
C ALA D 141 -28.52 19.68 39.33
N SER D 142 -27.44 19.82 38.56
CA SER D 142 -27.34 20.87 37.53
C SER D 142 -28.22 20.59 36.30
N GLY D 143 -28.64 19.34 36.09
CA GLY D 143 -29.49 18.93 34.96
C GLY D 143 -28.74 18.90 33.63
N ARG D 144 -27.54 18.32 33.61
CA ARG D 144 -26.65 18.27 32.43
C ARG D 144 -26.17 16.85 32.15
N THR D 145 -25.89 16.54 30.89
CA THR D 145 -25.22 15.30 30.48
C THR D 145 -23.72 15.46 30.22
N THR D 146 -23.18 16.67 30.30
CA THR D 146 -21.78 16.99 30.00
C THR D 146 -21.26 18.03 30.97
N GLY D 147 -20.01 17.91 31.41
CA GLY D 147 -19.36 18.93 32.21
C GLY D 147 -18.07 18.45 32.87
N ILE D 148 -17.25 19.39 33.32
CA ILE D 148 -16.11 19.12 34.20
C ILE D 148 -16.53 19.55 35.58
N VAL D 149 -16.45 18.67 36.57
CA VAL D 149 -17.26 18.80 37.79
C VAL D 149 -16.41 18.74 39.03
N LEU D 150 -16.71 19.58 40.02
CA LEU D 150 -15.76 19.92 41.08
C LEU D 150 -16.43 19.96 42.46
N ASP D 151 -16.46 18.86 43.22
CA ASP D 151 -16.97 18.91 44.60
C ASP D 151 -15.87 19.27 45.60
N SER D 152 -15.57 20.55 45.77
CA SER D 152 -14.69 20.97 46.84
C SER D 152 -15.45 21.03 48.16
N GLY D 153 -15.55 19.90 48.85
CA GLY D 153 -16.18 19.87 50.17
C GLY D 153 -15.21 20.30 51.26
N ASP D 154 -15.13 19.47 52.30
CA ASP D 154 -14.41 19.77 53.53
C ASP D 154 -13.14 18.96 53.70
N GLY D 155 -13.03 17.80 53.06
CA GLY D 155 -11.84 16.99 53.22
C GLY D 155 -11.09 16.71 51.94
N VAL D 156 -11.78 16.69 50.81
CA VAL D 156 -11.20 16.37 49.51
C VAL D 156 -11.81 17.24 48.44
N THR D 157 -11.08 17.45 47.35
CA THR D 157 -11.58 18.12 46.15
C THR D 157 -11.19 17.28 44.96
N HIS D 158 -12.05 17.14 43.96
CA HIS D 158 -11.77 16.29 42.82
C HIS D 158 -12.39 16.86 41.56
N ASN D 159 -11.85 16.53 40.40
CA ASN D 159 -12.39 16.93 39.11
C ASN D 159 -12.80 15.66 38.36
N VAL D 160 -14.07 15.54 37.97
CA VAL D 160 -14.51 14.47 37.08
C VAL D 160 -15.06 15.07 35.79
N PRO D 161 -14.47 14.80 34.62
CA PRO D 161 -15.08 15.15 33.35
C PRO D 161 -16.05 14.07 32.89
N ILE D 162 -17.21 14.49 32.40
CA ILE D 162 -18.24 13.64 31.80
C ILE D 162 -18.66 14.27 30.48
N TYR D 163 -18.89 13.46 29.46
CA TYR D 163 -19.37 13.91 28.17
C TYR D 163 -20.51 13.04 27.65
N GLU D 164 -21.65 13.66 27.36
CA GLU D 164 -22.87 13.01 26.88
C GLU D 164 -23.17 11.67 27.58
N GLY D 165 -23.04 11.66 28.90
CA GLY D 165 -23.32 10.52 29.75
C GLY D 165 -22.12 9.64 30.11
N TYR D 166 -21.01 9.74 29.40
CA TYR D 166 -19.81 8.91 29.59
C TYR D 166 -18.75 9.66 30.38
N ALA D 167 -18.31 9.11 31.50
CA ALA D 167 -17.22 9.68 32.29
C ALA D 167 -15.88 9.25 31.71
N LEU D 168 -14.87 10.08 31.87
CA LEU D 168 -13.51 9.76 31.45
C LEU D 168 -12.65 9.52 32.69
N PRO D 169 -12.61 8.28 33.19
CA PRO D 169 -11.93 8.03 34.47
C PRO D 169 -10.45 8.38 34.47
N HIS D 170 -9.76 8.21 33.34
CA HIS D 170 -8.33 8.48 33.31
C HIS D 170 -8.01 9.96 33.48
N ALA D 171 -8.97 10.84 33.27
CA ALA D 171 -8.77 12.27 33.42
C ALA D 171 -9.14 12.79 34.79
N ILE D 172 -9.55 11.91 35.71
CA ILE D 172 -9.92 12.36 37.05
C ILE D 172 -8.68 12.82 37.80
N MET D 173 -8.80 13.97 38.47
CA MET D 173 -7.76 14.50 39.33
C MET D 173 -8.32 14.67 40.74
N ARG D 174 -7.45 14.53 41.74
CA ARG D 174 -7.86 14.59 43.13
C ARG D 174 -6.80 15.34 43.95
N LEU D 175 -7.27 16.19 44.86
CA LEU D 175 -6.42 16.88 45.82
C LEU D 175 -7.02 16.70 47.20
N ASP D 176 -6.16 16.37 48.18
CA ASP D 176 -6.59 16.27 49.57
C ASP D 176 -6.31 17.59 50.30
N LEU D 177 -6.87 18.67 49.74
CA LEU D 177 -6.70 20.01 50.28
C LEU D 177 -8.07 20.68 50.23
N ALA D 178 -8.74 20.74 51.38
CA ALA D 178 -10.13 21.19 51.44
C ALA D 178 -10.42 21.88 52.76
N GLY D 179 -11.71 21.99 53.10
CA GLY D 179 -12.13 22.91 54.15
C GLY D 179 -11.41 22.73 55.47
N ARG D 180 -11.17 21.48 55.87
CA ARG D 180 -10.45 21.24 57.12
C ARG D 180 -9.03 21.80 57.05
N ASP D 181 -8.36 21.60 55.92
CA ASP D 181 -7.03 22.17 55.73
C ASP D 181 -7.08 23.69 55.67
N LEU D 182 -8.12 24.26 55.05
CA LEU D 182 -8.29 25.71 55.06
C LEU D 182 -8.47 26.23 56.47
N THR D 183 -9.26 25.53 57.29
CA THR D 183 -9.44 25.92 58.68
C THR D 183 -8.12 25.83 59.44
N ASP D 184 -7.35 24.76 59.21
CA ASP D 184 -6.08 24.59 59.89
C ASP D 184 -5.11 25.70 59.51
N TYR D 185 -5.05 26.07 58.23
CA TYR D 185 -4.17 27.15 57.81
C TYR D 185 -4.61 28.48 58.41
N LEU D 186 -5.92 28.69 58.54
CA LEU D 186 -6.41 29.92 59.16
C LEU D 186 -6.00 29.99 60.62
N MET D 187 -6.04 28.86 61.35
CA MET D 187 -5.53 28.81 62.73
C MET D 187 -4.07 29.23 62.76
N LYS D 188 -3.27 28.80 61.78
CA LYS D 188 -1.86 29.16 61.74
C LYS D 188 -1.68 30.66 61.50
N ILE D 189 -2.33 31.20 60.47
CA ILE D 189 -2.10 32.59 60.12
C ILE D 189 -2.76 33.56 61.09
N LEU D 190 -3.75 33.14 61.90
CA LEU D 190 -4.33 34.01 62.93
C LEU D 190 -3.29 34.34 64.01
N THR D 191 -2.28 33.49 64.20
CA THR D 191 -1.17 33.80 65.11
C THR D 191 -0.38 35.03 64.68
N GLU D 192 -0.36 35.42 63.39
CA GLU D 192 0.34 36.62 62.94
C GLU D 192 -0.15 37.87 63.68
N ARG D 193 -1.45 37.92 63.95
CA ARG D 193 -2.13 39.00 64.67
C ARG D 193 -2.31 38.71 66.16
N GLY D 194 -1.81 37.58 66.64
CA GLY D 194 -1.82 37.19 68.06
C GLY D 194 -3.08 36.51 68.57
N TYR D 195 -4.02 36.13 67.70
CA TYR D 195 -5.19 35.36 68.12
C TYR D 195 -4.85 33.86 68.15
N SER D 196 -4.47 33.35 69.30
CA SER D 196 -4.10 31.94 69.45
C SER D 196 -5.32 31.02 69.52
N PHE D 197 -5.35 29.97 68.70
CA PHE D 197 -6.34 28.88 68.76
C PHE D 197 -5.66 27.53 68.56
N VAL D 198 -6.01 26.53 69.37
CA VAL D 198 -5.38 25.20 69.39
C VAL D 198 -6.34 24.07 69.75
N THR D 199 -7.34 24.27 70.60
CA THR D 199 -8.25 23.15 70.95
C THR D 199 -9.18 22.82 69.78
N THR D 200 -9.67 21.59 69.74
CA THR D 200 -10.64 21.18 68.71
C THR D 200 -11.93 21.99 68.82
N ALA D 201 -12.33 22.38 70.03
CA ALA D 201 -13.44 23.30 70.23
C ALA D 201 -13.17 24.66 69.59
N GLU D 202 -12.01 25.26 69.81
CA GLU D 202 -11.64 26.50 69.15
C GLU D 202 -11.57 26.36 67.64
N ARG D 203 -11.20 25.19 67.10
CA ARG D 203 -11.18 24.99 65.65
C ARG D 203 -12.57 25.17 65.03
N GLU D 204 -13.65 24.84 65.73
CA GLU D 204 -15.00 25.13 65.26
C GLU D 204 -15.32 26.63 65.25
N ILE D 205 -14.77 27.41 66.17
CA ILE D 205 -14.88 28.88 66.10
C ILE D 205 -14.12 29.40 64.88
N VAL D 206 -12.91 28.91 64.63
CA VAL D 206 -12.12 29.31 63.46
C VAL D 206 -12.80 28.90 62.17
N ARG D 207 -13.53 27.78 62.13
CA ARG D 207 -14.35 27.42 60.98
C ARG D 207 -15.49 28.43 60.77
N ASP D 208 -16.13 28.86 61.85
CA ASP D 208 -17.17 29.87 61.74
C ASP D 208 -16.62 31.16 61.16
N ILE D 209 -15.44 31.59 61.63
CA ILE D 209 -14.76 32.78 61.12
C ILE D 209 -14.47 32.61 59.64
N LYS D 210 -13.97 31.44 59.24
CA LYS D 210 -13.62 31.16 57.86
C LYS D 210 -14.85 31.21 56.95
N GLU D 211 -15.97 30.66 57.42
CA GLU D 211 -17.18 30.65 56.61
C GLU D 211 -17.81 32.03 56.52
N LYS D 212 -17.73 32.82 57.60
CA LYS D 212 -18.48 34.08 57.61
C LYS D 212 -17.70 35.23 57.00
N LEU D 213 -16.36 35.20 57.08
CA LEU D 213 -15.58 36.37 56.68
C LEU D 213 -14.71 36.17 55.45
N CYS D 214 -14.27 34.94 55.16
CA CYS D 214 -13.30 34.75 54.09
C CYS D 214 -13.92 35.02 52.72
N TYR D 215 -13.06 35.40 51.78
CA TYR D 215 -13.45 35.69 50.42
C TYR D 215 -12.23 35.60 49.52
N VAL D 216 -12.47 35.62 48.21
CA VAL D 216 -11.41 35.36 47.22
C VAL D 216 -11.20 36.64 46.42
N ALA D 217 -10.12 36.70 45.64
CA ALA D 217 -9.67 37.93 45.03
C ALA D 217 -9.80 37.83 43.52
N LEU D 218 -9.72 38.98 42.85
CA LEU D 218 -9.53 38.98 41.40
C LEU D 218 -8.05 38.99 41.06
N ASP D 219 -7.24 39.69 41.85
CA ASP D 219 -5.80 39.70 41.69
C ASP D 219 -5.20 39.69 43.09
N PHE D 220 -4.48 38.61 43.44
CA PHE D 220 -4.01 38.43 44.80
C PHE D 220 -3.07 39.55 45.22
N GLU D 221 -2.14 39.93 44.34
CA GLU D 221 -1.20 40.99 44.67
C GLU D 221 -1.90 42.32 44.86
N ASN D 222 -3.00 42.58 44.13
CA ASN D 222 -3.73 43.82 44.33
C ASN D 222 -4.38 43.87 45.70
N GLU D 223 -4.99 42.77 46.14
CA GLU D 223 -5.59 42.73 47.48
C GLU D 223 -4.52 42.83 48.56
N MET D 224 -3.35 42.24 48.32
CA MET D 224 -2.24 42.42 49.25
C MET D 224 -1.80 43.88 49.29
N ALA D 225 -1.81 44.55 48.13
CA ALA D 225 -1.42 45.96 48.08
C ALA D 225 -2.43 46.84 48.82
N THR D 226 -3.72 46.50 48.74
CA THR D 226 -4.72 47.31 49.43
C THR D 226 -4.64 47.18 50.94
N ALA D 227 -3.84 46.25 51.46
CA ALA D 227 -3.57 46.21 52.89
C ALA D 227 -2.79 47.42 53.37
N ALA D 228 -2.15 48.17 52.47
CA ALA D 228 -1.55 49.44 52.86
C ALA D 228 -2.59 50.43 53.35
N SER D 229 -3.73 50.50 52.65
CA SER D 229 -4.92 51.20 53.15
C SER D 229 -5.66 50.25 54.09
N SER D 230 -5.13 50.12 55.30
CA SER D 230 -5.52 49.06 56.22
C SER D 230 -6.77 49.40 57.02
N SER D 231 -7.84 49.83 56.33
CA SER D 231 -9.12 50.03 56.99
C SER D 231 -10.24 49.32 56.23
N SER D 232 -10.14 49.31 54.89
CA SER D 232 -11.23 48.78 54.07
C SER D 232 -11.30 47.27 54.13
N LEU D 233 -10.16 46.59 54.18
CA LEU D 233 -10.16 45.13 54.12
C LEU D 233 -10.64 44.50 55.43
N GLU D 234 -10.45 45.19 56.54
CA GLU D 234 -10.61 44.57 57.85
C GLU D 234 -12.08 44.41 58.22
N LYS D 235 -12.40 43.25 58.82
CA LYS D 235 -13.74 42.94 59.29
C LYS D 235 -13.65 42.41 60.72
N SER D 236 -14.68 42.72 61.51
CA SER D 236 -14.72 42.29 62.90
C SER D 236 -15.60 41.06 63.07
N TYR D 237 -15.26 40.25 64.07
CA TYR D 237 -15.99 39.04 64.42
C TYR D 237 -16.05 38.92 65.93
N GLU D 238 -17.22 38.54 66.44
CA GLU D 238 -17.45 38.48 67.88
C GLU D 238 -17.42 37.02 68.35
N LEU D 239 -16.46 36.69 69.20
CA LEU D 239 -16.32 35.37 69.80
C LEU D 239 -17.47 35.10 70.77
N PRO D 240 -17.80 33.84 71.09
CA PRO D 240 -18.85 33.54 72.08
C PRO D 240 -18.57 34.10 73.46
N ASP D 241 -17.32 34.45 73.77
CA ASP D 241 -16.96 35.01 75.07
C ASP D 241 -16.71 36.52 74.93
N GLY D 242 -17.28 37.11 73.89
CA GLY D 242 -17.42 38.54 73.83
C GLY D 242 -16.23 39.33 73.32
N GLN D 243 -15.08 38.70 73.21
CA GLN D 243 -13.96 39.36 72.55
C GLN D 243 -14.21 39.44 71.05
N VAL D 244 -13.67 40.48 70.42
CA VAL D 244 -13.87 40.71 69.01
C VAL D 244 -12.53 40.63 68.30
N ILE D 245 -12.42 39.68 67.40
CA ILE D 245 -11.31 39.55 66.47
C ILE D 245 -11.48 40.60 65.38
N THR D 246 -10.40 41.19 64.92
CA THR D 246 -10.37 41.87 63.61
C THR D 246 -9.30 41.24 62.74
N ILE D 247 -9.65 40.85 61.52
CA ILE D 247 -8.71 40.26 60.56
C ILE D 247 -8.67 41.06 59.27
N GLY D 248 -7.49 41.21 58.68
CA GLY D 248 -7.29 41.92 57.43
C GLY D 248 -6.93 41.01 56.28
N ASN D 249 -5.64 40.87 56.01
CA ASN D 249 -5.18 40.01 54.92
C ASN D 249 -5.67 38.58 55.08
N GLU D 250 -5.77 38.10 56.32
CA GLU D 250 -6.01 36.68 56.58
C GLU D 250 -7.28 36.17 55.92
N ARG D 251 -8.29 37.04 55.77
CA ARG D 251 -9.56 36.58 55.26
C ARG D 251 -9.51 36.20 53.77
N PHE D 252 -8.55 36.73 53.02
CA PHE D 252 -8.35 36.26 51.65
C PHE D 252 -7.05 35.49 51.46
N ARG D 253 -6.14 35.53 52.43
CA ARG D 253 -4.96 34.66 52.39
C ARG D 253 -5.37 33.19 52.48
N CYS D 254 -6.33 32.89 53.35
CA CYS D 254 -6.75 31.49 53.52
C CYS D 254 -7.35 30.90 52.26
N PRO D 255 -8.40 31.48 51.65
CA PRO D 255 -8.96 30.87 50.43
C PRO D 255 -7.97 30.78 49.29
N GLU D 256 -6.99 31.69 49.24
CA GLU D 256 -6.03 31.68 48.14
C GLU D 256 -5.18 30.42 48.12
N THR D 257 -5.01 29.76 49.26
CA THR D 257 -4.23 28.51 49.28
C THR D 257 -4.88 27.43 48.43
N LEU D 258 -6.18 27.54 48.16
CA LEU D 258 -6.80 26.64 47.20
C LEU D 258 -6.16 26.77 45.82
N PHE D 259 -5.86 28.00 45.41
CA PHE D 259 -5.23 28.24 44.12
C PHE D 259 -3.70 28.21 44.18
N GLN D 260 -3.12 28.37 45.36
CA GLN D 260 -1.67 28.27 45.57
C GLN D 260 -1.41 27.35 46.75
N PRO D 261 -1.40 26.03 46.52
CA PRO D 261 -1.13 25.10 47.62
C PRO D 261 0.26 25.22 48.21
N SER D 262 1.14 26.04 47.63
CA SER D 262 2.46 26.25 48.21
C SER D 262 2.37 26.83 49.62
N PHE D 263 1.29 27.54 49.92
CA PHE D 263 1.13 28.14 51.24
C PHE D 263 1.07 27.09 52.33
N ILE D 264 0.33 26.00 52.10
CA ILE D 264 0.17 24.96 53.11
C ILE D 264 1.32 23.98 52.94
N GLY D 265 2.22 24.27 52.00
CA GLY D 265 3.39 23.48 51.77
C GLY D 265 3.26 22.38 50.74
N MET D 266 2.09 22.19 50.16
CA MET D 266 1.90 21.16 49.15
C MET D 266 2.50 21.60 47.82
N GLU D 267 3.00 20.63 47.07
CA GLU D 267 3.59 20.90 45.76
C GLU D 267 2.53 21.05 44.67
N SER D 268 1.37 20.42 44.85
CA SER D 268 0.40 20.29 43.77
C SER D 268 -0.11 21.66 43.31
N ALA D 269 -0.61 21.69 42.07
CA ALA D 269 -1.24 22.90 41.55
C ALA D 269 -2.54 23.17 42.29
N GLY D 270 -3.08 24.36 42.06
CA GLY D 270 -4.24 24.82 42.78
C GLY D 270 -5.53 24.14 42.33
N ILE D 271 -6.67 24.64 42.79
CA ILE D 271 -7.97 24.18 42.32
C ILE D 271 -8.12 24.51 40.83
N HIS D 272 -7.62 25.67 40.40
CA HIS D 272 -7.36 25.89 38.99
C HIS D 272 -6.09 25.14 38.59
N GLU D 273 -5.89 25.05 37.28
CA GLU D 273 -4.83 24.26 36.66
C GLU D 273 -5.02 22.76 36.79
N THR D 274 -5.67 22.26 37.84
CA THR D 274 -6.04 20.83 37.91
C THR D 274 -7.35 20.58 37.15
N THR D 275 -8.31 21.50 37.20
CA THR D 275 -9.44 21.53 36.25
C THR D 275 -8.97 21.64 34.80
N TYR D 276 -8.01 22.50 34.53
CA TYR D 276 -7.43 22.60 33.20
C TYR D 276 -6.70 21.33 32.81
N ASN D 277 -5.89 20.72 33.69
CA ASN D 277 -5.22 19.47 33.37
C ASN D 277 -6.21 18.32 33.10
N SER D 278 -7.32 18.21 33.85
CA SER D 278 -8.34 17.21 33.57
C SER D 278 -9.02 17.46 32.23
N ILE D 279 -9.23 18.71 31.84
CA ILE D 279 -9.65 19.02 30.48
C ILE D 279 -8.58 18.61 29.45
N MET D 280 -7.30 18.88 29.68
CA MET D 280 -6.27 18.48 28.71
C MET D 280 -6.09 16.96 28.61
N LYS D 281 -6.44 16.18 29.64
CA LYS D 281 -6.38 14.73 29.53
C LYS D 281 -7.54 14.13 28.72
N CYS D 282 -8.62 14.88 28.56
CA CYS D 282 -9.74 14.48 27.70
C CYS D 282 -9.36 14.58 26.23
N ASP D 283 -10.20 14.03 25.36
CA ASP D 283 -9.95 14.04 23.92
C ASP D 283 -9.94 15.47 23.39
N ILE D 284 -9.25 15.65 22.25
CA ILE D 284 -9.14 16.96 21.63
C ILE D 284 -10.50 17.53 21.29
N ASP D 285 -11.43 16.67 20.85
CA ASP D 285 -12.75 17.14 20.47
C ASP D 285 -13.66 17.35 21.68
N ILE D 286 -13.40 16.68 22.79
CA ILE D 286 -14.25 16.75 23.99
C ILE D 286 -14.15 18.12 24.64
N ARG D 287 -13.01 18.81 24.49
CA ARG D 287 -12.63 19.95 25.35
C ARG D 287 -13.55 21.16 25.20
N LYS D 288 -14.08 21.44 24.01
CA LYS D 288 -14.98 22.58 23.75
C LYS D 288 -16.15 22.63 24.72
N ASP D 289 -16.86 21.53 24.90
CA ASP D 289 -18.04 21.48 25.77
C ASP D 289 -17.67 21.49 27.26
N LEU D 290 -16.50 20.99 27.64
CA LEU D 290 -16.04 21.06 29.02
C LEU D 290 -15.73 22.49 29.47
N TYR D 291 -15.04 23.29 28.66
CA TYR D 291 -14.79 24.69 29.02
C TYR D 291 -16.11 25.48 29.16
N ALA D 292 -17.14 25.09 28.40
CA ALA D 292 -18.47 25.71 28.44
C ALA D 292 -19.38 25.21 29.58
N ASN D 293 -19.02 24.12 30.27
CA ASN D 293 -19.84 23.45 31.29
C ASN D 293 -19.01 23.06 32.52
N ASN D 294 -18.24 23.99 33.07
CA ASN D 294 -17.51 23.77 34.30
C ASN D 294 -18.43 23.95 35.52
N VAL D 295 -18.77 22.89 36.23
CA VAL D 295 -19.80 22.85 37.28
C VAL D 295 -19.18 22.72 38.66
N MET D 296 -19.55 23.56 39.63
CA MET D 296 -18.97 23.54 40.99
C MET D 296 -19.96 23.12 42.08
N SER D 297 -19.48 22.42 43.10
CA SER D 297 -20.26 21.96 44.25
C SER D 297 -19.40 21.86 45.51
N GLY D 298 -20.04 21.69 46.65
CA GLY D 298 -19.34 21.46 47.91
C GLY D 298 -19.02 22.76 48.63
N GLY D 299 -18.78 22.63 49.92
CA GLY D 299 -18.81 23.74 50.86
C GLY D 299 -17.82 24.84 50.56
N THR D 300 -16.59 24.48 50.20
CA THR D 300 -15.54 25.48 50.01
C THR D 300 -15.50 26.06 48.61
N THR D 301 -16.52 25.81 47.79
CA THR D 301 -16.76 26.59 46.57
C THR D 301 -17.64 27.81 46.85
N MET D 302 -18.00 28.07 48.11
CA MET D 302 -18.94 29.12 48.47
C MET D 302 -18.29 30.48 48.66
N TYR D 303 -16.97 30.55 48.74
CA TYR D 303 -16.31 31.82 49.03
C TYR D 303 -16.68 32.84 47.95
N PRO D 304 -17.07 34.06 48.33
CA PRO D 304 -17.36 35.09 47.32
C PRO D 304 -16.16 35.35 46.43
N GLY D 305 -16.40 35.36 45.12
CA GLY D 305 -15.34 35.58 44.17
C GLY D 305 -14.64 34.34 43.66
N ILE D 306 -15.06 33.13 44.06
CA ILE D 306 -14.53 31.87 43.48
C ILE D 306 -14.82 31.81 41.99
N ALA D 307 -16.06 32.04 41.56
CA ALA D 307 -16.42 31.95 40.15
C ALA D 307 -15.58 32.91 39.29
N ASP D 308 -15.36 34.13 39.76
CA ASP D 308 -14.52 35.11 39.06
C ASP D 308 -13.04 34.69 39.01
N ARG D 309 -12.45 34.31 40.14
CA ARG D 309 -11.05 33.88 40.19
C ARG D 309 -10.81 32.68 39.28
N MET D 310 -11.69 31.69 39.37
CA MET D 310 -11.61 30.47 38.59
C MET D 310 -11.77 30.76 37.11
N GLN D 311 -12.72 31.61 36.70
CA GLN D 311 -12.89 31.99 35.31
C GLN D 311 -11.67 32.76 34.79
N LYS D 312 -11.07 33.65 35.59
CA LYS D 312 -9.90 34.40 35.13
C LYS D 312 -8.72 33.47 34.92
N GLU D 313 -8.44 32.58 35.88
CA GLU D 313 -7.31 31.68 35.73
C GLU D 313 -7.49 30.72 34.56
N ILE D 314 -8.67 30.14 34.37
CA ILE D 314 -8.86 29.23 33.23
C ILE D 314 -8.83 29.98 31.91
N THR D 315 -9.40 31.19 31.79
CA THR D 315 -9.25 31.99 30.56
C THR D 315 -7.79 32.39 30.28
N ALA D 316 -6.93 32.49 31.29
CA ALA D 316 -5.50 32.69 31.07
C ALA D 316 -4.81 31.39 30.60
N LEU D 317 -5.09 30.25 31.22
CA LEU D 317 -4.47 28.96 30.85
C LEU D 317 -4.91 28.44 29.48
N ALA D 318 -6.21 28.46 29.21
CA ALA D 318 -6.80 27.87 28.01
C ALA D 318 -6.64 28.76 26.76
N PRO D 319 -6.88 28.21 25.55
CA PRO D 319 -6.75 28.95 24.30
C PRO D 319 -7.70 30.13 24.22
N SER D 320 -7.23 31.28 23.76
CA SER D 320 -7.97 32.56 23.81
C SER D 320 -9.31 32.54 23.06
N THR D 321 -9.43 31.69 22.05
CA THR D 321 -10.62 31.50 21.21
C THR D 321 -11.80 30.80 21.93
N MET D 322 -11.62 30.27 23.14
CA MET D 322 -12.60 29.36 23.78
C MET D 322 -13.49 30.07 24.79
N LYS D 323 -14.79 29.87 24.67
CA LYS D 323 -15.83 30.53 25.47
C LYS D 323 -15.99 29.87 26.83
N ILE D 324 -15.09 30.16 27.75
CA ILE D 324 -15.02 29.53 29.08
C ILE D 324 -16.07 30.09 30.03
N LYS D 325 -16.90 29.22 30.59
CA LYS D 325 -18.09 29.58 31.38
C LYS D 325 -18.21 28.67 32.59
N ILE D 326 -18.48 29.26 33.76
CA ILE D 326 -18.50 28.54 35.03
C ILE D 326 -19.92 28.55 35.60
N ILE D 327 -20.44 27.35 35.81
CA ILE D 327 -21.77 27.08 36.31
C ILE D 327 -21.69 26.94 37.83
N ALA D 328 -22.11 27.97 38.53
CA ALA D 328 -22.05 28.09 39.98
C ALA D 328 -23.46 28.35 40.55
N PRO D 329 -24.35 27.35 40.57
CA PRO D 329 -25.70 27.54 41.12
C PRO D 329 -25.62 27.92 42.59
N PRO D 330 -26.57 28.71 43.08
CA PRO D 330 -26.49 29.17 44.48
C PRO D 330 -26.52 28.05 45.50
N GLU D 331 -27.00 26.87 45.12
CA GLU D 331 -27.11 25.72 46.02
C GLU D 331 -25.88 24.80 46.00
N ARG D 332 -24.67 25.36 45.75
CA ARG D 332 -23.41 24.62 45.69
C ARG D 332 -23.26 23.64 46.85
N LYS D 333 -23.68 24.00 48.07
CA LYS D 333 -23.45 23.19 49.25
C LYS D 333 -24.21 21.87 49.22
N TYR D 334 -25.37 21.85 48.53
CA TYR D 334 -26.25 20.69 48.59
C TYR D 334 -26.44 20.00 47.26
N SER D 335 -25.78 20.42 46.19
CA SER D 335 -26.04 19.86 44.87
C SER D 335 -25.60 18.41 44.74
N VAL D 336 -24.61 17.94 45.51
CA VAL D 336 -24.31 16.50 45.59
C VAL D 336 -25.50 15.73 46.17
N TRP D 337 -26.06 16.19 47.30
CA TRP D 337 -27.22 15.54 47.89
C TRP D 337 -28.45 15.63 46.98
N ILE D 338 -28.72 16.79 46.40
CA ILE D 338 -29.85 16.97 45.46
C ILE D 338 -29.69 16.04 44.27
N GLY D 339 -28.48 15.87 43.76
CA GLY D 339 -28.21 14.90 42.71
C GLY D 339 -28.61 13.49 43.13
N GLY D 340 -28.25 13.07 44.33
CA GLY D 340 -28.71 11.80 44.88
C GLY D 340 -30.23 11.72 45.00
N SER D 341 -30.89 12.79 45.46
CA SER D 341 -32.34 12.82 45.61
C SER D 341 -33.08 12.63 44.27
N ILE D 342 -32.48 13.08 43.18
CA ILE D 342 -32.96 12.89 41.81
C ILE D 342 -32.67 11.46 41.37
N LEU D 343 -31.41 11.02 41.43
CA LEU D 343 -30.96 9.74 40.91
C LEU D 343 -31.73 8.59 41.57
N ALA D 344 -31.84 8.59 42.89
CA ALA D 344 -32.62 7.61 43.64
C ALA D 344 -34.13 7.57 43.30
N SER D 345 -34.66 8.58 42.61
CA SER D 345 -36.06 8.64 42.17
C SER D 345 -36.27 8.14 40.74
N LEU D 346 -35.23 8.00 39.91
CA LEU D 346 -35.37 7.64 38.50
C LEU D 346 -35.89 6.19 38.35
N SER D 347 -36.97 5.97 37.59
CA SER D 347 -37.51 4.62 37.37
C SER D 347 -36.47 3.70 36.71
N THR D 348 -35.69 4.23 35.78
CA THR D 348 -34.60 3.54 35.08
C THR D 348 -33.32 3.32 35.93
N PHE D 349 -33.30 3.76 37.20
CA PHE D 349 -32.25 3.41 38.16
C PHE D 349 -32.66 2.29 39.11
N GLN D 350 -33.95 1.98 39.27
CA GLN D 350 -34.42 1.06 40.31
C GLN D 350 -33.86 -0.37 40.19
N GLN D 351 -33.30 -0.78 39.05
CA GLN D 351 -32.70 -2.10 38.90
C GLN D 351 -31.22 -2.12 39.27
N MET D 352 -30.61 -0.94 39.48
CA MET D 352 -29.19 -0.87 39.78
C MET D 352 -28.88 -0.96 41.26
N TRP D 353 -29.89 -0.95 42.13
CA TRP D 353 -29.71 -1.12 43.56
C TRP D 353 -29.03 -2.46 43.89
N ILE D 354 -28.09 -2.46 44.82
CA ILE D 354 -27.49 -3.69 45.34
C ILE D 354 -28.46 -4.29 46.34
N THR D 355 -29.12 -5.39 45.96
CA THR D 355 -30.14 -5.98 46.80
C THR D 355 -29.52 -6.81 47.93
N LYS D 356 -30.22 -6.93 49.06
CA LYS D 356 -29.81 -7.80 50.17
C LYS D 356 -29.53 -9.22 49.70
N GLN D 357 -30.34 -9.74 48.76
CA GLN D 357 -30.14 -11.09 48.26
C GLN D 357 -28.93 -11.20 47.36
N GLU D 358 -28.43 -10.09 46.82
CA GLU D 358 -27.16 -10.11 46.12
C GLU D 358 -25.97 -10.01 47.08
N TYR D 359 -26.08 -9.22 48.15
CA TYR D 359 -25.03 -9.16 49.15
C TYR D 359 -24.80 -10.52 49.80
N ASP D 360 -25.86 -11.21 50.25
CA ASP D 360 -25.69 -12.47 50.95
C ASP D 360 -25.17 -13.62 50.06
N GLU D 361 -25.08 -13.41 48.74
CA GLU D 361 -24.52 -14.32 47.75
C GLU D 361 -23.09 -13.95 47.30
N ALA D 362 -22.62 -12.71 47.51
CA ALA D 362 -21.33 -12.22 47.02
C ALA D 362 -20.47 -11.47 48.06
N GLY D 363 -21.00 -11.31 49.27
CA GLY D 363 -20.38 -10.54 50.34
C GLY D 363 -20.21 -9.05 50.01
N PRO D 364 -19.40 -8.33 50.78
CA PRO D 364 -19.13 -6.93 50.53
C PRO D 364 -18.41 -6.66 49.20
N SER D 365 -17.92 -7.67 48.48
CA SER D 365 -17.17 -7.41 47.25
C SER D 365 -18.07 -7.05 46.08
N ILE D 366 -19.39 -7.11 46.26
CA ILE D 366 -20.33 -6.88 45.17
C ILE D 366 -20.18 -5.47 44.61
N VAL D 367 -19.72 -4.52 45.42
CA VAL D 367 -19.80 -3.10 45.05
C VAL D 367 -18.93 -2.79 43.84
N HIS D 368 -17.79 -3.47 43.70
CA HIS D 368 -16.90 -3.18 42.59
C HIS D 368 -17.47 -3.64 41.26
N ARG D 369 -18.48 -4.50 41.26
CA ARG D 369 -19.12 -4.95 40.04
C ARG D 369 -20.39 -4.17 39.72
N LYS D 370 -21.13 -3.75 40.76
CA LYS D 370 -22.40 -3.04 40.56
C LYS D 370 -22.21 -1.54 40.43
N CYS D 371 -21.34 -0.95 41.25
CA CYS D 371 -21.16 0.49 41.30
C CYS D 371 -19.92 0.92 40.52
N PHE D 372 -19.75 2.23 40.32
CA PHE D 372 -18.47 2.82 39.90
C PHE D 372 -17.52 2.86 41.10
N GLU E 1 41.41 14.49 18.41
CA GLU E 1 40.17 13.75 18.65
C GLU E 1 40.49 12.29 19.00
N THR E 2 40.61 12.02 20.28
CA THR E 2 41.08 10.71 20.72
C THR E 2 39.95 9.68 20.80
N THR E 3 38.83 10.03 21.44
CA THR E 3 37.78 9.04 21.70
C THR E 3 36.43 9.70 21.54
N ALA E 4 35.50 9.01 20.89
CA ALA E 4 34.11 9.46 20.83
C ALA E 4 33.39 9.24 22.15
N LEU E 5 32.57 10.19 22.56
CA LEU E 5 31.54 9.99 23.57
C LEU E 5 30.26 9.48 22.93
N VAL E 6 29.52 8.65 23.64
CA VAL E 6 28.21 8.17 23.23
C VAL E 6 27.24 8.47 24.35
N CYS E 7 26.08 9.04 24.02
CA CYS E 7 25.10 9.47 25.01
C CYS E 7 23.71 9.02 24.57
N ASP E 8 22.95 8.37 25.46
CA ASP E 8 21.51 8.17 25.32
C ASP E 8 20.86 9.16 26.27
N ASN E 9 20.15 10.14 25.72
CA ASN E 9 19.31 11.05 26.48
C ASN E 9 18.09 10.31 26.98
N GLY E 10 18.33 9.51 28.01
CA GLY E 10 17.31 8.64 28.50
C GLY E 10 16.15 9.45 29.05
N SER E 11 14.95 9.24 28.54
CA SER E 11 13.77 9.86 29.10
C SER E 11 13.63 9.61 30.59
N GLY E 12 14.26 8.59 31.16
CA GLY E 12 14.40 8.40 32.58
C GLY E 12 15.85 8.41 33.06
N LEU E 13 16.80 7.82 32.31
CA LEU E 13 18.16 7.55 32.75
C LEU E 13 19.19 7.94 31.68
N VAL E 14 19.94 9.02 31.89
CA VAL E 14 20.99 9.36 30.93
C VAL E 14 22.13 8.36 31.03
N LYS E 15 22.54 7.81 29.89
CA LYS E 15 23.69 6.93 29.81
C LYS E 15 24.78 7.60 28.98
N ALA E 16 25.98 7.71 29.54
CA ALA E 16 27.09 8.35 28.86
C ALA E 16 28.36 7.55 29.10
N GLY E 17 29.26 7.57 28.11
CA GLY E 17 30.53 6.89 28.23
C GLY E 17 31.25 6.87 26.91
N PHE E 18 32.56 6.63 26.95
CA PHE E 18 33.39 6.57 25.75
C PHE E 18 33.04 5.37 24.87
N ALA E 19 33.16 5.50 23.55
CA ALA E 19 33.00 4.39 22.62
C ALA E 19 34.09 3.33 22.81
N GLY E 20 33.86 2.13 22.25
CA GLY E 20 34.75 0.97 22.42
C GLY E 20 34.60 0.23 23.76
N ASP E 21 34.30 0.93 24.86
CA ASP E 21 33.94 0.28 26.13
C ASP E 21 32.66 -0.55 26.02
N ASP E 22 32.55 -1.61 26.80
CA ASP E 22 31.39 -2.51 26.81
C ASP E 22 30.26 -2.08 27.76
N ALA E 23 30.45 -1.02 28.54
CA ALA E 23 29.45 -0.53 29.49
C ALA E 23 29.58 0.98 29.61
N PRO E 24 28.48 1.69 29.83
CA PRO E 24 28.55 3.15 29.98
C PRO E 24 29.33 3.54 31.23
N ARG E 25 30.09 4.63 31.12
CA ARG E 25 30.87 5.10 32.26
C ARG E 25 29.97 5.62 33.37
N ALA E 26 28.91 6.34 33.03
CA ALA E 26 28.04 6.96 34.02
C ALA E 26 26.58 6.77 33.62
N VAL E 27 25.76 6.41 34.60
CA VAL E 27 24.32 6.33 34.44
C VAL E 27 23.68 7.07 35.61
N PHE E 28 22.83 8.03 35.31
CA PHE E 28 22.19 8.85 36.34
C PHE E 28 20.85 9.32 35.80
N PRO E 29 19.85 9.63 36.64
CA PRO E 29 18.52 10.04 36.17
C PRO E 29 18.54 11.34 35.36
N SER E 30 17.70 11.46 34.32
CA SER E 30 17.49 12.69 33.53
C SER E 30 16.68 13.74 34.30
N ILE E 31 17.06 14.02 35.54
CA ILE E 31 16.30 14.85 36.49
C ILE E 31 17.07 16.13 36.82
N VAL E 32 16.37 17.26 36.89
CA VAL E 32 16.84 18.48 37.54
C VAL E 32 15.89 18.83 38.68
N GLY E 33 16.38 19.46 39.74
CA GLY E 33 15.57 19.77 40.91
C GLY E 33 15.89 21.15 41.45
N ARG E 34 14.86 21.78 41.99
CA ARG E 34 14.95 23.07 42.66
C ARG E 34 14.48 22.93 44.10
N PRO E 35 15.06 23.69 45.03
CA PRO E 35 14.61 23.61 46.43
C PRO E 35 13.17 24.09 46.55
N ARG E 36 12.37 23.33 47.30
CA ARG E 36 10.96 23.66 47.45
C ARG E 36 10.74 24.67 48.57
N HIS E 37 11.16 24.32 49.78
CA HIS E 37 10.97 25.19 50.93
C HIS E 37 12.13 26.16 51.08
N GLN E 38 11.95 27.16 51.94
CA GLN E 38 12.94 28.20 52.11
C GLN E 38 14.15 27.70 52.88
N GLY E 39 15.33 28.21 52.51
CA GLY E 39 16.53 27.91 53.27
C GLY E 39 16.66 28.85 54.45
N VAL E 40 17.17 28.31 55.56
CA VAL E 40 17.28 29.09 56.79
C VAL E 40 18.73 29.15 57.27
N MET E 41 19.50 28.06 57.13
CA MET E 41 20.89 28.01 57.56
C MET E 41 21.74 28.77 56.55
N VAL E 42 22.31 29.89 56.97
CA VAL E 42 23.12 30.75 56.09
C VAL E 42 24.40 30.04 55.66
N GLY E 43 24.70 30.09 54.37
CA GLY E 43 26.00 29.71 53.81
C GLY E 43 26.51 28.30 54.15
N MET E 44 25.64 27.34 54.43
CA MET E 44 26.07 25.98 54.72
C MET E 44 26.57 25.26 53.48
N GLY E 45 26.22 25.74 52.29
CA GLY E 45 26.71 25.14 51.06
C GLY E 45 25.59 24.70 50.13
N GLN E 46 24.39 25.22 50.33
CA GLN E 46 23.27 24.86 49.46
C GLN E 46 23.45 25.49 48.08
N LYS E 47 22.81 24.87 47.09
CA LYS E 47 22.88 25.31 45.70
C LYS E 47 21.48 25.65 45.19
N ASP E 48 21.44 26.50 44.17
CA ASP E 48 20.16 26.92 43.60
C ASP E 48 19.48 25.81 42.81
N SER E 49 20.20 24.76 42.43
CA SER E 49 19.62 23.65 41.70
C SER E 49 20.53 22.44 41.82
N TYR E 50 19.95 21.27 41.62
CA TYR E 50 20.68 20.01 41.67
C TYR E 50 20.29 19.16 40.47
N VAL E 51 21.20 18.29 40.04
CA VAL E 51 21.01 17.51 38.83
C VAL E 51 21.60 16.11 39.03
N GLY E 52 20.94 15.12 38.43
CA GLY E 52 21.46 13.76 38.47
C GLY E 52 21.34 13.16 39.85
N ASP E 53 22.41 12.48 40.28
CA ASP E 53 22.38 11.77 41.56
C ASP E 53 22.24 12.72 42.74
N GLU E 54 22.72 13.95 42.60
CA GLU E 54 22.55 14.94 43.67
C GLU E 54 21.07 15.19 43.93
N ALA E 55 20.29 15.40 42.86
CA ALA E 55 18.86 15.61 43.02
C ALA E 55 18.17 14.36 43.54
N GLN E 56 18.58 13.19 43.07
CA GLN E 56 17.94 11.94 43.45
C GLN E 56 18.23 11.58 44.93
N SER E 57 19.40 11.92 45.46
CA SER E 57 19.69 11.68 46.87
C SER E 57 19.07 12.73 47.77
N LYS E 58 19.08 13.99 47.34
CA LYS E 58 18.45 15.08 48.06
C LYS E 58 16.97 15.23 47.70
N ARG E 59 16.36 14.16 47.23
CA ARG E 59 15.00 14.13 46.67
C ARG E 59 13.95 14.75 47.58
N GLY E 60 14.06 14.51 48.88
CA GLY E 60 13.00 14.92 49.80
C GLY E 60 12.80 16.41 49.93
N ILE E 61 13.73 17.22 49.43
CA ILE E 61 13.69 18.67 49.60
C ILE E 61 13.51 19.39 48.27
N LEU E 62 13.36 18.66 47.17
CA LEU E 62 13.41 19.23 45.84
C LEU E 62 12.13 18.97 45.06
N THR E 63 11.88 19.82 44.06
CA THR E 63 10.79 19.63 43.11
C THR E 63 11.34 19.06 41.80
N LEU E 64 11.65 17.77 41.83
CA LEU E 64 12.23 17.02 40.70
C LEU E 64 11.37 17.17 39.43
N LYS E 65 12.03 17.50 38.32
CA LYS E 65 11.42 17.67 37.00
C LYS E 65 12.30 17.03 35.94
N TYR E 66 11.69 16.33 34.98
CA TYR E 66 12.38 15.66 33.89
C TYR E 66 12.33 16.57 32.65
N PRO E 67 13.45 17.00 32.05
CA PRO E 67 13.41 17.86 30.87
C PRO E 67 13.02 17.10 29.60
N ILE E 68 13.11 15.78 29.58
CA ILE E 68 12.63 14.92 28.50
C ILE E 68 11.21 14.46 28.79
N GLU E 69 10.30 14.62 27.84
CA GLU E 69 8.96 14.04 27.91
C GLU E 69 8.65 13.33 26.60
N HIS E 70 8.23 12.06 26.67
CA HIS E 70 7.99 11.20 25.51
C HIS E 70 9.07 11.33 24.42
N GLY E 71 10.34 11.35 24.80
CA GLY E 71 11.50 11.44 23.88
C GLY E 71 11.81 12.83 23.33
N ILE E 72 11.06 13.87 23.72
CA ILE E 72 11.22 15.27 23.26
C ILE E 72 11.76 16.14 24.38
N ILE E 73 12.74 17.00 24.10
CA ILE E 73 13.24 17.97 25.06
C ILE E 73 12.20 19.07 25.23
N THR E 74 11.61 19.18 26.42
CA THR E 74 10.57 20.17 26.75
C THR E 74 11.12 21.46 27.35
N ASN E 75 12.31 21.44 27.94
CA ASN E 75 12.91 22.60 28.59
C ASN E 75 14.42 22.60 28.32
N TRP E 76 14.88 23.52 27.49
CA TRP E 76 16.25 23.55 27.03
C TRP E 76 17.23 24.08 28.07
N ASP E 77 16.79 24.88 29.02
CA ASP E 77 17.69 25.32 30.09
C ASP E 77 18.11 24.15 30.96
N ASP E 78 17.14 23.37 31.44
CA ASP E 78 17.43 22.19 32.24
C ASP E 78 18.15 21.11 31.43
N MET E 79 17.86 20.96 30.13
CA MET E 79 18.62 20.04 29.30
C MET E 79 20.05 20.51 29.07
N GLU E 80 20.31 21.81 28.90
CA GLU E 80 21.68 22.29 28.82
C GLU E 80 22.40 22.07 30.15
N LYS E 81 21.69 22.22 31.26
CA LYS E 81 22.29 21.93 32.56
C LYS E 81 22.68 20.46 32.68
N ILE E 82 21.80 19.54 32.26
CA ILE E 82 22.07 18.08 32.25
C ILE E 82 23.25 17.76 31.34
N TRP E 83 23.33 18.39 30.18
CA TRP E 83 24.48 18.22 29.28
C TRP E 83 25.76 18.67 29.96
N HIS E 84 25.75 19.86 30.57
CA HIS E 84 26.93 20.37 31.25
C HIS E 84 27.35 19.43 32.37
N HIS E 85 26.39 18.91 33.12
CA HIS E 85 26.69 17.93 34.15
C HIS E 85 27.36 16.70 33.56
N THR E 86 26.72 16.08 32.57
CA THR E 86 27.21 14.81 32.05
C THR E 86 28.57 14.95 31.38
N PHE E 87 28.91 16.17 30.95
CA PHE E 87 30.26 16.38 30.43
C PHE E 87 31.26 16.65 31.54
N TYR E 88 31.02 17.68 32.36
CA TYR E 88 32.07 18.19 33.22
C TYR E 88 32.14 17.53 34.60
N ASN E 89 31.08 16.87 35.06
CA ASN E 89 31.06 16.28 36.39
C ASN E 89 31.10 14.76 36.36
N GLU E 90 30.26 14.12 35.54
CA GLU E 90 30.23 12.66 35.50
C GLU E 90 31.38 12.11 34.67
N LEU E 91 31.41 12.45 33.38
CA LEU E 91 32.50 11.98 32.52
C LEU E 91 33.83 12.64 32.85
N ARG E 92 33.81 13.80 33.52
CA ARG E 92 35.02 14.55 33.84
C ARG E 92 35.83 14.84 32.58
N VAL E 93 35.14 15.25 31.52
CA VAL E 93 35.73 15.39 30.20
C VAL E 93 35.36 16.76 29.63
N ALA E 94 36.32 17.42 29.00
CA ALA E 94 36.04 18.63 28.25
C ALA E 94 35.51 18.26 26.87
N PRO E 95 34.27 18.62 26.53
CA PRO E 95 33.70 18.17 25.25
C PRO E 95 34.27 18.89 24.04
N GLU E 96 35.20 19.81 24.22
CA GLU E 96 35.75 20.59 23.11
C GLU E 96 36.56 19.75 22.13
N GLU E 97 36.90 18.51 22.48
CA GLU E 97 37.78 17.72 21.63
C GLU E 97 37.33 16.27 21.42
N HIS E 98 36.10 15.93 21.78
CA HIS E 98 35.60 14.56 21.62
C HIS E 98 34.34 14.57 20.77
N PRO E 99 34.31 13.84 19.66
CA PRO E 99 33.06 13.70 18.91
C PRO E 99 32.00 13.01 19.76
N THR E 100 30.74 13.35 19.50
CA THR E 100 29.63 12.89 20.34
C THR E 100 28.53 12.29 19.50
N LEU E 101 28.00 11.14 19.90
CA LEU E 101 26.90 10.45 19.23
C LEU E 101 25.66 10.39 20.13
N LEU E 102 24.50 10.83 19.64
CA LEU E 102 23.28 11.05 20.43
C LEU E 102 22.11 10.17 19.99
N THR E 103 21.47 9.45 20.92
CA THR E 103 20.46 8.45 20.56
C THR E 103 19.02 8.97 20.64
N GLU E 104 18.49 9.52 19.55
CA GLU E 104 17.11 10.05 19.48
C GLU E 104 16.04 8.95 19.25
N ALA E 105 14.79 9.16 19.66
CA ALA E 105 13.65 8.36 19.21
C ALA E 105 13.26 8.66 17.75
N PRO E 106 12.63 7.73 17.00
CA PRO E 106 12.11 8.01 15.66
C PRO E 106 10.89 8.94 15.70
N LEU E 107 10.56 9.55 14.56
CA LEU E 107 9.38 10.43 14.39
C LEU E 107 9.36 11.61 15.39
N ASN E 108 10.52 12.06 15.87
CA ASN E 108 10.60 13.25 16.71
C ASN E 108 10.42 14.54 15.89
N PRO E 109 10.02 15.65 16.52
CA PRO E 109 10.00 16.96 15.87
C PRO E 109 11.38 17.31 15.35
N LYS E 110 11.49 17.80 14.12
CA LYS E 110 12.79 18.16 13.54
C LYS E 110 13.47 19.26 14.34
N ALA E 111 12.70 20.15 14.94
CA ALA E 111 13.23 21.22 15.79
C ALA E 111 13.98 20.67 17.01
N ASN E 112 13.57 19.53 17.56
CA ASN E 112 14.25 18.89 18.69
C ASN E 112 15.70 18.58 18.33
N ARG E 113 15.95 17.89 17.21
CA ARG E 113 17.31 17.55 16.83
C ARG E 113 18.06 18.76 16.29
N GLU E 114 17.41 19.72 15.64
CA GLU E 114 18.07 20.92 15.16
C GLU E 114 18.62 21.74 16.32
N LYS E 115 17.80 22.06 17.33
CA LYS E 115 18.30 22.75 18.52
C LYS E 115 19.29 21.90 19.30
N MET E 116 19.15 20.57 19.32
CA MET E 116 20.16 19.72 19.96
C MET E 116 21.52 19.91 19.31
N THR E 117 21.55 19.88 17.97
CA THR E 117 22.81 20.08 17.25
C THR E 117 23.35 21.49 17.45
N GLN E 118 22.49 22.51 17.41
CA GLN E 118 22.92 23.88 17.64
C GLN E 118 23.54 24.01 19.04
N ILE E 119 22.92 23.40 20.06
CA ILE E 119 23.51 23.42 21.40
C ILE E 119 24.88 22.75 21.38
N MET E 120 24.95 21.55 20.82
CA MET E 120 26.19 20.78 20.82
C MET E 120 27.33 21.56 20.16
N PHE E 121 27.02 22.32 19.11
CA PHE E 121 28.08 23.04 18.41
C PHE E 121 28.36 24.42 18.95
N GLU E 122 27.38 25.11 19.52
CA GLU E 122 27.49 26.53 19.85
C GLU E 122 27.62 26.83 21.33
N THR E 123 27.33 25.90 22.25
CA THR E 123 27.61 26.14 23.66
C THR E 123 28.58 25.14 24.27
N PHE E 124 28.74 23.96 23.66
CA PHE E 124 29.74 22.99 24.10
C PHE E 124 30.90 22.85 23.12
N ASN E 125 30.80 23.46 21.94
CA ASN E 125 31.91 23.51 20.97
C ASN E 125 32.40 22.11 20.60
N VAL E 126 31.47 21.17 20.47
CA VAL E 126 31.84 19.80 20.13
C VAL E 126 32.40 19.76 18.70
N PRO E 127 33.57 19.16 18.47
CA PRO E 127 34.15 19.20 17.13
C PRO E 127 33.34 18.48 16.07
N ALA E 128 32.66 17.39 16.42
CA ALA E 128 31.82 16.67 15.46
C ALA E 128 30.78 15.89 16.24
N MET E 129 29.62 15.70 15.61
CA MET E 129 28.53 15.02 16.29
C MET E 129 27.66 14.30 15.27
N TYR E 130 26.93 13.30 15.72
CA TYR E 130 26.00 12.54 14.90
C TYR E 130 24.80 12.12 15.73
N VAL E 131 23.63 12.11 15.11
CA VAL E 131 22.38 11.69 15.74
C VAL E 131 21.94 10.38 15.11
N ALA E 132 21.68 9.37 15.93
CA ALA E 132 21.28 8.03 15.49
C ALA E 132 20.01 7.58 16.20
N ILE E 133 19.15 6.83 15.54
CA ILE E 133 17.87 6.41 16.12
C ILE E 133 18.08 5.24 17.12
N GLN E 134 17.54 5.35 18.33
CA GLN E 134 17.79 4.40 19.43
C GLN E 134 17.57 2.93 19.02
N ALA E 135 16.51 2.66 18.26
CA ALA E 135 16.21 1.30 17.84
C ALA E 135 17.27 0.75 16.87
N VAL E 136 17.71 1.51 15.88
CA VAL E 136 18.76 1.06 14.94
C VAL E 136 20.02 0.71 15.69
N LEU E 137 20.43 1.53 16.66
CA LEU E 137 21.60 1.23 17.48
C LEU E 137 21.46 -0.09 18.22
N SER E 138 20.27 -0.46 18.65
CA SER E 138 20.05 -1.71 19.38
C SER E 138 20.49 -2.94 18.59
N LEU E 139 20.46 -2.92 17.25
CA LEU E 139 20.95 -4.04 16.46
C LEU E 139 22.43 -4.32 16.67
N TYR E 140 23.30 -3.30 16.67
CA TYR E 140 24.73 -3.52 16.82
C TYR E 140 25.06 -4.21 18.16
N ALA E 141 24.31 -3.93 19.23
CA ALA E 141 24.48 -4.62 20.51
C ALA E 141 24.11 -6.12 20.44
N SER E 142 23.24 -6.51 19.51
CA SER E 142 22.88 -7.89 19.20
C SER E 142 23.69 -8.49 18.04
N GLY E 143 24.60 -7.73 17.42
CA GLY E 143 25.49 -8.15 16.31
C GLY E 143 24.82 -8.29 14.94
N ARG E 144 23.60 -8.84 14.89
CA ARG E 144 22.78 -9.05 13.69
C ARG E 144 22.45 -7.77 12.92
N THR E 145 22.25 -7.88 11.62
CA THR E 145 21.84 -6.78 10.71
C THR E 145 20.41 -6.91 10.19
N THR E 146 19.62 -7.83 10.73
CA THR E 146 18.22 -8.10 10.37
C THR E 146 17.39 -8.35 11.60
N GLY E 147 16.16 -7.85 11.62
CA GLY E 147 15.20 -8.15 12.68
C GLY E 147 14.42 -6.92 13.12
N ILE E 148 13.21 -7.15 13.64
CA ILE E 148 12.49 -6.09 14.35
C ILE E 148 13.26 -5.73 15.60
N VAL E 149 13.53 -4.44 15.80
CA VAL E 149 13.93 -3.94 17.11
C VAL E 149 12.70 -3.35 17.73
N LEU E 150 12.39 -3.74 18.94
CA LEU E 150 11.44 -3.10 19.81
C LEU E 150 12.25 -2.43 20.91
N ASP E 151 12.19 -1.12 20.97
CA ASP E 151 12.88 -0.33 21.98
C ASP E 151 11.83 0.34 22.86
N SER E 152 11.89 0.11 24.16
CA SER E 152 10.87 0.62 25.09
C SER E 152 11.62 1.17 26.30
N GLY E 153 11.99 2.44 26.25
CA GLY E 153 12.68 3.11 27.35
C GLY E 153 11.75 3.57 28.46
N ASP E 154 12.03 4.73 29.00
CA ASP E 154 11.19 5.39 29.97
C ASP E 154 10.16 6.30 29.32
N GLY E 155 10.47 6.81 28.13
CA GLY E 155 9.67 7.84 27.47
C GLY E 155 8.76 7.33 26.37
N VAL E 156 9.21 6.46 25.48
CA VAL E 156 8.40 5.94 24.37
C VAL E 156 8.66 4.48 24.11
N THR E 157 7.73 3.80 23.44
CA THR E 157 8.07 2.57 22.76
C THR E 157 8.02 2.78 21.25
N HIS E 158 8.91 2.15 20.52
CA HIS E 158 8.86 2.17 19.07
C HIS E 158 9.48 0.90 18.55
N ASN E 159 9.10 0.52 17.34
CA ASN E 159 9.74 -0.57 16.65
C ASN E 159 10.11 -0.14 15.25
N VAL E 160 11.27 -0.63 14.81
CA VAL E 160 11.86 -0.24 13.53
C VAL E 160 12.27 -1.52 12.84
N PRO E 161 11.53 -2.00 11.84
CA PRO E 161 11.96 -3.20 11.11
C PRO E 161 13.17 -2.91 10.25
N ILE E 162 14.21 -3.72 10.39
CA ILE E 162 15.44 -3.63 9.60
C ILE E 162 15.65 -4.98 8.94
N TYR E 163 16.16 -4.99 7.71
CA TYR E 163 16.47 -6.23 7.02
C TYR E 163 17.76 -6.04 6.24
N GLU E 164 18.80 -6.75 6.66
CA GLU E 164 20.08 -6.79 5.95
C GLU E 164 20.62 -5.38 5.68
N GLY E 165 20.52 -4.55 6.70
CA GLY E 165 21.06 -3.20 6.76
C GLY E 165 20.14 -2.11 6.24
N TYR E 166 19.03 -2.44 5.59
CA TYR E 166 18.09 -1.45 5.08
C TYR E 166 16.91 -1.29 6.04
N ALA E 167 16.61 -0.06 6.42
CA ALA E 167 15.47 0.26 7.26
C ALA E 167 14.20 0.33 6.44
N LEU E 168 13.06 0.10 7.08
CA LEU E 168 11.75 0.22 6.44
C LEU E 168 10.98 1.34 7.12
N PRO E 169 11.25 2.62 6.79
CA PRO E 169 10.72 3.76 7.53
C PRO E 169 9.19 3.84 7.50
N HIS E 170 8.55 3.37 6.44
CA HIS E 170 7.08 3.37 6.33
C HIS E 170 6.40 2.38 7.28
N ALA E 171 7.14 1.42 7.86
CA ALA E 171 6.59 0.43 8.78
C ALA E 171 6.92 0.74 10.24
N ILE E 172 7.57 1.87 10.54
CA ILE E 172 7.87 2.26 11.93
C ILE E 172 6.57 2.58 12.66
N MET E 173 6.42 2.05 13.87
CA MET E 173 5.31 2.35 14.76
C MET E 173 5.85 2.93 16.06
N ARG E 174 5.14 3.89 16.64
CA ARG E 174 5.54 4.58 17.85
C ARG E 174 4.36 4.71 18.79
N LEU E 175 4.56 4.40 20.06
CA LEU E 175 3.60 4.59 21.13
C LEU E 175 4.21 5.48 22.20
N ASP E 176 3.52 6.54 22.59
CA ASP E 176 3.97 7.45 23.63
C ASP E 176 3.50 6.95 25.02
N LEU E 177 3.81 5.69 25.33
CA LEU E 177 3.35 4.97 26.51
C LEU E 177 4.49 4.11 27.05
N ALA E 178 5.21 4.59 28.05
CA ALA E 178 6.41 3.94 28.53
C ALA E 178 6.58 4.14 30.03
N GLY E 179 7.78 3.94 30.57
CA GLY E 179 8.01 3.84 32.00
C GLY E 179 7.36 4.95 32.81
N ARG E 180 7.45 6.20 32.34
CA ARG E 180 6.85 7.33 33.05
C ARG E 180 5.35 7.10 33.22
N ASP E 181 4.66 6.83 32.12
CA ASP E 181 3.22 6.51 32.13
C ASP E 181 2.93 5.26 32.97
N LEU E 182 3.83 4.28 32.97
CA LEU E 182 3.69 3.09 33.80
C LEU E 182 3.76 3.45 35.29
N THR E 183 4.65 4.36 35.65
CA THR E 183 4.73 4.83 37.03
C THR E 183 3.46 5.58 37.42
N ASP E 184 2.93 6.40 36.52
CA ASP E 184 1.74 7.17 36.83
C ASP E 184 0.55 6.26 37.11
N TYR E 185 0.38 5.22 36.31
CA TYR E 185 -0.73 4.30 36.52
C TYR E 185 -0.56 3.53 37.82
N LEU E 186 0.68 3.17 38.17
CA LEU E 186 0.92 2.50 39.44
C LEU E 186 0.54 3.39 40.61
N MET E 187 0.81 4.70 40.50
CA MET E 187 0.33 5.62 41.52
C MET E 187 -1.18 5.54 41.68
N LYS E 188 -1.90 5.55 40.55
CA LYS E 188 -3.35 5.55 40.58
C LYS E 188 -3.89 4.28 41.23
N ILE E 189 -3.34 3.13 40.84
CA ILE E 189 -3.84 1.86 41.36
C ILE E 189 -3.38 1.61 42.79
N LEU E 190 -2.32 2.26 43.25
CA LEU E 190 -1.92 2.10 44.64
C LEU E 190 -2.94 2.72 45.59
N THR E 191 -3.68 3.73 45.14
CA THR E 191 -4.70 4.32 45.99
C THR E 191 -5.87 3.38 46.25
N GLU E 192 -6.00 2.31 45.45
CA GLU E 192 -7.00 1.30 45.72
C GLU E 192 -6.79 0.65 47.08
N ARG E 193 -5.54 0.60 47.54
CA ARG E 193 -5.22 0.05 48.85
C ARG E 193 -4.89 1.12 49.89
N GLY E 194 -5.11 2.40 49.56
CA GLY E 194 -4.93 3.47 50.51
C GLY E 194 -3.61 4.21 50.45
N TYR E 195 -2.69 3.79 49.59
CA TYR E 195 -1.39 4.45 49.49
C TYR E 195 -1.49 5.67 48.57
N SER E 196 -0.88 6.78 48.99
CA SER E 196 -1.22 8.08 48.44
C SER E 196 0.03 8.87 48.03
N PHE E 197 0.90 8.25 47.23
CA PHE E 197 2.04 8.97 46.68
C PHE E 197 1.59 9.93 45.59
N VAL E 198 1.75 11.23 45.84
CA VAL E 198 1.27 12.24 44.90
C VAL E 198 2.39 13.21 44.50
N THR E 199 3.36 13.41 45.38
CA THR E 199 4.38 14.41 45.09
C THR E 199 5.43 13.85 44.14
N THR E 200 6.18 14.76 43.49
CA THR E 200 7.20 14.36 42.52
C THR E 200 8.36 13.63 43.19
N ALA E 201 8.58 13.83 44.49
CA ALA E 201 9.57 13.04 45.21
C ALA E 201 9.14 11.58 45.31
N GLU E 202 7.85 11.35 45.57
CA GLU E 202 7.36 9.99 45.73
C GLU E 202 7.17 9.29 44.39
N ARG E 203 7.22 10.01 43.26
CA ARG E 203 7.28 9.39 41.93
C ARG E 203 8.45 8.41 41.87
N GLU E 204 9.57 8.78 42.46
CA GLU E 204 10.75 7.94 42.47
C GLU E 204 10.57 6.72 43.38
N ILE E 205 9.84 6.85 44.49
CA ILE E 205 9.50 5.69 45.33
C ILE E 205 8.60 4.74 44.56
N VAL E 206 7.61 5.28 43.84
CA VAL E 206 6.73 4.43 43.04
C VAL E 206 7.52 3.75 41.93
N ARG E 207 8.47 4.45 41.31
CA ARG E 207 9.34 3.86 40.29
C ARG E 207 10.18 2.74 40.90
N ASP E 208 10.69 2.90 42.11
CA ASP E 208 11.45 1.84 42.76
C ASP E 208 10.57 0.62 43.03
N ILE E 209 9.35 0.85 43.51
CA ILE E 209 8.41 -0.25 43.74
C ILE E 209 8.14 -0.98 42.44
N LYS E 210 7.91 -0.23 41.36
CA LYS E 210 7.67 -0.82 40.05
C LYS E 210 8.84 -1.68 39.60
N GLU E 211 10.06 -1.16 39.73
CA GLU E 211 11.23 -1.88 39.25
C GLU E 211 11.53 -3.11 40.09
N LYS E 212 11.19 -3.07 41.38
CA LYS E 212 11.51 -4.20 42.24
C LYS E 212 10.46 -5.31 42.17
N LEU E 213 9.18 -4.94 42.19
CA LEU E 213 8.13 -5.92 42.43
C LEU E 213 7.31 -6.30 41.19
N CYS E 214 7.24 -5.43 40.19
CA CYS E 214 6.33 -5.66 39.08
C CYS E 214 6.81 -6.80 38.18
N TYR E 215 5.86 -7.48 37.54
CA TYR E 215 6.13 -8.55 36.60
C TYR E 215 4.95 -8.65 35.64
N VAL E 216 5.14 -9.41 34.56
CA VAL E 216 4.15 -9.52 33.50
C VAL E 216 3.52 -10.91 33.55
N ALA E 217 2.20 -10.95 33.56
CA ALA E 217 1.47 -12.22 33.61
C ALA E 217 1.59 -12.96 32.29
N LEU E 218 1.71 -14.29 32.38
CA LEU E 218 1.58 -15.11 31.17
C LEU E 218 0.14 -15.15 30.68
N ASP E 219 -0.81 -15.28 31.61
CA ASP E 219 -2.23 -15.17 31.31
C ASP E 219 -2.83 -14.21 32.33
N PHE E 220 -3.29 -13.05 31.87
CA PHE E 220 -3.73 -12.00 32.77
C PHE E 220 -4.94 -12.45 33.59
N GLU E 221 -5.90 -13.12 32.95
CA GLU E 221 -7.08 -13.58 33.68
C GLU E 221 -6.73 -14.63 34.71
N ASN E 222 -5.77 -15.51 34.42
CA ASN E 222 -5.39 -16.53 35.40
C ASN E 222 -4.73 -15.89 36.63
N GLU E 223 -3.86 -14.90 36.43
CA GLU E 223 -3.24 -14.22 37.56
C GLU E 223 -4.26 -13.42 38.35
N MET E 224 -5.26 -12.86 37.68
CA MET E 224 -6.37 -12.26 38.41
C MET E 224 -7.13 -13.30 39.21
N ALA E 225 -7.30 -14.50 38.66
CA ALA E 225 -8.03 -15.54 39.37
C ALA E 225 -7.32 -15.96 40.65
N THR E 226 -5.98 -16.02 40.62
CA THR E 226 -5.22 -16.41 41.79
C THR E 226 -5.23 -15.35 42.89
N ALA E 227 -5.77 -14.16 42.63
CA ALA E 227 -5.97 -13.19 43.69
C ALA E 227 -7.01 -13.66 44.70
N ALA E 228 -7.86 -14.61 44.32
CA ALA E 228 -8.76 -15.23 45.29
C ALA E 228 -7.97 -15.99 46.35
N SER E 229 -6.94 -16.73 45.93
CA SER E 229 -5.96 -17.30 46.85
C SER E 229 -4.94 -16.19 47.18
N SER E 230 -5.37 -15.28 48.05
CA SER E 230 -4.69 -14.02 48.25
C SER E 230 -3.53 -14.10 49.23
N SER E 231 -2.60 -15.04 49.01
CA SER E 231 -1.40 -15.09 49.82
C SER E 231 -0.14 -15.15 48.96
N SER E 232 -0.21 -15.88 47.84
CA SER E 232 0.98 -16.14 47.05
C SER E 232 1.42 -14.97 46.20
N LEU E 233 0.49 -14.16 45.70
CA LEU E 233 0.87 -13.08 44.78
C LEU E 233 1.51 -11.91 45.51
N GLU E 234 1.19 -11.72 46.79
CA GLU E 234 1.53 -10.48 47.47
C GLU E 234 3.02 -10.41 47.81
N LYS E 235 3.56 -9.19 47.74
CA LYS E 235 4.93 -8.90 48.13
C LYS E 235 4.94 -7.62 48.94
N SER E 236 6.04 -7.37 49.63
CA SER E 236 6.16 -6.22 50.52
C SER E 236 7.35 -5.35 50.12
N TYR E 237 7.22 -4.05 50.35
CA TYR E 237 8.25 -3.07 50.07
C TYR E 237 8.36 -2.14 51.27
N GLU E 238 9.59 -1.74 51.60
CA GLU E 238 9.84 -0.88 52.74
C GLU E 238 10.12 0.54 52.27
N LEU E 239 9.29 1.48 52.71
CA LEU E 239 9.45 2.88 52.37
C LEU E 239 10.69 3.44 53.07
N PRO E 240 11.23 4.57 52.57
CA PRO E 240 12.42 5.15 53.21
C PRO E 240 12.20 5.65 54.63
N ASP E 241 10.95 5.73 55.11
CA ASP E 241 10.68 6.14 56.47
C ASP E 241 10.32 4.98 57.40
N GLY E 242 10.37 3.74 56.90
CA GLY E 242 10.10 2.58 57.71
C GLY E 242 8.72 1.97 57.57
N GLN E 243 7.77 2.67 56.97
CA GLN E 243 6.47 2.06 56.70
C GLN E 243 6.61 1.03 55.59
N VAL E 244 5.76 0.00 55.63
CA VAL E 244 5.85 -1.12 54.70
C VAL E 244 4.57 -1.22 53.88
N ILE E 245 4.72 -1.28 52.57
CA ILE E 245 3.64 -1.47 51.63
C ILE E 245 3.46 -2.96 51.36
N THR E 246 2.23 -3.38 51.13
CA THR E 246 1.93 -4.71 50.62
C THR E 246 1.03 -4.57 49.40
N ILE E 247 1.40 -5.22 48.30
CA ILE E 247 0.66 -5.11 47.05
C ILE E 247 0.42 -6.51 46.49
N GLY E 248 -0.76 -6.68 45.90
CA GLY E 248 -1.15 -7.93 45.29
C GLY E 248 -1.30 -7.82 43.78
N ASN E 249 -2.55 -7.65 43.33
CA ASN E 249 -2.83 -7.53 41.90
C ASN E 249 -1.99 -6.43 41.24
N GLU E 250 -1.75 -5.34 41.97
CA GLU E 250 -1.17 -4.14 41.37
C GLU E 250 0.17 -4.41 40.71
N ARG E 251 0.91 -5.41 41.20
CA ARG E 251 2.26 -5.62 40.67
C ARG E 251 2.25 -6.18 39.25
N PHE E 252 1.16 -6.80 38.80
CA PHE E 252 1.04 -7.18 37.40
C PHE E 252 -0.08 -6.44 36.68
N ARG E 253 -0.95 -5.74 37.40
CA ARG E 253 -1.88 -4.83 36.74
C ARG E 253 -1.14 -3.71 36.03
N CYS E 254 -0.10 -3.15 36.66
CA CYS E 254 0.63 -2.04 36.06
C CYS E 254 1.33 -2.43 34.76
N PRO E 255 2.15 -3.49 34.70
CA PRO E 255 2.79 -3.83 33.42
C PRO E 255 1.80 -4.20 32.32
N GLU E 256 0.60 -4.68 32.68
CA GLU E 256 -0.35 -5.11 31.66
C GLU E 256 -0.80 -3.96 30.78
N THR E 257 -0.71 -2.71 31.27
CA THR E 257 -1.09 -1.57 30.46
C THR E 257 -0.25 -1.45 29.20
N LEU E 258 0.95 -2.03 29.18
CA LEU E 258 1.74 -2.08 27.96
C LEU E 258 1.01 -2.87 26.88
N PHE E 259 0.40 -4.00 27.25
CA PHE E 259 -0.33 -4.83 26.30
C PHE E 259 -1.78 -4.40 26.12
N GLN E 260 -2.36 -3.71 27.11
CA GLN E 260 -3.73 -3.22 27.04
C GLN E 260 -3.74 -1.74 27.40
N PRO E 261 -3.44 -0.87 26.44
CA PRO E 261 -3.43 0.57 26.73
C PRO E 261 -4.80 1.12 27.11
N SER E 262 -5.87 0.33 26.95
CA SER E 262 -7.19 0.76 27.40
C SER E 262 -7.20 1.05 28.89
N PHE E 263 -6.28 0.46 29.65
CA PHE E 263 -6.21 0.71 31.09
C PHE E 263 -5.92 2.19 31.38
N ILE E 264 -5.01 2.79 30.63
CA ILE E 264 -4.60 4.17 30.88
C ILE E 264 -5.47 5.06 30.00
N GLY E 265 -6.47 4.48 29.35
CA GLY E 265 -7.41 5.22 28.55
C GLY E 265 -7.02 5.44 27.11
N MET E 266 -5.88 4.91 26.67
CA MET E 266 -5.46 5.08 25.29
C MET E 266 -6.17 4.08 24.38
N GLU E 267 -6.50 4.54 23.17
CA GLU E 267 -7.16 3.68 22.19
C GLU E 267 -6.18 2.70 21.53
N SER E 268 -4.92 3.07 21.44
CA SER E 268 -3.95 2.33 20.64
C SER E 268 -3.79 0.90 21.17
N ALA E 269 -3.39 0.01 20.26
CA ALA E 269 -3.11 -1.37 20.65
C ALA E 269 -1.86 -1.44 21.53
N GLY E 270 -1.68 -2.59 22.16
CA GLY E 270 -0.57 -2.78 23.07
C GLY E 270 0.76 -2.84 22.36
N ILE E 271 1.80 -3.21 23.12
CA ILE E 271 3.12 -3.36 22.51
C ILE E 271 3.11 -4.54 21.53
N HIS E 272 2.50 -5.65 21.95
CA HIS E 272 2.09 -6.66 21.00
C HIS E 272 0.99 -6.09 20.11
N GLU E 273 0.88 -6.67 18.92
CA GLU E 273 -0.04 -6.27 17.86
C GLU E 273 0.39 -4.96 17.21
N THR E 274 1.23 -4.16 17.89
CA THR E 274 1.88 -3.06 17.18
C THR E 274 3.22 -3.52 16.62
N THR E 275 3.95 -4.35 17.38
CA THR E 275 5.04 -5.09 16.77
C THR E 275 4.53 -5.90 15.58
N TYR E 276 3.37 -6.53 15.74
CA TYR E 276 2.80 -7.35 14.67
C TYR E 276 2.39 -6.49 13.47
N ASN E 277 1.78 -5.32 13.72
CA ASN E 277 1.41 -4.44 12.62
C ASN E 277 2.64 -3.91 11.90
N SER E 278 3.70 -3.58 12.63
CA SER E 278 4.93 -3.15 11.98
C SER E 278 5.51 -4.27 11.13
N ILE E 279 5.41 -5.51 11.61
CA ILE E 279 5.87 -6.64 10.81
C ILE E 279 5.04 -6.77 9.53
N MET E 280 3.72 -6.63 9.64
CA MET E 280 2.86 -6.82 8.47
C MET E 280 2.92 -5.67 7.48
N LYS E 281 3.33 -4.46 7.88
CA LYS E 281 3.58 -3.36 6.94
C LYS E 281 4.80 -3.63 6.06
N CYS E 282 5.66 -4.58 6.42
CA CYS E 282 6.85 -4.87 5.64
C CYS E 282 6.49 -5.70 4.41
N ASP E 283 7.50 -5.92 3.56
CA ASP E 283 7.29 -6.71 2.36
C ASP E 283 7.02 -8.16 2.73
N ILE E 284 6.39 -8.88 1.79
CA ILE E 284 5.88 -10.22 2.08
C ILE E 284 7.02 -11.18 2.41
N ASP E 285 8.13 -11.10 1.67
CA ASP E 285 9.26 -12.00 1.92
C ASP E 285 10.03 -11.62 3.18
N ILE E 286 9.87 -10.39 3.66
CA ILE E 286 10.65 -9.90 4.79
C ILE E 286 10.25 -10.62 6.08
N ARG E 287 8.97 -10.96 6.21
CA ARG E 287 8.41 -11.30 7.51
C ARG E 287 9.00 -12.57 8.10
N LYS E 288 9.54 -13.46 7.27
CA LYS E 288 10.14 -14.69 7.80
C LYS E 288 11.30 -14.38 8.73
N ASP E 289 12.17 -13.47 8.33
CA ASP E 289 13.33 -13.15 9.16
C ASP E 289 12.98 -12.25 10.33
N LEU E 290 11.94 -11.42 10.21
CA LEU E 290 11.55 -10.56 11.32
C LEU E 290 11.02 -11.36 12.50
N TYR E 291 10.16 -12.35 12.21
CA TYR E 291 9.61 -13.16 13.29
C TYR E 291 10.70 -13.91 14.04
N ALA E 292 11.79 -14.28 13.37
CA ALA E 292 12.86 -15.02 14.00
C ALA E 292 13.88 -14.14 14.70
N ASN E 293 13.82 -12.82 14.52
CA ASN E 293 14.84 -11.93 15.07
C ASN E 293 14.18 -10.70 15.73
N ASN E 294 13.21 -10.97 16.61
CA ASN E 294 12.50 -9.91 17.32
C ASN E 294 13.34 -9.46 18.52
N VAL E 295 14.25 -8.50 18.33
CA VAL E 295 15.14 -7.95 19.36
C VAL E 295 14.41 -7.01 20.30
N MET E 296 14.59 -7.17 21.62
CA MET E 296 14.11 -6.20 22.61
C MET E 296 15.23 -5.36 23.21
N SER E 297 14.98 -4.07 23.40
CA SER E 297 15.82 -3.11 24.11
C SER E 297 14.99 -2.18 24.97
N GLY E 298 15.61 -1.41 25.84
CA GLY E 298 14.92 -0.46 26.69
C GLY E 298 14.67 -0.95 28.09
N GLY E 299 14.46 0.00 29.00
CA GLY E 299 14.31 -0.35 30.41
C GLY E 299 13.02 -1.07 30.73
N THR E 300 11.92 -0.69 30.09
CA THR E 300 10.62 -1.28 30.43
C THR E 300 10.39 -2.62 29.77
N THR E 301 11.34 -3.13 28.99
CA THR E 301 11.31 -4.53 28.58
C THR E 301 11.99 -5.44 29.59
N MET E 302 12.38 -4.91 30.75
CA MET E 302 13.07 -5.69 31.77
C MET E 302 12.13 -6.45 32.69
N TYR E 303 10.82 -6.22 32.60
CA TYR E 303 9.89 -6.91 33.48
C TYR E 303 10.01 -8.42 33.28
N PRO E 304 10.07 -9.20 34.36
CA PRO E 304 10.09 -10.66 34.20
C PRO E 304 8.81 -11.15 33.50
N GLY E 305 8.99 -12.11 32.60
CA GLY E 305 7.88 -12.67 31.86
C GLY E 305 7.49 -11.90 30.62
N ILE E 306 8.16 -10.79 30.30
CA ILE E 306 7.85 -10.05 29.09
C ILE E 306 8.10 -10.92 27.86
N ALA E 307 9.22 -11.64 27.84
CA ALA E 307 9.57 -12.43 26.66
C ALA E 307 8.55 -13.54 26.42
N ASP E 308 8.20 -14.29 27.47
CA ASP E 308 7.24 -15.39 27.31
C ASP E 308 5.87 -14.86 26.91
N ARG E 309 5.40 -13.80 27.58
CA ARG E 309 4.09 -13.25 27.27
C ARG E 309 4.01 -12.78 25.82
N MET E 310 5.00 -12.00 25.38
CA MET E 310 4.91 -11.46 24.03
C MET E 310 5.17 -12.55 22.99
N GLN E 311 5.96 -13.56 23.32
CA GLN E 311 6.09 -14.70 22.41
C GLN E 311 4.73 -15.37 22.23
N LYS E 312 4.01 -15.58 23.33
CA LYS E 312 2.67 -16.16 23.24
C LYS E 312 1.75 -15.29 22.39
N GLU E 313 1.76 -13.99 22.62
CA GLU E 313 0.87 -13.10 21.88
C GLU E 313 1.18 -13.10 20.39
N ILE E 314 2.47 -12.99 20.04
CA ILE E 314 2.83 -12.91 18.63
C ILE E 314 2.59 -14.25 17.93
N THR E 315 2.85 -15.37 18.62
CA THR E 315 2.52 -16.65 18.01
C THR E 315 1.02 -16.81 17.84
N ALA E 316 0.22 -16.20 18.73
CA ALA E 316 -1.22 -16.22 18.55
C ALA E 316 -1.64 -15.41 17.32
N LEU E 317 -1.07 -14.22 17.16
CA LEU E 317 -1.47 -13.37 16.04
C LEU E 317 -0.92 -13.86 14.71
N ALA E 318 0.35 -14.28 14.69
CA ALA E 318 1.03 -14.62 13.45
C ALA E 318 0.56 -15.97 12.92
N PRO E 319 0.86 -16.28 11.65
CA PRO E 319 0.48 -17.58 11.09
C PRO E 319 1.07 -18.73 11.91
N SER E 320 0.30 -19.82 12.00
CA SER E 320 0.68 -20.93 12.86
C SER E 320 1.96 -21.61 12.41
N THR E 321 2.28 -21.54 11.12
CA THR E 321 3.42 -22.28 10.59
C THR E 321 4.75 -21.56 10.78
N MET E 322 4.75 -20.38 11.39
CA MET E 322 5.94 -19.55 11.50
C MET E 322 6.59 -19.74 12.87
N LYS E 323 7.88 -20.03 12.87
CA LYS E 323 8.64 -20.08 14.11
C LYS E 323 8.96 -18.66 14.56
N ILE E 324 8.67 -18.35 15.82
CA ILE E 324 8.77 -17.00 16.35
C ILE E 324 9.74 -17.03 17.52
N LYS E 325 10.77 -16.18 17.46
CA LYS E 325 11.81 -16.17 18.47
C LYS E 325 12.10 -14.73 18.86
N ILE E 326 12.15 -14.48 20.17
CA ILE E 326 12.40 -13.15 20.71
C ILE E 326 13.80 -13.11 21.28
N ILE E 327 14.60 -12.14 20.82
CA ILE E 327 15.98 -12.01 21.27
C ILE E 327 15.98 -10.97 22.40
N ALA E 328 16.02 -11.46 23.63
CA ALA E 328 16.06 -10.58 24.79
C ALA E 328 17.35 -10.79 25.56
N PRO E 329 18.44 -10.13 25.16
CA PRO E 329 19.69 -10.29 25.90
C PRO E 329 19.57 -9.70 27.30
N PRO E 330 20.35 -10.19 28.26
CA PRO E 330 20.21 -9.69 29.64
C PRO E 330 20.53 -8.21 29.80
N GLU E 331 21.24 -7.60 28.85
CA GLU E 331 21.65 -6.21 28.96
C GLU E 331 20.69 -5.25 28.26
N ARG E 332 19.39 -5.57 28.27
CA ARG E 332 18.37 -4.75 27.61
C ARG E 332 18.52 -3.26 27.92
N LYS E 333 18.81 -2.92 29.17
CA LYS E 333 18.79 -1.52 29.59
C LYS E 333 19.82 -0.69 28.83
N TYR E 334 21.04 -1.22 28.68
CA TYR E 334 22.13 -0.47 28.09
C TYR E 334 22.38 -0.83 26.63
N SER E 335 21.58 -1.68 26.02
CA SER E 335 21.75 -2.13 24.64
C SER E 335 21.75 -0.97 23.64
N VAL E 336 20.96 0.07 23.84
CA VAL E 336 20.98 1.28 23.00
C VAL E 336 22.32 2.01 23.09
N TRP E 337 22.86 2.19 24.29
CA TRP E 337 24.17 2.81 24.47
C TRP E 337 25.29 1.93 23.91
N ILE E 338 25.25 0.63 24.19
CA ILE E 338 26.25 -0.33 23.67
C ILE E 338 26.25 -0.28 22.16
N GLY E 339 25.09 -0.21 21.53
CA GLY E 339 24.98 -0.03 20.08
C GLY E 339 25.76 1.18 19.57
N GLY E 340 25.57 2.34 20.20
CA GLY E 340 26.37 3.52 19.89
C GLY E 340 27.87 3.32 20.14
N SER E 341 28.23 2.62 21.22
CA SER E 341 29.63 2.36 21.56
C SER E 341 30.35 1.46 20.55
N ILE E 342 29.61 0.64 19.80
CA ILE E 342 30.12 -0.07 18.62
C ILE E 342 30.23 0.92 17.46
N LEU E 343 29.12 1.55 17.07
CA LEU E 343 29.03 2.33 15.85
C LEU E 343 30.05 3.46 15.79
N ALA E 344 30.19 4.22 16.87
CA ALA E 344 31.14 5.31 16.96
C ALA E 344 32.62 4.88 16.80
N SER E 345 32.94 3.59 16.95
CA SER E 345 34.29 3.04 16.78
C SER E 345 34.52 2.32 15.44
N LEU E 346 33.51 2.17 14.57
CA LEU E 346 33.71 1.57 13.25
C LEU E 346 34.52 2.50 12.34
N SER E 347 35.55 1.99 11.67
CA SER E 347 36.39 2.79 10.75
C SER E 347 35.59 3.33 9.55
N THR E 348 34.62 2.57 9.06
CA THR E 348 33.69 3.00 8.01
C THR E 348 32.78 4.16 8.44
N PHE E 349 32.37 4.22 9.71
CA PHE E 349 31.46 5.25 10.22
C PHE E 349 32.11 6.63 10.36
N GLN E 350 33.43 6.72 10.45
CA GLN E 350 34.12 8.00 10.67
C GLN E 350 33.87 9.04 9.57
N GLN E 351 33.39 8.63 8.38
CA GLN E 351 33.07 9.57 7.32
C GLN E 351 31.73 10.26 7.53
N MET E 352 30.86 9.75 8.40
CA MET E 352 29.48 10.21 8.57
C MET E 352 29.29 11.28 9.64
N TRP E 353 30.29 11.55 10.49
CA TRP E 353 30.19 12.61 11.49
C TRP E 353 29.87 13.97 10.86
N ILE E 354 28.99 14.76 11.49
CA ILE E 354 28.73 16.14 11.12
C ILE E 354 29.83 17.00 11.73
N THR E 355 30.80 17.41 10.91
CA THR E 355 31.94 18.15 11.43
C THR E 355 31.55 19.59 11.72
N LYS E 356 32.43 20.26 12.48
CA LYS E 356 32.23 21.68 12.79
C LYS E 356 32.19 22.51 11.51
N GLN E 357 33.08 22.19 10.56
CA GLN E 357 33.16 22.93 9.30
C GLN E 357 31.93 22.73 8.43
N GLU E 358 31.18 21.65 8.62
CA GLU E 358 29.91 21.50 7.91
C GLU E 358 28.78 22.25 8.60
N TYR E 359 28.70 22.17 9.94
CA TYR E 359 27.64 22.86 10.66
C TYR E 359 27.72 24.36 10.41
N ASP E 360 28.89 24.97 10.58
CA ASP E 360 29.01 26.41 10.43
C ASP E 360 28.89 26.90 8.97
N GLU E 361 28.75 26.00 8.00
CA GLU E 361 28.46 26.30 6.60
C GLU E 361 26.98 26.09 6.22
N ALA E 362 26.16 25.46 7.06
CA ALA E 362 24.75 25.15 6.77
C ALA E 362 23.77 25.36 7.93
N GLY E 363 24.26 25.78 9.10
CA GLY E 363 23.49 25.88 10.34
C GLY E 363 22.94 24.52 10.79
N PRO E 364 21.99 24.52 11.73
CA PRO E 364 21.39 23.28 12.22
C PRO E 364 20.58 22.52 11.15
N SER E 365 20.41 23.01 9.94
CA SER E 365 19.68 22.27 8.91
C SER E 365 20.50 21.10 8.37
N ILE E 366 21.79 21.03 8.69
CA ILE E 366 22.66 19.98 8.16
C ILE E 366 22.20 18.60 8.66
N VAL E 367 21.49 18.54 9.79
CA VAL E 367 21.22 17.27 10.44
C VAL E 367 20.39 16.36 9.53
N HIS E 368 19.36 16.90 8.89
CA HIS E 368 18.44 16.06 8.12
C HIS E 368 19.08 15.49 6.87
N ARG E 369 20.22 16.03 6.43
CA ARG E 369 20.90 15.49 5.26
C ARG E 369 21.92 14.41 5.63
N LYS E 370 22.59 14.57 6.77
CA LYS E 370 23.61 13.61 7.18
C LYS E 370 22.98 12.39 7.87
N CYS E 371 22.04 12.63 8.77
CA CYS E 371 21.48 11.60 9.63
C CYS E 371 20.17 11.06 9.07
N PHE E 372 19.74 9.90 9.60
CA PHE E 372 18.39 9.37 9.43
C PHE E 372 17.39 10.24 10.21
N GLU F 1 -42.96 0.09 -7.39
CA GLU F 1 -41.57 0.03 -7.82
C GLU F 1 -41.29 1.05 -8.91
N THR F 2 -41.18 2.32 -8.52
CA THR F 2 -40.99 3.40 -9.49
C THR F 2 -39.65 4.10 -9.31
N THR F 3 -39.38 4.62 -8.11
CA THR F 3 -38.21 5.46 -7.90
C THR F 3 -37.02 4.61 -7.48
N ALA F 4 -36.05 4.46 -8.39
CA ALA F 4 -34.83 3.72 -8.12
C ALA F 4 -33.90 4.47 -7.17
N LEU F 5 -33.31 3.79 -6.19
CA LEU F 5 -32.28 4.37 -5.34
C LEU F 5 -30.91 4.12 -5.95
N VAL F 6 -29.99 5.03 -5.70
CA VAL F 6 -28.61 4.93 -6.16
C VAL F 6 -27.72 5.16 -4.96
N CYS F 7 -26.76 4.27 -4.72
CA CYS F 7 -25.87 4.37 -3.58
C CYS F 7 -24.43 4.16 -4.03
N ASP F 8 -23.56 5.08 -3.62
CA ASP F 8 -22.12 4.92 -3.76
C ASP F 8 -21.59 4.61 -2.37
N ASN F 9 -21.21 3.34 -2.15
CA ASN F 9 -20.62 2.94 -0.88
C ASN F 9 -19.18 3.43 -0.85
N GLY F 10 -19.14 4.68 -0.44
CA GLY F 10 -17.93 5.38 -0.27
C GLY F 10 -17.05 4.72 0.74
N SER F 11 -15.85 4.42 0.34
CA SER F 11 -14.79 4.12 1.27
C SER F 11 -14.65 5.16 2.36
N GLY F 12 -15.03 6.42 2.11
CA GLY F 12 -15.12 7.46 3.10
C GLY F 12 -16.55 7.99 3.28
N LEU F 13 -17.26 8.27 2.20
CA LEU F 13 -18.52 9.01 2.22
C LEU F 13 -19.64 8.24 1.52
N VAL F 14 -20.64 7.74 2.25
CA VAL F 14 -21.77 7.11 1.57
C VAL F 14 -22.61 8.19 0.91
N LYS F 15 -22.86 8.07 -0.40
CA LYS F 15 -23.75 8.97 -1.12
C LYS F 15 -24.99 8.20 -1.51
N ALA F 16 -26.17 8.68 -1.15
CA ALA F 16 -27.43 8.02 -1.42
C ALA F 16 -28.45 9.04 -1.92
N GLY F 17 -29.40 8.56 -2.70
CA GLY F 17 -30.45 9.43 -3.21
C GLY F 17 -31.24 8.72 -4.29
N PHE F 18 -32.33 9.34 -4.74
CA PHE F 18 -33.19 8.79 -5.79
C PHE F 18 -32.64 9.09 -7.19
N ALA F 19 -32.90 8.22 -8.16
CA ALA F 19 -32.52 8.44 -9.56
C ALA F 19 -33.26 9.63 -10.18
N GLY F 20 -32.70 10.21 -11.24
CA GLY F 20 -33.24 11.39 -11.91
C GLY F 20 -32.97 12.73 -11.20
N ASP F 21 -32.67 12.75 -9.90
CA ASP F 21 -32.16 13.94 -9.22
C ASP F 21 -30.70 14.19 -9.60
N ASP F 22 -30.31 15.45 -9.73
CA ASP F 22 -28.97 15.86 -10.16
C ASP F 22 -27.96 16.01 -9.00
N ALA F 23 -28.36 15.72 -7.77
CA ALA F 23 -27.50 15.69 -6.60
C ALA F 23 -28.03 14.68 -5.57
N PRO F 24 -27.15 14.07 -4.76
CA PRO F 24 -27.58 13.06 -3.78
C PRO F 24 -28.44 13.67 -2.68
N ARG F 25 -29.45 12.91 -2.26
CA ARG F 25 -30.33 13.37 -1.19
C ARG F 25 -29.58 13.48 0.14
N ALA F 26 -28.72 12.51 0.45
CA ALA F 26 -28.03 12.48 1.73
C ALA F 26 -26.60 12.00 1.54
N VAL F 27 -25.67 12.68 2.17
CA VAL F 27 -24.25 12.31 2.19
C VAL F 27 -23.79 12.28 3.63
N PHE F 28 -23.18 11.18 4.05
CA PHE F 28 -22.70 11.02 5.41
C PHE F 28 -21.54 10.05 5.41
N PRO F 29 -20.60 10.18 6.35
CA PRO F 29 -19.45 9.28 6.37
C PRO F 29 -19.86 7.84 6.63
N SER F 30 -19.12 6.91 6.02
CA SER F 30 -19.33 5.49 6.25
C SER F 30 -18.62 5.04 7.52
N ILE F 31 -19.01 5.60 8.66
CA ILE F 31 -18.33 5.39 9.93
C ILE F 31 -19.31 4.80 10.93
N VAL F 32 -18.86 3.75 11.61
CA VAL F 32 -19.58 3.18 12.75
C VAL F 32 -18.70 3.28 13.97
N GLY F 33 -19.26 3.74 15.07
CA GLY F 33 -18.49 3.99 16.27
C GLY F 33 -19.13 3.36 17.49
N ARG F 34 -18.29 3.00 18.44
CA ARG F 34 -18.71 2.41 19.71
C ARG F 34 -18.22 3.26 20.87
N PRO F 35 -18.97 3.33 21.95
CA PRO F 35 -18.51 4.10 23.12
C PRO F 35 -17.22 3.53 23.68
N ARG F 36 -16.32 4.42 24.08
CA ARG F 36 -14.99 4.01 24.53
C ARG F 36 -14.84 3.98 26.04
N HIS F 37 -15.69 4.68 26.77
CA HIS F 37 -15.57 4.76 28.23
C HIS F 37 -16.89 4.41 28.89
N GLN F 38 -16.83 4.28 30.21
CA GLN F 38 -17.98 3.81 30.99
C GLN F 38 -19.10 4.84 31.00
N GLY F 39 -20.33 4.37 30.85
CA GLY F 39 -21.52 5.21 30.89
C GLY F 39 -22.01 5.49 32.29
N VAL F 40 -21.35 6.41 32.99
CA VAL F 40 -21.65 6.71 34.40
C VAL F 40 -23.05 7.26 34.63
N MET F 41 -23.60 8.02 33.68
CA MET F 41 -24.93 8.61 33.82
C MET F 41 -26.01 7.60 33.46
N VAL F 42 -26.70 7.06 34.45
CA VAL F 42 -27.90 6.23 34.25
C VAL F 42 -29.02 7.04 33.60
N GLY F 43 -29.74 6.42 32.67
CA GLY F 43 -31.07 6.86 32.21
C GLY F 43 -31.13 8.01 31.21
N MET F 44 -30.02 8.71 30.94
CA MET F 44 -30.04 9.92 30.11
C MET F 44 -30.24 9.70 28.60
N GLY F 45 -30.21 8.45 28.13
CA GLY F 45 -30.40 8.10 26.73
C GLY F 45 -29.09 7.89 26.00
N GLN F 46 -28.72 6.63 25.78
CA GLN F 46 -27.47 6.30 25.12
C GLN F 46 -27.65 5.03 24.31
N LYS F 47 -26.79 4.85 23.31
CA LYS F 47 -26.90 3.77 22.35
C LYS F 47 -25.60 2.97 22.32
N ASP F 48 -25.72 1.67 22.01
CA ASP F 48 -24.55 0.82 21.93
C ASP F 48 -23.65 1.14 20.74
N SER F 49 -24.14 1.89 19.76
CA SER F 49 -23.35 2.23 18.60
C SER F 49 -23.94 3.47 17.93
N TYR F 50 -23.11 4.13 17.13
CA TYR F 50 -23.52 5.30 16.37
C TYR F 50 -22.98 5.18 14.95
N VAL F 51 -23.65 5.85 14.02
CA VAL F 51 -23.34 5.72 12.60
C VAL F 51 -23.53 7.06 11.91
N GLY F 52 -22.69 7.32 10.90
CA GLY F 52 -22.85 8.51 10.09
C GLY F 52 -22.55 9.78 10.86
N ASP F 53 -23.43 10.77 10.71
CA ASP F 53 -23.21 12.07 11.31
C ASP F 53 -23.21 12.02 12.83
N GLU F 54 -23.94 11.07 13.42
CA GLU F 54 -23.92 10.91 14.87
C GLU F 54 -22.53 10.53 15.36
N ALA F 55 -21.86 9.64 14.63
CA ALA F 55 -20.50 9.25 15.00
C ALA F 55 -19.54 10.43 14.88
N GLN F 56 -19.69 11.24 13.83
CA GLN F 56 -18.80 12.38 13.64
C GLN F 56 -19.01 13.43 14.72
N SER F 57 -20.27 13.74 15.04
CA SER F 57 -20.56 14.74 16.07
C SER F 57 -20.13 14.29 17.45
N LYS F 58 -20.03 12.98 17.68
CA LYS F 58 -19.65 12.42 18.98
C LYS F 58 -18.30 11.73 18.94
N ARG F 59 -17.44 12.08 17.97
CA ARG F 59 -16.20 11.34 17.76
C ARG F 59 -15.27 11.38 18.97
N GLY F 60 -15.41 12.40 19.82
CA GLY F 60 -14.55 12.51 20.99
C GLY F 60 -14.77 11.42 22.02
N ILE F 61 -15.85 10.65 21.90
CA ILE F 61 -16.20 9.63 22.88
C ILE F 61 -16.31 8.25 22.24
N LEU F 62 -16.01 8.13 20.94
CA LEU F 62 -16.28 6.92 20.19
C LEU F 62 -15.01 6.40 19.53
N THR F 63 -15.01 5.09 19.24
CA THR F 63 -13.96 4.45 18.47
C THR F 63 -14.45 4.26 17.03
N LEU F 64 -14.26 5.32 16.23
CA LEU F 64 -14.70 5.29 14.84
C LEU F 64 -13.93 4.22 14.06
N LYS F 65 -14.65 3.50 13.20
CA LYS F 65 -14.05 2.49 12.35
C LYS F 65 -14.79 2.44 11.03
N TYR F 66 -14.07 2.29 9.93
CA TYR F 66 -14.68 2.27 8.60
C TYR F 66 -14.90 0.82 8.19
N PRO F 67 -16.14 0.36 7.93
CA PRO F 67 -16.40 -0.96 7.36
C PRO F 67 -15.75 -1.15 6.00
N ILE F 68 -15.65 -0.09 5.20
CA ILE F 68 -15.08 -0.20 3.86
C ILE F 68 -13.58 0.08 3.93
N GLU F 69 -12.79 -0.81 3.34
CA GLU F 69 -11.36 -0.61 3.16
C GLU F 69 -10.99 -0.92 1.72
N HIS F 70 -10.51 0.09 1.01
CA HIS F 70 -10.07 -0.05 -0.38
C HIS F 70 -11.19 -0.66 -1.24
N GLY F 71 -12.42 -0.25 -0.99
CA GLY F 71 -13.56 -0.74 -1.73
C GLY F 71 -14.06 -2.10 -1.33
N ILE F 72 -13.44 -2.77 -0.35
CA ILE F 72 -13.83 -4.09 0.14
C ILE F 72 -14.57 -3.93 1.46
N ILE F 73 -15.71 -4.60 1.61
CA ILE F 73 -16.44 -4.65 2.87
C ILE F 73 -15.70 -5.59 3.80
N THR F 74 -15.12 -5.07 4.88
CA THR F 74 -14.34 -5.87 5.82
C THR F 74 -15.13 -6.31 7.05
N ASN F 75 -16.24 -5.65 7.36
CA ASN F 75 -17.05 -6.03 8.51
C ASN F 75 -18.52 -5.88 8.11
N TRP F 76 -19.14 -6.99 7.80
CA TRP F 76 -20.51 -7.03 7.28
C TRP F 76 -21.56 -6.65 8.32
N ASP F 77 -21.30 -6.80 9.61
CA ASP F 77 -22.26 -6.36 10.62
C ASP F 77 -22.39 -4.84 10.60
N ASP F 78 -21.26 -4.14 10.65
CA ASP F 78 -21.31 -2.67 10.59
C ASP F 78 -21.76 -2.18 9.23
N MET F 79 -21.43 -2.91 8.17
CA MET F 79 -21.90 -2.52 6.84
C MET F 79 -23.40 -2.69 6.72
N GLU F 80 -23.95 -3.77 7.28
CA GLU F 80 -25.41 -3.91 7.35
C GLU F 80 -26.03 -2.81 8.18
N LYS F 81 -25.35 -2.39 9.26
CA LYS F 81 -25.83 -1.25 10.03
C LYS F 81 -25.87 0.02 9.20
N ILE F 82 -24.84 0.26 8.38
CA ILE F 82 -24.80 1.45 7.53
C ILE F 82 -25.88 1.38 6.47
N TRP F 83 -26.08 0.21 5.88
CA TRP F 83 -27.21 -0.03 4.98
C TRP F 83 -28.54 0.32 5.64
N HIS F 84 -28.78 -0.21 6.83
CA HIS F 84 -30.04 0.05 7.53
C HIS F 84 -30.20 1.53 7.81
N HIS F 85 -29.11 2.20 8.19
CA HIS F 85 -29.17 3.63 8.43
C HIS F 85 -29.55 4.38 7.15
N THR F 86 -28.81 4.16 6.07
CA THR F 86 -29.02 4.96 4.87
C THR F 86 -30.40 4.71 4.27
N PHE F 87 -30.97 3.53 4.52
CA PHE F 87 -32.35 3.29 4.07
C PHE F 87 -33.37 3.93 5.02
N TYR F 88 -33.34 3.56 6.29
CA TYR F 88 -34.47 3.84 7.18
C TYR F 88 -34.36 5.17 7.93
N ASN F 89 -33.22 5.84 7.91
CA ASN F 89 -33.05 7.07 8.67
C ASN F 89 -32.76 8.27 7.79
N GLU F 90 -31.78 8.16 6.88
CA GLU F 90 -31.44 9.28 6.01
C GLU F 90 -32.48 9.47 4.92
N LEU F 91 -32.66 8.46 4.07
CA LEU F 91 -33.64 8.55 3.00
C LEU F 91 -35.07 8.47 3.51
N ARG F 92 -35.27 7.97 4.73
CA ARG F 92 -36.61 7.76 5.29
C ARG F 92 -37.47 6.93 4.35
N VAL F 93 -36.87 5.88 3.79
CA VAL F 93 -37.48 5.10 2.72
C VAL F 93 -37.41 3.62 3.07
N ALA F 94 -38.52 2.92 2.86
CA ALA F 94 -38.52 1.47 3.00
C ALA F 94 -37.94 0.84 1.72
N PRO F 95 -36.82 0.12 1.81
CA PRO F 95 -36.21 -0.44 0.59
C PRO F 95 -36.98 -1.60 0.00
N GLU F 96 -38.07 -2.04 0.63
CA GLU F 96 -38.81 -3.19 0.16
C GLU F 96 -39.54 -2.95 -1.16
N GLU F 97 -39.60 -1.70 -1.63
CA GLU F 97 -40.34 -1.41 -2.85
C GLU F 97 -39.59 -0.54 -3.85
N HIS F 98 -38.31 -0.24 -3.63
CA HIS F 98 -37.53 0.58 -4.54
C HIS F 98 -36.34 -0.20 -5.07
N PRO F 99 -36.19 -0.34 -6.38
CA PRO F 99 -34.95 -0.94 -6.92
C PRO F 99 -33.75 -0.09 -6.55
N THR F 100 -32.60 -0.74 -6.43
CA THR F 100 -31.41 -0.11 -5.87
C THR F 100 -30.20 -0.40 -6.75
N LEU F 101 -29.38 0.61 -7.02
CA LEU F 101 -28.14 0.50 -7.80
C LEU F 101 -26.93 0.82 -6.92
N LEU F 102 -25.94 -0.07 -6.89
CA LEU F 102 -24.76 0.06 -6.02
C LEU F 102 -23.51 0.14 -6.88
N THR F 103 -22.58 1.00 -6.48
CA THR F 103 -21.41 1.35 -7.29
C THR F 103 -20.11 0.77 -6.71
N GLU F 104 -19.66 -0.40 -7.20
CA GLU F 104 -18.47 -1.05 -6.69
C GLU F 104 -17.23 -0.64 -7.50
N ALA F 105 -16.07 -0.78 -6.87
CA ALA F 105 -14.81 -0.57 -7.56
C ALA F 105 -14.47 -1.81 -8.41
N PRO F 106 -13.70 -1.63 -9.48
CA PRO F 106 -13.34 -2.78 -10.32
C PRO F 106 -12.26 -3.64 -9.67
N LEU F 107 -12.11 -4.85 -10.20
CA LEU F 107 -11.16 -5.84 -9.70
C LEU F 107 -11.38 -6.19 -8.23
N ASN F 108 -12.61 -6.02 -7.75
CA ASN F 108 -12.94 -6.40 -6.39
C ASN F 108 -13.12 -7.91 -6.29
N PRO F 109 -12.99 -8.48 -5.07
CA PRO F 109 -13.21 -9.90 -4.84
C PRO F 109 -14.65 -10.27 -5.17
N LYS F 110 -14.91 -11.38 -5.85
CA LYS F 110 -16.26 -11.76 -6.26
C LYS F 110 -17.17 -11.94 -5.04
N ALA F 111 -16.61 -12.46 -3.95
CA ALA F 111 -17.33 -12.70 -2.71
C ALA F 111 -17.91 -11.41 -2.12
N ASN F 112 -17.26 -10.25 -2.34
CA ASN F 112 -17.73 -8.96 -1.86
C ASN F 112 -19.09 -8.63 -2.47
N ARG F 113 -19.22 -8.69 -3.81
CA ARG F 113 -20.50 -8.38 -4.44
C ARG F 113 -21.50 -9.51 -4.29
N GLU F 114 -21.07 -10.77 -4.18
CA GLU F 114 -21.98 -11.88 -3.92
C GLU F 114 -22.67 -11.71 -2.58
N LYS F 115 -21.94 -11.44 -1.50
CA LYS F 115 -22.57 -11.16 -0.21
C LYS F 115 -23.34 -9.85 -0.23
N MET F 116 -22.93 -8.84 -1.00
CA MET F 116 -23.72 -7.62 -1.14
C MET F 116 -25.09 -7.94 -1.70
N THR F 117 -25.13 -8.75 -2.75
CA THR F 117 -26.40 -9.17 -3.33
C THR F 117 -27.23 -9.97 -2.35
N GLN F 118 -26.61 -10.93 -1.66
CA GLN F 118 -27.30 -11.78 -0.70
C GLN F 118 -27.92 -10.92 0.40
N ILE F 119 -27.19 -9.93 0.92
CA ILE F 119 -27.72 -9.00 1.93
C ILE F 119 -28.90 -8.23 1.35
N MET F 120 -28.70 -7.62 0.17
CA MET F 120 -29.73 -6.74 -0.37
C MET F 120 -31.03 -7.49 -0.63
N PHE F 121 -30.94 -8.77 -0.99
CA PHE F 121 -32.14 -9.53 -1.27
C PHE F 121 -32.73 -10.26 -0.06
N GLU F 122 -31.94 -10.58 0.95
CA GLU F 122 -32.38 -11.45 2.04
C GLU F 122 -32.52 -10.76 3.39
N THR F 123 -32.01 -9.54 3.61
CA THR F 123 -32.30 -8.81 4.84
C THR F 123 -33.00 -7.49 4.61
N PHE F 124 -32.92 -6.93 3.40
CA PHE F 124 -33.66 -5.73 3.05
C PHE F 124 -34.80 -5.98 2.06
N ASN F 125 -34.87 -7.18 1.48
CA ASN F 125 -35.99 -7.60 0.64
C ASN F 125 -36.20 -6.64 -0.53
N VAL F 126 -35.11 -6.15 -1.11
CA VAL F 126 -35.20 -5.21 -2.22
C VAL F 126 -35.79 -5.91 -3.44
N PRO F 127 -36.68 -5.28 -4.20
CA PRO F 127 -37.27 -5.97 -5.36
C PRO F 127 -36.30 -6.23 -6.49
N ALA F 128 -35.38 -5.30 -6.77
CA ALA F 128 -34.42 -5.49 -7.84
C ALA F 128 -33.19 -4.65 -7.55
N MET F 129 -32.02 -5.14 -7.97
CA MET F 129 -30.79 -4.44 -7.66
C MET F 129 -29.83 -4.61 -8.83
N TYR F 130 -28.95 -3.63 -9.04
CA TYR F 130 -27.87 -3.74 -10.01
C TYR F 130 -26.57 -3.21 -9.43
N VAL F 131 -25.44 -3.78 -9.83
CA VAL F 131 -24.10 -3.40 -9.40
C VAL F 131 -23.35 -2.88 -10.61
N ALA F 132 -22.87 -1.66 -10.54
CA ALA F 132 -22.18 -0.96 -11.61
C ALA F 132 -20.82 -0.48 -11.12
N ILE F 133 -19.89 -0.23 -12.04
CA ILE F 133 -18.52 0.14 -11.67
C ILE F 133 -18.36 1.65 -11.71
N GLN F 134 -17.87 2.20 -10.58
CA GLN F 134 -17.81 3.64 -10.32
C GLN F 134 -17.20 4.47 -11.46
N ALA F 135 -16.17 3.94 -12.14
CA ALA F 135 -15.56 4.65 -13.25
C ALA F 135 -16.53 4.83 -14.42
N VAL F 136 -17.24 3.79 -14.84
CA VAL F 136 -18.19 3.85 -15.96
C VAL F 136 -19.32 4.82 -15.67
N LEU F 137 -19.79 4.89 -14.43
CA LEU F 137 -20.79 5.89 -14.06
C LEU F 137 -20.25 7.32 -14.18
N SER F 138 -18.97 7.55 -13.94
CA SER F 138 -18.39 8.87 -14.14
C SER F 138 -18.49 9.32 -15.60
N LEU F 139 -18.47 8.41 -16.58
CA LEU F 139 -18.75 8.81 -17.97
C LEU F 139 -20.20 9.22 -18.16
N TYR F 140 -21.18 8.49 -17.62
CA TYR F 140 -22.56 8.90 -17.69
C TYR F 140 -22.78 10.28 -17.06
N ALA F 141 -22.04 10.62 -16.01
CA ALA F 141 -22.06 11.95 -15.42
C ALA F 141 -21.42 13.02 -16.32
N SER F 142 -20.33 12.70 -17.02
CA SER F 142 -19.72 13.63 -17.96
C SER F 142 -20.49 13.75 -19.28
N GLY F 143 -21.42 12.83 -19.57
CA GLY F 143 -22.24 12.80 -20.80
C GLY F 143 -21.58 12.09 -21.98
N ARG F 144 -20.28 12.32 -22.21
CA ARG F 144 -19.47 11.64 -23.24
C ARG F 144 -19.42 10.11 -23.04
N THR F 145 -19.40 9.35 -24.12
CA THR F 145 -19.29 7.87 -24.10
C THR F 145 -17.93 7.34 -24.58
N THR F 146 -16.90 8.19 -24.63
CA THR F 146 -15.51 7.81 -24.88
C THR F 146 -14.60 8.57 -23.93
N GLY F 147 -13.56 7.93 -23.43
CA GLY F 147 -12.60 8.56 -22.54
C GLY F 147 -11.98 7.57 -21.59
N ILE F 148 -10.95 8.01 -20.87
CA ILE F 148 -10.42 7.23 -19.76
C ILE F 148 -10.85 7.92 -18.48
N VAL F 149 -11.70 7.28 -17.70
CA VAL F 149 -12.02 7.82 -16.38
C VAL F 149 -10.89 7.48 -15.43
N LEU F 150 -10.45 8.44 -14.64
CA LEU F 150 -9.73 8.19 -13.41
C LEU F 150 -10.64 8.51 -12.23
N ASP F 151 -10.93 7.52 -11.42
CA ASP F 151 -11.68 7.68 -10.18
C ASP F 151 -10.68 7.65 -9.04
N SER F 152 -10.85 8.53 -8.06
CA SER F 152 -10.11 8.47 -6.82
C SER F 152 -11.02 8.89 -5.70
N GLY F 153 -11.90 8.00 -5.30
CA GLY F 153 -12.60 8.18 -4.05
C GLY F 153 -11.65 8.09 -2.87
N ASP F 154 -12.20 7.79 -1.71
CA ASP F 154 -11.46 7.68 -0.50
C ASP F 154 -10.65 6.41 -0.40
N GLY F 155 -11.10 5.32 -1.00
CA GLY F 155 -10.52 4.01 -0.76
C GLY F 155 -9.47 3.58 -1.76
N VAL F 156 -9.77 3.68 -3.06
CA VAL F 156 -8.85 3.28 -4.13
C VAL F 156 -8.82 4.33 -5.22
N THR F 157 -7.83 4.25 -6.10
CA THR F 157 -7.88 4.97 -7.36
C THR F 157 -7.74 3.98 -8.49
N HIS F 158 -8.64 4.03 -9.46
CA HIS F 158 -8.59 3.14 -10.60
C HIS F 158 -8.93 3.92 -11.84
N ASN F 159 -8.46 3.45 -12.98
CA ASN F 159 -8.78 4.08 -14.24
C ASN F 159 -9.14 3.03 -15.28
N VAL F 160 -10.16 3.37 -16.07
CA VAL F 160 -10.86 2.43 -16.95
C VAL F 160 -11.02 3.11 -18.30
N PRO F 161 -10.22 2.77 -19.31
CA PRO F 161 -10.40 3.31 -20.65
C PRO F 161 -11.66 2.71 -21.29
N ILE F 162 -12.48 3.57 -21.88
CA ILE F 162 -13.71 3.26 -22.58
C ILE F 162 -13.65 3.91 -23.96
N TYR F 163 -14.12 3.25 -25.00
CA TYR F 163 -14.21 3.85 -26.33
C TYR F 163 -15.50 3.47 -27.05
N GLU F 164 -16.23 4.44 -27.56
CA GLU F 164 -17.54 4.24 -28.21
C GLU F 164 -18.49 3.34 -27.39
N GLY F 165 -18.40 3.44 -26.06
CA GLY F 165 -19.16 2.63 -25.12
C GLY F 165 -18.66 1.20 -24.88
N TYR F 166 -17.61 0.74 -25.56
CA TYR F 166 -16.97 -0.53 -25.30
C TYR F 166 -15.86 -0.36 -24.29
N ALA F 167 -15.90 -1.14 -23.22
CA ALA F 167 -14.87 -1.11 -22.20
C ALA F 167 -13.67 -1.94 -22.64
N LEU F 168 -12.51 -1.59 -22.09
CA LEU F 168 -11.30 -2.36 -22.36
C LEU F 168 -10.81 -2.97 -21.05
N PRO F 169 -11.37 -4.11 -20.64
CA PRO F 169 -11.06 -4.63 -19.30
C PRO F 169 -9.60 -4.96 -19.07
N HIS F 170 -8.88 -5.38 -20.12
CA HIS F 170 -7.47 -5.75 -19.94
C HIS F 170 -6.59 -4.55 -19.64
N ALA F 171 -7.06 -3.33 -19.91
CA ALA F 171 -6.30 -2.12 -19.68
C ALA F 171 -6.63 -1.45 -18.35
N ILE F 172 -7.50 -2.05 -17.54
CA ILE F 172 -7.86 -1.45 -16.26
C ILE F 172 -6.68 -1.50 -15.31
N MET F 173 -6.41 -0.37 -14.65
CA MET F 173 -5.37 -0.28 -13.65
C MET F 173 -5.98 0.15 -12.32
N ARG F 174 -5.43 -0.39 -11.23
CA ARG F 174 -5.96 -0.11 -9.90
C ARG F 174 -4.82 0.07 -8.91
N LEU F 175 -4.90 1.13 -8.10
CA LEU F 175 -3.97 1.38 -7.02
C LEU F 175 -4.76 1.46 -5.71
N ASP F 176 -4.30 0.73 -4.71
CA ASP F 176 -4.92 0.80 -3.38
C ASP F 176 -4.33 1.94 -2.58
N LEU F 177 -4.29 3.16 -3.13
CA LEU F 177 -3.64 4.35 -2.58
C LEU F 177 -4.50 5.58 -2.83
N ALA F 178 -5.27 6.03 -1.86
CA ALA F 178 -6.27 7.06 -2.09
C ALA F 178 -6.53 7.92 -0.84
N GLY F 179 -7.72 8.51 -0.74
CA GLY F 179 -8.09 9.44 0.31
C GLY F 179 -7.68 9.01 1.72
N ARG F 180 -7.94 7.77 2.14
CA ARG F 180 -7.54 7.29 3.47
C ARG F 180 -6.03 7.30 3.67
N ASP F 181 -5.27 6.73 2.75
CA ASP F 181 -3.82 6.60 2.88
C ASP F 181 -3.12 7.94 2.98
N LEU F 182 -3.62 8.92 2.23
CA LEU F 182 -3.11 10.29 2.29
C LEU F 182 -3.37 10.92 3.67
N THR F 183 -4.50 10.62 4.32
CA THR F 183 -4.75 11.08 5.69
C THR F 183 -3.73 10.50 6.65
N ASP F 184 -3.42 9.21 6.54
CA ASP F 184 -2.44 8.55 7.40
C ASP F 184 -1.03 9.11 7.16
N TYR F 185 -0.65 9.33 5.91
CA TYR F 185 0.62 9.97 5.61
C TYR F 185 0.67 11.40 6.13
N LEU F 186 -0.43 12.15 6.10
CA LEU F 186 -0.47 13.46 6.73
C LEU F 186 -0.30 13.35 8.25
N MET F 187 -0.97 12.40 8.92
CA MET F 187 -0.76 12.17 10.36
C MET F 187 0.71 11.93 10.68
N LYS F 188 1.42 11.19 9.82
CA LYS F 188 2.86 10.96 9.96
C LYS F 188 3.66 12.24 9.82
N ILE F 189 3.57 12.94 8.69
CA ILE F 189 4.45 14.08 8.43
C ILE F 189 4.16 15.29 9.33
N LEU F 190 2.96 15.44 9.89
CA LEU F 190 2.70 16.49 10.88
C LEU F 190 3.60 16.35 12.12
N THR F 191 4.10 15.16 12.44
CA THR F 191 5.07 14.99 13.52
C THR F 191 6.41 15.65 13.24
N GLU F 192 6.78 15.92 11.99
CA GLU F 192 8.00 16.65 11.66
C GLU F 192 8.02 18.03 12.32
N ARG F 193 6.85 18.69 12.36
CA ARG F 193 6.66 20.01 12.97
C ARG F 193 6.27 19.94 14.45
N GLY F 194 6.06 18.74 14.97
CA GLY F 194 5.87 18.48 16.40
C GLY F 194 4.42 18.36 16.87
N TYR F 195 3.43 18.55 16.00
CA TYR F 195 2.06 18.15 16.29
C TYR F 195 1.97 16.62 16.34
N SER F 196 1.03 16.07 17.10
CA SER F 196 0.82 14.62 17.18
C SER F 196 -0.66 14.30 17.18
N PHE F 197 -1.02 13.27 16.43
CA PHE F 197 -2.40 12.78 16.27
C PHE F 197 -2.33 11.28 16.09
N VAL F 198 -3.01 10.51 16.92
CA VAL F 198 -2.91 9.04 16.89
C VAL F 198 -4.25 8.34 17.00
N THR F 199 -5.24 8.98 17.61
CA THR F 199 -6.53 8.32 17.81
C THR F 199 -7.40 8.47 16.57
N THR F 200 -8.37 7.57 16.45
CA THR F 200 -9.27 7.59 15.30
C THR F 200 -10.16 8.84 15.27
N ALA F 201 -10.37 9.48 16.42
CA ALA F 201 -11.07 10.76 16.42
C ALA F 201 -10.21 11.84 15.76
N GLU F 202 -8.92 11.82 16.01
CA GLU F 202 -7.97 12.77 15.43
C GLU F 202 -7.71 12.48 13.97
N ARG F 203 -7.86 11.24 13.51
CA ARG F 203 -7.84 10.93 12.07
C ARG F 203 -8.89 11.74 11.31
N GLU F 204 -10.06 12.03 11.88
CA GLU F 204 -11.03 12.86 11.17
C GLU F 204 -10.59 14.31 11.15
N ILE F 205 -9.95 14.78 12.23
CA ILE F 205 -9.43 16.14 12.26
C ILE F 205 -8.31 16.31 11.22
N VAL F 206 -7.45 15.32 11.07
CA VAL F 206 -6.41 15.36 10.04
C VAL F 206 -7.01 15.22 8.65
N ARG F 207 -8.12 14.49 8.46
CA ARG F 207 -8.88 14.53 7.20
C ARG F 207 -9.44 15.94 6.96
N ASP F 208 -10.03 16.59 7.95
CA ASP F 208 -10.53 17.96 7.81
C ASP F 208 -9.42 18.95 7.49
N ILE F 209 -8.25 18.87 8.16
CA ILE F 209 -7.06 19.67 7.85
C ILE F 209 -6.65 19.46 6.40
N LYS F 210 -6.61 18.22 5.95
CA LYS F 210 -6.22 17.88 4.58
C LYS F 210 -7.17 18.53 3.58
N GLU F 211 -8.47 18.35 3.74
CA GLU F 211 -9.46 18.88 2.81
C GLU F 211 -9.42 20.40 2.73
N LYS F 212 -9.19 21.09 3.85
CA LYS F 212 -9.25 22.54 3.93
C LYS F 212 -7.95 23.24 3.52
N LEU F 213 -6.78 22.64 3.73
CA LEU F 213 -5.48 23.28 3.46
C LEU F 213 -4.61 22.65 2.38
N CYS F 214 -4.79 21.38 2.02
CA CYS F 214 -3.88 20.73 1.06
C CYS F 214 -4.15 21.14 -0.39
N TYR F 215 -3.09 21.11 -1.20
CA TYR F 215 -3.11 21.39 -2.64
C TYR F 215 -1.95 20.66 -3.33
N VAL F 216 -1.96 20.52 -4.65
CA VAL F 216 -0.89 19.86 -5.41
C VAL F 216 0.01 20.90 -6.05
N ALA F 217 1.32 20.81 -5.80
CA ALA F 217 2.31 21.70 -6.40
C ALA F 217 2.35 21.51 -7.92
N LEU F 218 2.53 22.55 -8.73
CA LEU F 218 2.67 22.38 -10.17
C LEU F 218 4.00 21.73 -10.56
N ASP F 219 5.06 22.08 -9.83
CA ASP F 219 6.39 21.53 -9.99
C ASP F 219 6.99 21.30 -8.61
N PHE F 220 6.82 20.08 -8.09
CA PHE F 220 7.04 19.78 -6.67
C PHE F 220 8.43 20.18 -6.20
N GLU F 221 9.47 19.89 -6.96
CA GLU F 221 10.83 20.24 -6.56
C GLU F 221 11.05 21.75 -6.44
N ASN F 222 10.38 22.58 -7.25
CA ASN F 222 10.44 24.02 -7.12
C ASN F 222 9.64 24.53 -5.93
N GLU F 223 8.41 24.06 -5.72
CA GLU F 223 7.61 24.54 -4.58
C GLU F 223 8.19 24.06 -3.24
N MET F 224 8.78 22.86 -3.23
CA MET F 224 9.58 22.37 -2.11
C MET F 224 10.80 23.25 -1.83
N ALA F 225 11.34 23.95 -2.83
CA ALA F 225 12.40 24.94 -2.65
C ALA F 225 11.88 26.32 -2.23
N THR F 226 10.80 26.85 -2.80
CA THR F 226 10.25 28.16 -2.37
C THR F 226 9.70 28.11 -0.94
N ALA F 227 9.26 26.94 -0.47
CA ALA F 227 8.90 26.73 0.92
C ALA F 227 10.03 26.99 1.94
N ALA F 228 11.28 27.18 1.51
CA ALA F 228 12.38 27.59 2.38
C ALA F 228 12.23 29.04 2.93
N SER F 229 11.53 29.93 2.23
CA SER F 229 11.06 31.22 2.75
C SER F 229 9.60 31.10 3.20
N SER F 230 9.36 30.27 4.21
CA SER F 230 8.07 29.58 4.41
C SER F 230 6.85 30.45 4.69
N SER F 231 7.02 31.71 5.08
CA SER F 231 5.90 32.60 5.43
C SER F 231 4.91 32.82 4.29
N SER F 232 5.32 32.67 3.02
CA SER F 232 4.41 32.74 1.87
C SER F 232 3.59 31.45 1.65
N LEU F 233 4.13 30.29 2.06
CA LEU F 233 3.47 28.98 1.93
C LEU F 233 2.60 28.64 3.13
N GLU F 234 2.99 29.07 4.33
CA GLU F 234 2.38 28.57 5.57
C GLU F 234 0.95 29.04 5.77
N LYS F 235 0.09 28.13 6.21
CA LYS F 235 -1.32 28.36 6.56
C LYS F 235 -1.59 27.91 7.98
N SER F 236 -2.44 28.62 8.70
CA SER F 236 -2.89 28.19 10.03
C SER F 236 -4.20 27.40 9.97
N TYR F 237 -4.44 26.58 10.98
CA TYR F 237 -5.68 25.84 11.19
C TYR F 237 -6.03 25.84 12.67
N GLU F 238 -7.30 26.04 13.04
CA GLU F 238 -7.71 26.05 14.44
C GLU F 238 -8.46 24.76 14.79
N LEU F 239 -7.91 24.00 15.74
CA LEU F 239 -8.46 22.74 16.21
C LEU F 239 -9.72 22.97 17.02
N PRO F 240 -10.57 21.96 17.27
CA PRO F 240 -11.78 22.13 18.08
C PRO F 240 -11.52 22.56 19.53
N ASP F 241 -10.34 22.25 20.07
CA ASP F 241 -9.83 22.73 21.36
C ASP F 241 -9.34 24.19 21.31
N GLY F 242 -9.30 24.80 20.13
CA GLY F 242 -8.85 26.18 19.95
C GLY F 242 -7.34 26.40 19.86
N GLN F 243 -6.48 25.39 20.00
CA GLN F 243 -5.08 25.52 19.59
C GLN F 243 -4.95 25.70 18.09
N VAL F 244 -3.89 26.38 17.64
CA VAL F 244 -3.71 26.74 16.22
C VAL F 244 -2.45 26.12 15.62
N ILE F 245 -2.64 25.09 14.80
CA ILE F 245 -1.63 24.54 13.92
C ILE F 245 -1.18 25.62 12.94
N THR F 246 0.08 25.58 12.53
CA THR F 246 0.52 26.13 11.25
C THR F 246 1.28 25.06 10.48
N ILE F 247 1.04 24.91 9.17
CA ILE F 247 1.74 23.96 8.30
C ILE F 247 2.29 24.64 7.06
N GLY F 248 3.43 24.16 6.57
CA GLY F 248 4.16 24.68 5.42
C GLY F 248 4.24 23.65 4.32
N ASN F 249 5.39 23.02 4.11
CA ASN F 249 5.60 21.97 3.11
C ASN F 249 4.53 20.87 3.16
N GLU F 250 4.04 20.52 4.36
CA GLU F 250 3.19 19.36 4.59
C GLU F 250 1.94 19.37 3.71
N ARG F 251 1.38 20.55 3.45
CA ARG F 251 0.13 20.73 2.70
C ARG F 251 0.23 20.43 1.21
N PHE F 252 1.43 20.31 0.64
CA PHE F 252 1.62 19.77 -0.71
C PHE F 252 2.43 18.49 -0.76
N ARG F 253 3.23 18.20 0.28
CA ARG F 253 3.84 16.87 0.48
C ARG F 253 2.80 15.76 0.52
N CYS F 254 1.69 15.94 1.24
CA CYS F 254 0.65 14.90 1.33
C CYS F 254 0.03 14.56 -0.04
N PRO F 255 -0.55 15.50 -0.81
CA PRO F 255 -1.08 15.17 -2.13
C PRO F 255 -0.05 14.65 -3.12
N GLU F 256 1.21 15.08 -3.03
CA GLU F 256 2.26 14.58 -3.92
C GLU F 256 2.49 13.07 -3.81
N THR F 257 2.11 12.41 -2.72
CA THR F 257 2.21 10.96 -2.59
C THR F 257 1.35 10.26 -3.63
N LEU F 258 0.32 10.90 -4.19
CA LEU F 258 -0.37 10.39 -5.37
C LEU F 258 0.58 10.28 -6.56
N PHE F 259 1.37 11.31 -6.84
CA PHE F 259 2.27 11.34 -7.98
C PHE F 259 3.58 10.57 -7.74
N GLN F 260 3.96 10.39 -6.47
CA GLN F 260 5.13 9.62 -6.06
C GLN F 260 4.77 8.69 -4.89
N PRO F 261 4.23 7.49 -5.14
CA PRO F 261 3.90 6.55 -4.05
C PRO F 261 5.11 6.08 -3.26
N SER F 262 6.33 6.40 -3.71
CA SER F 262 7.52 6.03 -2.94
C SER F 262 7.50 6.66 -1.55
N PHE F 263 6.83 7.79 -1.37
CA PHE F 263 6.77 8.49 -0.07
C PHE F 263 6.11 7.64 1.00
N ILE F 264 5.00 7.00 0.67
CA ILE F 264 4.30 6.06 1.55
C ILE F 264 4.83 4.62 1.43
N GLY F 265 5.95 4.43 0.71
CA GLY F 265 6.65 3.17 0.62
C GLY F 265 6.21 2.24 -0.49
N MET F 266 5.22 2.63 -1.29
CA MET F 266 4.73 1.77 -2.35
C MET F 266 5.65 1.86 -3.57
N GLU F 267 5.86 0.71 -4.22
CA GLU F 267 6.68 0.66 -5.43
C GLU F 267 5.93 1.22 -6.63
N SER F 268 4.60 1.14 -6.64
CA SER F 268 3.82 1.42 -7.84
C SER F 268 4.02 2.85 -8.32
N ALA F 269 3.78 3.05 -9.61
CA ALA F 269 3.89 4.38 -10.21
C ALA F 269 2.78 5.28 -9.66
N GLY F 270 2.93 6.58 -9.93
CA GLY F 270 2.03 7.56 -9.37
C GLY F 270 0.63 7.49 -9.95
N ILE F 271 -0.20 8.51 -9.73
CA ILE F 271 -1.53 8.61 -10.32
C ILE F 271 -1.48 8.98 -11.82
N HIS F 272 -0.51 9.83 -12.19
CA HIS F 272 0.06 9.86 -13.54
C HIS F 272 0.89 8.59 -13.76
N GLU F 273 1.25 8.33 -15.01
CA GLU F 273 1.99 7.15 -15.45
C GLU F 273 1.17 5.86 -15.37
N THR F 274 0.23 5.71 -14.43
CA THR F 274 -0.71 4.58 -14.47
C THR F 274 -1.82 4.85 -15.46
N THR F 275 -2.34 6.07 -15.50
CA THR F 275 -3.26 6.54 -16.56
C THR F 275 -2.64 6.48 -17.95
N TYR F 276 -1.35 6.82 -18.06
CA TYR F 276 -0.61 6.65 -19.30
C TYR F 276 -0.43 5.16 -19.65
N ASN F 277 -0.09 4.31 -18.68
CA ASN F 277 0.05 2.89 -18.94
C ASN F 277 -1.28 2.26 -19.38
N SER F 278 -2.44 2.64 -18.85
CA SER F 278 -3.72 2.10 -19.36
C SER F 278 -4.01 2.59 -20.76
N ILE F 279 -3.67 3.83 -21.10
CA ILE F 279 -3.72 4.29 -22.50
C ILE F 279 -2.80 3.44 -23.38
N MET F 280 -1.59 3.13 -22.96
CA MET F 280 -0.69 2.27 -23.74
C MET F 280 -1.18 0.83 -23.89
N LYS F 281 -1.99 0.30 -22.96
CA LYS F 281 -2.53 -1.05 -23.12
C LYS F 281 -3.67 -1.10 -24.12
N CYS F 282 -4.29 0.04 -24.41
CA CYS F 282 -5.36 0.16 -25.41
C CYS F 282 -4.83 0.00 -26.83
N ASP F 283 -5.73 -0.24 -27.77
CA ASP F 283 -5.37 -0.32 -29.18
C ASP F 283 -4.82 1.02 -29.66
N ILE F 284 -4.04 0.98 -30.74
CA ILE F 284 -3.30 2.16 -31.17
C ILE F 284 -4.25 3.26 -31.65
N ASP F 285 -5.30 2.90 -32.40
CA ASP F 285 -6.25 3.90 -32.85
C ASP F 285 -7.11 4.44 -31.71
N ILE F 286 -7.15 3.73 -30.58
CA ILE F 286 -7.97 4.15 -29.46
C ILE F 286 -7.38 5.39 -28.80
N ARG F 287 -6.06 5.51 -28.82
CA ARG F 287 -5.36 6.40 -27.89
C ARG F 287 -5.62 7.87 -28.17
N LYS F 288 -5.83 8.23 -29.44
CA LYS F 288 -6.09 9.63 -29.79
C LYS F 288 -7.23 10.21 -28.96
N ASP F 289 -8.34 9.48 -28.85
CA ASP F 289 -9.51 9.98 -28.14
C ASP F 289 -9.37 9.88 -26.62
N LEU F 290 -8.55 8.97 -26.10
CA LEU F 290 -8.29 8.90 -24.66
C LEU F 290 -7.50 10.11 -24.16
N TYR F 291 -6.48 10.58 -24.89
CA TYR F 291 -5.74 11.79 -24.51
C TYR F 291 -6.62 13.06 -24.43
N ALA F 292 -7.69 13.14 -25.23
CA ALA F 292 -8.57 14.29 -25.31
C ALA F 292 -9.76 14.21 -24.36
N ASN F 293 -9.98 13.06 -23.71
CA ASN F 293 -11.12 12.78 -22.85
C ASN F 293 -10.67 12.01 -21.60
N ASN F 294 -9.62 12.48 -20.94
CA ASN F 294 -9.20 11.97 -19.64
C ASN F 294 -10.11 12.59 -18.56
N VAL F 295 -10.98 11.83 -17.90
CA VAL F 295 -12.06 12.35 -17.05
C VAL F 295 -11.81 12.04 -15.58
N MET F 296 -11.61 13.05 -14.73
CA MET F 296 -11.37 12.82 -13.31
C MET F 296 -12.66 12.76 -12.47
N SER F 297 -12.61 12.01 -11.37
CA SER F 297 -13.78 11.65 -10.57
C SER F 297 -13.38 11.29 -9.14
N GLY F 298 -14.32 11.35 -8.19
CA GLY F 298 -14.09 10.94 -6.80
C GLY F 298 -13.32 11.97 -5.99
N GLY F 299 -13.56 12.02 -4.68
CA GLY F 299 -13.15 13.16 -3.87
C GLY F 299 -11.65 13.42 -3.77
N THR F 300 -10.81 12.42 -3.87
CA THR F 300 -9.35 12.60 -3.85
C THR F 300 -8.82 13.34 -5.10
N THR F 301 -9.63 13.64 -6.11
CA THR F 301 -9.24 14.46 -7.30
C THR F 301 -9.54 15.97 -7.16
N MET F 302 -9.92 16.42 -5.97
CA MET F 302 -10.35 17.77 -5.62
C MET F 302 -9.20 18.70 -5.29
N TYR F 303 -7.99 18.24 -4.96
CA TYR F 303 -6.92 19.17 -4.54
C TYR F 303 -6.68 20.25 -5.60
N PRO F 304 -6.62 21.54 -5.25
CA PRO F 304 -6.25 22.57 -6.21
C PRO F 304 -4.92 22.25 -6.88
N GLY F 305 -4.83 22.42 -8.20
CA GLY F 305 -3.64 22.09 -8.98
C GLY F 305 -3.58 20.65 -9.51
N ILE F 306 -4.48 19.74 -9.12
CA ILE F 306 -4.49 18.35 -9.65
C ILE F 306 -4.52 18.33 -11.17
N ALA F 307 -5.40 19.10 -11.79
CA ALA F 307 -5.53 19.13 -13.24
C ALA F 307 -4.25 19.62 -13.90
N ASP F 308 -3.61 20.66 -13.37
CA ASP F 308 -2.39 21.20 -13.97
C ASP F 308 -1.20 20.24 -13.82
N ARG F 309 -0.97 19.66 -12.63
CA ARG F 309 0.10 18.68 -12.42
C ARG F 309 -0.12 17.45 -13.30
N MET F 310 -1.34 16.93 -13.35
CA MET F 310 -1.66 15.78 -14.18
C MET F 310 -1.43 16.11 -15.66
N GLN F 311 -1.92 17.24 -16.15
CA GLN F 311 -1.79 17.63 -17.55
C GLN F 311 -0.32 17.80 -17.92
N LYS F 312 0.47 18.44 -17.06
CA LYS F 312 1.91 18.61 -17.29
C LYS F 312 2.61 17.26 -17.39
N GLU F 313 2.29 16.33 -16.49
CA GLU F 313 2.93 15.02 -16.51
C GLU F 313 2.55 14.21 -17.75
N ILE F 314 1.27 14.21 -18.11
CA ILE F 314 0.83 13.41 -19.24
C ILE F 314 1.36 14.00 -20.54
N THR F 315 1.44 15.32 -20.67
CA THR F 315 2.09 15.96 -21.84
C THR F 315 3.60 15.78 -21.85
N ALA F 316 4.24 15.46 -20.73
CA ALA F 316 5.64 15.03 -20.72
C ALA F 316 5.79 13.58 -21.20
N LEU F 317 4.92 12.67 -20.77
CA LEU F 317 4.98 11.26 -21.16
C LEU F 317 4.53 11.03 -22.61
N ALA F 318 3.34 11.46 -22.99
CA ALA F 318 2.74 11.11 -24.27
C ALA F 318 3.37 11.85 -25.47
N PRO F 319 3.18 11.37 -26.71
CA PRO F 319 3.76 11.98 -27.91
C PRO F 319 3.36 13.45 -28.07
N SER F 320 4.31 14.33 -28.35
CA SER F 320 4.08 15.79 -28.33
C SER F 320 3.07 16.31 -29.36
N THR F 321 2.88 15.59 -30.46
CA THR F 321 1.84 15.83 -31.46
C THR F 321 0.40 15.60 -30.94
N MET F 322 0.19 14.87 -29.84
CA MET F 322 -1.13 14.62 -29.24
C MET F 322 -1.56 15.76 -28.32
N LYS F 323 -2.64 16.49 -28.66
CA LYS F 323 -3.28 17.42 -27.76
C LYS F 323 -3.91 16.66 -26.59
N ILE F 324 -3.64 17.13 -25.38
CA ILE F 324 -4.08 16.44 -24.17
C ILE F 324 -5.02 17.37 -23.41
N LYS F 325 -6.21 16.87 -23.08
CA LYS F 325 -7.28 17.69 -22.52
C LYS F 325 -7.93 16.93 -21.36
N ILE F 326 -7.52 17.25 -20.14
CA ILE F 326 -8.07 16.64 -18.92
C ILE F 326 -9.39 17.32 -18.53
N ILE F 327 -10.46 16.54 -18.41
CA ILE F 327 -11.79 17.04 -18.09
C ILE F 327 -11.97 16.95 -16.59
N ALA F 328 -12.20 18.09 -15.95
CA ALA F 328 -12.37 18.18 -14.50
C ALA F 328 -13.59 19.02 -14.17
N PRO F 329 -14.78 18.45 -14.31
CA PRO F 329 -16.01 19.18 -13.92
C PRO F 329 -16.00 19.46 -12.43
N PRO F 330 -16.59 20.58 -12.00
CA PRO F 330 -16.51 20.95 -10.58
C PRO F 330 -17.18 19.96 -9.65
N GLU F 331 -18.06 19.09 -10.15
CA GLU F 331 -18.80 18.15 -9.30
C GLU F 331 -18.12 16.79 -9.21
N ARG F 332 -16.78 16.76 -9.24
CA ARG F 332 -16.02 15.53 -9.22
C ARG F 332 -16.49 14.57 -8.12
N LYS F 333 -16.73 15.10 -6.92
CA LYS F 333 -17.04 14.26 -5.77
C LYS F 333 -18.29 13.44 -6.00
N TYR F 334 -19.36 14.08 -6.47
CA TYR F 334 -20.65 13.40 -6.63
C TYR F 334 -20.86 12.85 -8.03
N SER F 335 -19.89 12.98 -8.93
CA SER F 335 -20.01 12.55 -10.33
C SER F 335 -20.34 11.07 -10.45
N VAL F 336 -19.71 10.18 -9.67
CA VAL F 336 -20.06 8.75 -9.65
C VAL F 336 -21.55 8.55 -9.35
N TRP F 337 -22.06 9.21 -8.31
CA TRP F 337 -23.46 9.09 -7.94
C TRP F 337 -24.39 9.69 -9.00
N ILE F 338 -24.05 10.85 -9.57
CA ILE F 338 -24.83 11.49 -10.64
C ILE F 338 -24.91 10.56 -11.85
N GLY F 339 -23.81 9.88 -12.18
CA GLY F 339 -23.77 8.88 -13.23
C GLY F 339 -24.78 7.77 -12.99
N GLY F 340 -24.81 7.22 -11.78
CA GLY F 340 -25.82 6.24 -11.38
C GLY F 340 -27.23 6.81 -11.43
N SER F 341 -27.43 8.06 -11.03
CA SER F 341 -28.73 8.73 -11.05
C SER F 341 -29.30 8.86 -12.47
N ILE F 342 -28.43 9.05 -13.46
CA ILE F 342 -28.83 8.99 -14.88
C ILE F 342 -29.08 7.55 -15.29
N LEU F 343 -28.11 6.65 -15.09
CA LEU F 343 -28.19 5.28 -15.60
C LEU F 343 -29.37 4.49 -15.02
N ALA F 344 -29.68 4.63 -13.73
CA ALA F 344 -30.85 4.00 -13.13
C ALA F 344 -32.18 4.53 -13.70
N SER F 345 -32.19 5.77 -14.19
CA SER F 345 -33.36 6.39 -14.83
C SER F 345 -33.46 6.09 -16.33
N LEU F 346 -32.45 5.46 -16.93
CA LEU F 346 -32.30 5.34 -18.38
C LEU F 346 -33.33 4.33 -18.93
N SER F 347 -34.07 4.70 -19.98
CA SER F 347 -35.27 3.96 -20.40
C SER F 347 -35.02 2.51 -20.83
N THR F 348 -33.91 2.23 -21.53
CA THR F 348 -33.57 0.85 -21.93
C THR F 348 -32.89 0.04 -20.82
N PHE F 349 -32.30 0.69 -19.81
CA PHE F 349 -31.66 0.00 -18.69
C PHE F 349 -32.62 -0.79 -17.81
N GLN F 350 -33.93 -0.52 -17.85
CA GLN F 350 -34.89 -1.17 -16.95
C GLN F 350 -34.99 -2.70 -17.10
N GLN F 351 -34.44 -3.28 -18.17
CA GLN F 351 -34.39 -4.73 -18.36
C GLN F 351 -33.16 -5.37 -17.72
N MET F 352 -32.21 -4.57 -17.22
CA MET F 352 -30.97 -5.12 -16.71
C MET F 352 -30.97 -5.33 -15.20
N TRP F 353 -31.99 -4.84 -14.47
CA TRP F 353 -32.03 -5.04 -13.03
C TRP F 353 -32.13 -6.54 -12.69
N ILE F 354 -31.38 -6.98 -11.70
CA ILE F 354 -31.46 -8.33 -11.17
C ILE F 354 -32.73 -8.44 -10.34
N THR F 355 -33.74 -9.12 -10.88
CA THR F 355 -35.03 -9.19 -10.22
C THR F 355 -35.01 -10.19 -9.08
N LYS F 356 -35.91 -9.98 -8.11
CA LYS F 356 -36.05 -10.90 -6.99
C LYS F 356 -36.34 -12.31 -7.47
N GLN F 357 -37.22 -12.44 -8.46
CA GLN F 357 -37.58 -13.73 -9.03
C GLN F 357 -36.42 -14.37 -9.80
N GLU F 358 -35.41 -13.60 -10.18
CA GLU F 358 -34.20 -14.17 -10.75
C GLU F 358 -33.23 -14.60 -9.65
N TYR F 359 -33.06 -13.80 -8.60
CA TYR F 359 -32.19 -14.18 -7.49
C TYR F 359 -32.70 -15.43 -6.79
N ASP F 360 -34.00 -15.53 -6.52
CA ASP F 360 -34.55 -16.70 -5.83
C ASP F 360 -34.49 -17.99 -6.67
N GLU F 361 -34.16 -17.89 -7.96
CA GLU F 361 -33.97 -19.01 -8.88
C GLU F 361 -32.49 -19.35 -9.14
N ALA F 362 -31.57 -18.39 -9.02
CA ALA F 362 -30.15 -18.55 -9.37
C ALA F 362 -29.15 -18.31 -8.23
N GLY F 363 -29.62 -17.80 -7.09
CA GLY F 363 -28.78 -17.47 -5.93
C GLY F 363 -27.87 -16.26 -6.16
N PRO F 364 -26.96 -15.98 -5.21
CA PRO F 364 -26.05 -14.84 -5.29
C PRO F 364 -25.07 -14.90 -6.47
N SER F 365 -24.96 -16.02 -7.18
CA SER F 365 -24.07 -16.13 -8.34
C SER F 365 -24.58 -15.35 -9.54
N ILE F 366 -25.80 -14.82 -9.47
CA ILE F 366 -26.44 -14.19 -10.63
C ILE F 366 -25.63 -12.98 -11.10
N VAL F 367 -24.97 -12.28 -10.18
CA VAL F 367 -24.37 -10.99 -10.51
C VAL F 367 -23.21 -11.14 -11.49
N HIS F 368 -22.51 -12.28 -11.46
CA HIS F 368 -21.40 -12.46 -12.38
C HIS F 368 -21.86 -12.60 -13.82
N ARG F 369 -23.16 -12.87 -14.04
CA ARG F 369 -23.71 -12.97 -15.39
C ARG F 369 -24.42 -11.69 -15.81
N LYS F 370 -25.16 -11.07 -14.88
CA LYS F 370 -25.96 -9.90 -15.22
C LYS F 370 -25.17 -8.60 -15.19
N CYS F 371 -23.96 -8.59 -14.65
CA CYS F 371 -23.21 -7.35 -14.45
C CYS F 371 -21.79 -7.49 -14.96
N PHE F 372 -21.20 -6.35 -15.30
CA PHE F 372 -19.77 -6.27 -15.62
C PHE F 372 -18.98 -6.36 -14.32
N GLU G 1 41.29 -21.71 -28.37
CA GLU G 1 39.89 -21.95 -28.07
C GLU G 1 39.71 -23.29 -27.37
N THR G 2 39.42 -23.26 -26.07
CA THR G 2 39.35 -24.48 -25.27
C THR G 2 38.02 -25.22 -25.49
N THR G 3 36.92 -24.60 -25.09
CA THR G 3 35.59 -25.21 -25.19
C THR G 3 34.56 -24.11 -25.35
N ALA G 4 33.65 -24.24 -26.30
CA ALA G 4 32.65 -23.21 -26.49
C ALA G 4 31.69 -23.10 -25.30
N LEU G 5 31.37 -21.87 -24.88
CA LEU G 5 30.24 -21.59 -24.01
C LEU G 5 28.96 -21.51 -24.84
N VAL G 6 27.84 -21.89 -24.26
CA VAL G 6 26.52 -21.79 -24.85
C VAL G 6 25.64 -21.05 -23.88
N CYS G 7 24.91 -20.04 -24.35
CA CYS G 7 24.07 -19.21 -23.51
C CYS G 7 22.70 -19.04 -24.16
N ASP G 8 21.66 -19.34 -23.39
CA ASP G 8 20.29 -19.00 -23.75
C ASP G 8 19.90 -17.84 -22.85
N ASN G 9 19.81 -16.64 -23.43
CA ASN G 9 19.44 -15.46 -22.66
C ASN G 9 17.94 -15.45 -22.44
N GLY G 10 17.48 -16.33 -21.56
CA GLY G 10 16.07 -16.47 -21.27
C GLY G 10 15.45 -15.21 -20.72
N SER G 11 14.26 -14.89 -21.21
CA SER G 11 13.50 -13.78 -20.65
C SER G 11 13.26 -13.96 -19.16
N GLY G 12 13.15 -15.21 -18.70
CA GLY G 12 13.00 -15.50 -17.29
C GLY G 12 14.23 -16.12 -16.67
N LEU G 13 14.89 -17.03 -17.38
CA LEU G 13 15.98 -17.85 -16.83
C LEU G 13 17.14 -17.88 -17.81
N VAL G 14 18.27 -17.29 -17.42
CA VAL G 14 19.50 -17.44 -18.20
C VAL G 14 20.07 -18.83 -17.99
N LYS G 15 20.43 -19.49 -19.08
CA LYS G 15 21.08 -20.79 -19.05
C LYS G 15 22.46 -20.68 -19.67
N ALA G 16 23.48 -21.13 -18.95
CA ALA G 16 24.85 -21.07 -19.43
C ALA G 16 25.58 -22.35 -19.08
N GLY G 17 26.55 -22.70 -19.91
CA GLY G 17 27.36 -23.88 -19.66
C GLY G 17 28.21 -24.21 -20.87
N PHE G 18 29.18 -25.09 -20.71
CA PHE G 18 30.10 -25.46 -21.80
C PHE G 18 29.45 -26.41 -22.83
N ALA G 19 29.97 -26.46 -24.05
CA ALA G 19 29.57 -27.41 -25.07
C ALA G 19 29.94 -28.86 -24.69
N GLY G 20 29.30 -29.83 -25.32
CA GLY G 20 29.49 -31.26 -25.03
C GLY G 20 28.79 -31.77 -23.77
N ASP G 21 28.68 -30.97 -22.71
CA ASP G 21 27.82 -31.29 -21.56
C ASP G 21 26.35 -31.37 -21.97
N ASP G 22 25.60 -32.25 -21.29
CA ASP G 22 24.18 -32.50 -21.53
C ASP G 22 23.25 -31.72 -20.58
N ALA G 23 23.79 -30.84 -19.73
CA ALA G 23 22.99 -29.95 -18.90
C ALA G 23 23.78 -28.68 -18.65
N PRO G 24 23.12 -27.53 -18.58
CA PRO G 24 23.84 -26.28 -18.33
C PRO G 24 24.49 -26.26 -16.96
N ARG G 25 25.67 -25.63 -16.89
CA ARG G 25 26.39 -25.54 -15.63
C ARG G 25 25.62 -24.69 -14.61
N ALA G 26 25.04 -23.58 -15.05
CA ALA G 26 24.38 -22.66 -14.15
C ALA G 26 23.09 -22.14 -14.78
N VAL G 27 22.04 -22.07 -13.97
CA VAL G 27 20.77 -21.47 -14.38
C VAL G 27 20.34 -20.50 -13.28
N PHE G 28 19.98 -19.29 -13.67
CA PHE G 28 19.59 -18.27 -12.72
C PHE G 28 18.65 -17.29 -13.41
N PRO G 29 17.77 -16.62 -12.68
CA PRO G 29 16.85 -15.67 -13.32
C PRO G 29 17.59 -14.50 -13.93
N SER G 30 17.06 -14.01 -15.05
CA SER G 30 17.60 -12.83 -15.71
C SER G 30 17.06 -11.57 -15.02
N ILE G 31 17.40 -11.39 -13.76
CA ILE G 31 16.83 -10.32 -12.94
C ILE G 31 17.97 -9.46 -12.40
N VAL G 32 17.80 -8.15 -12.52
CA VAL G 32 18.67 -7.17 -11.87
C VAL G 32 17.80 -6.35 -10.93
N GLY G 33 18.27 -6.19 -9.70
CA GLY G 33 17.50 -5.52 -8.67
C GLY G 33 18.28 -4.43 -7.98
N ARG G 34 17.60 -3.35 -7.64
CA ARG G 34 18.15 -2.23 -6.91
C ARG G 34 17.49 -2.11 -5.54
N PRO G 35 18.21 -1.65 -4.53
CA PRO G 35 17.60 -1.50 -3.20
C PRO G 35 16.50 -0.44 -3.21
N ARG G 36 15.30 -0.87 -2.84
CA ARG G 36 14.15 0.04 -2.85
C ARG G 36 14.20 1.01 -1.66
N HIS G 37 14.63 0.52 -0.51
CA HIS G 37 14.63 1.32 0.72
C HIS G 37 16.05 1.76 1.07
N GLN G 38 16.13 2.79 1.91
CA GLN G 38 17.40 3.39 2.27
C GLN G 38 18.15 2.54 3.30
N GLY G 39 19.47 2.48 3.15
CA GLY G 39 20.31 1.75 4.07
C GLY G 39 20.66 2.55 5.30
N VAL G 40 20.56 1.92 6.48
CA VAL G 40 20.83 2.57 7.76
C VAL G 40 22.00 1.93 8.51
N MET G 41 22.22 0.63 8.38
CA MET G 41 23.39 -0.01 8.97
C MET G 41 24.65 0.34 8.18
N VAL G 42 25.75 0.58 8.86
CA VAL G 42 27.00 1.06 8.27
C VAL G 42 27.99 -0.10 8.16
N GLY G 43 28.60 -0.27 6.98
CA GLY G 43 29.46 -1.44 6.72
C GLY G 43 28.71 -2.76 6.62
N MET G 44 27.48 -2.74 6.09
CA MET G 44 26.64 -3.93 5.94
C MET G 44 27.10 -4.85 4.83
N GLY G 45 28.10 -4.45 4.03
CA GLY G 45 28.45 -5.19 2.83
C GLY G 45 27.57 -4.78 1.67
N GLN G 46 27.47 -3.46 1.45
CA GLN G 46 26.50 -2.92 0.51
C GLN G 46 26.94 -3.12 -0.93
N LYS G 47 25.97 -3.42 -1.80
CA LYS G 47 26.13 -3.37 -3.23
C LYS G 47 24.98 -2.58 -3.83
N ASP G 48 25.29 -1.81 -4.88
CA ASP G 48 24.26 -0.97 -5.49
C ASP G 48 23.28 -1.76 -6.35
N SER G 49 23.58 -3.02 -6.66
CA SER G 49 22.68 -3.85 -7.44
C SER G 49 23.00 -5.32 -7.19
N TYR G 50 21.98 -6.16 -7.33
CA TYR G 50 22.12 -7.60 -7.19
C TYR G 50 21.51 -8.29 -8.40
N VAL G 51 22.11 -9.41 -8.80
CA VAL G 51 21.75 -10.07 -10.05
C VAL G 51 21.66 -11.57 -9.82
N GLY G 52 20.71 -12.21 -10.51
CA GLY G 52 20.59 -13.64 -10.42
C GLY G 52 19.99 -14.08 -9.11
N ASP G 53 20.59 -15.13 -8.52
CA ASP G 53 20.05 -15.71 -7.29
C ASP G 53 20.11 -14.73 -6.12
N GLU G 54 21.10 -13.84 -6.11
CA GLU G 54 21.17 -12.84 -5.05
C GLU G 54 19.94 -11.95 -5.06
N ALA G 55 19.57 -11.45 -6.23
CA ALA G 55 18.36 -10.63 -6.35
C ALA G 55 17.12 -11.44 -6.04
N GLN G 56 17.07 -12.69 -6.48
CA GLN G 56 15.89 -13.51 -6.27
C GLN G 56 15.65 -13.80 -4.80
N SER G 57 16.72 -14.07 -4.03
CA SER G 57 16.58 -14.38 -2.62
C SER G 57 16.33 -13.13 -1.78
N LYS G 58 16.97 -12.02 -2.11
CA LYS G 58 16.80 -10.75 -1.42
C LYS G 58 15.65 -9.93 -1.97
N ARG G 59 14.68 -10.57 -2.62
CA ARG G 59 13.68 -9.83 -3.40
C ARG G 59 12.79 -8.95 -2.55
N GLY G 60 12.68 -9.23 -1.24
CA GLY G 60 11.81 -8.45 -0.39
C GLY G 60 12.21 -6.99 -0.25
N ILE G 61 13.43 -6.65 -0.66
CA ILE G 61 13.98 -5.31 -0.51
C ILE G 61 14.36 -4.69 -1.85
N LEU G 62 14.20 -5.43 -2.94
CA LEU G 62 14.72 -5.02 -4.23
C LEU G 62 13.59 -4.77 -5.22
N THR G 63 13.83 -3.83 -6.13
CA THR G 63 12.91 -3.56 -7.25
C THR G 63 13.39 -4.38 -8.44
N LEU G 64 13.02 -5.67 -8.43
CA LEU G 64 13.43 -6.58 -9.50
C LEU G 64 12.91 -6.09 -10.84
N LYS G 65 13.78 -6.08 -11.86
CA LYS G 65 13.40 -5.72 -13.22
C LYS G 65 14.12 -6.62 -14.21
N TYR G 66 13.44 -6.95 -15.30
CA TYR G 66 13.95 -7.88 -16.29
C TYR G 66 14.53 -7.11 -17.48
N PRO G 67 15.82 -7.25 -17.78
CA PRO G 67 16.35 -6.61 -18.99
C PRO G 67 15.71 -7.12 -20.27
N ILE G 68 15.35 -8.40 -20.34
CA ILE G 68 14.64 -8.94 -21.49
C ILE G 68 13.15 -8.64 -21.37
N GLU G 69 12.55 -8.20 -22.47
CA GLU G 69 11.10 -8.13 -22.60
C GLU G 69 10.73 -8.71 -23.96
N HIS G 70 9.97 -9.80 -23.94
CA HIS G 70 9.52 -10.47 -25.15
C HIS G 70 10.69 -10.80 -26.08
N GLY G 71 11.78 -11.29 -25.50
CA GLY G 71 12.92 -11.73 -26.27
C GLY G 71 13.87 -10.63 -26.72
N ILE G 72 13.63 -9.38 -26.32
CA ILE G 72 14.40 -8.24 -26.80
C ILE G 72 15.01 -7.52 -25.61
N ILE G 73 16.28 -7.15 -25.71
CA ILE G 73 17.00 -6.45 -24.66
C ILE G 73 16.51 -5.01 -24.60
N THR G 74 15.82 -4.64 -23.51
CA THR G 74 15.27 -3.28 -23.33
C THR G 74 16.15 -2.35 -22.52
N ASN G 75 17.16 -2.84 -21.82
CA ASN G 75 18.14 -2.04 -21.10
C ASN G 75 19.50 -2.72 -21.16
N TRP G 76 20.47 -2.06 -21.80
CA TRP G 76 21.78 -2.65 -22.08
C TRP G 76 22.75 -2.56 -20.90
N ASP G 77 22.59 -1.62 -19.98
CA ASP G 77 23.45 -1.58 -18.81
C ASP G 77 23.21 -2.80 -17.92
N ASP G 78 21.95 -3.08 -17.59
CA ASP G 78 21.64 -4.27 -16.80
C ASP G 78 21.95 -5.54 -17.58
N MET G 79 21.83 -5.52 -18.91
CA MET G 79 22.20 -6.69 -19.68
C MET G 79 23.71 -6.93 -19.67
N GLU G 80 24.51 -5.86 -19.76
CA GLU G 80 25.95 -6.04 -19.59
C GLU G 80 26.28 -6.55 -18.20
N LYS G 81 25.53 -6.11 -17.20
CA LYS G 81 25.71 -6.63 -15.85
C LYS G 81 25.41 -8.12 -15.78
N ILE G 82 24.32 -8.55 -16.42
CA ILE G 82 23.95 -9.98 -16.42
C ILE G 82 24.99 -10.80 -17.17
N TRP G 83 25.46 -10.30 -18.32
CA TRP G 83 26.54 -10.95 -19.04
C TRP G 83 27.76 -11.13 -18.16
N HIS G 84 28.19 -10.05 -17.50
CA HIS G 84 29.35 -10.10 -16.63
C HIS G 84 29.15 -11.11 -15.50
N HIS G 85 27.94 -11.15 -14.93
CA HIS G 85 27.66 -12.13 -13.89
C HIS G 85 27.79 -13.55 -14.41
N THR G 86 27.11 -13.88 -15.51
CA THR G 86 27.10 -15.26 -15.98
C THR G 86 28.47 -15.69 -16.45
N PHE G 87 29.32 -14.74 -16.87
CA PHE G 87 30.68 -15.12 -17.22
C PHE G 87 31.55 -15.30 -15.98
N TYR G 88 31.62 -14.31 -15.11
CA TYR G 88 32.67 -14.28 -14.09
C TYR G 88 32.27 -14.89 -12.76
N ASN G 89 30.98 -14.92 -12.41
CA ASN G 89 30.57 -15.44 -11.11
C ASN G 89 29.99 -16.84 -11.19
N GLU G 90 29.12 -17.10 -12.16
CA GLU G 90 28.50 -18.43 -12.27
C GLU G 90 29.45 -19.42 -12.92
N LEU G 91 29.84 -19.16 -14.17
CA LEU G 91 30.74 -20.07 -14.87
C LEU G 91 32.18 -19.99 -14.35
N ARG G 92 32.54 -18.89 -13.69
CA ARG G 92 33.91 -18.68 -13.22
C ARG G 92 34.91 -18.80 -14.36
N VAL G 93 34.57 -18.21 -15.50
CA VAL G 93 35.32 -18.36 -16.74
C VAL G 93 35.66 -16.99 -17.29
N ALA G 94 36.89 -16.83 -17.74
CA ALA G 94 37.27 -15.63 -18.47
C ALA G 94 36.80 -15.75 -19.91
N PRO G 95 35.90 -14.90 -20.39
CA PRO G 95 35.38 -15.05 -21.76
C PRO G 95 36.38 -14.68 -22.83
N GLU G 96 37.56 -14.16 -22.45
CA GLU G 96 38.54 -13.72 -23.43
C GLU G 96 39.12 -14.86 -24.26
N GLU G 97 38.90 -16.11 -23.86
CA GLU G 97 39.48 -17.24 -24.58
C GLU G 97 38.48 -18.36 -24.85
N HIS G 98 37.19 -18.11 -24.71
CA HIS G 98 36.16 -19.10 -24.98
C HIS G 98 35.20 -18.58 -26.05
N PRO G 99 35.05 -19.25 -27.17
CA PRO G 99 33.99 -18.88 -28.12
C PRO G 99 32.63 -19.07 -27.48
N THR G 100 31.66 -18.24 -27.90
CA THR G 100 30.36 -18.21 -27.25
C THR G 100 29.26 -18.31 -28.29
N LEU G 101 28.25 -19.15 -28.05
CA LEU G 101 27.06 -19.28 -28.90
C LEU G 101 25.85 -18.75 -28.13
N LEU G 102 25.06 -17.89 -28.77
CA LEU G 102 23.89 -17.25 -28.18
C LEU G 102 22.63 -17.67 -28.92
N THR G 103 21.56 -17.86 -28.18
CA THR G 103 20.29 -18.28 -28.74
C THR G 103 19.29 -17.13 -28.69
N GLU G 104 18.69 -16.75 -29.82
CA GLU G 104 17.80 -15.61 -29.93
C GLU G 104 16.49 -16.02 -30.59
N ALA G 105 15.42 -15.28 -30.26
CA ALA G 105 14.14 -15.50 -30.90
C ALA G 105 14.17 -14.96 -32.34
N PRO G 106 13.38 -15.54 -33.23
CA PRO G 106 13.34 -15.05 -34.62
C PRO G 106 12.53 -13.76 -34.73
N LEU G 107 12.70 -13.11 -35.88
CA LEU G 107 12.03 -11.85 -36.21
C LEU G 107 12.34 -10.74 -35.20
N ASN G 108 13.46 -10.84 -34.50
CA ASN G 108 13.88 -9.80 -33.59
C ASN G 108 14.43 -8.61 -34.37
N PRO G 109 14.45 -7.42 -33.76
CA PRO G 109 15.05 -6.23 -34.35
C PRO G 109 16.53 -6.46 -34.65
N LYS G 110 17.00 -6.06 -35.82
CA LYS G 110 18.39 -6.31 -36.21
C LYS G 110 19.37 -5.61 -35.28
N ALA G 111 18.98 -4.46 -34.74
CA ALA G 111 19.81 -3.71 -33.80
C ALA G 111 20.07 -4.49 -32.50
N ASN G 112 19.13 -5.35 -32.07
CA ASN G 112 19.33 -6.25 -30.93
C ASN G 112 20.55 -7.14 -31.20
N ARG G 113 20.65 -7.75 -32.39
CA ARG G 113 21.79 -8.58 -32.74
C ARG G 113 23.06 -7.75 -32.88
N GLU G 114 23.00 -6.62 -33.56
CA GLU G 114 24.20 -5.85 -33.84
C GLU G 114 24.81 -5.34 -32.54
N LYS G 115 24.02 -4.79 -31.60
CA LYS G 115 24.56 -4.34 -30.32
C LYS G 115 25.00 -5.50 -29.44
N MET G 116 24.31 -6.63 -29.47
CA MET G 116 24.75 -7.82 -28.75
C MET G 116 26.14 -8.26 -29.22
N THR G 117 26.36 -8.27 -30.53
CA THR G 117 27.65 -8.65 -31.09
C THR G 117 28.72 -7.63 -30.72
N GLN G 118 28.39 -6.34 -30.80
CA GLN G 118 29.33 -5.29 -30.43
C GLN G 118 29.73 -5.44 -28.96
N ILE G 119 28.79 -5.76 -28.06
CA ILE G 119 29.09 -5.98 -26.65
C ILE G 119 30.03 -7.17 -26.51
N MET G 120 29.68 -8.28 -27.14
CA MET G 120 30.49 -9.48 -26.94
C MET G 120 31.90 -9.36 -27.54
N PHE G 121 32.08 -8.53 -28.56
CA PHE G 121 33.42 -8.37 -29.12
C PHE G 121 34.20 -7.20 -28.53
N GLU G 122 33.55 -6.23 -27.89
CA GLU G 122 34.22 -4.98 -27.50
C GLU G 122 34.23 -4.70 -26.00
N THR G 123 33.49 -5.45 -25.16
CA THR G 123 33.72 -5.34 -23.71
C THR G 123 34.04 -6.68 -23.07
N PHE G 124 33.56 -7.78 -23.63
CA PHE G 124 33.92 -9.11 -23.16
C PHE G 124 34.97 -9.78 -24.05
N ASN G 125 35.15 -9.29 -25.27
CA ASN G 125 36.32 -9.61 -26.10
C ASN G 125 36.44 -11.12 -26.34
N VAL G 126 35.35 -11.76 -26.70
CA VAL G 126 35.36 -13.19 -27.00
C VAL G 126 36.15 -13.43 -28.27
N PRO G 127 36.88 -14.55 -28.38
CA PRO G 127 37.62 -14.82 -29.62
C PRO G 127 36.71 -15.07 -30.81
N ALA G 128 35.54 -15.67 -30.60
CA ALA G 128 34.59 -15.91 -31.67
C ALA G 128 33.21 -16.05 -31.06
N MET G 129 32.18 -15.88 -31.88
CA MET G 129 30.81 -15.92 -31.38
C MET G 129 29.86 -16.20 -32.54
N TYR G 130 28.67 -16.68 -32.19
CA TYR G 130 27.64 -17.02 -33.17
C TYR G 130 26.25 -16.85 -32.58
N VAL G 131 25.26 -16.55 -33.42
CA VAL G 131 23.87 -16.39 -33.02
C VAL G 131 23.03 -17.41 -33.77
N ALA G 132 22.22 -18.16 -33.04
CA ALA G 132 21.36 -19.20 -33.55
C ALA G 132 19.94 -19.04 -32.99
N ILE G 133 18.92 -19.44 -33.71
CA ILE G 133 17.54 -19.22 -33.29
C ILE G 133 17.07 -20.40 -32.46
N GLN G 134 16.41 -20.09 -31.33
CA GLN G 134 16.16 -21.07 -30.28
C GLN G 134 15.42 -22.31 -30.79
N ALA G 135 14.51 -22.12 -31.76
CA ALA G 135 13.74 -23.24 -32.27
C ALA G 135 14.64 -24.27 -32.96
N VAL G 136 15.64 -23.82 -33.72
CA VAL G 136 16.57 -24.71 -34.41
C VAL G 136 17.41 -25.46 -33.39
N LEU G 137 17.86 -24.80 -32.33
CA LEU G 137 18.51 -25.51 -31.25
C LEU G 137 17.58 -26.56 -30.60
N SER G 138 16.31 -26.26 -30.33
CA SER G 138 15.42 -27.29 -29.80
C SER G 138 15.33 -28.47 -30.74
N LEU G 139 15.25 -28.22 -32.05
CA LEU G 139 15.20 -29.31 -33.00
C LEU G 139 16.48 -30.15 -32.95
N TYR G 140 17.66 -29.55 -32.75
CA TYR G 140 18.90 -30.32 -32.54
C TYR G 140 18.85 -31.15 -31.26
N ALA G 141 18.32 -30.59 -30.17
CA ALA G 141 18.16 -31.32 -28.92
C ALA G 141 17.18 -32.49 -29.06
N SER G 142 16.23 -32.41 -29.98
CA SER G 142 15.35 -33.54 -30.25
C SER G 142 16.05 -34.67 -31.01
N GLY G 143 17.26 -34.42 -31.51
CA GLY G 143 17.92 -35.41 -32.35
C GLY G 143 17.20 -35.62 -33.65
N ARG G 144 16.73 -34.53 -34.27
CA ARG G 144 15.83 -34.61 -35.41
C ARG G 144 16.21 -33.55 -36.42
N THR G 145 15.82 -33.78 -37.68
CA THR G 145 16.09 -32.81 -38.74
C THR G 145 14.83 -32.46 -39.54
N THR G 146 13.66 -32.95 -39.13
CA THR G 146 12.41 -32.64 -39.82
C THR G 146 11.29 -32.51 -38.80
N GLY G 147 10.57 -31.40 -38.85
CA GLY G 147 9.37 -31.27 -38.04
C GLY G 147 9.20 -29.85 -37.55
N ILE G 148 7.94 -29.53 -37.26
CA ILE G 148 7.62 -28.26 -36.61
C ILE G 148 8.24 -28.25 -35.22
N VAL G 149 8.95 -27.18 -34.89
CA VAL G 149 9.47 -26.98 -33.55
C VAL G 149 8.83 -25.74 -32.93
N LEU G 150 8.15 -25.95 -31.81
CA LEU G 150 7.42 -24.89 -31.12
C LEU G 150 8.14 -24.56 -29.83
N ASP G 151 8.70 -23.36 -29.75
CA ASP G 151 9.42 -22.90 -28.57
C ASP G 151 8.64 -21.77 -27.92
N SER G 152 8.31 -21.94 -26.63
CA SER G 152 7.59 -20.92 -25.88
C SER G 152 8.31 -20.77 -24.54
N GLY G 153 9.23 -19.82 -24.48
CA GLY G 153 9.92 -19.52 -23.24
C GLY G 153 9.14 -18.58 -22.36
N ASP G 154 9.84 -17.80 -21.55
CA ASP G 154 9.21 -16.77 -20.74
C ASP G 154 8.86 -15.52 -21.54
N GLY G 155 9.51 -15.30 -22.67
CA GLY G 155 9.33 -14.07 -23.43
C GLY G 155 8.36 -14.15 -24.58
N VAL G 156 8.54 -15.12 -25.49
CA VAL G 156 7.72 -15.25 -26.69
C VAL G 156 7.44 -16.72 -26.96
N THR G 157 6.44 -16.96 -27.79
CA THR G 157 6.29 -18.23 -28.49
C THR G 157 6.59 -18.04 -29.96
N HIS G 158 7.24 -19.03 -30.55
CA HIS G 158 7.52 -19.00 -31.98
C HIS G 158 7.65 -20.43 -32.46
N ASN G 159 7.17 -20.67 -33.67
CA ASN G 159 7.28 -21.97 -34.31
C ASN G 159 7.97 -21.81 -35.66
N VAL G 160 8.89 -22.73 -35.94
CA VAL G 160 9.70 -22.65 -37.14
C VAL G 160 9.65 -24.01 -37.86
N PRO G 161 9.07 -24.08 -39.04
CA PRO G 161 9.01 -25.36 -39.77
C PRO G 161 10.35 -25.68 -40.40
N ILE G 162 10.86 -26.88 -40.12
CA ILE G 162 12.12 -27.37 -40.67
C ILE G 162 11.83 -28.68 -41.38
N TYR G 163 12.47 -28.90 -42.52
CA TYR G 163 12.30 -30.14 -43.25
C TYR G 163 13.62 -30.55 -43.90
N GLU G 164 14.17 -31.68 -43.47
CA GLU G 164 15.39 -32.26 -44.01
C GLU G 164 16.51 -31.23 -44.07
N GLY G 165 16.65 -30.43 -43.02
CA GLY G 165 17.72 -29.46 -42.93
C GLY G 165 17.41 -28.08 -43.45
N TYR G 166 16.28 -27.88 -44.13
CA TYR G 166 15.94 -26.60 -44.72
C TYR G 166 14.85 -25.92 -43.92
N ALA G 167 15.08 -24.66 -43.57
CA ALA G 167 14.09 -23.86 -42.86
C ALA G 167 13.12 -23.22 -43.83
N LEU G 168 11.92 -22.93 -43.33
CA LEU G 168 10.91 -22.25 -44.15
C LEU G 168 10.63 -20.89 -43.52
N PRO G 169 11.45 -19.88 -43.82
CA PRO G 169 11.30 -18.58 -43.12
C PRO G 169 9.97 -17.91 -43.33
N HIS G 170 9.33 -18.10 -44.49
CA HIS G 170 8.06 -17.43 -44.76
C HIS G 170 6.93 -17.99 -43.90
N ALA G 171 7.10 -19.16 -43.30
CA ALA G 171 6.07 -19.78 -42.49
C ALA G 171 6.28 -19.58 -40.99
N ILE G 172 7.30 -18.81 -40.60
CA ILE G 172 7.56 -18.59 -39.18
C ILE G 172 6.45 -17.72 -38.58
N MET G 173 5.99 -18.11 -37.40
CA MET G 173 4.98 -17.36 -36.66
C MET G 173 5.54 -16.96 -35.31
N ARG G 174 5.05 -15.84 -34.77
CA ARG G 174 5.59 -15.27 -33.55
C ARG G 174 4.47 -14.66 -32.73
N LEU G 175 4.49 -14.92 -31.42
CA LEU G 175 3.55 -14.35 -30.47
C LEU G 175 4.30 -13.89 -29.22
N ASP G 176 3.87 -12.77 -28.66
CA ASP G 176 4.47 -12.28 -27.43
C ASP G 176 3.77 -12.82 -26.18
N LEU G 177 2.76 -13.67 -26.34
CA LEU G 177 2.09 -14.33 -25.23
C LEU G 177 3.00 -15.41 -24.66
N ALA G 178 3.53 -15.21 -23.46
CA ALA G 178 4.48 -16.18 -22.93
C ALA G 178 4.52 -16.08 -21.41
N GLY G 179 5.57 -16.64 -20.80
CA GLY G 179 5.56 -16.89 -19.37
C GLY G 179 5.36 -15.65 -18.52
N ARG G 180 6.14 -14.59 -18.79
CA ARG G 180 6.02 -13.37 -18.00
C ARG G 180 4.63 -12.77 -18.13
N ASP G 181 4.16 -12.62 -19.38
CA ASP G 181 2.83 -12.08 -19.61
C ASP G 181 1.76 -12.99 -19.02
N LEU G 182 2.05 -14.30 -18.95
CA LEU G 182 1.11 -15.24 -18.37
C LEU G 182 1.07 -15.15 -16.85
N THR G 183 2.17 -14.78 -16.22
CA THR G 183 2.16 -14.54 -14.78
C THR G 183 1.30 -13.33 -14.44
N ASP G 184 1.32 -12.31 -15.30
CA ASP G 184 0.52 -11.11 -15.05
C ASP G 184 -0.97 -11.42 -15.06
N TYR G 185 -1.41 -12.29 -15.96
CA TYR G 185 -2.82 -12.67 -15.97
C TYR G 185 -3.21 -13.39 -14.69
N LEU G 186 -2.32 -14.25 -14.17
CA LEU G 186 -2.59 -14.89 -12.89
C LEU G 186 -2.65 -13.85 -11.77
N MET G 187 -1.79 -12.85 -11.83
CA MET G 187 -1.86 -11.76 -10.85
C MET G 187 -3.22 -11.07 -10.90
N LYS G 188 -3.77 -10.90 -12.11
CA LYS G 188 -5.08 -10.28 -12.24
C LYS G 188 -6.19 -11.16 -11.68
N ILE G 189 -6.21 -12.44 -12.10
CA ILE G 189 -7.33 -13.30 -11.73
C ILE G 189 -7.28 -13.75 -10.27
N LEU G 190 -6.12 -13.64 -9.61
CA LEU G 190 -6.07 -13.97 -8.19
C LEU G 190 -6.87 -12.97 -7.36
N THR G 191 -7.06 -11.75 -7.86
CA THR G 191 -7.87 -10.77 -7.15
C THR G 191 -9.34 -11.16 -7.12
N GLU G 192 -9.76 -12.11 -7.97
CA GLU G 192 -11.14 -12.60 -7.90
C GLU G 192 -11.42 -13.22 -6.55
N ARG G 193 -10.41 -13.81 -5.91
CA ARG G 193 -10.52 -14.53 -4.65
C ARG G 193 -9.98 -13.73 -3.46
N GLY G 194 -9.67 -12.45 -3.68
CA GLY G 194 -9.22 -11.52 -2.64
C GLY G 194 -7.72 -11.27 -2.58
N TYR G 195 -6.90 -12.18 -3.07
CA TYR G 195 -5.44 -12.03 -3.05
C TYR G 195 -4.98 -10.90 -3.97
N SER G 196 -4.03 -10.09 -3.55
CA SER G 196 -3.72 -8.78 -4.14
C SER G 196 -2.22 -8.56 -4.28
N PHE G 197 -1.53 -9.50 -4.92
CA PHE G 197 -0.12 -9.32 -5.23
C PHE G 197 0.06 -8.18 -6.24
N VAL G 198 0.83 -7.16 -5.87
CA VAL G 198 0.97 -5.98 -6.72
C VAL G 198 2.43 -5.66 -7.01
N THR G 199 3.33 -6.02 -6.10
CA THR G 199 4.71 -5.59 -6.24
C THR G 199 5.50 -6.55 -7.12
N THR G 200 6.66 -6.08 -7.59
CA THR G 200 7.52 -6.90 -8.42
C THR G 200 8.13 -8.07 -7.65
N ALA G 201 8.22 -7.96 -6.32
CA ALA G 201 8.65 -9.10 -5.52
C ALA G 201 7.55 -10.16 -5.46
N GLU G 202 6.31 -9.73 -5.31
CA GLU G 202 5.19 -10.67 -5.31
C GLU G 202 4.94 -11.25 -6.69
N ARG G 203 5.46 -10.60 -7.73
CA ARG G 203 5.44 -11.20 -9.06
C ARG G 203 6.13 -12.56 -9.06
N GLU G 204 7.24 -12.68 -8.35
CA GLU G 204 7.95 -13.95 -8.28
C GLU G 204 7.16 -14.99 -7.51
N ILE G 205 6.43 -14.57 -6.45
CA ILE G 205 5.57 -15.50 -5.72
C ILE G 205 4.46 -16.01 -6.63
N VAL G 206 3.87 -15.12 -7.42
CA VAL G 206 2.83 -15.55 -8.37
C VAL G 206 3.42 -16.49 -9.41
N ARG G 207 4.65 -16.22 -9.86
CA ARG G 207 5.31 -17.14 -10.79
C ARG G 207 5.49 -18.52 -10.16
N ASP G 208 5.91 -18.57 -8.89
CA ASP G 208 6.06 -19.84 -8.21
C ASP G 208 4.73 -20.57 -8.09
N ILE G 209 3.67 -19.84 -7.75
CA ILE G 209 2.35 -20.45 -7.66
C ILE G 209 1.93 -21.03 -9.00
N LYS G 210 2.16 -20.27 -10.07
CA LYS G 210 1.85 -20.75 -11.42
C LYS G 210 2.63 -22.02 -11.74
N GLU G 211 3.93 -22.02 -11.48
CA GLU G 211 4.75 -23.16 -11.85
C GLU G 211 4.38 -24.40 -11.06
N LYS G 212 4.03 -24.24 -9.79
CA LYS G 212 3.80 -25.42 -8.95
C LYS G 212 2.35 -25.90 -8.94
N LEU G 213 1.38 -25.07 -9.35
CA LEU G 213 -0.01 -25.46 -9.27
C LEU G 213 -0.76 -25.48 -10.60
N CYS G 214 -0.36 -24.66 -11.57
CA CYS G 214 -1.15 -24.53 -12.78
C CYS G 214 -1.04 -25.77 -13.66
N TYR G 215 -2.08 -25.98 -14.47
CA TYR G 215 -2.15 -27.12 -15.38
C TYR G 215 -3.17 -26.80 -16.46
N VAL G 216 -3.25 -27.68 -17.46
CA VAL G 216 -4.07 -27.44 -18.64
C VAL G 216 -5.14 -28.52 -18.70
N ALA G 217 -6.10 -28.41 -19.61
CA ALA G 217 -7.29 -29.23 -19.58
C ALA G 217 -7.33 -30.09 -20.83
N LEU G 218 -8.27 -31.03 -20.85
CA LEU G 218 -8.69 -31.66 -22.09
C LEU G 218 -9.86 -30.94 -22.72
N ASP G 219 -10.70 -30.32 -21.90
CA ASP G 219 -11.77 -29.45 -22.37
C ASP G 219 -11.97 -28.37 -21.32
N PHE G 220 -11.69 -27.11 -21.68
CA PHE G 220 -11.77 -26.02 -20.73
C PHE G 220 -13.18 -25.89 -20.15
N GLU G 221 -14.19 -26.12 -20.99
CA GLU G 221 -15.57 -26.04 -20.52
C GLU G 221 -15.87 -27.09 -19.46
N ASN G 222 -15.36 -28.30 -19.63
CA ASN G 222 -15.59 -29.35 -18.64
C ASN G 222 -14.94 -29.02 -17.30
N GLU G 223 -13.71 -28.49 -17.33
CA GLU G 223 -13.06 -28.10 -16.10
C GLU G 223 -13.78 -26.94 -15.43
N MET G 224 -14.31 -26.01 -16.22
CA MET G 224 -15.15 -24.95 -15.64
C MET G 224 -16.41 -25.55 -15.02
N ALA G 225 -16.97 -26.58 -15.65
CA ALA G 225 -18.16 -27.23 -15.12
C ALA G 225 -17.87 -27.92 -13.80
N THR G 226 -16.70 -28.55 -13.68
CA THR G 226 -16.35 -29.24 -12.44
C THR G 226 -16.10 -28.29 -11.28
N ALA G 227 -16.03 -26.98 -11.54
CA ALA G 227 -15.97 -26.01 -10.45
C ALA G 227 -17.27 -25.99 -9.63
N ALA G 228 -18.36 -26.53 -10.18
CA ALA G 228 -19.58 -26.69 -9.39
C ALA G 228 -19.35 -27.63 -8.21
N SER G 229 -18.64 -28.74 -8.44
CA SER G 229 -18.13 -29.58 -7.36
C SER G 229 -16.81 -28.96 -6.86
N SER G 230 -16.97 -27.88 -6.09
CA SER G 230 -15.85 -27.00 -5.78
C SER G 230 -14.99 -27.50 -4.62
N SER G 231 -14.58 -28.77 -4.67
CA SER G 231 -13.64 -29.28 -3.68
C SER G 231 -12.46 -29.98 -4.36
N SER G 232 -12.73 -30.67 -5.46
CA SER G 232 -11.71 -31.51 -6.08
C SER G 232 -10.64 -30.69 -6.79
N LEU G 233 -11.02 -29.56 -7.39
CA LEU G 233 -10.07 -28.79 -8.19
C LEU G 233 -9.09 -28.00 -7.34
N GLU G 234 -9.49 -27.60 -6.13
CA GLU G 234 -8.74 -26.61 -5.37
C GLU G 234 -7.46 -27.20 -4.78
N LYS G 235 -6.41 -26.40 -4.79
CA LYS G 235 -5.12 -26.75 -4.21
C LYS G 235 -4.63 -25.61 -3.33
N SER G 236 -3.88 -25.95 -2.29
CA SER G 236 -3.37 -24.96 -1.35
C SER G 236 -1.92 -24.61 -1.68
N TYR G 237 -1.49 -23.45 -1.17
CA TYR G 237 -0.13 -22.95 -1.35
C TYR G 237 0.24 -22.12 -0.13
N GLU G 238 1.50 -22.19 0.27
CA GLU G 238 1.97 -21.47 1.44
C GLU G 238 2.95 -20.38 1.02
N LEU G 239 2.64 -19.14 1.38
CA LEU G 239 3.50 -18.01 1.08
C LEU G 239 4.73 -18.03 1.99
N PRO G 240 5.78 -17.28 1.62
CA PRO G 240 6.93 -17.17 2.53
C PRO G 240 6.58 -16.54 3.87
N ASP G 241 5.53 -15.73 3.94
CA ASP G 241 5.06 -15.16 5.19
C ASP G 241 4.37 -16.22 6.05
N GLY G 242 3.95 -17.34 5.47
CA GLY G 242 3.19 -18.34 6.17
C GLY G 242 1.70 -18.33 5.90
N GLN G 243 1.18 -17.30 5.23
CA GLN G 243 -0.23 -17.30 4.82
C GLN G 243 -0.47 -18.41 3.80
N VAL G 244 -1.67 -18.98 3.84
CA VAL G 244 -2.02 -20.11 2.98
C VAL G 244 -3.09 -19.68 2.00
N ILE G 245 -2.78 -19.75 0.72
CA ILE G 245 -3.70 -19.49 -0.38
C ILE G 245 -4.36 -20.78 -0.80
N THR G 246 -5.60 -20.67 -1.30
CA THR G 246 -6.27 -21.76 -1.98
C THR G 246 -6.83 -21.24 -3.29
N ILE G 247 -6.56 -21.95 -4.38
CA ILE G 247 -7.00 -21.52 -5.70
C ILE G 247 -7.73 -22.67 -6.39
N GLY G 248 -8.78 -22.31 -7.13
CA GLY G 248 -9.58 -23.28 -7.85
C GLY G 248 -9.46 -23.15 -9.35
N ASN G 249 -10.43 -22.50 -9.97
CA ASN G 249 -10.46 -22.29 -11.41
C ASN G 249 -9.17 -21.64 -11.92
N GLU G 250 -8.63 -20.73 -11.11
CA GLU G 250 -7.52 -19.89 -11.57
C GLU G 250 -6.32 -20.71 -12.04
N ARG G 251 -6.15 -21.91 -11.49
CA ARG G 251 -4.96 -22.69 -11.82
C ARG G 251 -4.98 -23.22 -13.24
N PHE G 252 -6.14 -23.40 -13.86
CA PHE G 252 -6.19 -23.75 -15.27
C PHE G 252 -6.72 -22.63 -16.15
N ARG G 253 -7.33 -21.60 -15.57
CA ARG G 253 -7.70 -20.41 -16.33
C ARG G 253 -6.46 -19.72 -16.90
N CYS G 254 -5.39 -19.64 -16.10
CA CYS G 254 -4.18 -18.95 -16.57
C CYS G 254 -3.53 -19.67 -17.75
N PRO G 255 -3.23 -20.96 -17.69
CA PRO G 255 -2.64 -21.62 -18.87
C PRO G 255 -3.56 -21.61 -20.08
N GLU G 256 -4.88 -21.60 -19.87
CA GLU G 256 -5.81 -21.68 -20.98
C GLU G 256 -5.72 -20.47 -21.90
N THR G 257 -5.27 -19.32 -21.40
CA THR G 257 -5.14 -18.15 -22.25
C THR G 257 -4.10 -18.36 -23.34
N LEU G 258 -3.20 -19.32 -23.16
CA LEU G 258 -2.31 -19.68 -24.26
C LEU G 258 -3.10 -20.14 -25.46
N PHE G 259 -4.16 -20.91 -25.25
CA PHE G 259 -5.02 -21.37 -26.34
C PHE G 259 -6.12 -20.40 -26.69
N GLN G 260 -6.44 -19.46 -25.78
CA GLN G 260 -7.41 -18.40 -26.06
C GLN G 260 -6.83 -17.06 -25.64
N PRO G 261 -6.06 -16.42 -26.52
CA PRO G 261 -5.48 -15.12 -26.17
C PRO G 261 -6.49 -14.03 -25.91
N SER G 262 -7.77 -14.25 -26.26
CA SER G 262 -8.80 -13.25 -26.00
C SER G 262 -8.93 -12.91 -24.53
N PHE G 263 -8.49 -13.82 -23.64
CA PHE G 263 -8.58 -13.57 -22.21
C PHE G 263 -7.81 -12.34 -21.79
N ILE G 264 -6.69 -12.04 -22.46
CA ILE G 264 -5.87 -10.90 -22.09
C ILE G 264 -5.95 -9.87 -23.20
N GLY G 265 -7.03 -9.93 -23.98
CA GLY G 265 -7.32 -8.91 -24.96
C GLY G 265 -6.61 -9.04 -26.29
N MET G 266 -5.75 -10.05 -26.46
CA MET G 266 -5.08 -10.23 -27.73
C MET G 266 -6.03 -10.79 -28.77
N GLU G 267 -5.88 -10.35 -30.02
CA GLU G 267 -6.75 -10.80 -31.10
C GLU G 267 -6.29 -12.11 -31.71
N SER G 268 -4.98 -12.35 -31.75
CA SER G 268 -4.42 -13.47 -32.50
C SER G 268 -4.86 -14.81 -31.90
N ALA G 269 -4.67 -15.86 -32.69
CA ALA G 269 -5.07 -17.20 -32.30
C ALA G 269 -4.14 -17.71 -31.21
N GLY G 270 -4.48 -18.88 -30.66
CA GLY G 270 -3.77 -19.41 -29.51
C GLY G 270 -2.44 -20.04 -29.84
N ILE G 271 -1.91 -20.78 -28.87
CA ILE G 271 -0.68 -21.54 -29.09
C ILE G 271 -0.93 -22.61 -30.14
N HIS G 272 -2.14 -23.17 -30.13
CA HIS G 272 -2.67 -23.92 -31.25
C HIS G 272 -3.24 -22.96 -32.28
N GLU G 273 -3.43 -23.46 -33.51
CA GLU G 273 -4.01 -22.72 -34.63
C GLU G 273 -3.01 -21.69 -35.16
N THR G 274 -1.89 -21.53 -34.47
CA THR G 274 -0.76 -20.84 -35.08
C THR G 274 0.28 -21.83 -35.58
N THR G 275 0.48 -22.93 -34.84
CA THR G 275 1.24 -24.05 -35.38
C THR G 275 0.55 -24.62 -36.61
N TYR G 276 -0.77 -24.76 -36.54
CA TYR G 276 -1.51 -25.26 -37.69
C TYR G 276 -1.41 -24.32 -38.88
N ASN G 277 -1.47 -23.01 -38.63
CA ASN G 277 -1.33 -22.05 -39.71
C ASN G 277 0.08 -22.09 -40.30
N SER G 278 1.10 -22.22 -39.45
CA SER G 278 2.46 -22.31 -39.95
C SER G 278 2.65 -23.56 -40.79
N ILE G 279 2.01 -24.66 -40.41
CA ILE G 279 2.07 -25.88 -41.21
C ILE G 279 1.43 -25.66 -42.57
N MET G 280 0.28 -24.98 -42.60
CA MET G 280 -0.41 -24.77 -43.87
C MET G 280 0.29 -23.76 -44.77
N LYS G 281 1.16 -22.91 -44.23
CA LYS G 281 1.99 -22.07 -45.08
C LYS G 281 3.11 -22.84 -45.74
N CYS G 282 3.44 -24.03 -45.23
CA CYS G 282 4.49 -24.84 -45.80
C CYS G 282 4.02 -25.50 -47.11
N ASP G 283 4.97 -26.06 -47.83
CA ASP G 283 4.66 -26.73 -49.09
C ASP G 283 3.75 -27.93 -48.84
N ILE G 284 3.01 -28.32 -49.88
CA ILE G 284 1.95 -29.31 -49.71
C ILE G 284 2.51 -30.66 -49.28
N ASP G 285 3.63 -31.08 -49.88
CA ASP G 285 4.23 -32.36 -49.50
C ASP G 285 4.89 -32.30 -48.14
N ILE G 286 5.18 -31.09 -47.64
CA ILE G 286 5.93 -30.93 -46.41
C ILE G 286 5.12 -31.36 -45.20
N ARG G 287 3.79 -31.22 -45.27
CA ARG G 287 2.95 -31.24 -44.08
C ARG G 287 2.87 -32.63 -43.44
N LYS G 288 2.96 -33.69 -44.23
CA LYS G 288 2.87 -35.04 -43.67
C LYS G 288 3.90 -35.26 -42.56
N ASP G 289 5.14 -34.85 -42.80
CA ASP G 289 6.18 -35.02 -41.80
C ASP G 289 6.11 -34.01 -40.68
N LEU G 290 5.46 -32.86 -40.89
CA LEU G 290 5.36 -31.87 -39.82
C LEU G 290 4.39 -32.30 -38.73
N TYR G 291 3.24 -32.84 -39.13
CA TYR G 291 2.28 -33.30 -38.13
C TYR G 291 2.85 -34.41 -37.26
N ALA G 292 3.73 -35.23 -37.83
CA ALA G 292 4.29 -36.36 -37.09
C ALA G 292 5.51 -36.00 -36.25
N ASN G 293 6.02 -34.76 -36.37
CA ASN G 293 7.23 -34.36 -35.66
C ASN G 293 7.04 -32.98 -35.04
N ASN G 294 5.94 -32.79 -34.31
CA ASN G 294 5.62 -31.52 -33.67
C ASN G 294 6.36 -31.44 -32.32
N VAL G 295 7.61 -31.01 -32.38
CA VAL G 295 8.43 -30.90 -31.19
C VAL G 295 8.03 -29.67 -30.39
N MET G 296 8.12 -29.76 -29.06
CA MET G 296 7.92 -28.63 -28.18
C MET G 296 9.20 -28.32 -27.42
N SER G 297 9.30 -27.07 -26.97
CA SER G 297 10.40 -26.64 -26.12
C SER G 297 9.95 -25.40 -25.36
N GLY G 298 10.75 -24.99 -24.38
CA GLY G 298 10.41 -23.82 -23.61
C GLY G 298 9.74 -24.12 -22.29
N GLY G 299 9.78 -23.17 -21.37
CA GLY G 299 9.26 -23.39 -20.03
C GLY G 299 7.75 -23.43 -19.93
N THR G 300 7.05 -22.76 -20.84
CA THR G 300 5.59 -22.73 -20.75
C THR G 300 4.93 -23.86 -21.51
N THR G 301 5.69 -24.77 -22.09
CA THR G 301 5.14 -26.04 -22.54
C THR G 301 5.19 -27.10 -21.45
N MET G 302 5.54 -26.71 -20.23
CA MET G 302 5.73 -27.65 -19.13
C MET G 302 4.47 -27.88 -18.31
N TYR G 303 3.42 -27.08 -18.51
CA TYR G 303 2.18 -27.30 -17.77
C TYR G 303 1.65 -28.69 -18.07
N PRO G 304 1.27 -29.46 -17.05
CA PRO G 304 0.69 -30.79 -17.29
C PRO G 304 -0.54 -30.71 -18.19
N GLY G 305 -0.62 -31.62 -19.15
CA GLY G 305 -1.73 -31.65 -20.07
C GLY G 305 -1.57 -30.78 -21.30
N ILE G 306 -0.44 -30.09 -21.46
CA ILE G 306 -0.21 -29.30 -22.67
C ILE G 306 -0.21 -30.20 -23.90
N ALA G 307 0.49 -31.33 -23.81
CA ALA G 307 0.57 -32.24 -24.95
C ALA G 307 -0.81 -32.74 -25.35
N ASP G 308 -1.63 -33.16 -24.38
CA ASP G 308 -2.96 -33.67 -24.68
C ASP G 308 -3.85 -32.60 -25.30
N ARG G 309 -3.86 -31.41 -24.68
CA ARG G 309 -4.69 -30.32 -25.19
C ARG G 309 -4.31 -29.95 -26.62
N MET G 310 -3.01 -29.76 -26.87
CA MET G 310 -2.60 -29.34 -28.20
C MET G 310 -2.78 -30.46 -29.21
N GLN G 311 -2.57 -31.71 -28.81
CA GLN G 311 -2.84 -32.81 -29.72
C GLN G 311 -4.31 -32.86 -30.11
N LYS G 312 -5.20 -32.69 -29.14
CA LYS G 312 -6.63 -32.68 -29.44
C LYS G 312 -6.98 -31.54 -30.39
N GLU G 313 -6.46 -30.34 -30.13
CA GLU G 313 -6.78 -29.21 -30.99
C GLU G 313 -6.23 -29.39 -32.40
N ILE G 314 -4.99 -29.86 -32.53
CA ILE G 314 -4.39 -30.01 -33.86
C ILE G 314 -5.07 -31.13 -34.63
N THR G 315 -5.46 -32.22 -33.95
CA THR G 315 -6.23 -33.25 -34.64
C THR G 315 -7.60 -32.74 -35.05
N ALA G 316 -8.19 -31.84 -34.26
CA ALA G 316 -9.47 -31.25 -34.65
C ALA G 316 -9.30 -30.38 -35.89
N LEU G 317 -8.20 -29.63 -35.99
CA LEU G 317 -8.00 -28.74 -37.14
C LEU G 317 -7.53 -29.52 -38.37
N ALA G 318 -6.48 -30.32 -38.21
CA ALA G 318 -5.87 -31.03 -39.32
C ALA G 318 -6.79 -32.13 -39.84
N PRO G 319 -6.56 -32.62 -41.07
CA PRO G 319 -7.42 -33.68 -41.61
C PRO G 319 -7.40 -34.92 -40.75
N SER G 320 -8.55 -35.60 -40.70
CA SER G 320 -8.70 -36.77 -39.83
C SER G 320 -7.78 -37.91 -40.25
N THR G 321 -7.47 -38.01 -41.54
CA THR G 321 -6.69 -39.13 -42.06
C THR G 321 -5.21 -39.05 -41.70
N MET G 322 -4.76 -37.95 -41.09
CA MET G 322 -3.35 -37.70 -40.84
C MET G 322 -3.02 -37.99 -39.38
N LYS G 323 -2.03 -38.86 -39.17
CA LYS G 323 -1.59 -39.17 -37.82
C LYS G 323 -0.76 -38.02 -37.26
N ILE G 324 -1.12 -37.56 -36.06
CA ILE G 324 -0.48 -36.40 -35.44
C ILE G 324 0.22 -36.87 -34.17
N LYS G 325 1.50 -36.52 -34.05
CA LYS G 325 2.34 -37.03 -32.96
C LYS G 325 3.17 -35.87 -32.41
N ILE G 326 2.76 -35.34 -31.26
CA ILE G 326 3.51 -34.28 -30.60
C ILE G 326 4.65 -34.88 -29.81
N ILE G 327 5.85 -34.32 -29.97
CA ILE G 327 7.05 -34.79 -29.30
C ILE G 327 7.31 -33.89 -28.09
N ALA G 328 7.29 -34.47 -26.91
CA ALA G 328 7.46 -33.72 -25.66
C ALA G 328 8.43 -34.45 -24.74
N PRO G 329 9.73 -34.27 -24.93
CA PRO G 329 10.72 -34.86 -24.02
C PRO G 329 10.63 -34.21 -22.65
N PRO G 330 11.12 -34.87 -21.60
CA PRO G 330 11.04 -34.28 -20.26
C PRO G 330 11.91 -33.05 -20.06
N GLU G 331 12.91 -32.82 -20.91
CA GLU G 331 13.87 -31.74 -20.73
C GLU G 331 13.54 -30.50 -21.57
N ARG G 332 12.25 -30.20 -21.78
CA ARG G 332 11.87 -29.06 -22.60
C ARG G 332 12.47 -27.76 -22.10
N LYS G 333 12.62 -27.61 -20.79
CA LYS G 333 13.11 -26.35 -20.24
C LYS G 333 14.52 -26.03 -20.71
N TYR G 334 15.39 -27.04 -20.75
CA TYR G 334 16.78 -26.85 -21.14
C TYR G 334 17.08 -27.27 -22.56
N SER G 335 16.07 -27.67 -23.35
CA SER G 335 16.28 -28.21 -24.69
C SER G 335 16.94 -27.22 -25.65
N VAL G 336 16.65 -25.92 -25.57
CA VAL G 336 17.37 -24.90 -26.35
C VAL G 336 18.86 -24.92 -26.02
N TRP G 337 19.20 -24.94 -24.74
CA TRP G 337 20.61 -24.94 -24.34
C TRP G 337 21.31 -26.24 -24.74
N ILE G 338 20.66 -27.39 -24.56
CA ILE G 338 21.20 -28.69 -24.98
C ILE G 338 21.42 -28.71 -26.48
N GLY G 339 20.50 -28.12 -27.25
CA GLY G 339 20.67 -27.97 -28.68
C GLY G 339 21.92 -27.19 -29.03
N GLY G 340 22.16 -26.08 -28.34
CA GLY G 340 23.39 -25.33 -28.49
C GLY G 340 24.64 -26.13 -28.10
N SER G 341 24.59 -26.92 -27.01
CA SER G 341 25.76 -27.68 -26.55
C SER G 341 26.10 -28.86 -27.46
N ILE G 342 25.13 -29.38 -28.23
CA ILE G 342 25.36 -30.23 -29.39
C ILE G 342 25.99 -29.42 -30.53
N LEU G 343 25.33 -28.35 -30.98
CA LEU G 343 25.70 -27.64 -32.20
C LEU G 343 27.13 -27.09 -32.10
N ALA G 344 27.47 -26.42 -31.01
CA ALA G 344 28.81 -25.88 -30.77
C ALA G 344 29.92 -26.95 -30.68
N SER G 345 29.56 -28.22 -30.50
CA SER G 345 30.51 -29.34 -30.48
C SER G 345 30.80 -29.90 -31.88
N LEU G 346 29.95 -29.66 -32.89
CA LEU G 346 30.10 -30.27 -34.21
C LEU G 346 31.39 -29.82 -34.92
N SER G 347 32.18 -30.77 -35.44
CA SER G 347 33.43 -30.45 -36.16
C SER G 347 33.18 -29.63 -37.43
N THR G 348 32.10 -29.92 -38.14
CA THR G 348 31.62 -29.13 -39.29
C THR G 348 31.21 -27.70 -38.91
N PHE G 349 30.67 -27.46 -37.72
CA PHE G 349 30.24 -26.12 -37.31
C PHE G 349 31.39 -25.15 -37.06
N GLN G 350 32.63 -25.63 -36.87
CA GLN G 350 33.75 -24.76 -36.56
C GLN G 350 34.02 -23.68 -37.63
N GLN G 351 33.52 -23.82 -38.86
CA GLN G 351 33.70 -22.81 -39.89
C GLN G 351 32.68 -21.69 -39.80
N MET G 352 31.64 -21.84 -38.99
CA MET G 352 30.56 -20.87 -38.95
C MET G 352 30.79 -19.76 -37.93
N TRP G 353 31.76 -19.92 -37.03
CA TRP G 353 32.05 -18.95 -35.99
C TRP G 353 32.44 -17.58 -36.57
N ILE G 354 31.84 -16.49 -36.08
CA ILE G 354 32.25 -15.14 -36.41
C ILE G 354 33.50 -14.82 -35.59
N THR G 355 34.66 -14.85 -36.22
CA THR G 355 35.90 -14.65 -35.50
C THR G 355 36.10 -13.18 -35.14
N LYS G 356 37.08 -12.93 -34.28
CA LYS G 356 37.42 -11.56 -33.91
C LYS G 356 37.80 -10.72 -35.12
N GLN G 357 38.62 -11.30 -36.01
CA GLN G 357 39.02 -10.55 -37.20
C GLN G 357 37.85 -10.34 -38.15
N GLU G 358 36.97 -11.34 -38.26
CA GLU G 358 35.79 -11.18 -39.11
C GLU G 358 34.86 -10.09 -38.57
N TYR G 359 34.86 -9.82 -37.27
CA TYR G 359 34.16 -8.67 -36.73
C TYR G 359 34.94 -7.38 -37.02
N ASP G 360 36.20 -7.29 -36.59
CA ASP G 360 36.91 -6.01 -36.61
C ASP G 360 37.24 -5.51 -38.03
N GLU G 361 37.19 -6.36 -39.04
CA GLU G 361 37.30 -5.99 -40.45
C GLU G 361 36.00 -5.45 -41.08
N ALA G 362 34.82 -5.67 -40.46
CA ALA G 362 33.52 -5.38 -41.08
C ALA G 362 32.44 -4.80 -40.13
N GLY G 363 32.77 -4.61 -38.85
CA GLY G 363 31.87 -4.08 -37.83
C GLY G 363 30.74 -5.03 -37.43
N PRO G 364 29.81 -4.56 -36.58
CA PRO G 364 28.69 -5.38 -36.10
C PRO G 364 27.74 -5.86 -37.20
N SER G 365 27.85 -5.40 -38.45
CA SER G 365 26.96 -5.81 -39.53
C SER G 365 27.21 -7.24 -39.98
N ILE G 366 28.31 -7.85 -39.51
CA ILE G 366 28.72 -9.16 -39.99
C ILE G 366 27.66 -10.22 -39.71
N VAL G 367 26.84 -10.04 -38.66
CA VAL G 367 25.94 -11.10 -38.22
C VAL G 367 24.91 -11.43 -39.30
N HIS G 368 24.43 -10.42 -40.03
CA HIS G 368 23.40 -10.67 -41.02
C HIS G 368 23.89 -11.45 -42.22
N ARG G 369 25.21 -11.53 -42.40
CA ARG G 369 25.79 -12.33 -43.48
C ARG G 369 26.13 -13.74 -43.02
N LYS G 370 26.64 -13.88 -41.80
CA LYS G 370 27.07 -15.19 -41.32
C LYS G 370 25.91 -16.01 -40.78
N CYS G 371 25.11 -15.41 -39.89
CA CYS G 371 24.06 -16.15 -39.21
C CYS G 371 22.76 -16.15 -40.01
N PHE G 372 21.89 -17.08 -39.66
CA PHE G 372 20.53 -17.13 -40.21
C PHE G 372 19.66 -16.11 -39.48
N GLU H 1 -35.78 0.15 -66.81
CA GLU H 1 -34.35 0.11 -66.57
C GLU H 1 -33.70 1.43 -66.98
N THR H 2 -33.70 2.40 -66.04
CA THR H 2 -33.23 3.74 -66.38
C THR H 2 -31.71 3.81 -66.40
N THR H 3 -31.04 3.25 -65.41
CA THR H 3 -29.59 3.44 -65.27
C THR H 3 -28.97 2.14 -64.75
N ALA H 4 -27.90 1.69 -65.37
CA ALA H 4 -27.15 0.55 -64.86
C ALA H 4 -26.26 0.96 -63.69
N LEU H 5 -25.95 0.00 -62.81
CA LEU H 5 -24.93 0.08 -61.78
C LEU H 5 -23.72 -0.76 -62.21
N VAL H 6 -22.54 -0.40 -61.73
CA VAL H 6 -21.30 -1.14 -61.98
C VAL H 6 -20.56 -1.28 -60.66
N CYS H 7 -20.03 -2.47 -60.35
CA CYS H 7 -19.37 -2.75 -59.09
C CYS H 7 -18.12 -3.57 -59.36
N ASP H 8 -17.00 -3.13 -58.78
CA ASP H 8 -15.76 -3.90 -58.77
C ASP H 8 -15.51 -4.34 -57.34
N ASN H 9 -16.09 -5.49 -56.99
CA ASN H 9 -15.97 -6.01 -55.63
C ASN H 9 -14.65 -6.74 -55.45
N GLY H 10 -13.55 -6.04 -55.69
CA GLY H 10 -12.24 -6.61 -55.46
C GLY H 10 -11.95 -6.75 -53.98
N SER H 11 -10.78 -7.29 -53.75
CA SER H 11 -10.26 -7.66 -52.46
C SER H 11 -9.98 -6.48 -51.55
N GLY H 12 -9.85 -5.27 -52.07
CA GLY H 12 -9.53 -4.09 -51.27
C GLY H 12 -10.70 -3.14 -51.14
N LEU H 13 -11.20 -2.63 -52.26
CA LEU H 13 -12.15 -1.53 -52.28
C LEU H 13 -13.34 -1.91 -53.15
N VAL H 14 -14.55 -1.58 -52.66
CA VAL H 14 -15.77 -1.80 -53.43
C VAL H 14 -16.05 -0.56 -54.28
N LYS H 15 -15.47 -0.50 -55.46
CA LYS H 15 -15.71 0.62 -56.36
C LYS H 15 -17.07 0.45 -57.05
N ALA H 16 -18.04 1.28 -56.68
CA ALA H 16 -19.39 1.16 -57.20
C ALA H 16 -19.91 2.52 -57.62
N GLY H 17 -20.82 2.51 -58.58
CA GLY H 17 -21.40 3.75 -59.07
C GLY H 17 -22.25 3.48 -60.30
N PHE H 18 -23.01 4.47 -60.75
CA PHE H 18 -23.87 4.35 -61.92
C PHE H 18 -23.07 4.28 -63.24
N ALA H 19 -23.71 3.86 -64.33
CA ALA H 19 -23.14 3.95 -65.67
C ALA H 19 -23.09 5.40 -66.17
N GLY H 20 -22.25 5.67 -67.16
CA GLY H 20 -22.08 7.00 -67.78
C GLY H 20 -21.22 7.99 -66.96
N ASP H 21 -21.27 7.94 -65.63
CA ASP H 21 -20.29 8.65 -64.79
C ASP H 21 -18.86 8.21 -65.10
N ASP H 22 -17.91 9.14 -65.06
CA ASP H 22 -16.49 8.86 -65.30
C ASP H 22 -15.71 8.53 -64.02
N ALA H 23 -16.38 8.39 -62.87
CA ALA H 23 -15.74 8.12 -61.60
C ALA H 23 -16.73 7.39 -60.69
N PRO H 24 -16.25 6.47 -59.86
CA PRO H 24 -17.17 5.76 -58.96
C PRO H 24 -17.72 6.67 -57.88
N ARG H 25 -18.92 6.34 -57.41
CA ARG H 25 -19.57 7.13 -56.37
C ARG H 25 -19.11 6.75 -54.97
N ALA H 26 -18.71 5.50 -54.75
CA ALA H 26 -18.29 5.03 -53.44
C ALA H 26 -17.09 4.11 -53.59
N VAL H 27 -16.07 4.32 -52.76
CA VAL H 27 -14.85 3.55 -52.83
C VAL H 27 -14.57 3.01 -51.42
N PHE H 28 -15.63 2.68 -50.69
CA PHE H 28 -15.47 2.19 -49.34
C PHE H 28 -14.80 0.82 -49.35
N PRO H 29 -13.97 0.53 -48.34
CA PRO H 29 -13.27 -0.76 -48.31
C PRO H 29 -14.25 -1.92 -48.14
N SER H 30 -13.89 -3.07 -48.73
CA SER H 30 -14.65 -4.32 -48.65
C SER H 30 -14.40 -4.98 -47.29
N ILE H 31 -14.74 -4.31 -46.19
CA ILE H 31 -14.35 -4.75 -44.87
C ILE H 31 -15.60 -4.85 -43.98
N VAL H 32 -15.65 -5.88 -43.15
CA VAL H 32 -16.70 -6.09 -42.17
C VAL H 32 -16.04 -6.32 -40.82
N GLY H 33 -16.56 -5.67 -39.79
CA GLY H 33 -15.96 -5.75 -38.47
C GLY H 33 -16.99 -6.04 -37.40
N ARG H 34 -16.54 -6.74 -36.36
CA ARG H 34 -17.33 -7.06 -35.19
C ARG H 34 -16.66 -6.49 -33.94
N PRO H 35 -17.44 -6.05 -32.96
CA PRO H 35 -16.83 -5.53 -31.73
C PRO H 35 -15.99 -6.60 -31.04
N ARG H 36 -14.81 -6.21 -30.57
CA ARG H 36 -13.88 -7.14 -29.94
C ARG H 36 -14.02 -7.17 -28.43
N HIS H 37 -14.61 -6.15 -27.82
CA HIS H 37 -14.73 -6.05 -26.38
C HIS H 37 -16.17 -5.76 -26.00
N GLN H 38 -16.48 -6.01 -24.73
CA GLN H 38 -17.84 -5.93 -24.23
C GLN H 38 -18.32 -4.48 -24.10
N GLY H 39 -19.56 -4.24 -24.54
CA GLY H 39 -20.17 -2.93 -24.54
C GLY H 39 -20.80 -2.50 -23.23
N VAL H 40 -19.97 -2.07 -22.28
CA VAL H 40 -20.45 -1.75 -20.94
C VAL H 40 -21.49 -0.63 -20.95
N MET H 41 -21.41 0.30 -21.90
CA MET H 41 -22.27 1.48 -21.93
C MET H 41 -23.68 1.14 -22.44
N VAL H 42 -24.63 1.01 -21.53
CA VAL H 42 -26.05 0.81 -21.86
C VAL H 42 -26.58 2.00 -22.65
N GLY H 43 -27.52 1.77 -23.57
CA GLY H 43 -28.23 2.84 -24.27
C GLY H 43 -27.43 3.62 -25.32
N MET H 44 -26.19 3.22 -25.62
CA MET H 44 -25.40 3.85 -26.68
C MET H 44 -25.93 3.50 -28.08
N GLY H 45 -26.71 2.42 -28.24
CA GLY H 45 -27.21 2.00 -29.53
C GLY H 45 -26.17 1.43 -30.46
N GLN H 46 -25.06 0.92 -29.93
CA GLN H 46 -24.00 0.37 -30.75
C GLN H 46 -24.50 -0.85 -31.54
N LYS H 47 -24.11 -0.92 -32.80
CA LYS H 47 -24.55 -1.99 -33.68
C LYS H 47 -23.73 -3.25 -33.45
N ASP H 48 -24.29 -4.38 -33.91
CA ASP H 48 -23.59 -5.66 -33.77
C ASP H 48 -22.48 -5.86 -34.80
N SER H 49 -22.44 -5.05 -35.85
CA SER H 49 -21.39 -5.13 -36.86
C SER H 49 -21.33 -3.82 -37.61
N TYR H 50 -20.18 -3.59 -38.25
CA TYR H 50 -19.95 -2.39 -39.04
C TYR H 50 -19.30 -2.79 -40.36
N VAL H 51 -19.52 -1.96 -41.38
CA VAL H 51 -19.07 -2.27 -42.73
C VAL H 51 -18.61 -0.99 -43.41
N GLY H 52 -17.56 -1.11 -44.21
CA GLY H 52 -17.08 0.02 -44.99
C GLY H 52 -16.39 1.05 -44.13
N ASP H 53 -16.75 2.32 -44.34
CA ASP H 53 -16.07 3.41 -43.67
C ASP H 53 -16.31 3.38 -42.15
N GLU H 54 -17.46 2.89 -41.71
CA GLU H 54 -17.73 2.81 -40.29
C GLU H 54 -16.73 1.88 -39.59
N ALA H 55 -16.47 0.71 -40.19
CA ALA H 55 -15.50 -0.21 -39.62
C ALA H 55 -14.09 0.34 -39.75
N GLN H 56 -13.79 1.01 -40.86
CA GLN H 56 -12.45 1.54 -41.07
C GLN H 56 -12.12 2.63 -40.04
N SER H 57 -13.08 3.49 -39.74
CA SER H 57 -12.83 4.60 -38.81
C SER H 57 -12.74 4.11 -37.37
N LYS H 58 -13.62 3.19 -36.97
CA LYS H 58 -13.63 2.63 -35.63
C LYS H 58 -12.84 1.33 -35.54
N ARG H 59 -11.78 1.20 -36.34
CA ARG H 59 -11.01 -0.05 -36.39
C ARG H 59 -10.38 -0.39 -35.05
N GLY H 60 -10.13 0.60 -34.21
CA GLY H 60 -9.47 0.35 -32.93
C GLY H 60 -10.27 -0.54 -32.00
N ILE H 61 -11.56 -0.72 -32.25
CA ILE H 61 -12.43 -1.49 -31.38
C ILE H 61 -13.00 -2.73 -32.07
N LEU H 62 -12.63 -2.99 -33.31
CA LEU H 62 -13.28 -4.01 -34.13
C LEU H 62 -12.26 -5.04 -34.62
N THR H 63 -12.77 -6.24 -34.92
CA THR H 63 -11.99 -7.30 -35.57
C THR H 63 -12.29 -7.26 -37.07
N LEU H 64 -11.56 -6.39 -37.77
CA LEU H 64 -11.75 -6.23 -39.20
C LEU H 64 -11.43 -7.52 -39.94
N LYS H 65 -12.27 -7.89 -40.90
CA LYS H 65 -12.07 -9.08 -41.71
C LYS H 65 -12.56 -8.83 -43.12
N TYR H 66 -11.87 -9.37 -44.11
CA TYR H 66 -12.21 -9.15 -45.51
C TYR H 66 -13.00 -10.37 -46.01
N PRO H 67 -14.23 -10.21 -46.50
CA PRO H 67 -14.96 -11.29 -47.16
C PRO H 67 -14.31 -11.77 -48.44
N ILE H 68 -13.51 -10.97 -49.14
CA ILE H 68 -12.76 -11.42 -50.32
C ILE H 68 -11.34 -11.82 -49.92
N GLU H 69 -10.91 -13.02 -50.30
CA GLU H 69 -9.51 -13.45 -50.23
C GLU H 69 -9.07 -13.87 -51.63
N HIS H 70 -7.96 -13.32 -52.14
CA HIS H 70 -7.43 -13.58 -53.50
C HIS H 70 -8.53 -13.67 -54.59
N GLY H 71 -9.46 -12.72 -54.60
CA GLY H 71 -10.54 -12.61 -55.60
C GLY H 71 -11.74 -13.55 -55.43
N ILE H 72 -11.81 -14.33 -54.36
CA ILE H 72 -12.80 -15.37 -54.10
C ILE H 72 -13.61 -14.97 -52.87
N ILE H 73 -14.92 -15.09 -52.97
CA ILE H 73 -15.82 -14.76 -51.87
C ILE H 73 -15.76 -15.90 -50.86
N THR H 74 -15.17 -15.63 -49.69
CA THR H 74 -14.99 -16.67 -48.69
C THR H 74 -16.12 -16.71 -47.66
N ASN H 75 -16.76 -15.59 -47.39
CA ASN H 75 -17.86 -15.54 -46.42
C ASN H 75 -19.04 -14.84 -47.07
N TRP H 76 -20.09 -15.60 -47.37
CA TRP H 76 -21.20 -15.06 -48.13
C TRP H 76 -22.16 -14.24 -47.28
N ASP H 77 -22.19 -14.47 -45.96
CA ASP H 77 -23.01 -13.60 -45.11
C ASP H 77 -22.45 -12.18 -45.08
N ASP H 78 -21.15 -12.04 -44.82
CA ASP H 78 -20.54 -10.72 -44.83
C ASP H 78 -20.52 -10.11 -46.23
N MET H 79 -20.39 -10.93 -47.27
CA MET H 79 -20.46 -10.40 -48.62
C MET H 79 -21.86 -9.92 -48.96
N GLU H 80 -22.89 -10.63 -48.51
CA GLU H 80 -24.25 -10.13 -48.66
C GLU H 80 -24.44 -8.83 -47.90
N LYS H 81 -23.83 -8.72 -46.73
CA LYS H 81 -23.87 -7.46 -45.98
C LYS H 81 -23.22 -6.33 -46.77
N ILE H 82 -22.08 -6.62 -47.41
CA ILE H 82 -21.39 -5.60 -48.19
C ILE H 82 -22.21 -5.18 -49.41
N TRP H 83 -22.81 -6.17 -50.09
CA TRP H 83 -23.75 -5.85 -51.17
C TRP H 83 -24.87 -4.94 -50.68
N HIS H 84 -25.49 -5.30 -49.56
CA HIS H 84 -26.58 -4.50 -49.02
C HIS H 84 -26.12 -3.09 -48.70
N HIS H 85 -24.92 -2.96 -48.12
CA HIS H 85 -24.39 -1.64 -47.83
C HIS H 85 -24.20 -0.82 -49.10
N THR H 86 -23.48 -1.38 -50.09
CA THR H 86 -23.15 -0.60 -51.27
C THR H 86 -24.41 -0.23 -52.06
N PHE H 87 -25.47 -1.03 -51.94
CA PHE H 87 -26.71 -0.65 -52.60
C PHE H 87 -27.48 0.40 -51.80
N TYR H 88 -27.79 0.10 -50.54
CA TYR H 88 -28.78 0.88 -49.82
C TYR H 88 -28.21 2.13 -49.14
N ASN H 89 -26.94 2.12 -48.73
CA ASN H 89 -26.38 3.23 -47.96
C ASN H 89 -25.52 4.15 -48.81
N GLU H 90 -24.53 3.59 -49.52
CA GLU H 90 -23.62 4.43 -50.29
C GLU H 90 -24.28 4.98 -51.54
N LEU H 91 -24.77 4.09 -52.42
CA LEU H 91 -25.42 4.55 -53.64
C LEU H 91 -26.83 5.06 -53.39
N ARG H 92 -27.44 4.67 -52.27
CA ARG H 92 -28.82 5.05 -51.94
C ARG H 92 -29.78 4.63 -53.05
N VAL H 93 -29.62 3.41 -53.55
CA VAL H 93 -30.39 2.89 -54.67
C VAL H 93 -31.04 1.58 -54.28
N ALA H 94 -32.31 1.42 -54.63
CA ALA H 94 -32.96 0.12 -54.50
C ALA H 94 -32.56 -0.74 -55.69
N PRO H 95 -31.83 -1.83 -55.46
CA PRO H 95 -31.29 -2.61 -56.61
C PRO H 95 -32.34 -3.38 -57.39
N GLU H 96 -33.58 -3.43 -56.91
CA GLU H 96 -34.61 -4.25 -57.53
C GLU H 96 -35.10 -3.70 -58.87
N GLU H 97 -34.58 -2.54 -59.29
CA GLU H 97 -34.99 -1.97 -60.56
C GLU H 97 -33.83 -1.41 -61.37
N HIS H 98 -32.58 -1.73 -61.02
CA HIS H 98 -31.40 -1.26 -61.74
C HIS H 98 -30.56 -2.45 -62.18
N PRO H 99 -30.32 -2.65 -63.48
CA PRO H 99 -29.39 -3.70 -63.89
C PRO H 99 -27.99 -3.44 -63.36
N THR H 100 -27.28 -4.51 -63.02
CA THR H 100 -26.01 -4.40 -62.33
C THR H 100 -24.95 -5.22 -63.05
N LEU H 101 -23.76 -4.65 -63.27
CA LEU H 101 -22.61 -5.28 -63.89
C LEU H 101 -21.53 -5.49 -62.83
N LEU H 102 -21.04 -6.72 -62.67
CA LEU H 102 -20.04 -7.08 -61.68
C LEU H 102 -18.78 -7.55 -62.38
N THR H 103 -17.63 -7.21 -61.78
CA THR H 103 -16.33 -7.47 -62.38
C THR H 103 -15.58 -8.50 -61.55
N GLU H 104 -15.17 -9.62 -62.15
CA GLU H 104 -14.54 -10.73 -61.45
C GLU H 104 -13.18 -11.06 -62.06
N ALA H 105 -12.29 -11.58 -61.23
CA ALA H 105 -10.99 -12.03 -61.71
C ALA H 105 -11.16 -13.29 -62.56
N PRO H 106 -10.27 -13.53 -63.51
CA PRO H 106 -10.36 -14.74 -64.33
C PRO H 106 -9.88 -15.96 -63.57
N LEU H 107 -10.22 -17.13 -64.12
CA LEU H 107 -9.85 -18.43 -63.55
C LEU H 107 -10.37 -18.59 -62.13
N ASN H 108 -11.48 -17.93 -61.81
CA ASN H 108 -12.13 -18.09 -60.52
C ASN H 108 -12.95 -19.37 -60.51
N PRO H 109 -13.21 -19.94 -59.33
CA PRO H 109 -14.12 -21.08 -59.24
C PRO H 109 -15.51 -20.72 -59.76
N LYS H 110 -16.12 -21.67 -60.47
CA LYS H 110 -17.42 -21.43 -61.08
C LYS H 110 -18.50 -21.23 -60.02
N ALA H 111 -18.38 -21.93 -58.89
CA ALA H 111 -19.37 -21.80 -57.83
C ALA H 111 -19.43 -20.38 -57.30
N ASN H 112 -18.32 -19.64 -57.36
CA ASN H 112 -18.34 -18.24 -56.96
C ASN H 112 -19.32 -17.45 -57.83
N ARG H 113 -19.22 -17.61 -59.16
CA ARG H 113 -20.17 -16.96 -60.06
C ARG H 113 -21.58 -17.44 -59.79
N GLU H 114 -21.76 -18.74 -59.58
CA GLU H 114 -23.10 -19.28 -59.35
C GLU H 114 -23.75 -18.64 -58.14
N LYS H 115 -23.05 -18.60 -57.01
CA LYS H 115 -23.64 -18.10 -55.79
C LYS H 115 -23.79 -16.57 -55.85
N MET H 116 -22.87 -15.89 -56.54
CA MET H 116 -23.04 -14.46 -56.74
C MET H 116 -24.30 -14.16 -57.53
N THR H 117 -24.55 -14.94 -58.58
CA THR H 117 -25.76 -14.74 -59.38
C THR H 117 -27.01 -15.07 -58.57
N GLN H 118 -26.97 -16.13 -57.78
CA GLN H 118 -28.11 -16.45 -56.92
C GLN H 118 -28.39 -15.33 -55.93
N ILE H 119 -27.34 -14.76 -55.34
CA ILE H 119 -27.52 -13.63 -54.42
C ILE H 119 -28.13 -12.45 -55.16
N MET H 120 -27.60 -12.13 -56.34
CA MET H 120 -28.07 -10.95 -57.05
C MET H 120 -29.52 -11.08 -57.47
N PHE H 121 -29.94 -12.28 -57.87
CA PHE H 121 -31.30 -12.46 -58.37
C PHE H 121 -32.33 -12.84 -57.31
N GLU H 122 -31.91 -13.33 -56.14
CA GLU H 122 -32.87 -13.90 -55.20
C GLU H 122 -32.91 -13.23 -53.83
N THR H 123 -32.04 -12.26 -53.54
CA THR H 123 -32.20 -11.50 -52.30
C THR H 123 -32.17 -10.01 -52.60
N PHE H 124 -31.60 -9.62 -53.75
CA PHE H 124 -31.64 -8.24 -54.20
C PHE H 124 -32.56 -8.03 -55.39
N ASN H 125 -32.91 -9.10 -56.11
CA ASN H 125 -33.98 -9.07 -57.11
C ASN H 125 -33.71 -8.05 -58.22
N VAL H 126 -32.47 -8.00 -58.70
CA VAL H 126 -32.11 -7.10 -59.79
C VAL H 126 -32.83 -7.55 -61.07
N PRO H 127 -33.23 -6.63 -61.94
CA PRO H 127 -33.91 -7.06 -63.18
C PRO H 127 -32.97 -7.75 -64.16
N ALA H 128 -31.68 -7.42 -64.14
CA ALA H 128 -30.71 -8.06 -65.01
C ALA H 128 -29.32 -7.88 -64.40
N MET H 129 -28.39 -8.72 -64.83
CA MET H 129 -27.04 -8.66 -64.31
C MET H 129 -26.08 -9.29 -65.32
N TYR H 130 -24.80 -8.96 -65.21
CA TYR H 130 -23.76 -9.53 -66.06
C TYR H 130 -22.44 -9.57 -65.31
N VAL H 131 -21.59 -10.54 -65.66
CA VAL H 131 -20.26 -10.69 -65.07
C VAL H 131 -19.23 -10.55 -66.19
N ALA H 132 -18.26 -9.67 -65.96
CA ALA H 132 -17.18 -9.32 -66.88
C ALA H 132 -15.82 -9.50 -66.20
N ILE H 133 -14.78 -9.84 -66.94
CA ILE H 133 -13.45 -10.05 -66.36
C ILE H 133 -12.79 -8.69 -66.12
N GLN H 134 -12.24 -8.49 -64.92
CA GLN H 134 -11.66 -7.21 -64.52
C GLN H 134 -10.67 -6.64 -65.53
N ALA H 135 -9.74 -7.45 -66.06
CA ALA H 135 -8.71 -6.92 -66.96
C ALA H 135 -9.28 -6.48 -68.32
N VAL H 136 -10.28 -7.17 -68.86
CA VAL H 136 -10.91 -6.81 -70.14
C VAL H 136 -11.54 -5.42 -70.07
N LEU H 137 -12.13 -5.05 -68.93
CA LEU H 137 -12.71 -3.73 -68.75
C LEU H 137 -11.67 -2.61 -68.85
N SER H 138 -10.45 -2.83 -68.40
CA SER H 138 -9.40 -1.83 -68.51
C SER H 138 -9.00 -1.54 -69.95
N LEU H 139 -9.35 -2.39 -70.92
CA LEU H 139 -9.24 -1.99 -72.33
C LEU H 139 -10.30 -0.97 -72.70
N TYR H 140 -11.58 -1.16 -72.38
CA TYR H 140 -12.59 -0.12 -72.65
C TYR H 140 -12.23 1.20 -71.96
N ALA H 141 -11.69 1.14 -70.75
CA ALA H 141 -11.20 2.31 -70.04
C ALA H 141 -10.06 3.02 -70.77
N SER H 142 -9.15 2.27 -71.42
CA SER H 142 -8.08 2.87 -72.20
C SER H 142 -8.49 3.21 -73.62
N GLY H 143 -9.68 2.82 -74.07
CA GLY H 143 -10.25 3.13 -75.39
C GLY H 143 -9.79 2.23 -76.53
N ARG H 144 -8.53 1.77 -76.49
CA ARG H 144 -7.95 0.78 -77.41
C ARG H 144 -8.60 -0.60 -77.32
N THR H 145 -8.48 -1.40 -78.38
CA THR H 145 -9.04 -2.76 -78.49
C THR H 145 -8.00 -3.87 -78.73
N THR H 146 -6.74 -3.58 -78.43
CA THR H 146 -5.61 -4.54 -78.42
C THR H 146 -4.70 -4.23 -77.24
N GLY H 147 -4.17 -5.23 -76.57
CA GLY H 147 -3.18 -5.03 -75.50
C GLY H 147 -3.03 -6.22 -74.57
N ILE H 148 -1.85 -6.38 -73.99
CA ILE H 148 -1.63 -7.32 -72.89
C ILE H 148 -2.04 -6.62 -71.60
N VAL H 149 -3.34 -6.46 -71.41
CA VAL H 149 -3.87 -5.73 -70.25
C VAL H 149 -3.61 -6.50 -68.97
N LEU H 150 -3.14 -5.78 -67.96
CA LEU H 150 -2.60 -6.29 -66.71
C LEU H 150 -3.31 -5.61 -65.56
N ASP H 151 -3.75 -6.39 -64.59
CA ASP H 151 -4.41 -5.90 -63.38
C ASP H 151 -3.62 -6.38 -62.18
N SER H 152 -3.36 -5.48 -61.23
CA SER H 152 -2.89 -5.82 -59.90
C SER H 152 -3.70 -5.01 -58.91
N GLY H 153 -4.83 -5.53 -58.48
CA GLY H 153 -5.62 -4.88 -57.46
C GLY H 153 -5.05 -5.18 -56.09
N ASP H 154 -5.92 -5.46 -55.14
CA ASP H 154 -5.55 -5.82 -53.79
C ASP H 154 -5.35 -7.31 -53.57
N GLY H 155 -6.00 -8.17 -54.37
CA GLY H 155 -6.02 -9.61 -54.11
C GLY H 155 -5.23 -10.45 -55.08
N VAL H 156 -5.38 -10.21 -56.38
CA VAL H 156 -4.66 -10.95 -57.42
C VAL H 156 -3.90 -10.00 -58.33
N THR H 157 -3.00 -10.56 -59.12
CA THR H 157 -2.64 -9.98 -60.40
C THR H 157 -2.98 -10.97 -61.48
N HIS H 158 -3.39 -10.49 -62.64
CA HIS H 158 -3.56 -11.31 -63.82
C HIS H 158 -3.34 -10.45 -65.04
N ASN H 159 -2.98 -11.07 -66.14
CA ASN H 159 -2.86 -10.38 -67.42
C ASN H 159 -3.47 -11.23 -68.52
N VAL H 160 -4.16 -10.54 -69.42
CA VAL H 160 -5.12 -11.12 -70.35
C VAL H 160 -4.86 -10.52 -71.72
N PRO H 161 -4.10 -11.18 -72.60
CA PRO H 161 -3.84 -10.65 -73.93
C PRO H 161 -5.12 -10.65 -74.77
N ILE H 162 -5.46 -9.48 -75.30
CA ILE H 162 -6.56 -9.26 -76.24
C ILE H 162 -5.96 -8.69 -77.51
N TYR H 163 -6.42 -9.14 -78.68
CA TYR H 163 -6.06 -8.50 -79.95
C TYR H 163 -7.29 -8.32 -80.83
N GLU H 164 -7.48 -7.11 -81.34
CA GLU H 164 -8.63 -6.72 -82.18
C GLU H 164 -9.97 -7.27 -81.68
N GLY H 165 -10.15 -7.20 -80.37
CA GLY H 165 -11.34 -7.64 -79.66
C GLY H 165 -11.45 -9.11 -79.31
N TYR H 166 -10.59 -9.97 -79.86
CA TYR H 166 -10.57 -11.39 -79.54
C TYR H 166 -9.62 -11.69 -78.40
N ALA H 167 -10.13 -12.40 -77.40
CA ALA H 167 -9.34 -12.80 -76.25
C ALA H 167 -8.50 -14.03 -76.58
N LEU H 168 -7.38 -14.16 -75.89
CA LEU H 168 -6.55 -15.35 -76.01
C LEU H 168 -6.58 -16.09 -74.68
N PRO H 169 -7.65 -16.85 -74.41
CA PRO H 169 -7.83 -17.43 -73.07
C PRO H 169 -6.71 -18.37 -72.65
N HIS H 170 -6.10 -19.09 -73.58
CA HIS H 170 -5.04 -20.03 -73.20
C HIS H 170 -3.78 -19.31 -72.71
N ALA H 171 -3.64 -18.02 -73.00
CA ALA H 171 -2.46 -17.26 -72.58
C ALA H 171 -2.69 -16.46 -71.32
N ILE H 172 -3.86 -16.61 -70.67
CA ILE H 172 -4.13 -15.87 -69.44
C ILE H 172 -3.23 -16.39 -68.33
N MET H 173 -2.62 -15.45 -67.60
CA MET H 173 -1.75 -15.77 -66.48
C MET H 173 -2.31 -15.14 -65.22
N ARG H 174 -2.12 -15.82 -64.09
CA ARG H 174 -2.66 -15.37 -62.82
C ARG H 174 -1.67 -15.63 -61.69
N LEU H 175 -1.50 -14.63 -60.83
CA LEU H 175 -0.75 -14.76 -59.60
C LEU H 175 -1.59 -14.22 -58.46
N ASP H 176 -1.58 -14.91 -57.33
CA ASP H 176 -2.34 -14.56 -56.13
C ASP H 176 -1.45 -13.79 -55.13
N LEU H 177 -0.63 -12.89 -55.62
CA LEU H 177 0.29 -12.03 -54.91
C LEU H 177 -0.05 -10.58 -55.21
N ALA H 178 -0.67 -9.85 -54.30
CA ALA H 178 -1.09 -8.48 -54.55
C ALA H 178 -1.15 -7.66 -53.25
N GLY H 179 -1.95 -6.59 -53.23
CA GLY H 179 -1.99 -5.62 -52.15
C GLY H 179 -2.04 -6.18 -50.74
N ARG H 180 -2.84 -7.22 -50.50
CA ARG H 180 -2.91 -7.86 -49.19
C ARG H 180 -1.57 -8.51 -48.81
N ASP H 181 -1.04 -9.37 -49.67
CA ASP H 181 0.22 -10.08 -49.43
C ASP H 181 1.41 -9.13 -49.31
N LEU H 182 1.42 -8.05 -50.09
CA LEU H 182 2.43 -7.00 -49.97
C LEU H 182 2.34 -6.28 -48.62
N THR H 183 1.13 -6.05 -48.11
CA THR H 183 0.94 -5.46 -46.79
C THR H 183 1.47 -6.39 -45.71
N ASP H 184 1.14 -7.67 -45.78
CA ASP H 184 1.66 -8.68 -44.85
C ASP H 184 3.18 -8.79 -44.92
N TYR H 185 3.78 -8.77 -46.10
CA TYR H 185 5.24 -8.75 -46.20
C TYR H 185 5.85 -7.48 -45.62
N LEU H 186 5.21 -6.33 -45.80
CA LEU H 186 5.65 -5.10 -45.16
C LEU H 186 5.56 -5.20 -43.63
N MET H 187 4.49 -5.78 -43.07
CA MET H 187 4.43 -6.05 -41.62
C MET H 187 5.59 -6.93 -41.18
N LYS H 188 5.91 -8.00 -41.94
CA LYS H 188 7.00 -8.90 -41.59
C LYS H 188 8.34 -8.17 -41.54
N ILE H 189 8.69 -7.38 -42.56
CA ILE H 189 9.95 -6.66 -42.57
C ILE H 189 9.97 -5.46 -41.63
N LEU H 190 8.84 -4.84 -41.27
CA LEU H 190 8.85 -3.77 -40.27
C LEU H 190 9.37 -4.24 -38.91
N THR H 191 9.32 -5.53 -38.59
CA THR H 191 9.85 -6.02 -37.33
C THR H 191 11.37 -5.96 -37.29
N GLU H 192 12.04 -5.86 -38.45
CA GLU H 192 13.49 -5.73 -38.47
C GLU H 192 13.93 -4.46 -37.76
N ARG H 193 13.09 -3.44 -37.73
CA ARG H 193 13.37 -2.13 -37.14
C ARG H 193 12.69 -1.96 -35.77
N GLY H 194 11.99 -2.98 -35.28
CA GLY H 194 11.27 -2.98 -34.01
C GLY H 194 9.80 -2.58 -34.07
N TYR H 195 9.29 -2.19 -35.24
CA TYR H 195 7.91 -1.74 -35.43
C TYR H 195 6.95 -2.91 -35.61
N SER H 196 6.63 -3.59 -34.51
CA SER H 196 5.76 -4.75 -34.52
C SER H 196 4.30 -4.35 -34.74
N PHE H 197 3.64 -5.03 -35.68
CA PHE H 197 2.21 -4.84 -35.94
C PHE H 197 1.59 -6.20 -36.14
N VAL H 198 0.57 -6.54 -35.32
CA VAL H 198 0.02 -7.88 -35.35
C VAL H 198 -1.50 -7.87 -35.52
N THR H 199 -2.16 -6.79 -35.11
CA THR H 199 -3.61 -6.79 -35.15
C THR H 199 -4.11 -6.35 -36.52
N THR H 200 -5.41 -6.59 -36.75
CA THR H 200 -6.00 -6.30 -38.05
C THR H 200 -6.08 -4.80 -38.33
N ALA H 201 -6.24 -3.98 -37.29
CA ALA H 201 -6.23 -2.53 -37.49
C ALA H 201 -4.82 -2.05 -37.82
N GLU H 202 -3.81 -2.67 -37.18
CA GLU H 202 -2.44 -2.37 -37.55
C GLU H 202 -2.13 -2.82 -38.97
N ARG H 203 -2.84 -3.80 -39.56
CA ARG H 203 -2.71 -4.05 -41.00
C ARG H 203 -3.19 -2.85 -41.79
N GLU H 204 -4.30 -2.23 -41.41
CA GLU H 204 -4.76 -1.01 -42.08
C GLU H 204 -3.75 0.12 -41.93
N ILE H 205 -3.05 0.22 -40.79
CA ILE H 205 -2.00 1.23 -40.63
C ILE H 205 -0.81 0.92 -41.55
N VAL H 206 -0.41 -0.35 -41.64
CA VAL H 206 0.68 -0.75 -42.53
C VAL H 206 0.27 -0.61 -43.99
N ARG H 207 -1.00 -0.80 -44.35
CA ARG H 207 -1.50 -0.48 -45.69
C ARG H 207 -1.38 1.02 -45.96
N ASP H 208 -1.66 1.88 -44.99
CA ASP H 208 -1.44 3.32 -45.18
C ASP H 208 0.03 3.62 -45.42
N ILE H 209 0.90 3.00 -44.63
CA ILE H 209 2.34 3.19 -44.80
C ILE H 209 2.77 2.75 -46.19
N LYS H 210 2.24 1.61 -46.64
CA LYS H 210 2.50 1.02 -47.95
C LYS H 210 2.09 1.98 -49.05
N GLU H 211 0.90 2.57 -48.94
CA GLU H 211 0.38 3.42 -50.00
C GLU H 211 1.05 4.79 -50.02
N LYS H 212 1.52 5.27 -48.87
CA LYS H 212 2.02 6.64 -48.82
C LYS H 212 3.52 6.74 -49.05
N LEU H 213 4.31 5.75 -48.64
CA LEU H 213 5.78 5.82 -48.65
C LEU H 213 6.48 4.86 -49.60
N CYS H 214 5.85 3.79 -50.07
CA CYS H 214 6.56 2.79 -50.86
C CYS H 214 6.74 3.23 -52.31
N TYR H 215 7.78 2.73 -52.95
CA TYR H 215 8.11 2.98 -54.35
C TYR H 215 8.92 1.81 -54.89
N VAL H 216 8.97 1.67 -56.21
CA VAL H 216 9.66 0.56 -56.88
C VAL H 216 11.03 1.02 -57.32
N ALA H 217 12.05 0.19 -57.03
CA ALA H 217 13.40 0.50 -57.44
C ALA H 217 13.58 0.30 -58.94
N LEU H 218 14.39 1.17 -59.56
CA LEU H 218 14.79 0.95 -60.94
C LEU H 218 15.89 -0.10 -61.04
N ASP H 219 16.81 -0.13 -60.08
CA ASP H 219 17.86 -1.13 -60.00
C ASP H 219 17.98 -1.52 -58.53
N PHE H 220 17.55 -2.74 -58.20
CA PHE H 220 17.36 -3.11 -56.81
C PHE H 220 18.68 -3.06 -56.04
N GLU H 221 19.76 -3.59 -56.63
CA GLU H 221 21.04 -3.59 -55.93
C GLU H 221 21.58 -2.19 -55.73
N ASN H 222 21.31 -1.28 -56.66
CA ASN H 222 21.78 0.09 -56.50
C ASN H 222 21.02 0.80 -55.38
N GLU H 223 19.70 0.61 -55.31
CA GLU H 223 18.92 1.18 -54.22
C GLU H 223 19.33 0.56 -52.89
N MET H 224 19.64 -0.74 -52.86
CA MET H 224 20.17 -1.35 -51.65
C MET H 224 21.50 -0.72 -51.25
N ALA H 225 22.36 -0.45 -52.22
CA ALA H 225 23.66 0.16 -51.93
C ALA H 225 23.50 1.58 -51.38
N THR H 226 22.65 2.38 -52.04
CA THR H 226 22.42 3.76 -51.64
C THR H 226 21.65 3.84 -50.32
N ALA H 227 20.78 2.89 -50.01
CA ALA H 227 20.16 2.77 -48.70
C ALA H 227 21.16 2.33 -47.61
N ALA H 228 22.15 1.50 -47.94
CA ALA H 228 23.17 1.05 -47.00
C ALA H 228 24.10 2.19 -46.56
N SER H 229 24.42 3.14 -47.45
CA SER H 229 24.97 4.44 -47.06
C SER H 229 23.89 5.32 -46.42
N SER H 230 24.08 5.78 -45.19
CA SER H 230 23.10 6.65 -44.52
C SER H 230 22.83 7.91 -45.35
N SER H 231 21.56 8.11 -45.74
CA SER H 231 21.18 9.04 -46.80
C SER H 231 19.69 9.35 -46.80
N SER H 232 19.30 10.35 -47.59
CA SER H 232 17.95 10.91 -47.73
C SER H 232 16.88 9.95 -48.28
N LEU H 233 17.22 8.70 -48.59
CA LEU H 233 16.26 7.68 -49.00
C LEU H 233 15.22 7.37 -47.91
N GLU H 234 15.62 7.47 -46.65
CA GLU H 234 14.80 7.17 -45.46
C GLU H 234 13.72 8.22 -45.17
N LYS H 235 12.49 7.78 -44.88
CA LYS H 235 11.30 8.63 -44.69
C LYS H 235 10.63 8.39 -43.35
N SER H 236 10.10 9.43 -42.71
CA SER H 236 9.31 9.28 -41.47
C SER H 236 7.82 9.21 -41.73
N TYR H 237 7.07 8.65 -40.78
CA TYR H 237 5.61 8.55 -40.81
C TYR H 237 5.03 8.65 -39.39
N GLU H 238 3.85 9.21 -39.20
CA GLU H 238 3.25 9.40 -37.87
C GLU H 238 1.99 8.56 -37.68
N LEU H 239 1.99 7.70 -36.67
CA LEU H 239 0.89 6.82 -36.32
C LEU H 239 -0.27 7.62 -35.73
N PRO H 240 -1.48 7.03 -35.71
CA PRO H 240 -2.60 7.70 -35.02
C PRO H 240 -2.43 7.80 -33.51
N ASP H 241 -1.38 7.25 -32.90
CA ASP H 241 -0.99 7.58 -31.53
C ASP H 241 0.09 8.68 -31.45
N GLY H 242 0.53 9.21 -32.59
CA GLY H 242 1.54 10.25 -32.64
C GLY H 242 2.98 9.75 -32.53
N GLN H 243 3.23 8.50 -32.18
CA GLN H 243 4.57 7.91 -32.27
C GLN H 243 5.04 7.92 -33.74
N VAL H 244 6.33 8.13 -33.97
CA VAL H 244 6.89 8.35 -35.31
C VAL H 244 7.82 7.23 -35.73
N ILE H 245 7.49 6.62 -36.86
CA ILE H 245 8.24 5.60 -37.59
C ILE H 245 9.28 6.28 -38.48
N THR H 246 10.37 5.58 -38.78
CA THR H 246 11.20 5.89 -39.96
C THR H 246 11.53 4.62 -40.74
N ILE H 247 11.38 4.61 -42.06
CA ILE H 247 11.68 3.44 -42.91
C ILE H 247 12.61 3.81 -44.05
N GLY H 248 13.60 2.97 -44.28
CA GLY H 248 14.63 3.15 -45.29
C GLY H 248 14.46 2.10 -46.37
N ASN H 249 15.29 1.07 -46.34
CA ASN H 249 15.25 -0.08 -47.24
C ASN H 249 13.82 -0.61 -47.40
N GLU H 250 13.02 -0.66 -46.33
CA GLU H 250 11.74 -1.37 -46.38
C GLU H 250 10.79 -0.78 -47.42
N ARG H 251 10.89 0.51 -47.72
CA ARG H 251 9.91 1.16 -48.59
C ARG H 251 10.10 0.83 -50.07
N PHE H 252 11.21 0.22 -50.46
CA PHE H 252 11.35 -0.43 -51.77
C PHE H 252 11.55 -1.95 -51.69
N ARG H 253 11.93 -2.54 -50.54
CA ARG H 253 11.90 -4.01 -50.37
C ARG H 253 10.49 -4.57 -50.54
N CYS H 254 9.46 -3.89 -50.03
CA CYS H 254 8.08 -4.37 -50.16
C CYS H 254 7.60 -4.49 -51.62
N PRO H 255 7.58 -3.43 -52.45
CA PRO H 255 7.11 -3.55 -53.83
C PRO H 255 7.96 -4.49 -54.67
N GLU H 256 9.26 -4.61 -54.38
CA GLU H 256 10.14 -5.52 -55.11
C GLU H 256 9.66 -6.97 -55.06
N THR H 257 8.89 -7.39 -54.05
CA THR H 257 8.36 -8.75 -54.04
C THR H 257 7.43 -9.05 -55.21
N LEU H 258 6.80 -8.04 -55.82
CA LEU H 258 6.07 -8.22 -57.08
C LEU H 258 6.99 -8.72 -58.17
N PHE H 259 8.26 -8.33 -58.16
CA PHE H 259 9.21 -8.76 -59.17
C PHE H 259 10.07 -9.95 -58.73
N GLN H 260 10.20 -10.18 -57.43
CA GLN H 260 10.89 -11.34 -56.88
C GLN H 260 9.98 -12.01 -55.86
N PRO H 261 9.03 -12.84 -56.30
CA PRO H 261 8.17 -13.54 -55.35
C PRO H 261 8.91 -14.48 -54.42
N SER H 262 10.21 -14.71 -54.64
CA SER H 262 10.99 -15.53 -53.72
C SER H 262 11.02 -14.91 -52.32
N PHE H 263 10.83 -13.58 -52.20
CA PHE H 263 10.91 -12.90 -50.91
C PHE H 263 9.77 -13.33 -49.98
N ILE H 264 8.57 -13.48 -50.54
CA ILE H 264 7.38 -14.02 -49.85
C ILE H 264 7.31 -15.56 -49.93
N GLY H 265 8.34 -16.21 -50.48
CA GLY H 265 8.48 -17.65 -50.52
C GLY H 265 7.85 -18.33 -51.72
N MET H 266 7.21 -17.60 -52.61
CA MET H 266 6.61 -18.21 -53.78
C MET H 266 7.65 -18.56 -54.83
N GLU H 267 7.43 -19.68 -55.52
CA GLU H 267 8.31 -20.09 -56.60
C GLU H 267 8.06 -19.28 -57.87
N SER H 268 6.86 -18.74 -58.03
CA SER H 268 6.44 -18.15 -59.30
C SER H 268 7.31 -16.96 -59.68
N ALA H 269 7.36 -16.70 -60.98
CA ALA H 269 8.05 -15.51 -61.47
C ALA H 269 7.28 -14.25 -61.09
N GLY H 270 7.94 -13.10 -61.25
CA GLY H 270 7.36 -11.84 -60.87
C GLY H 270 6.28 -11.39 -61.83
N ILE H 271 5.80 -10.15 -61.65
CA ILE H 271 4.81 -9.54 -62.55
C ILE H 271 5.40 -9.37 -63.95
N HIS H 272 6.67 -8.94 -64.04
CA HIS H 272 7.46 -9.11 -65.23
C HIS H 272 7.80 -10.59 -65.39
N GLU H 273 8.04 -10.98 -66.62
CA GLU H 273 8.32 -12.35 -67.05
C GLU H 273 7.06 -13.20 -67.01
N THR H 274 6.07 -13.00 -66.12
CA THR H 274 4.75 -13.62 -66.34
C THR H 274 3.99 -12.88 -67.42
N THR H 275 4.06 -11.54 -67.44
CA THR H 275 3.56 -10.74 -68.57
C THR H 275 4.30 -11.08 -69.87
N TYR H 276 5.59 -11.37 -69.80
CA TYR H 276 6.35 -11.83 -70.96
C TYR H 276 5.93 -13.25 -71.37
N ASN H 277 5.69 -14.14 -70.40
CA ASN H 277 5.23 -15.48 -70.74
C ASN H 277 3.87 -15.46 -71.41
N SER H 278 2.92 -14.62 -70.98
CA SER H 278 1.64 -14.54 -71.67
C SER H 278 1.81 -14.00 -73.09
N ILE H 279 2.66 -13.00 -73.30
CA ILE H 279 3.02 -12.57 -74.66
C ILE H 279 3.63 -13.74 -75.45
N MET H 280 4.45 -14.60 -74.86
CA MET H 280 5.04 -15.70 -75.62
C MET H 280 4.00 -16.75 -75.98
N LYS H 281 2.99 -16.96 -75.14
CA LYS H 281 1.96 -17.93 -75.43
C LYS H 281 1.03 -17.50 -76.57
N CYS H 282 0.98 -16.20 -76.86
CA CYS H 282 0.21 -15.64 -77.96
C CYS H 282 0.77 -16.07 -79.32
N ASP H 283 0.03 -15.77 -80.38
CA ASP H 283 0.50 -16.10 -81.71
C ASP H 283 1.69 -15.23 -82.10
N ILE H 284 2.44 -15.72 -83.09
CA ILE H 284 3.71 -15.08 -83.46
C ILE H 284 3.47 -13.66 -83.96
N ASP H 285 2.47 -13.45 -84.81
CA ASP H 285 2.20 -12.11 -85.34
C ASP H 285 1.60 -11.17 -84.31
N ILE H 286 1.01 -11.68 -83.24
CA ILE H 286 0.28 -10.83 -82.30
C ILE H 286 1.22 -10.06 -81.40
N ARG H 287 2.47 -10.50 -81.25
CA ARG H 287 3.34 -9.94 -80.22
C ARG H 287 3.80 -8.52 -80.55
N LYS H 288 3.84 -8.16 -81.83
CA LYS H 288 4.22 -6.80 -82.20
C LYS H 288 3.31 -5.77 -81.54
N ASP H 289 2.00 -6.02 -81.54
CA ASP H 289 1.05 -5.06 -80.99
C ASP H 289 0.92 -5.19 -79.48
N LEU H 290 1.09 -6.39 -78.91
CA LEU H 290 1.07 -6.55 -77.46
C LEU H 290 2.22 -5.79 -76.78
N TYR H 291 3.45 -5.81 -77.30
CA TYR H 291 4.55 -5.08 -76.69
C TYR H 291 4.30 -3.58 -76.66
N ALA H 292 3.55 -3.06 -77.63
CA ALA H 292 3.30 -1.63 -77.72
C ALA H 292 2.07 -1.17 -76.95
N ASN H 293 1.30 -2.09 -76.35
CA ASN H 293 0.02 -1.82 -75.71
C ASN H 293 -0.11 -2.55 -74.37
N ASN H 294 0.91 -2.49 -73.52
CA ASN H 294 0.93 -3.15 -72.22
C ASN H 294 0.16 -2.31 -71.17
N VAL H 295 -1.16 -2.30 -71.21
CA VAL H 295 -2.04 -1.50 -70.33
C VAL H 295 -2.01 -1.99 -68.88
N MET H 296 -1.64 -1.15 -67.92
CA MET H 296 -1.73 -1.48 -66.49
C MET H 296 -3.02 -0.99 -65.83
N SER H 297 -3.40 -1.60 -64.71
CA SER H 297 -4.63 -1.29 -63.96
C SER H 297 -4.56 -1.81 -62.52
N GLY H 298 -5.47 -1.36 -61.66
CA GLY H 298 -5.58 -1.86 -60.30
C GLY H 298 -4.62 -1.19 -59.31
N GLY H 299 -4.90 -1.32 -58.02
CA GLY H 299 -4.32 -0.47 -57.01
C GLY H 299 -2.82 -0.59 -56.88
N THR H 300 -2.28 -1.81 -56.91
CA THR H 300 -0.86 -2.06 -56.68
C THR H 300 0.01 -1.82 -57.91
N THR H 301 -0.55 -1.27 -58.98
CA THR H 301 0.23 -0.69 -60.09
C THR H 301 0.41 0.81 -59.91
N MET H 302 0.13 1.35 -58.72
CA MET H 302 0.24 2.78 -58.45
C MET H 302 1.56 3.18 -57.84
N TYR H 303 2.39 2.23 -57.43
CA TYR H 303 3.67 2.55 -56.80
C TYR H 303 4.48 3.43 -57.76
N PRO H 304 5.07 4.53 -57.30
CA PRO H 304 5.92 5.37 -58.16
C PRO H 304 7.09 4.57 -58.72
N GLY H 305 7.36 4.76 -60.01
CA GLY H 305 8.46 4.09 -60.67
C GLY H 305 8.16 2.69 -61.15
N ILE H 306 6.93 2.20 -61.00
CA ILE H 306 6.60 0.84 -61.44
C ILE H 306 6.72 0.74 -62.96
N ALA H 307 6.25 1.77 -63.67
CA ALA H 307 6.24 1.71 -65.13
C ALA H 307 7.65 1.64 -65.70
N ASP H 308 8.56 2.48 -65.20
CA ASP H 308 9.94 2.45 -65.68
C ASP H 308 10.60 1.12 -65.39
N ARG H 309 10.40 0.61 -64.17
CA ARG H 309 10.99 -0.66 -63.78
C ARG H 309 10.53 -1.80 -64.70
N MET H 310 9.21 -1.92 -64.85
CA MET H 310 8.68 -2.99 -65.66
C MET H 310 9.08 -2.79 -67.11
N GLN H 311 9.12 -1.56 -67.63
CA GLN H 311 9.56 -1.33 -68.99
C GLN H 311 10.99 -1.80 -69.19
N LYS H 312 11.87 -1.52 -68.21
CA LYS H 312 13.24 -2.01 -68.29
C LYS H 312 13.27 -3.53 -68.32
N GLU H 313 12.47 -4.17 -67.47
CA GLU H 313 12.46 -5.64 -67.44
C GLU H 313 11.97 -6.22 -68.77
N ILE H 314 10.89 -5.68 -69.32
CA ILE H 314 10.33 -6.24 -70.53
C ILE H 314 11.25 -5.98 -71.72
N THR H 315 11.87 -4.80 -71.78
CA THR H 315 12.86 -4.56 -72.83
C THR H 315 14.09 -5.42 -72.68
N ALA H 316 14.42 -5.85 -71.45
CA ALA H 316 15.51 -6.79 -71.27
C ALA H 316 15.13 -8.17 -71.78
N LEU H 317 13.92 -8.64 -71.48
CA LEU H 317 13.52 -9.97 -71.90
C LEU H 317 13.24 -10.02 -73.40
N ALA H 318 12.52 -9.03 -73.92
CA ALA H 318 12.05 -9.05 -75.31
C ALA H 318 13.20 -8.81 -76.28
N PRO H 319 13.01 -9.15 -77.56
CA PRO H 319 14.05 -8.90 -78.56
C PRO H 319 14.38 -7.41 -78.65
N SER H 320 15.66 -7.12 -78.91
CA SER H 320 16.14 -5.74 -78.93
C SER H 320 15.48 -4.90 -80.01
N THR H 321 15.07 -5.50 -81.13
CA THR H 321 14.45 -4.75 -82.20
C THR H 321 13.09 -4.19 -81.81
N MET H 322 12.48 -4.72 -80.76
CA MET H 322 11.12 -4.35 -80.39
C MET H 322 11.07 -3.01 -79.68
N LYS H 323 10.14 -2.15 -80.11
CA LYS H 323 9.75 -0.99 -79.33
C LYS H 323 8.69 -1.40 -78.32
N ILE H 324 8.88 -0.99 -77.08
CA ILE H 324 8.04 -1.44 -75.96
C ILE H 324 7.50 -0.22 -75.26
N LYS H 325 6.19 -0.21 -75.01
CA LYS H 325 5.51 0.97 -74.48
C LYS H 325 4.47 0.51 -73.46
N ILE H 326 4.77 0.70 -72.18
CA ILE H 326 3.82 0.45 -71.08
C ILE H 326 2.87 1.62 -70.96
N ILE H 327 1.56 1.36 -71.00
CA ILE H 327 0.54 2.39 -70.91
C ILE H 327 0.02 2.39 -69.49
N ALA H 328 0.07 3.54 -68.83
CA ALA H 328 -0.35 3.69 -67.44
C ALA H 328 -1.03 5.04 -67.27
N PRO H 329 -2.31 5.13 -67.62
CA PRO H 329 -3.06 6.36 -67.36
C PRO H 329 -3.14 6.65 -65.88
N PRO H 330 -3.16 7.93 -65.47
CA PRO H 330 -3.09 8.24 -64.04
C PRO H 330 -4.25 7.68 -63.22
N GLU H 331 -5.36 7.32 -63.87
CA GLU H 331 -6.53 6.77 -63.19
C GLU H 331 -6.49 5.25 -63.03
N ARG H 332 -5.30 4.64 -62.96
CA ARG H 332 -5.15 3.20 -62.82
C ARG H 332 -6.13 2.57 -61.83
N LYS H 333 -6.31 3.22 -60.68
CA LYS H 333 -7.08 2.62 -59.60
C LYS H 333 -8.52 2.33 -60.02
N TYR H 334 -9.14 3.27 -60.73
CA TYR H 334 -10.55 3.16 -61.08
C TYR H 334 -10.78 2.66 -62.50
N SER H 335 -9.73 2.33 -63.24
CA SER H 335 -9.81 1.95 -64.65
C SER H 335 -10.69 0.72 -64.90
N VAL H 336 -10.65 -0.30 -64.05
CA VAL H 336 -11.55 -1.46 -64.18
C VAL H 336 -13.01 -1.02 -64.10
N TRP H 337 -13.33 -0.18 -63.11
CA TRP H 337 -14.69 0.33 -62.93
C TRP H 337 -15.11 1.27 -64.05
N ILE H 338 -14.22 2.16 -64.50
CA ILE H 338 -14.47 3.05 -65.64
C ILE H 338 -14.79 2.21 -66.86
N GLY H 339 -14.04 1.13 -67.09
CA GLY H 339 -14.33 0.18 -68.16
C GLY H 339 -15.74 -0.39 -68.08
N GLY H 340 -16.17 -0.82 -66.90
CA GLY H 340 -17.55 -1.27 -66.72
C GLY H 340 -18.58 -0.17 -66.98
N SER H 341 -18.30 1.06 -66.60
CA SER H 341 -19.20 2.20 -66.83
C SER H 341 -19.32 2.56 -68.32
N ILE H 342 -18.27 2.35 -69.12
CA ILE H 342 -18.35 2.39 -70.58
C ILE H 342 -19.23 1.25 -71.06
N LEU H 343 -18.88 0.00 -70.71
CA LEU H 343 -19.50 -1.19 -71.26
C LEU H 343 -21.01 -1.21 -71.05
N ALA H 344 -21.48 -0.94 -69.84
CA ALA H 344 -22.90 -0.93 -69.52
C ALA H 344 -23.68 0.15 -70.30
N SER H 345 -23.01 1.21 -70.76
CA SER H 345 -23.64 2.30 -71.51
C SER H 345 -23.85 1.99 -73.00
N LEU H 346 -23.20 0.96 -73.56
CA LEU H 346 -23.22 0.70 -75.00
C LEU H 346 -24.59 0.15 -75.46
N SER H 347 -25.09 0.64 -76.59
CA SER H 347 -26.30 0.09 -77.22
C SER H 347 -26.10 -1.36 -77.66
N THR H 348 -24.94 -1.67 -78.25
CA THR H 348 -24.56 -3.04 -78.65
C THR H 348 -24.45 -4.02 -77.48
N PHE H 349 -24.12 -3.56 -76.26
CA PHE H 349 -24.04 -4.44 -75.08
C PHE H 349 -25.41 -4.83 -74.51
N GLN H 350 -26.48 -4.08 -74.81
CA GLN H 350 -27.76 -4.22 -74.12
C GLN H 350 -28.47 -5.59 -74.31
N GLN H 351 -28.06 -6.37 -75.32
CA GLN H 351 -28.54 -7.71 -75.60
C GLN H 351 -27.79 -8.78 -74.81
N MET H 352 -26.66 -8.44 -74.20
CA MET H 352 -25.83 -9.41 -73.51
C MET H 352 -26.14 -9.55 -72.03
N TRP H 353 -27.09 -8.78 -71.50
CA TRP H 353 -27.52 -8.91 -70.12
C TRP H 353 -28.11 -10.30 -69.84
N ILE H 354 -28.01 -10.78 -68.61
CA ILE H 354 -28.75 -11.95 -68.13
C ILE H 354 -30.04 -11.44 -67.52
N THR H 355 -31.15 -11.58 -68.25
CA THR H 355 -32.43 -11.07 -67.81
C THR H 355 -32.98 -11.93 -66.68
N LYS H 356 -33.87 -11.33 -65.88
CA LYS H 356 -34.50 -12.04 -64.77
C LYS H 356 -35.18 -13.32 -65.25
N GLN H 357 -35.92 -13.24 -66.36
CA GLN H 357 -36.62 -14.42 -66.86
C GLN H 357 -35.65 -15.42 -67.48
N GLU H 358 -34.48 -14.96 -67.92
CA GLU H 358 -33.44 -15.90 -68.37
C GLU H 358 -32.84 -16.67 -67.20
N TYR H 359 -32.79 -16.05 -66.02
CA TYR H 359 -32.24 -16.73 -64.85
C TYR H 359 -33.19 -17.79 -64.32
N ASP H 360 -34.43 -17.39 -64.01
CA ASP H 360 -35.38 -18.30 -63.37
C ASP H 360 -35.80 -19.44 -64.29
N GLU H 361 -35.50 -19.38 -65.58
CA GLU H 361 -35.80 -20.46 -66.50
C GLU H 361 -34.71 -21.52 -66.56
N ALA H 362 -33.47 -21.18 -66.16
CA ALA H 362 -32.36 -22.11 -66.26
C ALA H 362 -31.52 -22.22 -65.00
N GLY H 363 -31.90 -21.58 -63.91
CA GLY H 363 -31.11 -21.59 -62.70
C GLY H 363 -29.90 -20.68 -62.79
N PRO H 364 -29.02 -20.75 -61.78
CA PRO H 364 -27.79 -19.95 -61.83
C PRO H 364 -26.82 -20.38 -62.91
N SER H 365 -27.03 -21.54 -63.56
CA SER H 365 -26.05 -22.05 -64.52
C SER H 365 -26.01 -21.20 -65.79
N ILE H 366 -26.86 -20.18 -65.90
CA ILE H 366 -26.92 -19.34 -67.09
C ILE H 366 -25.61 -18.63 -67.35
N VAL H 367 -24.81 -18.40 -66.31
CA VAL H 367 -23.65 -17.50 -66.43
C VAL H 367 -22.61 -18.04 -67.39
N HIS H 368 -22.36 -19.35 -67.36
CA HIS H 368 -21.32 -19.89 -68.22
C HIS H 368 -21.71 -19.88 -69.69
N ARG H 369 -22.98 -19.67 -70.02
CA ARG H 369 -23.39 -19.55 -71.41
C ARG H 369 -23.41 -18.10 -71.86
N LYS H 370 -23.97 -17.21 -71.05
CA LYS H 370 -24.09 -15.80 -71.44
C LYS H 370 -22.77 -15.07 -71.33
N CYS H 371 -21.98 -15.34 -70.30
CA CYS H 371 -20.78 -14.57 -70.00
C CYS H 371 -19.52 -15.28 -70.48
N PHE H 372 -18.44 -14.52 -70.53
CA PHE H 372 -17.10 -15.06 -70.76
C PHE H 372 -16.71 -15.80 -69.49
N GLU I 1 33.10 -55.66 -74.35
CA GLU I 1 31.75 -55.22 -74.69
C GLU I 1 30.77 -56.40 -74.62
N THR I 2 30.24 -56.64 -73.43
CA THR I 2 29.40 -57.81 -73.22
C THR I 2 27.93 -57.53 -73.54
N THR I 3 27.38 -56.45 -73.01
CA THR I 3 25.94 -56.20 -73.13
C THR I 3 25.70 -54.73 -73.38
N ALA I 4 24.85 -54.43 -74.36
CA ALA I 4 24.50 -53.05 -74.66
C ALA I 4 23.51 -52.51 -73.63
N LEU I 5 23.53 -51.19 -73.45
CA LEU I 5 22.54 -50.49 -72.67
C LEU I 5 21.54 -49.82 -73.60
N VAL I 6 20.30 -49.70 -73.13
CA VAL I 6 19.24 -49.05 -73.90
C VAL I 6 18.62 -47.99 -73.01
N CYS I 7 18.49 -46.78 -73.53
CA CYS I 7 17.93 -45.66 -72.78
C CYS I 7 16.90 -44.95 -73.63
N ASP I 8 15.68 -44.84 -73.11
CA ASP I 8 14.68 -43.94 -73.65
C ASP I 8 14.68 -42.71 -72.76
N ASN I 9 15.28 -41.63 -73.24
CA ASN I 9 15.34 -40.40 -72.47
C ASN I 9 14.00 -39.69 -72.52
N GLY I 10 13.04 -40.23 -71.80
CA GLY I 10 11.70 -39.69 -71.80
C GLY I 10 11.61 -38.28 -71.27
N SER I 11 10.73 -37.48 -71.87
CA SER I 11 10.48 -36.15 -71.35
C SER I 11 9.98 -36.20 -69.91
N GLY I 12 9.31 -37.29 -69.53
CA GLY I 12 8.84 -37.44 -68.17
C GLY I 12 9.52 -38.53 -67.39
N LEU I 13 9.89 -39.63 -68.06
CA LEU I 13 10.41 -40.81 -67.39
C LEU I 13 11.61 -41.35 -68.17
N VAL I 14 12.79 -41.30 -67.55
CA VAL I 14 13.95 -42.00 -68.11
C VAL I 14 13.75 -43.50 -67.92
N LYS I 15 13.88 -44.25 -69.00
CA LYS I 15 13.76 -45.70 -68.98
C LYS I 15 15.06 -46.31 -69.47
N ALA I 16 15.76 -47.03 -68.60
CA ALA I 16 17.07 -47.57 -68.90
C ALA I 16 17.16 -49.02 -68.43
N GLY I 17 18.02 -49.78 -69.11
CA GLY I 17 18.24 -51.15 -68.73
C GLY I 17 19.11 -51.85 -69.77
N PHE I 18 19.57 -53.04 -69.40
CA PHE I 18 20.43 -53.81 -70.28
C PHE I 18 19.62 -54.40 -71.44
N ALA I 19 20.32 -54.61 -72.56
CA ALA I 19 19.70 -55.20 -73.73
C ALA I 19 19.44 -56.69 -73.50
N GLY I 20 18.49 -57.23 -74.26
CA GLY I 20 18.11 -58.61 -74.12
C GLY I 20 16.98 -58.83 -73.13
N ASP I 21 16.98 -58.04 -72.05
CA ASP I 21 15.92 -58.13 -71.06
C ASP I 21 14.62 -57.57 -71.62
N ASP I 22 13.50 -58.09 -71.10
CA ASP I 22 12.17 -57.70 -71.56
C ASP I 22 11.57 -56.54 -70.77
N ALA I 23 12.28 -56.01 -69.78
CA ALA I 23 11.78 -54.90 -68.98
C ALA I 23 12.95 -54.04 -68.57
N PRO I 24 12.77 -52.71 -68.50
CA PRO I 24 13.87 -51.84 -68.09
C PRO I 24 14.31 -52.12 -66.66
N ARG I 25 15.62 -52.02 -66.43
CA ARG I 25 16.15 -52.24 -65.08
C ARG I 25 15.73 -51.13 -64.13
N ALA I 26 15.73 -49.89 -64.60
CA ALA I 26 15.43 -48.74 -63.75
C ALA I 26 14.59 -47.74 -64.51
N VAL I 27 13.54 -47.25 -63.85
CA VAL I 27 12.69 -46.18 -64.38
C VAL I 27 12.56 -45.11 -63.31
N PHE I 28 12.80 -43.86 -63.69
CA PHE I 28 12.75 -42.74 -62.76
C PHE I 28 12.45 -41.47 -63.55
N PRO I 29 11.84 -40.47 -62.93
CA PRO I 29 11.54 -39.23 -63.64
C PRO I 29 12.81 -38.53 -64.11
N SER I 30 12.71 -37.88 -65.28
CA SER I 30 13.81 -37.07 -65.81
C SER I 30 13.80 -35.71 -65.16
N ILE I 31 13.98 -35.65 -63.84
CA ILE I 31 13.82 -34.43 -63.07
C ILE I 31 15.12 -34.10 -62.35
N VAL I 32 15.54 -32.85 -62.44
CA VAL I 32 16.63 -32.32 -61.63
C VAL I 32 16.06 -31.21 -60.76
N GLY I 33 16.38 -31.26 -59.48
CA GLY I 33 15.81 -30.33 -58.52
C GLY I 33 16.87 -29.64 -57.69
N ARG I 34 16.61 -28.37 -57.38
CA ARG I 34 17.47 -27.56 -56.55
C ARG I 34 16.71 -27.15 -55.29
N PRO I 35 17.39 -27.04 -54.15
CA PRO I 35 16.70 -26.60 -52.93
C PRO I 35 16.22 -25.16 -53.06
N ARG I 36 14.94 -24.94 -52.74
CA ARG I 36 14.36 -23.60 -52.86
C ARG I 36 14.69 -22.75 -51.64
N HIS I 37 14.28 -23.21 -50.46
CA HIS I 37 14.50 -22.44 -49.25
C HIS I 37 15.90 -22.68 -48.69
N GLN I 38 16.32 -21.80 -47.79
CA GLN I 38 17.67 -21.85 -47.25
C GLN I 38 17.83 -22.97 -46.23
N GLY I 39 19.00 -23.60 -46.23
CA GLY I 39 19.30 -24.61 -45.23
C GLY I 39 19.82 -23.98 -43.95
N VAL I 40 19.47 -24.59 -42.82
CA VAL I 40 19.83 -24.04 -41.52
C VAL I 40 20.56 -25.09 -40.68
N MET I 41 20.36 -26.37 -40.99
CA MET I 41 20.95 -27.44 -40.20
C MET I 41 22.35 -27.76 -40.71
N VAL I 42 23.36 -27.24 -40.05
CA VAL I 42 24.76 -27.62 -40.30
C VAL I 42 24.95 -29.11 -39.99
N GLY I 43 25.74 -29.79 -40.82
CA GLY I 43 26.10 -31.19 -40.59
C GLY I 43 25.06 -32.24 -40.98
N MET I 44 23.86 -31.87 -41.43
CA MET I 44 22.99 -32.84 -42.09
C MET I 44 23.58 -33.31 -43.40
N GLY I 45 24.40 -32.47 -44.05
CA GLY I 45 25.03 -32.87 -45.30
C GLY I 45 24.13 -32.83 -46.51
N GLN I 46 23.28 -31.83 -46.64
CA GLN I 46 22.39 -31.73 -47.79
C GLN I 46 23.20 -31.58 -49.07
N LYS I 47 22.83 -32.34 -50.11
CA LYS I 47 23.44 -32.14 -51.41
C LYS I 47 22.90 -30.87 -52.06
N ASP I 48 23.71 -30.30 -52.97
CA ASP I 48 23.29 -29.08 -53.64
C ASP I 48 22.25 -29.31 -54.73
N SER I 49 21.99 -30.57 -55.11
CA SER I 49 20.99 -30.88 -56.12
C SER I 49 20.58 -32.33 -55.96
N TYR I 50 19.42 -32.65 -56.53
CA TYR I 50 18.89 -34.01 -56.49
C TYR I 50 18.35 -34.36 -57.88
N VAL I 51 18.25 -35.66 -58.14
CA VAL I 51 17.87 -36.16 -59.46
C VAL I 51 17.04 -37.43 -59.30
N GLY I 52 16.08 -37.61 -60.19
CA GLY I 52 15.28 -38.82 -60.22
C GLY I 52 14.41 -38.96 -58.98
N ASP I 53 14.43 -40.16 -58.39
CA ASP I 53 13.57 -40.46 -57.25
C ASP I 53 13.92 -39.61 -56.04
N GLU I 54 15.17 -39.19 -55.91
CA GLU I 54 15.55 -38.31 -54.81
C GLU I 54 14.80 -36.99 -54.89
N ALA I 55 14.77 -36.39 -56.10
CA ALA I 55 14.03 -35.15 -56.28
C ALA I 55 12.52 -35.37 -56.12
N GLN I 56 12.03 -36.50 -56.63
CA GLN I 56 10.59 -36.77 -56.55
C GLN I 56 10.11 -36.92 -55.12
N SER I 57 10.89 -37.62 -54.29
CA SER I 57 10.48 -37.84 -52.90
C SER I 57 10.58 -36.56 -52.08
N LYS I 58 11.66 -35.80 -52.25
CA LYS I 58 11.86 -34.54 -51.53
C LYS I 58 11.34 -33.33 -52.29
N ARG I 59 10.33 -33.52 -53.15
CA ARG I 59 9.88 -32.45 -54.03
C ARG I 59 9.33 -31.25 -53.26
N GLY I 60 8.89 -31.45 -52.01
CA GLY I 60 8.34 -30.34 -51.25
C GLY I 60 9.34 -29.24 -50.97
N ILE I 61 10.63 -29.56 -50.99
CA ILE I 61 11.67 -28.59 -50.66
C ILE I 61 12.48 -28.19 -51.90
N LEU I 62 12.06 -28.63 -53.09
CA LEU I 62 12.87 -28.48 -54.29
C LEU I 62 12.10 -27.77 -55.40
N THR I 63 12.85 -27.17 -56.32
CA THR I 63 12.29 -26.59 -57.54
C THR I 63 12.56 -27.56 -58.70
N LEU I 64 11.65 -28.51 -58.87
CA LEU I 64 11.79 -29.50 -59.92
C LEU I 64 11.76 -28.84 -61.30
N LYS I 65 12.62 -29.32 -62.20
CA LYS I 65 12.66 -28.82 -63.56
C LYS I 65 13.04 -29.96 -64.50
N TYR I 66 12.44 -29.95 -65.69
CA TYR I 66 12.68 -31.00 -66.67
C TYR I 66 13.69 -30.53 -67.70
N PRO I 67 14.84 -31.19 -67.83
CA PRO I 67 15.76 -30.83 -68.92
C PRO I 67 15.15 -31.06 -70.30
N ILE I 68 14.24 -32.01 -70.44
CA ILE I 68 13.61 -32.29 -71.72
C ILE I 68 12.35 -31.45 -71.87
N GLU I 69 12.16 -30.87 -73.05
CA GLU I 69 10.92 -30.25 -73.47
C GLU I 69 10.60 -30.68 -74.90
N HIS I 70 9.47 -31.37 -75.06
CA HIS I 70 9.01 -31.78 -76.38
C HIS I 70 10.07 -32.59 -77.11
N GLY I 71 10.79 -33.43 -76.38
CA GLY I 71 11.82 -34.28 -76.94
C GLY I 71 13.15 -33.60 -77.18
N ILE I 72 13.29 -32.32 -76.84
CA ILE I 72 14.49 -31.56 -77.10
C ILE I 72 15.17 -31.24 -75.77
N ILE I 73 16.48 -31.48 -75.71
CA ILE I 73 17.26 -31.20 -74.52
C ILE I 73 17.47 -29.69 -74.45
N THR I 74 16.88 -29.05 -73.44
CA THR I 74 16.95 -27.60 -73.30
C THR I 74 18.05 -27.14 -72.34
N ASN I 75 18.53 -28.02 -71.46
CA ASN I 75 19.58 -27.69 -70.51
C ASN I 75 20.55 -28.86 -70.47
N TRP I 76 21.77 -28.66 -70.96
CA TRP I 76 22.69 -29.78 -71.11
C TRP I 76 23.47 -30.09 -69.85
N ASP I 77 23.59 -29.15 -68.92
CA ASP I 77 24.23 -29.47 -67.65
C ASP I 77 23.37 -30.45 -66.84
N ASP I 78 22.08 -30.15 -66.70
CA ASP I 78 21.19 -31.05 -65.99
C ASP I 78 21.01 -32.36 -66.76
N MET I 79 21.03 -32.31 -68.08
CA MET I 79 20.94 -33.54 -68.87
C MET I 79 22.18 -34.41 -68.67
N GLU I 80 23.36 -33.79 -68.62
CA GLU I 80 24.57 -34.54 -68.31
C GLU I 80 24.49 -35.15 -66.92
N LYS I 81 23.93 -34.40 -65.97
CA LYS I 81 23.74 -34.94 -64.63
C LYS I 81 22.81 -36.14 -64.64
N ILE I 82 21.73 -36.08 -65.42
CA ILE I 82 20.80 -37.20 -65.51
C ILE I 82 21.47 -38.41 -66.17
N TRP I 83 22.26 -38.17 -67.22
CA TRP I 83 23.04 -39.25 -67.81
C TRP I 83 23.93 -39.91 -66.77
N HIS I 84 24.68 -39.10 -66.02
CA HIS I 84 25.61 -39.63 -65.03
C HIS I 84 24.88 -40.43 -63.97
N HIS I 85 23.72 -39.93 -63.53
CA HIS I 85 22.91 -40.68 -62.58
C HIS I 85 22.48 -42.02 -63.16
N THR I 86 21.85 -42.00 -64.34
CA THR I 86 21.27 -43.22 -64.90
C THR I 86 22.35 -44.25 -65.21
N PHE I 87 23.60 -43.82 -65.39
CA PHE I 87 24.68 -44.78 -65.58
C PHE I 87 25.24 -45.27 -64.24
N TYR I 88 25.65 -44.36 -63.36
CA TYR I 88 26.46 -44.75 -62.21
C TYR I 88 25.65 -45.13 -60.98
N ASN I 89 24.41 -44.67 -60.84
CA ASN I 89 23.62 -44.94 -59.64
C ASN I 89 22.51 -45.95 -59.87
N GLU I 90 21.76 -45.81 -60.96
CA GLU I 90 20.65 -46.73 -61.22
C GLU I 90 21.15 -48.04 -61.83
N LEU I 91 21.76 -47.96 -63.02
CA LEU I 91 22.28 -49.15 -63.66
C LEU I 91 23.53 -49.68 -62.96
N ARG I 92 24.21 -48.85 -62.18
CA ARG I 92 25.41 -49.25 -61.44
C ARG I 92 26.47 -49.83 -62.38
N VAL I 93 26.64 -49.20 -63.54
CA VAL I 93 27.55 -49.68 -64.57
C VAL I 93 28.38 -48.51 -65.09
N ALA I 94 29.69 -48.73 -65.21
CA ALA I 94 30.55 -47.75 -65.86
C ALA I 94 30.30 -47.80 -67.36
N PRO I 95 29.85 -46.70 -67.96
CA PRO I 95 29.45 -46.75 -69.37
C PRO I 95 30.62 -46.84 -70.34
N GLU I 96 31.86 -46.72 -69.86
CA GLU I 96 33.02 -46.67 -70.75
C GLU I 96 33.32 -48.03 -71.38
N GLU I 97 32.54 -49.06 -71.03
CA GLU I 97 32.74 -50.38 -71.63
C GLU I 97 31.42 -51.03 -72.05
N HIS I 98 30.34 -50.27 -72.15
CA HIS I 98 29.05 -50.78 -72.60
C HIS I 98 28.57 -49.97 -73.79
N PRO I 99 28.30 -50.58 -74.95
CA PRO I 99 27.64 -49.84 -76.03
C PRO I 99 26.26 -49.40 -75.60
N THR I 100 25.81 -48.27 -76.15
CA THR I 100 24.59 -47.63 -75.68
C THR I 100 23.71 -47.26 -76.87
N LEU I 101 22.40 -47.53 -76.74
CA LEU I 101 21.42 -47.15 -77.75
C LEU I 101 20.46 -46.13 -77.14
N LEU I 102 20.22 -45.04 -77.86
CA LEU I 102 19.39 -43.94 -77.39
C LEU I 102 18.22 -43.73 -78.33
N THR I 103 17.09 -43.34 -77.76
CA THR I 103 15.84 -43.18 -78.50
C THR I 103 15.51 -41.69 -78.58
N GLU I 104 15.17 -41.21 -79.78
CA GLU I 104 14.86 -39.81 -79.99
C GLU I 104 13.60 -39.65 -80.83
N ALA I 105 12.89 -38.56 -80.59
CA ALA I 105 11.72 -38.22 -81.38
C ALA I 105 12.15 -37.80 -82.79
N PRO I 106 11.30 -38.01 -83.80
CA PRO I 106 11.65 -37.58 -85.15
C PRO I 106 11.49 -36.08 -85.32
N LEU I 107 12.09 -35.58 -86.42
CA LEU I 107 12.08 -34.17 -86.76
C LEU I 107 12.67 -33.29 -85.66
N ASN I 108 13.61 -33.85 -84.90
CA ASN I 108 14.30 -33.09 -83.87
C ASN I 108 15.43 -32.27 -84.47
N PRO I 109 15.85 -31.20 -83.80
CA PRO I 109 17.02 -30.45 -84.27
C PRO I 109 18.26 -31.34 -84.32
N LYS I 110 19.04 -31.17 -85.39
CA LYS I 110 20.21 -32.01 -85.58
C LYS I 110 21.28 -31.74 -84.52
N ALA I 111 21.36 -30.50 -84.05
CA ALA I 111 22.35 -30.18 -83.01
C ALA I 111 22.07 -30.96 -81.73
N ASN I 112 20.81 -31.30 -81.47
CA ASN I 112 20.50 -32.13 -80.31
C ASN I 112 21.21 -33.48 -80.41
N ARG I 113 21.07 -34.15 -81.55
CA ARG I 113 21.75 -35.42 -81.75
C ARG I 113 23.26 -35.26 -81.71
N GLU I 114 23.78 -34.20 -82.33
CA GLU I 114 25.23 -34.01 -82.38
C GLU I 114 25.79 -33.82 -80.97
N LYS I 115 25.15 -32.99 -80.15
CA LYS I 115 25.66 -32.78 -78.80
C LYS I 115 25.42 -33.99 -77.92
N MET I 116 24.34 -34.74 -78.16
CA MET I 116 24.14 -35.99 -77.44
C MET I 116 25.28 -36.96 -77.72
N THR I 117 25.68 -37.09 -78.98
CA THR I 117 26.80 -37.95 -79.33
C THR I 117 28.10 -37.43 -78.75
N GLN I 118 28.27 -36.11 -78.75
CA GLN I 118 29.47 -35.52 -78.13
C GLN I 118 29.55 -35.87 -76.66
N ILE I 119 28.42 -35.78 -75.95
CA ILE I 119 28.37 -36.17 -74.55
C ILE I 119 28.73 -37.65 -74.40
N MET I 120 28.16 -38.48 -75.28
CA MET I 120 28.42 -39.92 -75.19
C MET I 120 29.90 -40.24 -75.35
N PHE I 121 30.57 -39.60 -76.30
CA PHE I 121 31.93 -39.99 -76.64
C PHE I 121 33.02 -39.24 -75.90
N GLU I 122 32.72 -38.10 -75.27
CA GLU I 122 33.77 -37.31 -74.64
C GLU I 122 33.74 -37.30 -73.11
N THR I 123 32.57 -37.27 -72.48
CA THR I 123 32.52 -37.26 -71.03
C THR I 123 32.14 -38.60 -70.41
N PHE I 124 31.57 -39.52 -71.20
CA PHE I 124 31.29 -40.87 -70.74
C PHE I 124 32.12 -41.93 -71.44
N ASN I 125 32.80 -41.59 -72.53
CA ASN I 125 33.74 -42.49 -73.19
C ASN I 125 33.06 -43.79 -73.63
N VAL I 126 31.82 -43.69 -74.09
CA VAL I 126 31.07 -44.88 -74.51
C VAL I 126 31.75 -45.52 -75.71
N PRO I 127 32.05 -46.82 -75.69
CA PRO I 127 32.77 -47.43 -76.82
C PRO I 127 32.03 -47.36 -78.14
N ALA I 128 30.70 -47.46 -78.15
CA ALA I 128 29.93 -47.38 -79.37
C ALA I 128 28.49 -47.02 -79.01
N MET I 129 27.84 -46.28 -79.90
CA MET I 129 26.51 -45.78 -79.60
C MET I 129 25.71 -45.64 -80.89
N TYR I 130 24.39 -45.59 -80.74
CA TYR I 130 23.47 -45.46 -81.86
C TYR I 130 22.23 -44.71 -81.41
N VAL I 131 21.60 -44.02 -82.36
CA VAL I 131 20.35 -43.30 -82.12
C VAL I 131 19.28 -43.87 -83.04
N ALA I 132 18.17 -44.27 -82.44
CA ALA I 132 17.02 -44.79 -83.19
C ALA I 132 15.79 -43.97 -82.84
N ILE I 133 14.90 -43.80 -83.82
CA ILE I 133 13.67 -43.05 -83.59
C ILE I 133 12.73 -43.87 -82.72
N GLN I 134 12.12 -43.18 -81.74
CA GLN I 134 11.27 -43.78 -80.69
C GLN I 134 10.17 -44.64 -81.32
N ALA I 135 9.49 -44.15 -82.37
CA ALA I 135 8.37 -44.87 -82.96
C ALA I 135 8.77 -46.17 -83.64
N VAL I 136 9.91 -46.22 -84.33
CA VAL I 136 10.34 -47.44 -85.03
C VAL I 136 10.61 -48.57 -84.05
N LEU I 137 11.12 -48.26 -82.87
CA LEU I 137 11.28 -49.26 -81.81
C LEU I 137 9.96 -49.93 -81.43
N SER I 138 8.84 -49.21 -81.46
CA SER I 138 7.54 -49.81 -81.16
C SER I 138 7.18 -50.96 -82.13
N LEU I 139 7.64 -50.96 -83.38
CA LEU I 139 7.40 -52.11 -84.26
C LEU I 139 8.23 -53.33 -83.91
N TYR I 140 9.49 -53.18 -83.49
CA TYR I 140 10.22 -54.32 -82.93
C TYR I 140 9.53 -54.85 -81.68
N ALA I 141 9.01 -53.94 -80.84
CA ALA I 141 8.33 -54.37 -79.63
C ALA I 141 7.09 -55.21 -79.94
N SER I 142 6.31 -54.78 -80.92
CA SER I 142 5.12 -55.54 -81.32
C SER I 142 5.47 -56.74 -82.19
N GLY I 143 6.68 -56.82 -82.73
CA GLY I 143 7.14 -57.93 -83.58
C GLY I 143 6.57 -57.86 -85.00
N ARG I 144 6.47 -56.68 -85.60
CA ARG I 144 5.78 -56.46 -86.89
C ARG I 144 6.70 -55.93 -87.98
N THR I 145 6.50 -56.43 -89.19
CA THR I 145 7.11 -55.97 -90.43
C THR I 145 6.54 -54.64 -90.95
N THR I 146 5.28 -54.34 -90.60
CA THR I 146 4.48 -53.25 -91.17
C THR I 146 3.56 -52.66 -90.11
N GLY I 147 3.34 -51.34 -90.14
CA GLY I 147 2.38 -50.69 -89.26
C GLY I 147 2.48 -49.17 -89.29
N ILE I 148 1.42 -48.48 -88.90
CA ILE I 148 1.46 -47.05 -88.59
C ILE I 148 1.61 -46.94 -87.10
N VAL I 149 2.81 -46.63 -86.61
CA VAL I 149 3.00 -46.43 -85.17
C VAL I 149 2.43 -45.09 -84.80
N LEU I 150 1.69 -45.00 -83.72
CA LEU I 150 1.51 -43.76 -82.98
C LEU I 150 2.22 -43.89 -81.65
N ASP I 151 3.18 -43.04 -81.40
CA ASP I 151 3.85 -42.97 -80.12
C ASP I 151 3.48 -41.66 -79.44
N SER I 152 3.13 -41.72 -78.16
CA SER I 152 3.09 -40.51 -77.38
C SER I 152 3.34 -40.76 -75.91
N GLY I 153 4.56 -40.47 -75.53
CA GLY I 153 4.97 -40.33 -74.17
C GLY I 153 4.67 -38.94 -73.65
N ASP I 154 5.59 -38.39 -72.87
CA ASP I 154 5.32 -37.18 -72.12
C ASP I 154 5.60 -35.92 -72.93
N GLY I 155 6.49 -36.01 -73.92
CA GLY I 155 6.92 -34.84 -74.66
C GLY I 155 6.15 -34.53 -75.93
N VAL I 156 6.02 -35.51 -76.80
CA VAL I 156 5.40 -35.38 -78.13
C VAL I 156 4.33 -36.43 -78.35
N THR I 157 3.49 -36.21 -79.38
CA THR I 157 2.86 -37.32 -80.06
C THR I 157 3.40 -37.33 -81.48
N HIS I 158 3.77 -38.47 -82.03
CA HIS I 158 4.23 -38.56 -83.41
C HIS I 158 3.83 -39.89 -83.99
N ASN I 159 3.68 -39.94 -85.31
CA ASN I 159 3.31 -41.17 -85.98
C ASN I 159 4.12 -41.37 -87.25
N VAL I 160 4.64 -42.59 -87.40
CA VAL I 160 5.55 -42.99 -88.48
C VAL I 160 4.96 -44.22 -89.15
N PRO I 161 4.65 -44.20 -90.45
CA PRO I 161 4.28 -45.41 -91.16
C PRO I 161 5.54 -46.14 -91.61
N ILE I 162 5.54 -47.46 -91.44
CA ILE I 162 6.58 -48.35 -91.94
C ILE I 162 5.89 -49.48 -92.68
N TYR I 163 6.38 -49.85 -93.86
CA TYR I 163 5.82 -50.93 -94.66
C TYR I 163 6.90 -51.90 -95.12
N GLU I 164 6.75 -53.17 -94.80
CA GLU I 164 7.70 -54.25 -95.08
C GLU I 164 9.16 -53.89 -94.75
N GLY I 165 9.33 -53.10 -93.68
CA GLY I 165 10.62 -52.60 -93.21
C GLY I 165 11.10 -51.27 -93.81
N TYR I 166 10.37 -50.69 -94.76
CA TYR I 166 10.70 -49.40 -95.36
C TYR I 166 9.88 -48.28 -94.72
N ALA I 167 10.53 -47.26 -94.17
CA ALA I 167 9.84 -46.11 -93.62
C ALA I 167 9.31 -45.23 -94.75
N LEU I 168 8.42 -44.32 -94.38
CA LEU I 168 7.85 -43.33 -95.30
C LEU I 168 8.06 -41.96 -94.67
N PRO I 169 9.28 -41.43 -94.74
CA PRO I 169 9.60 -40.21 -93.98
C PRO I 169 8.76 -39.01 -94.34
N HIS I 170 8.33 -38.88 -95.59
CA HIS I 170 7.52 -37.73 -95.98
C HIS I 170 6.14 -37.75 -95.36
N ALA I 171 5.69 -38.89 -94.86
CA ALA I 171 4.37 -39.02 -94.25
C ALA I 171 4.40 -38.89 -92.73
N ILE I 172 5.57 -38.61 -92.14
CA ILE I 172 5.66 -38.50 -90.69
C ILE I 172 4.94 -37.24 -90.22
N MET I 173 4.13 -37.39 -89.18
CA MET I 173 3.42 -36.28 -88.55
C MET I 173 3.87 -36.15 -87.10
N ARG I 174 3.91 -34.92 -86.61
CA ARG I 174 4.37 -34.64 -85.26
C ARG I 174 3.52 -33.55 -84.62
N LEU I 175 3.16 -33.76 -83.35
CA LEU I 175 2.49 -32.77 -82.53
C LEU I 175 3.25 -32.62 -81.22
N ASP I 176 3.39 -31.39 -80.75
CA ASP I 176 4.07 -31.15 -79.49
C ASP I 176 3.15 -31.24 -78.28
N LEU I 177 1.85 -31.41 -78.49
CA LEU I 177 0.91 -31.67 -77.41
C LEU I 177 1.13 -33.09 -76.90
N ALA I 178 1.37 -33.24 -75.60
CA ALA I 178 1.61 -34.55 -75.00
C ALA I 178 1.50 -34.40 -73.49
N GLY I 179 1.96 -35.42 -72.77
CA GLY I 179 1.82 -35.52 -71.33
C GLY I 179 2.02 -34.26 -70.51
N ARG I 180 3.20 -33.65 -70.59
CA ARG I 180 3.46 -32.46 -69.77
C ARG I 180 2.51 -31.32 -70.13
N ASP I 181 2.31 -31.09 -71.44
CA ASP I 181 1.39 -30.04 -71.86
C ASP I 181 -0.04 -30.35 -71.40
N LEU I 182 -0.41 -31.62 -71.43
CA LEU I 182 -1.75 -32.03 -71.04
C LEU I 182 -1.93 -32.01 -69.52
N THR I 183 -0.84 -32.15 -68.76
CA THR I 183 -0.92 -31.95 -67.32
C THR I 183 -1.22 -30.50 -66.98
N ASP I 184 -0.62 -29.57 -67.72
CA ASP I 184 -0.85 -28.14 -67.45
C ASP I 184 -2.32 -27.78 -67.66
N TYR I 185 -2.95 -28.36 -68.68
CA TYR I 185 -4.37 -28.11 -68.90
C TYR I 185 -5.21 -28.61 -67.73
N LEU I 186 -4.82 -29.75 -67.16
CA LEU I 186 -5.53 -30.25 -65.99
C LEU I 186 -5.37 -29.30 -64.81
N MET I 187 -4.18 -28.71 -64.65
CA MET I 187 -4.00 -27.69 -63.61
C MET I 187 -4.93 -26.51 -63.84
N LYS I 188 -5.10 -26.10 -65.10
CA LYS I 188 -5.98 -24.99 -65.41
C LYS I 188 -7.43 -25.32 -65.08
N ILE I 189 -7.91 -26.47 -65.56
CA ILE I 189 -9.32 -26.80 -65.38
C ILE I 189 -9.68 -27.13 -63.95
N LEU I 190 -8.70 -27.52 -63.12
CA LEU I 190 -9.00 -27.79 -61.72
C LEU I 190 -9.40 -26.51 -60.99
N THR I 191 -9.00 -25.35 -61.49
CA THR I 191 -9.39 -24.10 -60.86
C THR I 191 -10.88 -23.81 -61.00
N GLU I 192 -11.55 -24.45 -61.97
CA GLU I 192 -13.00 -24.28 -62.09
C GLU I 192 -13.71 -24.75 -60.83
N ARG I 193 -13.17 -25.77 -60.16
CA ARG I 193 -13.76 -26.27 -58.92
C ARG I 193 -13.08 -25.68 -57.69
N GLY I 194 -12.08 -24.81 -57.86
CA GLY I 194 -11.42 -24.16 -56.75
C GLY I 194 -10.09 -24.77 -56.33
N TYR I 195 -9.64 -25.82 -57.01
CA TYR I 195 -8.42 -26.53 -56.62
C TYR I 195 -7.24 -25.94 -57.36
N SER I 196 -6.68 -24.87 -56.79
CA SER I 196 -5.54 -24.20 -57.40
C SER I 196 -4.25 -24.97 -57.15
N PHE I 197 -3.38 -24.99 -58.17
CA PHE I 197 -2.05 -25.58 -58.05
C PHE I 197 -1.08 -24.76 -58.88
N VAL I 198 0.05 -24.38 -58.28
CA VAL I 198 0.98 -23.47 -58.92
C VAL I 198 2.39 -24.05 -59.00
N THR I 199 2.92 -24.53 -57.89
CA THR I 199 4.32 -24.94 -57.85
C THR I 199 4.52 -26.24 -58.63
N THR I 200 5.79 -26.51 -58.94
CA THR I 200 6.11 -27.68 -59.76
C THR I 200 5.84 -28.99 -59.02
N ALA I 201 6.05 -29.03 -57.71
CA ALA I 201 5.70 -30.22 -56.94
C ALA I 201 4.20 -30.47 -57.01
N GLU I 202 3.41 -29.41 -56.95
CA GLU I 202 1.97 -29.56 -57.12
C GLU I 202 1.61 -29.94 -58.54
N ARG I 203 2.45 -29.57 -59.52
CA ARG I 203 2.26 -30.10 -60.86
C ARG I 203 2.50 -31.60 -60.89
N GLU I 204 3.47 -32.08 -60.12
CA GLU I 204 3.67 -33.53 -59.98
C GLU I 204 2.45 -34.19 -59.35
N ILE I 205 1.86 -33.54 -58.35
CA ILE I 205 0.63 -34.06 -57.74
C ILE I 205 -0.49 -34.12 -58.77
N VAL I 206 -0.61 -33.08 -59.61
CA VAL I 206 -1.61 -33.09 -60.68
C VAL I 206 -1.33 -34.19 -61.68
N ARG I 207 -0.05 -34.47 -61.95
CA ARG I 207 0.30 -35.60 -62.80
C ARG I 207 -0.18 -36.92 -62.20
N ASP I 208 0.01 -37.08 -60.89
CA ASP I 208 -0.49 -38.28 -60.22
C ASP I 208 -2.00 -38.37 -60.33
N ILE I 209 -2.70 -37.24 -60.14
CA ILE I 209 -4.15 -37.23 -60.25
C ILE I 209 -4.58 -37.64 -61.64
N LYS I 210 -3.91 -37.12 -62.67
CA LYS I 210 -4.22 -37.47 -64.04
C LYS I 210 -4.02 -38.97 -64.28
N GLU I 211 -2.86 -39.48 -63.88
CA GLU I 211 -2.56 -40.89 -64.14
C GLU I 211 -3.50 -41.82 -63.39
N LYS I 212 -4.00 -41.40 -62.24
CA LYS I 212 -4.82 -42.30 -61.44
C LYS I 212 -6.32 -42.19 -61.72
N LEU I 213 -6.83 -41.04 -62.19
CA LEU I 213 -8.27 -40.80 -62.36
C LEU I 213 -8.76 -40.48 -63.76
N CYS I 214 -7.91 -40.02 -64.69
CA CYS I 214 -8.37 -39.62 -66.01
C CYS I 214 -8.68 -40.81 -66.92
N TYR I 215 -9.61 -40.62 -67.85
CA TYR I 215 -9.99 -41.57 -68.89
C TYR I 215 -10.47 -40.83 -70.14
N VAL I 216 -10.57 -41.52 -71.28
CA VAL I 216 -11.02 -40.94 -72.55
C VAL I 216 -12.45 -41.40 -72.85
N ALA I 217 -13.34 -40.47 -73.22
CA ALA I 217 -14.74 -40.75 -73.54
C ALA I 217 -14.91 -41.67 -74.78
N LEU I 218 -16.09 -42.25 -75.00
CA LEU I 218 -16.43 -42.79 -76.34
C LEU I 218 -17.12 -41.72 -77.18
N ASP I 219 -18.15 -41.07 -76.63
CA ASP I 219 -18.68 -39.82 -77.17
C ASP I 219 -18.57 -38.74 -76.09
N PHE I 220 -17.74 -37.75 -76.34
CA PHE I 220 -17.48 -36.67 -75.41
C PHE I 220 -18.74 -35.92 -75.02
N GLU I 221 -19.69 -35.73 -75.94
CA GLU I 221 -20.94 -35.05 -75.62
C GLU I 221 -21.83 -35.88 -74.69
N ASN I 222 -21.80 -37.21 -74.78
CA ASN I 222 -22.57 -38.06 -73.87
C ASN I 222 -21.94 -38.08 -72.48
N GLU I 223 -20.61 -38.10 -72.37
CA GLU I 223 -20.00 -37.93 -71.05
C GLU I 223 -20.33 -36.55 -70.49
N MET I 224 -20.30 -35.49 -71.30
CA MET I 224 -20.69 -34.16 -70.83
C MET I 224 -22.15 -34.11 -70.37
N ALA I 225 -23.07 -34.72 -71.13
CA ALA I 225 -24.47 -34.78 -70.78
C ALA I 225 -24.72 -35.62 -69.51
N THR I 226 -24.06 -36.76 -69.34
CA THR I 226 -24.20 -37.57 -68.13
C THR I 226 -23.55 -36.91 -66.92
N ALA I 227 -22.47 -36.14 -67.09
CA ALA I 227 -21.83 -35.41 -66.01
C ALA I 227 -22.70 -34.29 -65.47
N ALA I 228 -23.74 -33.89 -66.22
CA ALA I 228 -24.69 -32.92 -65.68
C ALA I 228 -25.40 -33.46 -64.46
N SER I 229 -25.80 -34.73 -64.49
CA SER I 229 -26.26 -35.44 -63.29
C SER I 229 -25.02 -35.98 -62.56
N SER I 230 -24.34 -35.05 -61.88
CA SER I 230 -22.98 -35.27 -61.39
C SER I 230 -23.00 -36.06 -60.09
N SER I 231 -23.24 -37.36 -60.22
CA SER I 231 -23.06 -38.27 -59.10
C SER I 231 -22.22 -39.49 -59.49
N SER I 232 -22.39 -39.95 -60.72
CA SER I 232 -21.80 -41.22 -61.12
C SER I 232 -20.34 -41.09 -61.53
N LEU I 233 -19.98 -40.04 -62.29
CA LEU I 233 -18.63 -39.92 -62.83
C LEU I 233 -17.62 -39.32 -61.84
N GLU I 234 -18.06 -38.81 -60.70
CA GLU I 234 -17.15 -38.14 -59.78
C GLU I 234 -16.31 -39.15 -59.01
N LYS I 235 -15.02 -38.86 -58.90
CA LYS I 235 -14.07 -39.69 -58.17
C LYS I 235 -13.26 -38.85 -57.22
N SER I 236 -12.89 -39.42 -56.09
CA SER I 236 -12.12 -38.71 -55.07
C SER I 236 -10.63 -39.07 -55.16
N TYR I 237 -9.80 -38.15 -54.66
CA TYR I 237 -8.36 -38.32 -54.62
C TYR I 237 -7.86 -37.68 -53.33
N GLU I 238 -6.88 -38.31 -52.69
CA GLU I 238 -6.36 -37.86 -51.41
C GLU I 238 -4.99 -37.23 -51.60
N LEU I 239 -4.86 -35.97 -51.22
CA LEU I 239 -3.59 -35.26 -51.31
C LEU I 239 -2.65 -35.71 -50.21
N PRO I 240 -1.34 -35.48 -50.36
CA PRO I 240 -0.39 -35.86 -49.31
C PRO I 240 -0.64 -35.14 -47.98
N ASP I 241 -1.25 -33.97 -48.00
CA ASP I 241 -1.56 -33.27 -46.76
C ASP I 241 -2.78 -33.87 -46.07
N GLY I 242 -3.61 -34.61 -46.80
CA GLY I 242 -4.81 -35.20 -46.24
C GLY I 242 -6.12 -34.64 -46.75
N GLN I 243 -6.09 -33.56 -47.53
CA GLN I 243 -7.31 -33.08 -48.16
C GLN I 243 -7.75 -34.07 -49.24
N VAL I 244 -9.05 -34.04 -49.56
CA VAL I 244 -9.59 -34.88 -50.64
C VAL I 244 -10.15 -33.99 -51.73
N ILE I 245 -9.60 -34.15 -52.93
CA ILE I 245 -10.14 -33.57 -54.15
C ILE I 245 -11.24 -34.47 -54.69
N THR I 246 -12.27 -33.87 -55.29
CA THR I 246 -13.28 -34.61 -56.02
C THR I 246 -13.44 -33.95 -57.39
N ILE I 247 -13.28 -34.75 -58.45
CA ILE I 247 -13.32 -34.22 -59.80
C ILE I 247 -14.40 -34.96 -60.60
N GLY I 248 -15.08 -34.21 -61.45
CA GLY I 248 -16.13 -34.75 -62.29
C GLY I 248 -15.76 -34.72 -63.76
N ASN I 249 -16.24 -33.70 -64.47
CA ASN I 249 -15.96 -33.57 -65.90
C ASN I 249 -14.46 -33.57 -66.18
N GLU I 250 -13.67 -32.99 -65.28
CA GLU I 250 -12.26 -32.73 -65.54
C GLU I 250 -11.51 -34.00 -65.90
N ARG I 251 -11.94 -35.17 -65.40
CA ARG I 251 -11.22 -36.42 -65.63
C ARG I 251 -11.31 -36.93 -67.06
N PHE I 252 -12.31 -36.53 -67.84
CA PHE I 252 -12.36 -36.78 -69.28
C PHE I 252 -12.16 -35.53 -70.14
N ARG I 253 -12.42 -34.32 -69.62
CA ARG I 253 -12.04 -33.06 -70.31
C ARG I 253 -10.54 -33.00 -70.56
N CYS I 254 -9.71 -33.42 -69.61
CA CYS I 254 -8.26 -33.31 -69.76
C CYS I 254 -7.71 -34.23 -70.84
N PRO I 255 -8.04 -35.54 -70.92
CA PRO I 255 -7.58 -36.37 -72.03
C PRO I 255 -8.17 -36.01 -73.38
N GLU I 256 -9.39 -35.48 -73.43
CA GLU I 256 -10.00 -35.09 -74.70
C GLU I 256 -9.17 -34.03 -75.45
N THR I 257 -8.29 -33.27 -74.80
CA THR I 257 -7.48 -32.29 -75.52
C THR I 257 -6.54 -32.94 -76.52
N LEU I 258 -6.24 -34.24 -76.38
CA LEU I 258 -5.56 -35.01 -77.41
C LEU I 258 -6.42 -35.05 -78.67
N PHE I 259 -7.71 -35.38 -78.55
CA PHE I 259 -8.62 -35.50 -79.68
C PHE I 259 -9.15 -34.14 -80.18
N GLN I 260 -9.05 -33.08 -79.38
CA GLN I 260 -9.42 -31.72 -79.73
C GLN I 260 -8.39 -30.71 -79.17
N PRO I 261 -7.29 -30.42 -79.87
CA PRO I 261 -6.30 -29.45 -79.39
C PRO I 261 -6.83 -28.03 -79.30
N SER I 262 -8.05 -27.77 -79.78
CA SER I 262 -8.64 -26.44 -79.65
C SER I 262 -8.81 -26.05 -78.19
N PHE I 263 -8.94 -27.03 -77.29
CA PHE I 263 -9.11 -26.77 -75.86
C PHE I 263 -7.89 -26.05 -75.28
N ILE I 264 -6.67 -26.43 -75.71
CA ILE I 264 -5.45 -25.84 -75.17
C ILE I 264 -5.07 -24.69 -76.10
N GLY I 265 -5.91 -24.43 -77.10
CA GLY I 265 -5.70 -23.32 -78.00
C GLY I 265 -4.92 -23.61 -79.25
N MET I 266 -4.49 -24.85 -79.46
CA MET I 266 -3.73 -25.20 -80.66
C MET I 266 -4.67 -25.36 -81.85
N GLU I 267 -4.18 -24.94 -83.03
CA GLU I 267 -4.94 -25.09 -84.26
C GLU I 267 -4.92 -26.52 -84.79
N SER I 268 -3.86 -27.27 -84.49
CA SER I 268 -3.62 -28.55 -85.13
C SER I 268 -4.76 -29.54 -84.84
N ALA I 269 -4.89 -30.52 -85.72
CA ALA I 269 -5.87 -31.57 -85.54
C ALA I 269 -5.51 -32.44 -84.35
N GLY I 270 -6.45 -33.27 -83.92
CA GLY I 270 -6.29 -34.08 -82.73
C GLY I 270 -5.28 -35.19 -82.91
N ILE I 271 -5.20 -36.10 -81.94
CA ILE I 271 -4.39 -37.32 -82.04
C ILE I 271 -4.91 -38.20 -83.18
N HIS I 272 -6.24 -38.29 -83.29
CA HIS I 272 -6.86 -38.76 -84.52
C HIS I 272 -6.77 -37.68 -85.59
N GLU I 273 -6.95 -38.10 -86.85
CA GLU I 273 -6.97 -37.21 -88.00
C GLU I 273 -5.56 -36.70 -88.32
N THR I 274 -4.58 -37.03 -87.47
CA THR I 274 -3.19 -36.88 -87.88
C THR I 274 -2.60 -38.23 -88.26
N THR I 275 -2.97 -39.28 -87.52
CA THR I 275 -2.69 -40.67 -87.92
C THR I 275 -3.34 -40.93 -89.26
N TYR I 276 -4.59 -40.50 -89.42
CA TYR I 276 -5.28 -40.68 -90.69
C TYR I 276 -4.61 -39.89 -91.80
N ASN I 277 -4.16 -38.67 -91.51
CA ASN I 277 -3.45 -37.89 -92.53
C ASN I 277 -2.14 -38.56 -92.93
N SER I 278 -1.39 -39.14 -91.98
CA SER I 278 -0.16 -39.85 -92.32
C SER I 278 -0.46 -41.03 -93.24
N ILE I 279 -1.54 -41.77 -92.98
CA ILE I 279 -2.01 -42.82 -93.86
C ILE I 279 -2.39 -42.24 -95.22
N MET I 280 -2.99 -41.05 -95.28
CA MET I 280 -3.34 -40.47 -96.57
C MET I 280 -2.11 -40.07 -97.39
N LYS I 281 -1.00 -39.72 -96.73
CA LYS I 281 0.21 -39.35 -97.45
C LYS I 281 0.97 -40.55 -98.00
N CYS I 282 0.68 -41.75 -97.49
CA CYS I 282 1.27 -42.99 -97.95
C CYS I 282 0.79 -43.36 -99.36
N ASP I 283 1.42 -44.35 -99.96
CA ASP I 283 1.00 -44.82 -101.27
C ASP I 283 -0.37 -45.47 -101.19
N ILE I 284 -1.05 -45.54 -102.34
CA ILE I 284 -2.43 -46.02 -102.37
C ILE I 284 -2.51 -47.47 -101.91
N ASP I 285 -1.56 -48.31 -102.33
CA ASP I 285 -1.59 -49.71 -101.95
C ASP I 285 -1.12 -49.94 -100.51
N ILE I 286 -0.41 -48.99 -99.91
CA ILE I 286 0.14 -49.16 -98.57
C ILE I 286 -0.97 -49.12 -97.53
N ARG I 287 -2.07 -48.41 -97.80
CA ARG I 287 -2.99 -48.00 -96.74
C ARG I 287 -3.78 -49.19 -96.19
N LYS I 288 -3.99 -50.22 -97.00
CA LYS I 288 -4.71 -51.41 -96.52
C LYS I 288 -4.05 -51.99 -95.27
N ASP I 289 -2.74 -52.17 -95.30
CA ASP I 289 -2.04 -52.80 -94.18
C ASP I 289 -1.85 -51.84 -93.01
N LEU I 290 -1.76 -50.53 -93.26
CA LEU I 290 -1.69 -49.55 -92.17
C LEU I 290 -2.97 -49.47 -91.35
N TYR I 291 -4.16 -49.47 -91.97
CA TYR I 291 -5.41 -49.48 -91.20
C TYR I 291 -5.49 -50.66 -90.24
N ALA I 292 -4.95 -51.81 -90.63
CA ALA I 292 -5.05 -53.01 -89.81
C ALA I 292 -3.92 -53.17 -88.81
N ASN I 293 -2.92 -52.29 -88.82
CA ASN I 293 -1.73 -52.37 -87.97
C ASN I 293 -1.39 -50.99 -87.37
N ASN I 294 -2.40 -50.29 -86.86
CA ASN I 294 -2.18 -49.03 -86.17
C ASN I 294 -1.69 -49.32 -84.74
N VAL I 295 -0.40 -49.14 -84.44
CA VAL I 295 0.22 -49.61 -83.19
C VAL I 295 0.43 -48.44 -82.24
N MET I 296 -0.22 -48.45 -81.08
CA MET I 296 -0.03 -47.39 -80.08
C MET I 296 1.12 -47.69 -79.11
N SER I 297 1.86 -46.67 -78.72
CA SER I 297 2.96 -46.73 -77.75
C SER I 297 3.08 -45.45 -76.94
N GLY I 298 3.87 -45.49 -75.87
CA GLY I 298 4.12 -44.33 -75.05
C GLY I 298 3.02 -44.06 -74.04
N GLY I 299 3.35 -43.26 -73.04
CA GLY I 299 2.63 -43.20 -71.78
C GLY I 299 1.22 -42.66 -71.88
N THR I 300 1.00 -41.68 -72.76
CA THR I 300 -0.31 -41.03 -72.80
C THR I 300 -1.33 -41.79 -73.63
N THR I 301 -0.95 -42.93 -74.18
CA THR I 301 -1.88 -43.89 -74.77
C THR I 301 -2.37 -44.89 -73.72
N MET I 302 -2.17 -44.62 -72.42
CA MET I 302 -2.53 -45.54 -71.36
C MET I 302 -3.94 -45.32 -70.83
N TYR I 303 -4.65 -44.25 -71.16
CA TYR I 303 -5.97 -44.02 -70.57
C TYR I 303 -6.95 -45.16 -70.84
N PRO I 304 -7.82 -45.52 -69.89
CA PRO I 304 -9.02 -46.29 -70.20
C PRO I 304 -9.83 -45.61 -71.31
N GLY I 305 -10.40 -46.40 -72.22
CA GLY I 305 -11.23 -45.91 -73.34
C GLY I 305 -10.47 -45.37 -74.55
N ILE I 306 -9.15 -45.23 -74.49
CA ILE I 306 -8.35 -44.64 -75.59
C ILE I 306 -8.52 -45.36 -76.93
N ALA I 307 -8.44 -46.69 -76.93
CA ALA I 307 -8.56 -47.49 -78.13
C ALA I 307 -9.95 -47.39 -78.74
N ASP I 308 -10.99 -47.35 -77.92
CA ASP I 308 -12.36 -47.18 -78.40
C ASP I 308 -12.58 -45.79 -79.02
N ARG I 309 -12.12 -44.71 -78.37
CA ARG I 309 -12.23 -43.34 -78.94
C ARG I 309 -11.52 -43.28 -80.27
N MET I 310 -10.27 -43.74 -80.34
CA MET I 310 -9.51 -43.63 -81.57
C MET I 310 -10.07 -44.52 -82.67
N GLN I 311 -10.49 -45.74 -82.35
CA GLN I 311 -11.06 -46.64 -83.35
C GLN I 311 -12.33 -46.04 -83.94
N LYS I 312 -13.20 -45.48 -83.10
CA LYS I 312 -14.43 -44.83 -83.54
C LYS I 312 -14.14 -43.63 -84.45
N GLU I 313 -13.12 -42.85 -84.14
CA GLU I 313 -12.76 -41.71 -84.98
C GLU I 313 -12.17 -42.15 -86.32
N ILE I 314 -11.26 -43.14 -86.28
CA ILE I 314 -10.62 -43.59 -87.52
C ILE I 314 -11.64 -44.26 -88.44
N THR I 315 -12.55 -45.06 -87.88
CA THR I 315 -13.60 -45.64 -88.71
C THR I 315 -14.49 -44.55 -89.30
N ALA I 316 -14.76 -43.48 -88.54
CA ALA I 316 -15.54 -42.38 -89.08
C ALA I 316 -14.81 -41.68 -90.23
N LEU I 317 -13.49 -41.57 -90.15
CA LEU I 317 -12.74 -40.87 -91.20
C LEU I 317 -12.45 -41.79 -92.39
N ALA I 318 -11.93 -42.98 -92.12
CA ALA I 318 -11.47 -43.88 -93.17
C ALA I 318 -12.65 -44.44 -93.97
N PRO I 319 -12.40 -44.95 -95.18
CA PRO I 319 -13.48 -45.56 -95.96
C PRO I 319 -14.13 -46.71 -95.21
N SER I 320 -15.46 -46.83 -95.39
CA SER I 320 -16.24 -47.78 -94.62
C SER I 320 -15.84 -49.23 -94.88
N THR I 321 -15.34 -49.55 -96.07
CA THR I 321 -15.03 -50.93 -96.41
C THR I 321 -13.71 -51.42 -95.81
N MET I 322 -12.96 -50.53 -95.15
CA MET I 322 -11.67 -50.90 -94.57
C MET I 322 -11.84 -51.30 -93.11
N LYS I 323 -11.26 -52.44 -92.73
CA LYS I 323 -11.37 -52.95 -91.37
C LYS I 323 -10.26 -52.32 -90.53
N ILE I 324 -10.64 -51.28 -89.79
CA ILE I 324 -9.68 -50.65 -88.87
C ILE I 324 -9.42 -51.59 -87.71
N LYS I 325 -8.14 -51.74 -87.35
CA LYS I 325 -7.76 -52.60 -86.23
C LYS I 325 -6.60 -51.93 -85.51
N ILE I 326 -6.90 -51.33 -84.36
CA ILE I 326 -5.89 -50.67 -83.55
C ILE I 326 -5.26 -51.67 -82.61
N ILE I 327 -3.93 -51.69 -82.55
CA ILE I 327 -3.17 -52.61 -81.70
C ILE I 327 -2.68 -51.84 -80.48
N ALA I 328 -2.92 -52.38 -79.29
CA ALA I 328 -2.54 -51.73 -78.05
C ALA I 328 -2.17 -52.79 -77.02
N PRO I 329 -0.93 -53.30 -77.08
CA PRO I 329 -0.48 -54.25 -76.06
C PRO I 329 -0.41 -53.57 -74.70
N PRO I 330 -0.58 -54.33 -73.61
CA PRO I 330 -0.62 -53.70 -72.29
C PRO I 330 0.67 -53.01 -71.88
N GLU I 331 1.78 -53.29 -72.55
CA GLU I 331 3.07 -52.71 -72.20
C GLU I 331 3.37 -51.43 -72.98
N ARG I 332 2.33 -50.65 -73.29
CA ARG I 332 2.51 -49.42 -74.06
C ARG I 332 3.62 -48.55 -73.51
N LYS I 333 3.71 -48.43 -72.19
CA LYS I 333 4.65 -47.49 -71.58
C LYS I 333 6.10 -47.86 -71.92
N TYR I 334 6.44 -49.13 -71.83
CA TYR I 334 7.82 -49.56 -72.03
C TYR I 334 8.10 -50.11 -73.42
N SER I 335 7.13 -50.02 -74.36
CA SER I 335 7.28 -50.66 -75.66
C SER I 335 8.49 -50.13 -76.42
N VAL I 336 8.73 -48.82 -76.38
CA VAL I 336 9.85 -48.20 -77.07
C VAL I 336 11.17 -48.76 -76.53
N TRP I 337 11.28 -48.89 -75.21
CA TRP I 337 12.48 -49.47 -74.61
C TRP I 337 12.60 -50.95 -74.95
N ILE I 338 11.47 -51.67 -74.99
CA ILE I 338 11.52 -53.09 -75.30
C ILE I 338 12.03 -53.30 -76.73
N GLY I 339 11.55 -52.50 -77.67
CA GLY I 339 12.07 -52.59 -79.03
C GLY I 339 13.55 -52.26 -79.09
N GLY I 340 13.98 -51.25 -78.34
CA GLY I 340 15.39 -50.91 -78.30
C GLY I 340 16.24 -52.05 -77.76
N SER I 341 15.76 -52.71 -76.71
CA SER I 341 16.49 -53.85 -76.16
C SER I 341 16.48 -55.03 -77.10
N ILE I 342 15.42 -55.19 -77.90
CA ILE I 342 15.33 -56.28 -78.85
C ILE I 342 16.36 -56.08 -79.96
N LEU I 343 16.30 -54.94 -80.65
CA LEU I 343 17.16 -54.77 -81.82
C LEU I 343 18.63 -54.62 -81.44
N ALA I 344 18.91 -54.11 -80.24
CA ALA I 344 20.30 -54.01 -79.79
C ALA I 344 20.95 -55.37 -79.64
N SER I 345 20.16 -56.43 -79.44
CA SER I 345 20.69 -57.78 -79.31
C SER I 345 20.73 -58.54 -80.63
N LEU I 346 20.23 -57.96 -81.72
CA LEU I 346 20.25 -58.63 -83.00
C LEU I 346 21.69 -58.78 -83.50
N SER I 347 21.99 -59.95 -84.06
CA SER I 347 23.34 -60.19 -84.59
C SER I 347 23.62 -59.31 -85.80
N THR I 348 22.60 -58.99 -86.59
CA THR I 348 22.81 -58.16 -87.77
C THR I 348 23.03 -56.70 -87.41
N PHE I 349 22.50 -56.25 -86.28
CA PHE I 349 22.59 -54.84 -85.91
C PHE I 349 23.99 -54.43 -85.46
N GLN I 350 24.84 -55.40 -85.11
CA GLN I 350 26.16 -55.07 -84.56
C GLN I 350 27.05 -54.32 -85.55
N GLN I 351 26.73 -54.34 -86.84
CA GLN I 351 27.51 -53.61 -87.82
C GLN I 351 27.17 -52.12 -87.86
N MET I 352 26.06 -51.71 -87.25
CA MET I 352 25.54 -50.37 -87.42
C MET I 352 25.87 -49.43 -86.26
N TRP I 353 26.60 -49.91 -85.25
CA TRP I 353 27.03 -49.03 -84.16
C TRP I 353 27.96 -47.95 -84.68
N ILE I 354 27.83 -46.75 -84.10
CA ILE I 354 28.82 -45.70 -84.31
C ILE I 354 29.99 -45.97 -83.36
N THR I 355 31.10 -46.46 -83.89
CA THR I 355 32.23 -46.85 -83.07
C THR I 355 33.02 -45.63 -82.62
N LYS I 356 33.71 -45.77 -81.49
CA LYS I 356 34.59 -44.71 -81.00
C LYS I 356 35.64 -44.34 -82.05
N GLN I 357 36.19 -45.35 -82.72
CA GLN I 357 37.18 -45.10 -83.77
C GLN I 357 36.56 -44.44 -85.00
N GLU I 358 35.24 -44.59 -85.19
CA GLU I 358 34.58 -43.83 -86.25
C GLU I 358 34.31 -42.40 -85.83
N TYR I 359 33.90 -42.20 -84.56
CA TYR I 359 33.60 -40.84 -84.10
C TYR I 359 34.86 -40.00 -84.04
N ASP I 360 35.97 -40.55 -83.55
CA ASP I 360 37.18 -39.74 -83.47
C ASP I 360 37.77 -39.45 -84.84
N GLU I 361 37.20 -40.00 -85.91
CA GLU I 361 37.60 -39.70 -87.28
C GLU I 361 36.55 -38.88 -88.03
N ALA I 362 35.30 -38.86 -87.57
CA ALA I 362 34.24 -38.09 -88.24
C ALA I 362 33.40 -37.21 -87.37
N GLY I 363 33.53 -37.26 -86.05
CA GLY I 363 32.95 -36.28 -85.18
C GLY I 363 31.45 -36.50 -84.94
N PRO I 364 30.83 -35.53 -84.26
CA PRO I 364 29.36 -35.58 -84.06
C PRO I 364 28.56 -35.49 -85.35
N SER I 365 29.19 -35.16 -86.47
CA SER I 365 28.49 -35.19 -87.75
C SER I 365 28.29 -36.60 -88.27
N ILE I 366 28.90 -37.60 -87.62
CA ILE I 366 28.79 -38.98 -88.10
C ILE I 366 27.36 -39.49 -88.01
N VAL I 367 26.56 -38.93 -87.09
CA VAL I 367 25.25 -39.50 -86.78
C VAL I 367 24.32 -39.40 -87.99
N HIS I 368 24.45 -38.34 -88.78
CA HIS I 368 23.54 -38.15 -89.90
C HIS I 368 23.83 -39.12 -91.05
N ARG I 369 24.99 -39.78 -91.04
CA ARG I 369 25.32 -40.77 -92.05
C ARG I 369 25.01 -42.19 -91.57
N LYS I 370 25.19 -42.46 -90.28
CA LYS I 370 24.97 -43.81 -89.76
C LYS I 370 23.52 -44.05 -89.39
N CYS I 371 22.88 -43.07 -88.76
CA CYS I 371 21.53 -43.25 -88.21
C CYS I 371 20.48 -42.68 -89.14
N PHE I 372 19.24 -43.11 -88.91
CA PHE I 372 18.07 -42.56 -89.58
C PHE I 372 17.70 -41.23 -88.93
N GLU J 1 -21.22 -3.38 -122.78
CA GLU J 1 -19.99 -4.10 -122.48
C GLU J 1 -18.78 -3.25 -122.84
N THR J 2 -18.29 -2.47 -121.86
CA THR J 2 -17.24 -1.50 -122.14
C THR J 2 -15.85 -2.12 -122.05
N THR J 3 -15.55 -2.84 -120.98
CA THR J 3 -14.19 -3.32 -120.73
C THR J 3 -14.24 -4.71 -120.13
N ALA J 4 -13.47 -5.65 -120.67
CA ALA J 4 -13.39 -6.98 -120.10
C ALA J 4 -12.61 -6.99 -118.79
N LEU J 5 -13.01 -7.83 -117.84
CA LEU J 5 -12.20 -8.22 -116.70
C LEU J 5 -11.39 -9.47 -117.05
N VAL J 6 -10.21 -9.60 -116.46
CA VAL J 6 -9.36 -10.78 -116.58
C VAL J 6 -8.95 -11.20 -115.19
N CYS J 7 -9.03 -12.49 -114.88
CA CYS J 7 -8.71 -13.01 -113.56
C CYS J 7 -7.90 -14.29 -113.70
N ASP J 8 -6.76 -14.33 -113.02
CA ASP J 8 -6.02 -15.57 -112.79
C ASP J 8 -6.34 -15.97 -111.35
N ASN J 9 -7.18 -17.00 -111.20
CA ASN J 9 -7.54 -17.47 -109.87
C ASN J 9 -6.39 -18.29 -109.30
N GLY J 10 -5.35 -17.61 -108.85
CA GLY J 10 -4.16 -18.30 -108.39
C GLY J 10 -4.45 -19.11 -107.15
N SER J 11 -3.79 -20.27 -107.03
CA SER J 11 -3.88 -21.05 -105.81
C SER J 11 -3.31 -20.29 -104.62
N GLY J 12 -2.42 -19.33 -104.85
CA GLY J 12 -1.87 -18.53 -103.78
C GLY J 12 -2.19 -17.05 -103.87
N LEU J 13 -2.31 -16.52 -105.09
CA LEU J 13 -2.51 -15.09 -105.31
C LEU J 13 -3.56 -14.89 -106.41
N VAL J 14 -4.69 -14.31 -106.05
CA VAL J 14 -5.65 -13.87 -107.06
C VAL J 14 -5.11 -12.64 -107.76
N LYS J 15 -5.06 -12.69 -109.09
CA LYS J 15 -4.61 -11.57 -109.91
C LYS J 15 -5.76 -11.16 -110.81
N ALA J 16 -6.22 -9.92 -110.65
CA ALA J 16 -7.40 -9.44 -111.36
C ALA J 16 -7.18 -8.02 -111.83
N GLY J 17 -7.94 -7.64 -112.85
CA GLY J 17 -7.85 -6.30 -113.40
C GLY J 17 -8.55 -6.25 -114.75
N PHE J 18 -8.59 -5.07 -115.35
CA PHE J 18 -9.23 -4.88 -116.66
C PHE J 18 -8.33 -5.29 -117.82
N ALA J 19 -8.89 -5.73 -118.94
CA ALA J 19 -8.14 -5.93 -120.17
C ALA J 19 -7.62 -4.60 -120.74
N GLY J 20 -6.60 -4.66 -121.59
CA GLY J 20 -5.95 -3.50 -122.18
C GLY J 20 -4.90 -2.82 -121.29
N ASP J 21 -5.11 -2.77 -119.97
CA ASP J 21 -4.05 -2.41 -119.03
C ASP J 21 -2.92 -3.44 -119.05
N ASP J 22 -1.67 -2.99 -118.86
CA ASP J 22 -0.47 -3.85 -118.93
C ASP J 22 -0.04 -4.44 -117.58
N ALA J 23 -0.79 -4.19 -116.51
CA ALA J 23 -0.52 -4.71 -115.18
C ALA J 23 -1.84 -4.94 -114.47
N PRO J 24 -1.93 -5.97 -113.62
CA PRO J 24 -3.17 -6.21 -112.89
C PRO J 24 -3.50 -5.07 -111.94
N ARG J 25 -4.80 -4.78 -111.82
CA ARG J 25 -5.24 -3.72 -110.91
C ARG J 25 -5.05 -4.12 -109.45
N ALA J 26 -5.38 -5.37 -109.11
CA ALA J 26 -5.34 -5.81 -107.72
C ALA J 26 -4.75 -7.21 -107.64
N VAL J 27 -3.81 -7.40 -106.72
CA VAL J 27 -3.24 -8.71 -106.42
C VAL J 27 -3.32 -8.92 -104.92
N PHE J 28 -3.89 -10.04 -104.51
CA PHE J 28 -4.09 -10.36 -103.10
C PHE J 28 -4.15 -11.87 -102.94
N PRO J 29 -3.76 -12.38 -101.78
CA PRO J 29 -3.78 -13.84 -101.59
C PRO J 29 -5.20 -14.40 -101.68
N SER J 30 -5.30 -15.61 -102.23
CA SER J 30 -6.57 -16.33 -102.29
C SER J 30 -6.83 -17.05 -100.96
N ILE J 31 -7.02 -16.24 -99.93
CA ILE J 31 -7.11 -16.73 -98.55
C ILE J 31 -8.43 -16.26 -97.94
N VAL J 32 -9.13 -17.19 -97.29
CA VAL J 32 -10.28 -16.88 -96.47
C VAL J 32 -10.00 -17.37 -95.06
N GLY J 33 -10.28 -16.52 -94.08
CA GLY J 33 -9.95 -16.82 -92.71
C GLY J 33 -11.14 -16.64 -91.79
N ARG J 34 -11.14 -17.42 -90.71
CA ARG J 34 -12.14 -17.36 -89.67
C ARG J 34 -11.49 -17.10 -88.33
N PRO J 35 -12.15 -16.37 -87.43
CA PRO J 35 -11.56 -16.13 -86.10
C PRO J 35 -11.38 -17.44 -85.34
N ARG J 36 -10.21 -17.59 -84.72
CA ARG J 36 -9.88 -18.81 -84.01
C ARG J 36 -10.21 -18.74 -82.53
N HIS J 37 -10.40 -17.54 -81.98
CA HIS J 37 -10.67 -17.37 -80.56
C HIS J 37 -11.89 -16.49 -80.38
N GLN J 38 -12.48 -16.59 -79.19
CA GLN J 38 -13.75 -15.94 -78.91
C GLN J 38 -13.60 -14.42 -78.80
N GLY J 39 -14.60 -13.71 -79.33
CA GLY J 39 -14.63 -12.26 -79.35
C GLY J 39 -15.17 -11.61 -78.10
N VAL J 40 -14.35 -11.50 -77.06
CA VAL J 40 -14.82 -10.97 -75.78
C VAL J 40 -15.30 -9.53 -75.92
N MET J 41 -14.65 -8.70 -76.75
CA MET J 41 -15.01 -7.28 -76.88
C MET J 41 -16.26 -7.16 -77.73
N VAL J 42 -17.19 -6.28 -77.34
CA VAL J 42 -18.53 -6.23 -77.92
C VAL J 42 -18.66 -5.11 -78.94
N GLY J 43 -19.11 -5.45 -80.14
CA GLY J 43 -19.56 -4.49 -81.13
C GLY J 43 -18.51 -3.55 -81.71
N MET J 44 -17.22 -3.86 -81.57
CA MET J 44 -16.15 -2.99 -82.07
C MET J 44 -15.88 -3.19 -83.57
N GLY J 45 -16.69 -3.97 -84.29
CA GLY J 45 -16.55 -4.13 -85.72
C GLY J 45 -16.05 -5.48 -86.20
N GLN J 46 -16.29 -6.55 -85.44
CA GLN J 46 -15.84 -7.87 -85.85
C GLN J 46 -16.69 -8.40 -87.01
N LYS J 47 -16.07 -9.24 -87.83
CA LYS J 47 -16.74 -9.91 -88.94
C LYS J 47 -16.57 -11.42 -88.80
N ASP J 48 -17.54 -12.17 -89.32
CA ASP J 48 -17.49 -13.62 -89.23
C ASP J 48 -16.38 -14.24 -90.09
N SER J 49 -15.85 -13.49 -91.05
CA SER J 49 -14.78 -14.00 -91.90
C SER J 49 -14.05 -12.82 -92.54
N TYR J 50 -12.80 -13.06 -92.92
CA TYR J 50 -11.99 -12.07 -93.60
C TYR J 50 -11.35 -12.71 -94.83
N VAL J 51 -11.13 -11.90 -95.85
CA VAL J 51 -10.68 -12.40 -97.15
C VAL J 51 -9.62 -11.45 -97.72
N GLY J 52 -8.62 -12.04 -98.36
CA GLY J 52 -7.60 -11.24 -99.01
C GLY J 52 -6.66 -10.59 -98.01
N ASP J 53 -6.35 -9.32 -98.25
CA ASP J 53 -5.38 -8.62 -97.42
C ASP J 53 -5.84 -8.48 -95.98
N GLU J 54 -7.15 -8.43 -95.75
CA GLU J 54 -7.66 -8.36 -94.39
C GLU J 54 -7.26 -9.61 -93.60
N ALA J 55 -7.44 -10.78 -94.19
CA ALA J 55 -7.03 -12.02 -93.53
C ALA J 55 -5.51 -12.09 -93.41
N GLN J 56 -4.80 -11.65 -94.45
CA GLN J 56 -3.34 -11.75 -94.43
C GLN J 56 -2.73 -10.90 -93.33
N SER J 57 -3.25 -9.69 -93.13
CA SER J 57 -2.68 -8.79 -92.13
C SER J 57 -3.02 -9.22 -90.71
N LYS J 58 -4.21 -9.78 -90.49
CA LYS J 58 -4.64 -10.23 -89.18
C LYS J 58 -4.47 -11.74 -89.02
N ARG J 59 -3.44 -12.31 -89.62
CA ARG J 59 -3.31 -13.77 -89.68
C ARG J 59 -3.07 -14.40 -88.31
N GLY J 60 -2.55 -13.64 -87.35
CA GLY J 60 -2.27 -14.19 -86.04
C GLY J 60 -3.49 -14.66 -85.27
N ILE J 61 -4.68 -14.32 -85.75
CA ILE J 61 -5.93 -14.61 -85.07
C ILE J 61 -6.86 -15.48 -85.92
N LEU J 62 -6.46 -15.81 -87.13
CA LEU J 62 -7.35 -16.45 -88.09
C LEU J 62 -6.81 -17.81 -88.50
N THR J 63 -7.75 -18.69 -88.88
CA THR J 63 -7.42 -19.99 -89.45
C THR J 63 -7.43 -19.87 -90.98
N LEU J 64 -6.36 -19.30 -91.51
CA LEU J 64 -6.24 -19.07 -92.95
C LEU J 64 -6.35 -20.39 -93.70
N LYS J 65 -7.13 -20.39 -94.78
CA LYS J 65 -7.31 -21.56 -95.61
C LYS J 65 -7.46 -21.12 -97.06
N TYR J 66 -6.99 -21.98 -97.96
CA TYR J 66 -7.00 -21.67 -99.39
C TYR J 66 -8.14 -22.41 -100.05
N PRO J 67 -9.11 -21.72 -100.65
CA PRO J 67 -10.13 -22.43 -101.44
C PRO J 67 -9.54 -23.21 -102.59
N ILE J 68 -8.47 -22.72 -103.20
CA ILE J 68 -7.85 -23.41 -104.33
C ILE J 68 -6.78 -24.36 -103.82
N GLU J 69 -6.74 -25.57 -104.35
CA GLU J 69 -5.66 -26.52 -104.11
C GLU J 69 -5.28 -27.17 -105.42
N HIS J 70 -4.02 -27.01 -105.81
CA HIS J 70 -3.48 -27.58 -107.05
C HIS J 70 -4.35 -27.20 -108.25
N GLY J 71 -4.83 -25.95 -108.27
CA GLY J 71 -5.64 -25.47 -109.36
C GLY J 71 -7.09 -25.88 -109.32
N ILE J 72 -7.51 -26.63 -108.31
CA ILE J 72 -8.87 -27.16 -108.20
C ILE J 72 -9.57 -26.46 -107.05
N ILE J 73 -10.79 -25.98 -107.30
CA ILE J 73 -11.58 -25.32 -106.29
C ILE J 73 -12.14 -26.39 -105.35
N THR J 74 -11.62 -26.44 -104.12
CA THR J 74 -12.02 -27.46 -103.16
C THR J 74 -13.13 -27.01 -102.24
N ASN J 75 -13.40 -25.72 -102.14
CA ASN J 75 -14.49 -25.21 -101.30
C ASN J 75 -15.14 -24.06 -102.04
N TRP J 76 -16.40 -24.23 -102.43
CA TRP J 76 -17.04 -23.26 -103.32
C TRP J 76 -17.69 -22.10 -102.57
N ASP J 77 -18.01 -22.28 -101.29
CA ASP J 77 -18.50 -21.13 -100.52
C ASP J 77 -17.41 -20.09 -100.34
N ASP J 78 -16.22 -20.51 -99.92
CA ASP J 78 -15.12 -19.57 -99.76
C ASP J 78 -14.64 -19.03 -101.11
N MET J 79 -14.70 -19.85 -102.15
CA MET J 79 -14.34 -19.35 -103.48
C MET J 79 -15.35 -18.31 -103.97
N GLU J 80 -16.63 -18.54 -103.75
CA GLU J 80 -17.63 -17.52 -104.07
C GLU J 80 -17.39 -16.25 -103.27
N LYS J 81 -16.98 -16.40 -102.00
CA LYS J 81 -16.62 -15.24 -101.21
C LYS J 81 -15.43 -14.49 -101.81
N ILE J 82 -14.44 -15.23 -102.32
CA ILE J 82 -13.28 -14.58 -102.94
C ILE J 82 -13.67 -13.86 -104.23
N TRP J 83 -14.51 -14.50 -105.05
CA TRP J 83 -15.03 -13.85 -106.25
C TRP J 83 -15.73 -12.55 -105.89
N HIS J 84 -16.65 -12.61 -104.92
CA HIS J 84 -17.39 -11.43 -104.50
C HIS J 84 -16.44 -10.36 -103.98
N HIS J 85 -15.44 -10.76 -103.19
CA HIS J 85 -14.50 -9.80 -102.65
C HIS J 85 -13.75 -9.08 -103.77
N THR J 86 -13.15 -9.82 -104.70
CA THR J 86 -12.39 -9.16 -105.75
C THR J 86 -13.29 -8.22 -106.55
N PHE J 87 -14.45 -8.72 -107.01
CA PHE J 87 -15.32 -7.90 -107.85
C PHE J 87 -15.78 -6.64 -107.13
N TYR J 88 -16.34 -6.78 -105.93
CA TYR J 88 -17.03 -5.68 -105.29
C TYR J 88 -16.15 -4.84 -104.36
N ASN J 89 -14.91 -5.26 -104.09
CA ASN J 89 -14.03 -4.50 -103.21
C ASN J 89 -12.71 -4.14 -103.85
N GLU J 90 -12.09 -5.05 -104.62
CA GLU J 90 -10.78 -4.73 -105.19
C GLU J 90 -10.93 -3.86 -106.43
N LEU J 91 -11.71 -4.35 -107.40
CA LEU J 91 -11.97 -3.56 -108.60
C LEU J 91 -13.13 -2.59 -108.40
N ARG J 92 -14.02 -2.87 -107.44
CA ARG J 92 -15.23 -2.08 -107.21
C ARG J 92 -16.03 -1.94 -108.50
N VAL J 93 -16.17 -3.05 -109.22
CA VAL J 93 -16.88 -3.09 -110.49
C VAL J 93 -18.02 -4.10 -110.36
N ALA J 94 -19.22 -3.67 -110.69
CA ALA J 94 -20.35 -4.58 -110.74
C ALA J 94 -20.16 -5.55 -111.90
N PRO J 95 -19.95 -6.85 -111.65
CA PRO J 95 -19.67 -7.78 -112.76
C PRO J 95 -20.87 -8.04 -113.65
N GLU J 96 -22.03 -7.46 -113.34
CA GLU J 96 -23.24 -7.71 -114.11
C GLU J 96 -23.16 -7.18 -115.55
N GLU J 97 -22.20 -6.30 -115.85
CA GLU J 97 -22.11 -5.71 -117.17
C GLU J 97 -20.70 -5.74 -117.75
N HIS J 98 -19.82 -6.59 -117.23
CA HIS J 98 -18.46 -6.71 -117.74
C HIS J 98 -18.17 -8.15 -118.11
N PRO J 99 -17.85 -8.46 -119.37
CA PRO J 99 -17.39 -9.81 -119.70
C PRO J 99 -16.11 -10.14 -118.94
N THR J 100 -15.98 -11.40 -118.55
CA THR J 100 -14.90 -11.82 -117.66
C THR J 100 -14.18 -13.03 -118.24
N LEU J 101 -12.85 -12.97 -118.34
CA LEU J 101 -11.99 -14.08 -118.80
C LEU J 101 -11.26 -14.69 -117.60
N LEU J 102 -11.28 -16.01 -117.49
CA LEU J 102 -10.68 -16.76 -116.39
C LEU J 102 -9.61 -17.69 -116.92
N THR J 103 -8.62 -17.98 -116.08
CA THR J 103 -7.50 -18.82 -116.47
C THR J 103 -7.38 -20.06 -115.59
N GLU J 104 -7.46 -21.25 -116.17
CA GLU J 104 -7.50 -22.52 -115.46
C GLU J 104 -6.33 -23.39 -115.88
N ALA J 105 -5.85 -24.21 -114.94
CA ALA J 105 -4.81 -25.17 -115.25
C ALA J 105 -5.34 -26.28 -116.16
N PRO J 106 -4.49 -26.86 -116.99
CA PRO J 106 -4.95 -27.95 -117.87
C PRO J 106 -5.16 -29.24 -117.10
N LEU J 107 -5.87 -30.16 -117.74
CA LEU J 107 -6.20 -31.47 -117.17
C LEU J 107 -6.99 -31.36 -115.87
N ASN J 108 -7.68 -30.25 -115.67
CA ASN J 108 -8.52 -30.09 -114.50
C ASN J 108 -9.81 -30.91 -114.65
N PRO J 109 -10.45 -31.27 -113.54
CA PRO J 109 -11.76 -31.91 -113.63
C PRO J 109 -12.75 -31.00 -114.35
N LYS J 110 -13.59 -31.60 -115.19
CA LYS J 110 -14.56 -30.86 -116.01
C LYS J 110 -15.64 -30.23 -115.15
N ALA J 111 -16.00 -30.85 -114.04
CA ALA J 111 -16.91 -30.28 -113.05
C ALA J 111 -16.40 -28.96 -112.46
N ASN J 112 -15.07 -28.77 -112.33
CA ASN J 112 -14.49 -27.56 -111.78
C ASN J 112 -14.88 -26.34 -112.62
N ARG J 113 -14.63 -26.38 -113.93
CA ARG J 113 -14.97 -25.27 -114.81
C ARG J 113 -16.47 -25.18 -115.05
N GLU J 114 -17.20 -26.30 -115.05
CA GLU J 114 -18.65 -26.24 -115.22
C GLU J 114 -19.29 -25.47 -114.07
N LYS J 115 -18.97 -25.80 -112.82
CA LYS J 115 -19.49 -25.05 -111.68
C LYS J 115 -18.94 -23.63 -111.65
N MET J 116 -17.72 -23.38 -112.11
CA MET J 116 -17.20 -22.01 -112.24
C MET J 116 -18.09 -21.19 -113.15
N THR J 117 -18.43 -21.73 -114.33
CA THR J 117 -19.29 -21.02 -115.27
C THR J 117 -20.70 -20.85 -114.74
N GLN J 118 -21.25 -21.88 -114.09
CA GLN J 118 -22.57 -21.76 -113.48
C GLN J 118 -22.58 -20.63 -112.46
N ILE J 119 -21.56 -20.56 -111.60
CA ILE J 119 -21.47 -19.48 -110.63
C ILE J 119 -21.45 -18.14 -111.35
N MET J 120 -20.58 -18.00 -112.35
CA MET J 120 -20.42 -16.71 -113.02
C MET J 120 -21.71 -16.27 -113.70
N PHE J 121 -22.51 -17.21 -114.19
CA PHE J 121 -23.73 -16.84 -114.88
C PHE J 121 -24.97 -16.77 -113.98
N GLU J 122 -24.93 -17.34 -112.78
CA GLU J 122 -26.12 -17.49 -111.93
C GLU J 122 -26.02 -16.85 -110.55
N THR J 123 -24.86 -16.32 -110.14
CA THR J 123 -24.81 -15.49 -108.93
C THR J 123 -24.14 -14.15 -109.16
N PHE J 124 -23.26 -14.05 -110.16
CA PHE J 124 -22.68 -12.77 -110.53
C PHE J 124 -23.28 -12.19 -111.80
N ASN J 125 -23.94 -13.02 -112.61
CA ASN J 125 -24.74 -12.57 -113.75
C ASN J 125 -23.88 -11.77 -114.74
N VAL J 126 -22.70 -12.30 -115.06
CA VAL J 126 -21.83 -11.66 -116.03
C VAL J 126 -22.46 -11.75 -117.42
N PRO J 127 -22.26 -10.76 -118.29
CA PRO J 127 -22.84 -10.85 -119.64
C PRO J 127 -22.19 -11.91 -120.50
N ALA J 128 -20.89 -12.15 -120.33
CA ALA J 128 -20.19 -13.16 -121.09
C ALA J 128 -18.95 -13.59 -120.31
N MET J 129 -18.42 -14.77 -120.66
CA MET J 129 -17.27 -15.29 -119.96
C MET J 129 -16.56 -16.30 -120.85
N TYR J 130 -15.28 -16.50 -120.59
CA TYR J 130 -14.47 -17.49 -121.29
C TYR J 130 -13.40 -18.03 -120.37
N VAL J 131 -12.98 -19.27 -120.60
CA VAL J 131 -11.96 -19.95 -119.82
C VAL J 131 -10.80 -20.31 -120.74
N ALA J 132 -9.62 -19.85 -120.39
CA ALA J 132 -8.39 -20.06 -121.14
C ALA J 132 -7.37 -20.82 -120.28
N ILE J 133 -6.55 -21.68 -120.88
CA ILE J 133 -5.54 -22.41 -120.13
C ILE J 133 -4.39 -21.49 -119.77
N GLN J 134 -3.98 -21.53 -118.50
CA GLN J 134 -3.00 -20.60 -117.97
C GLN J 134 -1.73 -20.51 -118.81
N ALA J 135 -1.23 -21.67 -119.25
CA ALA J 135 0.01 -21.70 -120.02
C ALA J 135 -0.13 -20.97 -121.35
N VAL J 136 -1.29 -20.99 -121.99
CA VAL J 136 -1.46 -20.39 -123.32
C VAL J 136 -1.40 -18.88 -123.25
N LEU J 137 -1.89 -18.26 -122.18
CA LEU J 137 -1.76 -16.81 -122.01
C LEU J 137 -0.29 -16.36 -121.96
N SER J 138 0.63 -17.18 -121.45
CA SER J 138 2.02 -16.78 -121.34
C SER J 138 2.64 -16.50 -122.71
N LEU J 139 2.20 -17.21 -123.75
CA LEU J 139 2.69 -16.92 -125.09
C LEU J 139 2.26 -15.53 -125.54
N TYR J 140 1.01 -15.15 -125.29
CA TYR J 140 0.51 -13.81 -125.64
C TYR J 140 1.28 -12.73 -124.87
N ALA J 141 1.59 -12.98 -123.60
CA ALA J 141 2.41 -12.08 -122.81
C ALA J 141 3.85 -11.98 -123.35
N SER J 142 4.43 -13.08 -123.82
CA SER J 142 5.78 -13.06 -124.36
C SER J 142 5.82 -12.62 -125.81
N GLY J 143 4.67 -12.43 -126.46
CA GLY J 143 4.63 -12.08 -127.86
C GLY J 143 4.99 -13.21 -128.79
N ARG J 144 5.04 -14.45 -128.29
CA ARG J 144 5.43 -15.60 -129.10
C ARG J 144 4.21 -16.21 -129.79
N THR J 145 4.49 -17.11 -130.73
CA THR J 145 3.49 -17.98 -131.31
C THR J 145 3.96 -19.43 -131.36
N THR J 146 5.18 -19.70 -130.91
CA THR J 146 5.75 -21.05 -130.91
C THR J 146 6.65 -21.18 -129.68
N GLY J 147 6.48 -22.28 -128.96
CA GLY J 147 7.32 -22.55 -127.82
C GLY J 147 6.59 -23.33 -126.75
N ILE J 148 7.34 -23.75 -125.75
CA ILE J 148 6.81 -24.48 -124.61
C ILE J 148 6.69 -23.52 -123.44
N VAL J 149 5.48 -23.37 -122.92
CA VAL J 149 5.28 -22.55 -121.74
C VAL J 149 5.35 -23.42 -120.50
N LEU J 150 6.34 -23.18 -119.66
CA LEU J 150 6.44 -23.80 -118.35
C LEU J 150 5.78 -22.85 -117.36
N ASP J 151 4.56 -23.13 -116.97
CA ASP J 151 3.82 -22.32 -116.00
C ASP J 151 3.81 -23.08 -114.68
N SER J 152 4.34 -22.45 -113.65
CA SER J 152 4.39 -23.05 -112.32
C SER J 152 4.01 -21.98 -111.30
N GLY J 153 2.71 -21.92 -110.98
CA GLY J 153 2.24 -21.00 -109.98
C GLY J 153 2.33 -21.59 -108.59
N ASP J 154 1.40 -21.19 -107.73
CA ASP J 154 1.33 -21.74 -106.38
C ASP J 154 0.62 -23.08 -106.32
N GLY J 155 -0.10 -23.46 -107.39
CA GLY J 155 -0.87 -24.70 -107.38
C GLY J 155 -0.24 -25.88 -108.08
N VAL J 156 0.20 -25.71 -109.33
CA VAL J 156 0.78 -26.79 -110.12
C VAL J 156 1.90 -26.24 -110.99
N THR J 157 2.71 -27.16 -111.52
CA THR J 157 3.54 -26.90 -112.69
C THR J 157 2.96 -27.66 -113.88
N HIS J 158 2.84 -26.97 -115.01
CA HIS J 158 2.40 -27.63 -116.23
C HIS J 158 3.09 -26.95 -117.41
N ASN J 159 3.39 -27.76 -118.42
CA ASN J 159 3.99 -27.25 -119.65
C ASN J 159 3.13 -27.67 -120.84
N VAL J 160 2.94 -26.74 -121.77
CA VAL J 160 2.07 -26.95 -122.92
C VAL J 160 2.81 -26.56 -124.19
N PRO J 161 3.26 -27.52 -125.00
CA PRO J 161 3.96 -27.16 -126.24
C PRO J 161 3.01 -26.59 -127.27
N ILE J 162 3.41 -25.48 -127.89
CA ILE J 162 2.63 -24.81 -128.90
C ILE J 162 3.52 -24.58 -130.11
N TYR J 163 2.96 -24.67 -131.31
CA TYR J 163 3.69 -24.40 -132.54
C TYR J 163 2.78 -23.69 -133.53
N GLU J 164 3.11 -22.43 -133.83
CA GLU J 164 2.35 -21.62 -134.79
C GLU J 164 0.86 -21.59 -134.45
N GLY J 165 0.56 -21.51 -133.16
CA GLY J 165 -0.80 -21.43 -132.69
C GLY J 165 -1.48 -22.75 -132.43
N TYR J 166 -0.91 -23.86 -132.90
CA TYR J 166 -1.52 -25.17 -132.71
C TYR J 166 -1.00 -25.81 -131.42
N ALA J 167 -1.90 -26.06 -130.48
CA ALA J 167 -1.53 -26.77 -129.27
C ALA J 167 -1.40 -28.26 -129.55
N LEU J 168 -0.51 -28.92 -128.81
CA LEU J 168 -0.36 -30.36 -128.91
C LEU J 168 -0.81 -30.99 -127.59
N PRO J 169 -2.11 -31.26 -127.44
CA PRO J 169 -2.62 -31.69 -126.14
C PRO J 169 -2.01 -32.98 -125.62
N HIS J 170 -1.66 -33.93 -126.51
CA HIS J 170 -1.12 -35.19 -126.05
C HIS J 170 0.25 -35.06 -125.41
N ALA J 171 0.95 -33.96 -125.65
CA ALA J 171 2.27 -33.72 -125.07
C ALA J 171 2.23 -32.89 -123.80
N ILE J 172 1.05 -32.54 -123.32
CA ILE J 172 0.95 -31.74 -122.10
C ILE J 172 1.35 -32.59 -120.90
N MET J 173 2.18 -32.02 -120.02
CA MET J 173 2.60 -32.65 -118.80
C MET J 173 2.18 -31.80 -117.61
N ARG J 174 1.86 -32.46 -116.50
CA ARG J 174 1.40 -31.77 -115.31
C ARG J 174 1.99 -32.41 -114.05
N LEU J 175 2.47 -31.57 -113.14
CA LEU J 175 2.92 -31.98 -111.83
C LEU J 175 2.25 -31.10 -110.78
N ASP J 176 2.04 -31.66 -109.60
CA ASP J 176 1.39 -30.92 -108.52
C ASP J 176 2.38 -30.28 -107.55
N LEU J 177 3.68 -30.35 -107.84
CA LEU J 177 4.64 -29.52 -107.13
C LEU J 177 4.41 -28.06 -107.47
N ALA J 178 4.47 -27.19 -106.47
CA ALA J 178 4.21 -25.77 -106.69
C ALA J 178 4.57 -25.00 -105.43
N GLY J 179 4.18 -23.72 -105.41
CA GLY J 179 4.58 -22.85 -104.31
C GLY J 179 4.11 -23.32 -102.95
N ARG J 180 2.80 -23.53 -102.78
CA ARG J 180 2.29 -23.93 -101.47
C ARG J 180 2.89 -25.26 -101.03
N ASP J 181 2.92 -26.23 -101.94
CA ASP J 181 3.47 -27.54 -101.63
C ASP J 181 4.94 -27.41 -101.26
N LEU J 182 5.65 -26.49 -101.92
CA LEU J 182 7.05 -26.26 -101.63
C LEU J 182 7.26 -25.50 -100.33
N THR J 183 6.29 -24.67 -99.92
CA THR J 183 6.37 -24.04 -98.61
C THR J 183 6.34 -25.08 -97.49
N ASP J 184 5.54 -26.13 -97.68
CA ASP J 184 5.44 -27.17 -96.67
C ASP J 184 6.77 -27.87 -96.45
N TYR J 185 7.50 -28.14 -97.54
CA TYR J 185 8.81 -28.77 -97.40
C TYR J 185 9.78 -27.87 -96.65
N LEU J 186 9.70 -26.56 -96.90
CA LEU J 186 10.55 -25.63 -96.16
C LEU J 186 10.22 -25.66 -94.67
N MET J 187 8.93 -25.77 -94.33
CA MET J 187 8.55 -25.90 -92.93
C MET J 187 9.18 -27.14 -92.31
N LYS J 188 9.18 -28.26 -93.06
CA LYS J 188 9.77 -29.49 -92.54
C LYS J 188 11.27 -29.34 -92.33
N ILE J 189 11.99 -28.82 -93.33
CA ILE J 189 13.44 -28.77 -93.25
C ILE J 189 13.93 -27.71 -92.27
N LEU J 190 13.10 -26.71 -91.93
CA LEU J 190 13.52 -25.72 -90.95
C LEU J 190 13.67 -26.34 -89.56
N THR J 191 13.00 -27.47 -89.31
CA THR J 191 13.11 -28.12 -88.00
C THR J 191 14.50 -28.70 -87.77
N GLU J 192 15.29 -28.90 -88.83
CA GLU J 192 16.65 -29.38 -88.65
C GLU J 192 17.47 -28.40 -87.82
N ARG J 193 17.19 -27.11 -87.92
CA ARG J 193 17.91 -26.09 -87.16
C ARG J 193 17.16 -25.68 -85.90
N GLY J 194 16.03 -26.31 -85.59
CA GLY J 194 15.29 -26.06 -84.37
C GLY J 194 14.06 -25.19 -84.53
N TYR J 195 13.88 -24.55 -85.67
CA TYR J 195 12.70 -23.72 -85.90
C TYR J 195 11.48 -24.59 -86.16
N SER J 196 10.35 -24.22 -85.56
CA SER J 196 9.14 -25.07 -85.59
C SER J 196 7.93 -24.19 -85.91
N PHE J 197 7.53 -24.16 -87.17
CA PHE J 197 6.33 -23.47 -87.61
C PHE J 197 5.26 -24.49 -87.94
N VAL J 198 4.09 -24.35 -87.31
CA VAL J 198 3.04 -25.35 -87.43
C VAL J 198 1.74 -24.72 -87.96
N THR J 199 1.33 -23.61 -87.37
CA THR J 199 0.06 -23.01 -87.76
C THR J 199 0.16 -22.38 -89.14
N THR J 200 -1.00 -22.20 -89.77
CA THR J 200 -1.04 -21.63 -91.11
C THR J 200 -0.54 -20.19 -91.13
N ALA J 201 -0.78 -19.43 -90.06
CA ALA J 201 -0.22 -18.09 -89.96
C ALA J 201 1.30 -18.15 -90.01
N GLU J 202 1.89 -19.14 -89.34
CA GLU J 202 3.33 -19.34 -89.44
C GLU J 202 3.74 -19.84 -90.81
N ARG J 203 2.86 -20.60 -91.49
CA ARG J 203 3.15 -20.99 -92.86
C ARG J 203 3.26 -19.78 -93.77
N GLU J 204 2.49 -18.72 -93.48
CA GLU J 204 2.65 -17.49 -94.25
C GLU J 204 4.03 -16.87 -94.04
N ILE J 205 4.53 -16.90 -92.80
CA ILE J 205 5.87 -16.40 -92.53
C ILE J 205 6.90 -17.25 -93.25
N VAL J 206 6.68 -18.57 -93.31
CA VAL J 206 7.59 -19.44 -94.05
C VAL J 206 7.55 -19.11 -95.54
N ARG J 207 6.38 -18.79 -96.07
CA ARG J 207 6.28 -18.36 -97.46
C ARG J 207 7.08 -17.09 -97.70
N ASP J 208 6.98 -16.14 -96.77
CA ASP J 208 7.77 -14.91 -96.87
C ASP J 208 9.26 -15.21 -96.85
N ILE J 209 9.69 -16.10 -95.95
CA ILE J 209 11.10 -16.48 -95.86
C ILE J 209 11.55 -17.10 -97.18
N LYS J 210 10.73 -17.99 -97.73
CA LYS J 210 11.06 -18.62 -99.01
C LYS J 210 11.20 -17.59 -100.11
N GLU J 211 10.24 -16.67 -100.21
CA GLU J 211 10.27 -15.69 -101.30
C GLU J 211 11.44 -14.74 -101.16
N LYS J 212 11.91 -14.48 -99.94
CA LYS J 212 13.01 -13.55 -99.76
C LYS J 212 14.39 -14.22 -99.91
N LEU J 213 14.61 -15.32 -99.20
CA LEU J 213 15.96 -15.85 -99.07
C LEU J 213 16.29 -16.99 -100.03
N CYS J 214 15.29 -17.76 -100.48
CA CYS J 214 15.58 -18.97 -101.23
C CYS J 214 16.11 -18.65 -102.63
N TYR J 215 16.89 -19.58 -103.17
CA TYR J 215 17.50 -19.44 -104.48
C TYR J 215 17.91 -20.82 -104.96
N VAL J 216 18.35 -20.89 -106.23
CA VAL J 216 18.63 -22.17 -106.88
C VAL J 216 20.12 -22.23 -107.20
N ALA J 217 20.60 -23.42 -107.56
CA ALA J 217 22.04 -23.65 -107.70
C ALA J 217 22.36 -23.82 -109.18
N LEU J 218 23.66 -23.75 -109.48
CA LEU J 218 24.16 -24.21 -110.77
C LEU J 218 24.62 -25.65 -110.71
N ASP J 219 25.19 -26.06 -109.58
CA ASP J 219 25.48 -27.47 -109.29
C ASP J 219 25.08 -27.70 -107.84
N PHE J 220 24.05 -28.51 -107.64
CA PHE J 220 23.50 -28.70 -106.30
C PHE J 220 24.53 -29.32 -105.35
N GLU J 221 25.30 -30.29 -105.84
CA GLU J 221 26.33 -30.90 -104.99
C GLU J 221 27.42 -29.92 -104.62
N ASN J 222 27.77 -29.00 -105.53
CA ASN J 222 28.78 -28.00 -105.21
C ASN J 222 28.29 -27.05 -104.13
N GLU J 223 27.02 -26.64 -104.19
CA GLU J 223 26.47 -25.79 -103.14
C GLU J 223 26.40 -26.52 -101.81
N MET J 224 26.11 -27.83 -101.83
CA MET J 224 26.24 -28.60 -100.60
C MET J 224 27.68 -28.65 -100.11
N ALA J 225 28.64 -28.66 -101.03
CA ALA J 225 30.05 -28.70 -100.65
C ALA J 225 30.45 -27.42 -99.91
N THR J 226 29.95 -26.26 -100.38
CA THR J 226 30.29 -25.00 -99.74
C THR J 226 29.64 -24.83 -98.38
N ALA J 227 28.79 -25.76 -97.95
CA ALA J 227 28.29 -25.72 -96.58
C ALA J 227 29.38 -25.95 -95.55
N ALA J 228 30.50 -26.56 -95.96
CA ALA J 228 31.65 -26.67 -95.06
C ALA J 228 32.20 -25.29 -94.71
N SER J 229 32.28 -24.40 -95.70
CA SER J 229 32.56 -23.00 -95.46
C SER J 229 31.25 -22.30 -95.07
N SER J 230 30.84 -22.56 -93.83
CA SER J 230 29.49 -22.23 -93.38
C SER J 230 29.34 -20.77 -92.94
N SER J 231 29.77 -19.84 -93.77
CA SER J 231 29.53 -18.43 -93.49
C SER J 231 28.91 -17.73 -94.70
N SER J 232 29.35 -18.11 -95.90
CA SER J 232 28.92 -17.40 -97.11
C SER J 232 27.48 -17.71 -97.47
N LEU J 233 27.05 -18.97 -97.31
CA LEU J 233 25.71 -19.35 -97.76
C LEU J 233 24.63 -18.80 -96.84
N GLU J 234 24.95 -18.54 -95.58
CA GLU J 234 23.95 -18.24 -94.58
C GLU J 234 23.38 -16.83 -94.74
N LYS J 235 22.10 -16.69 -94.42
CA LYS J 235 21.41 -15.42 -94.44
C LYS J 235 20.50 -15.33 -93.21
N SER J 236 20.11 -14.11 -92.87
CA SER J 236 19.30 -13.86 -91.69
C SER J 236 17.95 -13.25 -92.08
N TYR J 237 16.92 -13.59 -91.32
CA TYR J 237 15.58 -13.08 -91.50
C TYR J 237 15.00 -12.75 -90.14
N GLU J 238 14.20 -11.68 -90.07
CA GLU J 238 13.60 -11.22 -88.83
C GLU J 238 12.11 -11.50 -88.84
N LEU J 239 11.62 -12.21 -87.83
CA LEU J 239 10.21 -12.52 -87.70
C LEU J 239 9.41 -11.27 -87.40
N PRO J 240 8.09 -11.30 -87.66
CA PRO J 240 7.24 -10.19 -87.21
C PRO J 240 7.26 -9.99 -85.72
N ASP J 241 7.52 -11.04 -84.95
CA ASP J 241 7.75 -10.91 -83.51
C ASP J 241 9.03 -10.13 -83.26
N GLY J 242 10.15 -10.65 -83.77
CA GLY J 242 11.43 -10.01 -83.52
C GLY J 242 12.60 -10.95 -83.39
N GLN J 243 12.35 -12.26 -83.27
CA GLN J 243 13.45 -13.21 -83.31
C GLN J 243 14.05 -13.24 -84.71
N VAL J 244 15.34 -13.61 -84.78
CA VAL J 244 16.08 -13.60 -86.03
C VAL J 244 16.47 -15.03 -86.36
N ILE J 245 15.89 -15.56 -87.44
CA ILE J 245 16.28 -16.85 -87.97
C ILE J 245 17.50 -16.69 -88.87
N THR J 246 18.38 -17.68 -88.82
CA THR J 246 19.47 -17.82 -89.78
C THR J 246 19.36 -19.18 -90.45
N ILE J 247 19.51 -19.22 -91.77
CA ILE J 247 19.38 -20.45 -92.52
C ILE J 247 20.56 -20.60 -93.46
N GLY J 248 20.99 -21.84 -93.67
CA GLY J 248 22.11 -22.16 -94.53
C GLY J 248 21.70 -22.94 -95.75
N ASN J 249 21.91 -24.27 -95.70
CA ASN J 249 21.57 -25.14 -96.82
C ASN J 249 20.10 -25.00 -97.21
N GLU J 250 19.23 -24.75 -96.24
CA GLU J 250 17.79 -24.83 -96.46
C GLU J 250 17.32 -23.92 -97.58
N ARG J 251 18.00 -22.79 -97.78
CA ARG J 251 17.52 -21.81 -98.75
C ARG J 251 17.65 -22.28 -100.19
N PHE J 252 18.53 -23.24 -100.48
CA PHE J 252 18.55 -23.87 -101.80
C PHE J 252 18.15 -25.34 -101.78
N ARG J 253 18.07 -25.95 -100.60
CA ARG J 253 17.46 -27.27 -100.49
C ARG J 253 15.99 -27.23 -100.89
N CYS J 254 15.29 -26.17 -100.49
CA CYS J 254 13.86 -26.07 -100.78
C CYS J 254 13.57 -25.97 -102.28
N PRO J 255 14.13 -25.01 -103.02
CA PRO J 255 13.82 -24.95 -104.46
C PRO J 255 14.29 -26.17 -105.23
N GLU J 256 15.29 -26.90 -104.72
CA GLU J 256 15.84 -28.02 -105.46
C GLU J 256 14.84 -29.15 -105.64
N THR J 257 13.82 -29.23 -104.79
CA THR J 257 12.82 -30.29 -104.94
C THR J 257 12.12 -30.21 -106.28
N LEU J 258 12.04 -29.01 -106.86
CA LEU J 258 11.48 -28.87 -108.19
C LEU J 258 12.23 -29.71 -109.21
N PHE J 259 13.55 -29.87 -109.03
CA PHE J 259 14.35 -30.69 -109.92
C PHE J 259 14.59 -32.09 -109.38
N GLN J 260 14.40 -32.30 -108.08
CA GLN J 260 14.49 -33.62 -107.46
C GLN J 260 13.27 -33.84 -106.58
N PRO J 261 12.14 -34.24 -107.16
CA PRO J 261 10.94 -34.49 -106.35
C PRO J 261 11.11 -35.62 -105.34
N SER J 262 12.18 -36.40 -105.44
CA SER J 262 12.43 -37.46 -104.47
C SER J 262 12.60 -36.92 -103.06
N PHE J 263 12.95 -35.63 -102.93
CA PHE J 263 13.13 -35.04 -101.60
C PHE J 263 11.84 -35.09 -100.79
N ILE J 264 10.71 -34.80 -101.43
CA ILE J 264 9.43 -34.74 -100.73
C ILE J 264 8.76 -36.11 -100.85
N GLY J 265 9.44 -37.04 -101.50
CA GLY J 265 8.91 -38.39 -101.64
C GLY J 265 8.10 -38.65 -102.88
N MET J 266 7.86 -37.65 -103.72
CA MET J 266 7.19 -37.91 -104.99
C MET J 266 8.11 -38.69 -105.93
N GLU J 267 7.50 -39.55 -106.74
CA GLU J 267 8.24 -40.36 -107.69
C GLU J 267 8.56 -39.64 -108.99
N SER J 268 7.74 -38.66 -109.37
CA SER J 268 7.85 -38.02 -110.68
C SER J 268 9.20 -37.33 -110.84
N ALA J 269 9.61 -37.17 -112.10
CA ALA J 269 10.81 -36.42 -112.41
C ALA J 269 10.59 -34.93 -112.14
N GLY J 270 11.68 -34.18 -112.13
CA GLY J 270 11.60 -32.76 -111.83
C GLY J 270 10.99 -31.94 -112.96
N ILE J 271 11.00 -30.61 -112.82
CA ILE J 271 10.51 -29.77 -113.91
C ILE J 271 11.41 -29.90 -115.13
N HIS J 272 12.72 -29.99 -114.91
CA HIS J 272 13.59 -30.49 -115.95
C HIS J 272 13.29 -31.98 -116.16
N GLU J 273 13.52 -32.42 -117.39
CA GLU J 273 13.21 -33.76 -117.88
C GLU J 273 11.71 -33.97 -118.06
N THR J 274 10.87 -33.16 -117.42
CA THR J 274 9.46 -33.17 -117.82
C THR J 274 9.21 -32.15 -118.91
N THR J 275 9.90 -31.01 -118.86
CA THR J 275 9.97 -30.16 -120.05
C THR J 275 10.54 -30.94 -121.21
N TYR J 276 11.57 -31.75 -120.95
CA TYR J 276 12.19 -32.55 -122.01
C TYR J 276 11.23 -33.61 -122.54
N ASN J 277 10.49 -34.28 -121.66
CA ASN J 277 9.51 -35.26 -122.12
C ASN J 277 8.41 -34.60 -122.94
N SER J 278 7.96 -33.42 -122.53
CA SER J 278 6.96 -32.70 -123.31
C SER J 278 7.51 -32.30 -124.68
N ILE J 279 8.82 -31.99 -124.75
CA ILE J 279 9.45 -31.78 -126.06
C ILE J 279 9.42 -33.07 -126.86
N MET J 280 9.72 -34.20 -126.21
CA MET J 280 9.89 -35.46 -126.92
C MET J 280 8.60 -35.90 -127.61
N LYS J 281 7.47 -35.73 -126.95
CA LYS J 281 6.21 -36.22 -127.49
C LYS J 281 5.76 -35.47 -128.73
N CYS J 282 6.37 -34.32 -129.03
CA CYS J 282 6.02 -33.55 -130.20
C CYS J 282 6.66 -34.16 -131.46
N ASP J 283 6.30 -33.60 -132.62
CA ASP J 283 6.79 -34.12 -133.89
C ASP J 283 8.29 -33.88 -134.04
N ILE J 284 8.90 -34.63 -134.95
CA ILE J 284 10.35 -34.55 -135.15
C ILE J 284 10.75 -33.16 -135.66
N ASP J 285 9.95 -32.56 -136.53
CA ASP J 285 10.27 -31.23 -137.03
C ASP J 285 9.97 -30.15 -136.01
N ILE J 286 9.15 -30.44 -135.02
CA ILE J 286 8.68 -29.42 -134.08
C ILE J 286 9.78 -29.03 -133.10
N ARG J 287 10.64 -29.98 -132.73
CA ARG J 287 11.46 -29.84 -131.53
C ARG J 287 12.50 -28.74 -131.65
N LYS J 288 12.93 -28.40 -132.87
CA LYS J 288 13.93 -27.35 -133.04
C LYS J 288 13.46 -26.03 -132.46
N ASP J 289 12.22 -25.65 -132.75
CA ASP J 289 11.70 -24.38 -132.24
C ASP J 289 11.35 -24.44 -130.77
N LEU J 290 10.92 -25.60 -130.27
CA LEU J 290 10.60 -25.72 -128.85
C LEU J 290 11.85 -25.57 -127.99
N TYR J 291 12.96 -26.16 -128.42
CA TYR J 291 14.20 -26.05 -127.65
C TYR J 291 14.64 -24.60 -127.50
N ALA J 292 14.38 -23.77 -128.50
CA ALA J 292 14.84 -22.38 -128.47
C ALA J 292 13.85 -21.45 -127.79
N ASN J 293 12.61 -21.89 -127.53
CA ASN J 293 11.55 -21.00 -127.07
C ASN J 293 10.90 -21.56 -125.79
N ASN J 294 11.72 -21.91 -124.82
CA ASN J 294 11.20 -22.25 -123.50
C ASN J 294 10.79 -20.96 -122.78
N VAL J 295 9.49 -20.79 -122.55
CA VAL J 295 8.95 -19.59 -121.93
C VAL J 295 8.45 -19.94 -120.54
N MET J 296 8.88 -19.17 -119.54
CA MET J 296 8.45 -19.40 -118.17
C MET J 296 7.39 -18.38 -117.74
N SER J 297 6.54 -18.84 -116.84
CA SER J 297 5.54 -18.02 -116.18
C SER J 297 5.30 -18.60 -114.79
N GLY J 298 4.63 -17.82 -113.94
CA GLY J 298 4.32 -18.30 -112.61
C GLY J 298 5.29 -17.89 -111.53
N GLY J 299 4.84 -17.97 -110.28
CA GLY J 299 5.64 -17.47 -109.17
C GLY J 299 6.90 -18.27 -108.88
N THR J 300 6.80 -19.60 -108.97
CA THR J 300 7.93 -20.43 -108.56
C THR J 300 9.04 -20.50 -109.60
N THR J 301 8.88 -19.83 -110.74
CA THR J 301 9.99 -19.66 -111.67
C THR J 301 10.87 -18.46 -111.30
N MET J 302 10.57 -17.78 -110.21
CA MET J 302 11.23 -16.54 -109.84
C MET J 302 12.43 -16.73 -108.93
N TYR J 303 12.69 -17.94 -108.46
CA TYR J 303 13.87 -18.17 -107.64
C TYR J 303 15.12 -17.80 -108.45
N PRO J 304 16.02 -17.00 -107.90
CA PRO J 304 17.25 -16.65 -108.63
C PRO J 304 18.04 -17.90 -109.00
N GLY J 305 18.54 -17.93 -110.23
CA GLY J 305 19.30 -19.06 -110.72
C GLY J 305 18.49 -20.16 -111.35
N ILE J 306 17.15 -20.03 -111.41
CA ILE J 306 16.32 -21.05 -112.04
C ILE J 306 16.68 -21.20 -113.51
N ALA J 307 16.83 -20.08 -114.21
CA ALA J 307 17.08 -20.13 -115.65
C ALA J 307 18.39 -20.86 -115.95
N ASP J 308 19.44 -20.56 -115.21
CA ASP J 308 20.72 -21.22 -115.43
C ASP J 308 20.63 -22.71 -115.13
N ARG J 309 19.98 -23.07 -114.02
CA ARG J 309 19.84 -24.47 -113.65
C ARG J 309 19.11 -25.25 -114.75
N MET J 310 17.96 -24.74 -115.19
CA MET J 310 17.23 -25.51 -116.19
C MET J 310 17.93 -25.49 -117.53
N GLN J 311 18.60 -24.40 -117.88
CA GLN J 311 19.33 -24.38 -119.15
C GLN J 311 20.43 -25.43 -119.14
N LYS J 312 21.17 -25.54 -118.04
CA LYS J 312 22.19 -26.58 -117.93
C LYS J 312 21.57 -27.97 -118.06
N GLU J 313 20.48 -28.23 -117.33
CA GLU J 313 19.89 -29.56 -117.37
C GLU J 313 19.34 -29.89 -118.76
N ILE J 314 18.63 -28.95 -119.38
CA ILE J 314 18.00 -29.22 -120.66
C ILE J 314 19.06 -29.38 -121.75
N THR J 315 20.13 -28.60 -121.70
CA THR J 315 21.22 -28.81 -122.66
C THR J 315 21.89 -30.15 -122.43
N ALA J 316 22.01 -30.57 -121.16
CA ALA J 316 22.60 -31.88 -120.89
C ALA J 316 21.74 -33.00 -121.48
N LEU J 317 20.42 -32.88 -121.36
CA LEU J 317 19.54 -33.93 -121.90
C LEU J 317 19.46 -33.88 -123.42
N ALA J 318 19.37 -32.68 -123.99
CA ALA J 318 19.14 -32.53 -125.41
C ALA J 318 20.38 -32.86 -126.22
N PRO J 319 20.24 -33.12 -127.53
CA PRO J 319 21.41 -33.34 -128.37
C PRO J 319 22.31 -32.11 -128.40
N SER J 320 23.62 -32.36 -128.56
CA SER J 320 24.60 -31.28 -128.47
C SER J 320 24.40 -30.22 -129.53
N THR J 321 23.89 -30.59 -130.71
CA THR J 321 23.79 -29.64 -131.81
C THR J 321 22.63 -28.67 -131.66
N MET J 322 21.69 -28.95 -130.77
CA MET J 322 20.51 -28.10 -130.58
C MET J 322 20.86 -26.94 -129.67
N LYS J 323 20.81 -25.72 -130.21
CA LYS J 323 20.98 -24.53 -129.37
C LYS J 323 19.72 -24.32 -128.55
N ILE J 324 19.91 -24.07 -127.26
CA ILE J 324 18.81 -24.03 -126.29
C ILE J 324 18.80 -22.68 -125.60
N LYS J 325 17.63 -22.07 -125.52
CA LYS J 325 17.46 -20.75 -124.93
C LYS J 325 16.19 -20.73 -124.08
N ILE J 326 16.27 -20.10 -122.92
CA ILE J 326 15.16 -20.02 -121.98
C ILE J 326 14.76 -18.56 -121.84
N ILE J 327 13.50 -18.26 -122.14
CA ILE J 327 12.94 -16.91 -122.01
C ILE J 327 12.42 -16.78 -120.59
N ALA J 328 13.01 -15.85 -119.84
CA ALA J 328 12.60 -15.55 -118.47
C ALA J 328 12.36 -14.05 -118.33
N PRO J 329 11.22 -13.55 -118.79
CA PRO J 329 10.95 -12.12 -118.67
C PRO J 329 10.87 -11.72 -117.22
N PRO J 330 11.28 -10.49 -116.87
CA PRO J 330 11.30 -10.09 -115.47
C PRO J 330 9.93 -10.07 -114.81
N GLU J 331 8.87 -9.77 -115.57
CA GLU J 331 7.52 -9.67 -115.03
C GLU J 331 6.74 -10.97 -115.15
N ARG J 332 7.42 -12.11 -115.20
CA ARG J 332 6.76 -13.39 -115.48
C ARG J 332 5.82 -13.82 -114.36
N LYS J 333 5.84 -13.14 -113.21
CA LYS J 333 4.84 -13.42 -112.19
C LYS J 333 3.43 -13.14 -112.68
N TYR J 334 3.25 -12.02 -113.38
CA TYR J 334 1.94 -11.62 -113.87
C TYR J 334 1.72 -11.96 -115.34
N SER J 335 2.62 -12.73 -115.96
CA SER J 335 2.56 -13.03 -117.40
C SER J 335 1.25 -13.70 -117.82
N VAL J 336 0.70 -14.62 -117.04
CA VAL J 336 -0.62 -15.21 -117.35
C VAL J 336 -1.71 -14.14 -117.38
N TRP J 337 -1.73 -13.24 -116.40
CA TRP J 337 -2.72 -12.16 -116.36
C TRP J 337 -2.52 -11.20 -117.53
N ILE J 338 -1.28 -10.80 -117.81
CA ILE J 338 -0.93 -9.93 -118.92
C ILE J 338 -1.38 -10.57 -120.23
N GLY J 339 -1.11 -11.86 -120.42
CA GLY J 339 -1.56 -12.57 -121.61
C GLY J 339 -3.07 -12.57 -121.74
N GLY J 340 -3.81 -12.75 -120.65
CA GLY J 340 -5.25 -12.60 -120.66
C GLY J 340 -5.68 -11.19 -121.05
N SER J 341 -5.00 -10.15 -120.56
CA SER J 341 -5.30 -8.77 -120.91
C SER J 341 -5.07 -8.46 -122.39
N ILE J 342 -4.12 -9.12 -123.05
CA ILE J 342 -3.97 -9.09 -124.50
C ILE J 342 -5.14 -9.83 -125.15
N LEU J 343 -5.33 -11.11 -124.83
CA LEU J 343 -6.29 -11.98 -125.50
C LEU J 343 -7.71 -11.41 -125.45
N ALA J 344 -8.16 -10.99 -124.27
CA ALA J 344 -9.48 -10.40 -124.08
C ALA J 344 -9.69 -9.07 -124.83
N SER J 345 -8.61 -8.41 -125.27
CA SER J 345 -8.68 -7.15 -126.05
C SER J 345 -8.70 -7.36 -127.56
N LEU J 346 -8.37 -8.54 -128.09
CA LEU J 346 -8.27 -8.74 -129.54
C LEU J 346 -9.64 -8.63 -130.21
N SER J 347 -9.73 -7.99 -131.37
CA SER J 347 -10.99 -7.83 -132.12
C SER J 347 -11.54 -9.17 -132.62
N THR J 348 -10.67 -10.10 -133.02
CA THR J 348 -11.06 -11.46 -133.42
C THR J 348 -11.64 -12.27 -132.26
N PHE J 349 -11.10 -12.10 -131.06
CA PHE J 349 -11.53 -12.84 -129.87
C PHE J 349 -12.94 -12.48 -129.40
N GLN J 350 -13.48 -11.31 -129.76
CA GLN J 350 -14.79 -10.88 -129.26
C GLN J 350 -15.96 -11.79 -129.66
N GLN J 351 -15.78 -12.73 -130.60
CA GLN J 351 -16.81 -13.68 -130.96
C GLN J 351 -16.67 -15.02 -130.23
N MET J 352 -15.62 -15.22 -129.46
CA MET J 352 -15.40 -16.48 -128.76
C MET J 352 -15.99 -16.51 -127.37
N TRP J 353 -16.50 -15.39 -126.85
CA TRP J 353 -17.05 -15.37 -125.50
C TRP J 353 -18.31 -16.24 -125.42
N ILE J 354 -18.51 -16.92 -124.30
CA ILE J 354 -19.75 -17.62 -123.98
C ILE J 354 -20.77 -16.60 -123.49
N THR J 355 -21.74 -16.28 -124.34
CA THR J 355 -22.69 -15.23 -124.00
C THR J 355 -23.72 -15.75 -123.01
N LYS J 356 -24.39 -14.83 -122.29
CA LYS J 356 -25.50 -15.14 -121.38
C LYS J 356 -26.62 -15.86 -122.13
N GLN J 357 -26.89 -15.45 -123.38
CA GLN J 357 -27.93 -16.09 -124.16
C GLN J 357 -27.55 -17.49 -124.62
N GLU J 358 -26.26 -17.81 -124.68
CA GLU J 358 -25.85 -19.17 -124.98
C GLU J 358 -25.91 -20.06 -123.74
N TYR J 359 -25.49 -19.56 -122.58
CA TYR J 359 -25.52 -20.34 -121.36
C TYR J 359 -26.95 -20.72 -121.01
N ASP J 360 -27.88 -19.77 -121.02
CA ASP J 360 -29.25 -20.07 -120.63
C ASP J 360 -30.00 -20.95 -121.67
N GLU J 361 -29.42 -21.18 -122.84
CA GLU J 361 -29.94 -22.10 -123.87
C GLU J 361 -29.35 -23.51 -123.79
N ALA J 362 -28.19 -23.72 -123.17
CA ALA J 362 -27.48 -25.02 -123.18
C ALA J 362 -26.93 -25.48 -121.82
N GLY J 363 -27.10 -24.68 -120.78
CA GLY J 363 -26.58 -24.94 -119.44
C GLY J 363 -25.05 -24.89 -119.36
N PRO J 364 -24.46 -25.27 -118.21
CA PRO J 364 -23.03 -25.22 -117.98
C PRO J 364 -22.21 -26.13 -118.90
N SER J 365 -22.82 -27.03 -119.67
CA SER J 365 -22.09 -27.90 -120.59
C SER J 365 -21.51 -27.13 -121.77
N ILE J 366 -21.91 -25.87 -121.94
CA ILE J 366 -21.46 -25.07 -123.07
C ILE J 366 -19.96 -24.87 -123.07
N VAL J 367 -19.31 -24.97 -121.90
CA VAL J 367 -17.90 -24.59 -121.80
C VAL J 367 -17.01 -25.51 -122.63
N HIS J 368 -17.37 -26.80 -122.72
CA HIS J 368 -16.50 -27.75 -123.39
C HIS J 368 -16.61 -27.66 -124.90
N ARG J 369 -17.63 -26.97 -125.42
CA ARG J 369 -17.74 -26.73 -126.86
C ARG J 369 -17.11 -25.40 -127.26
N LYS J 370 -17.25 -24.37 -126.43
CA LYS J 370 -16.73 -23.05 -126.78
C LYS J 370 -15.25 -22.91 -126.44
N CYS J 371 -14.83 -23.43 -125.29
CA CYS J 371 -13.46 -23.25 -124.82
C CYS J 371 -12.58 -24.44 -125.22
N PHE J 372 -11.29 -24.30 -124.95
CA PHE J 372 -10.32 -25.36 -125.20
C PHE J 372 -10.29 -26.32 -124.01
N GLU K 1 17.96 -83.55 -123.79
CA GLU K 1 16.93 -82.56 -124.09
C GLU K 1 15.54 -83.18 -123.93
N THR K 2 15.06 -83.21 -122.69
CA THR K 2 13.80 -83.91 -122.41
C THR K 2 12.60 -83.14 -122.95
N THR K 3 12.53 -81.84 -122.70
CA THR K 3 11.33 -81.07 -123.02
C THR K 3 11.73 -79.66 -123.43
N ALA K 4 11.09 -79.17 -124.48
CA ALA K 4 11.31 -77.79 -124.91
C ALA K 4 10.54 -76.82 -124.02
N LEU K 5 11.05 -75.60 -123.93
CA LEU K 5 10.37 -74.50 -123.26
C LEU K 5 9.85 -73.50 -124.29
N VAL K 6 8.78 -72.80 -123.93
CA VAL K 6 8.21 -71.77 -124.77
C VAL K 6 7.99 -70.53 -123.91
N CYS K 7 8.44 -69.38 -124.42
CA CYS K 7 8.30 -68.13 -123.71
C CYS K 7 7.82 -67.04 -124.65
N ASP K 8 6.75 -66.36 -124.25
CA ASP K 8 6.33 -65.12 -124.90
C ASP K 8 6.80 -64.00 -123.98
N ASN K 9 7.82 -63.26 -124.42
CA ASN K 9 8.42 -62.19 -123.61
C ASN K 9 7.51 -60.97 -123.73
N GLY K 10 6.34 -61.09 -123.13
CA GLY K 10 5.29 -60.15 -123.29
C GLY K 10 5.70 -58.77 -122.81
N SER K 11 5.39 -57.76 -123.60
CA SER K 11 5.54 -56.40 -123.18
C SER K 11 4.84 -56.08 -121.87
N GLY K 12 3.84 -56.85 -121.46
CA GLY K 12 3.14 -56.71 -120.20
C GLY K 12 3.22 -57.97 -119.34
N LEU K 13 3.03 -59.15 -119.90
CA LEU K 13 3.04 -60.43 -119.19
C LEU K 13 4.06 -61.40 -119.79
N VAL K 14 5.03 -61.86 -119.01
CA VAL K 14 5.81 -63.04 -119.38
C VAL K 14 4.88 -64.24 -119.30
N LYS K 15 4.75 -64.99 -120.40
CA LYS K 15 3.99 -66.25 -120.43
C LYS K 15 4.98 -67.35 -120.74
N ALA K 16 5.17 -68.31 -119.84
CA ALA K 16 6.23 -69.31 -119.97
C ALA K 16 5.75 -70.69 -119.55
N GLY K 17 6.27 -71.75 -120.14
CA GLY K 17 5.86 -73.09 -119.77
C GLY K 17 6.43 -74.10 -120.75
N PHE K 18 6.28 -75.37 -120.38
CA PHE K 18 6.80 -76.45 -121.20
C PHE K 18 5.99 -76.61 -122.47
N ALA K 19 6.64 -77.15 -123.50
CA ALA K 19 5.96 -77.45 -124.75
C ALA K 19 5.05 -78.66 -124.59
N GLY K 20 4.05 -78.75 -125.47
CA GLY K 20 3.09 -79.84 -125.41
C GLY K 20 1.89 -79.54 -124.54
N ASP K 21 2.12 -78.86 -123.42
CA ASP K 21 1.03 -78.48 -122.53
C ASP K 21 0.15 -77.43 -123.21
N ASP K 22 -1.15 -77.51 -122.96
CA ASP K 22 -2.12 -76.64 -123.60
C ASP K 22 -2.28 -75.28 -122.90
N ALA K 23 -1.59 -75.07 -121.78
CA ALA K 23 -1.67 -73.80 -121.07
C ALA K 23 -0.31 -73.46 -120.50
N PRO K 24 0.04 -72.18 -120.43
CA PRO K 24 1.34 -71.81 -119.85
C PRO K 24 1.42 -72.17 -118.38
N ARG K 25 2.60 -72.64 -117.96
CA ARG K 25 2.79 -73.02 -116.56
C ARG K 25 2.78 -71.80 -115.64
N ALA K 26 3.43 -70.73 -116.08
CA ALA K 26 3.60 -69.50 -115.33
C ALA K 26 3.23 -68.30 -116.18
N VAL K 27 2.45 -67.39 -115.61
CA VAL K 27 2.19 -66.08 -116.18
C VAL K 27 2.38 -65.04 -115.09
N PHE K 28 3.16 -64.00 -115.37
CA PHE K 28 3.45 -62.94 -114.41
C PHE K 28 3.86 -61.65 -115.13
N PRO K 29 3.75 -60.46 -114.53
CA PRO K 29 4.08 -59.22 -115.21
C PRO K 29 5.57 -59.15 -115.56
N SER K 30 5.90 -58.66 -116.76
CA SER K 30 7.28 -58.40 -117.19
C SER K 30 7.85 -57.14 -116.51
N ILE K 31 7.83 -57.12 -115.18
CA ILE K 31 8.14 -55.98 -114.33
C ILE K 31 9.34 -56.29 -113.43
N VAL K 32 10.19 -55.29 -113.23
CA VAL K 32 11.16 -55.25 -112.13
C VAL K 32 10.88 -54.03 -111.28
N GLY K 33 11.09 -54.10 -109.98
CA GLY K 33 10.93 -52.98 -109.05
C GLY K 33 12.13 -52.81 -108.15
N ARG K 34 12.43 -51.58 -107.75
CA ARG K 34 13.46 -51.23 -106.75
C ARG K 34 12.78 -50.49 -105.59
N PRO K 35 13.26 -50.60 -104.34
CA PRO K 35 12.65 -49.90 -103.22
C PRO K 35 12.74 -48.39 -103.38
N ARG K 36 11.60 -47.71 -103.25
CA ARG K 36 11.50 -46.25 -103.41
C ARG K 36 11.94 -45.48 -102.15
N HIS K 37 11.86 -46.10 -100.98
CA HIS K 37 12.07 -45.43 -99.70
C HIS K 37 13.09 -46.20 -98.88
N GLN K 38 13.70 -45.49 -97.93
CA GLN K 38 14.81 -46.04 -97.15
C GLN K 38 14.34 -47.15 -96.22
N GLY K 39 15.18 -48.17 -96.10
CA GLY K 39 14.90 -49.34 -95.28
C GLY K 39 15.25 -49.18 -93.82
N VAL K 40 14.37 -48.51 -93.05
CA VAL K 40 14.67 -48.21 -91.66
C VAL K 40 14.83 -49.48 -90.83
N MET K 41 14.15 -50.57 -91.16
CA MET K 41 14.10 -51.77 -90.33
C MET K 41 15.22 -52.74 -90.68
N VAL K 42 16.10 -53.04 -89.72
CA VAL K 42 17.20 -53.98 -89.90
C VAL K 42 16.70 -55.39 -89.66
N GLY K 43 17.39 -56.36 -90.27
CA GLY K 43 17.11 -57.76 -90.02
C GLY K 43 15.90 -58.32 -90.73
N MET K 44 15.20 -57.51 -91.54
CA MET K 44 14.03 -57.92 -92.30
C MET K 44 14.40 -58.82 -93.49
N GLY K 45 15.64 -58.77 -93.99
CA GLY K 45 16.05 -59.54 -95.15
C GLY K 45 15.45 -59.06 -96.45
N GLN K 46 15.05 -57.80 -96.52
CA GLN K 46 14.46 -57.25 -97.73
C GLN K 46 15.49 -57.23 -98.85
N LYS K 47 15.07 -57.61 -100.05
CA LYS K 47 15.96 -57.69 -101.19
C LYS K 47 16.15 -56.31 -101.83
N ASP K 48 17.22 -56.15 -102.60
CA ASP K 48 17.54 -54.89 -103.29
C ASP K 48 16.61 -54.58 -104.48
N SER K 49 15.88 -55.59 -104.96
CA SER K 49 15.03 -55.55 -106.13
C SER K 49 14.05 -56.72 -106.11
N TYR K 50 12.94 -56.59 -106.84
CA TYR K 50 11.90 -57.60 -106.95
C TYR K 50 11.44 -57.72 -108.38
N VAL K 51 10.85 -58.85 -108.74
CA VAL K 51 10.49 -59.18 -110.11
C VAL K 51 9.17 -59.96 -110.16
N GLY K 52 8.37 -59.74 -111.21
CA GLY K 52 7.10 -60.43 -111.36
C GLY K 52 6.13 -60.20 -110.19
N ASP K 53 5.48 -61.24 -109.71
CA ASP K 53 4.44 -61.14 -108.68
C ASP K 53 4.94 -60.53 -107.35
N GLU K 54 6.21 -60.72 -106.98
CA GLU K 54 6.72 -60.06 -105.78
C GLU K 54 6.66 -58.56 -105.91
N ALA K 55 7.08 -58.04 -107.07
CA ALA K 55 7.06 -56.61 -107.35
C ALA K 55 5.63 -56.11 -107.45
N GLN K 56 4.76 -56.85 -108.13
CA GLN K 56 3.37 -56.46 -108.31
C GLN K 56 2.60 -56.42 -106.98
N SER K 57 2.81 -57.37 -106.05
CA SER K 57 2.09 -57.38 -104.79
C SER K 57 2.57 -56.28 -103.85
N LYS K 58 3.86 -55.95 -103.87
CA LYS K 58 4.43 -54.91 -103.05
C LYS K 58 4.66 -53.61 -103.83
N ARG K 59 3.82 -53.34 -104.82
CA ARG K 59 4.02 -52.18 -105.69
C ARG K 59 3.96 -50.86 -104.94
N GLY K 60 3.29 -50.84 -103.79
CA GLY K 60 3.14 -49.61 -103.03
C GLY K 60 4.45 -49.04 -102.52
N ILE K 61 5.53 -49.83 -102.49
CA ILE K 61 6.86 -49.43 -101.99
C ILE K 61 7.94 -49.47 -103.09
N LEU K 62 7.56 -49.62 -104.36
CA LEU K 62 8.50 -49.91 -105.45
C LEU K 62 8.35 -48.98 -106.66
N THR K 63 9.47 -48.59 -107.26
CA THR K 63 9.50 -47.91 -108.57
C THR K 63 9.37 -48.92 -109.71
N LEU K 64 8.20 -49.55 -109.86
CA LEU K 64 7.98 -50.55 -110.92
C LEU K 64 8.35 -50.02 -112.31
N LYS K 65 9.11 -50.81 -113.07
CA LYS K 65 9.50 -50.50 -114.45
C LYS K 65 9.52 -51.76 -115.32
N TYR K 66 9.24 -51.59 -116.60
CA TYR K 66 9.13 -52.68 -117.58
C TYR K 66 10.39 -52.73 -118.45
N PRO K 67 11.14 -53.85 -118.51
CA PRO K 67 12.32 -53.94 -119.37
C PRO K 67 11.99 -54.00 -120.85
N ILE K 68 10.79 -54.45 -121.21
CA ILE K 68 10.26 -54.44 -122.57
C ILE K 68 9.47 -53.16 -122.82
N GLU K 69 9.72 -52.47 -123.92
CA GLU K 69 8.90 -51.35 -124.39
C GLU K 69 8.66 -51.48 -125.89
N HIS K 70 7.42 -51.33 -126.37
CA HIS K 70 7.07 -51.50 -127.78
C HIS K 70 7.62 -52.80 -128.41
N GLY K 71 7.69 -53.89 -127.64
CA GLY K 71 8.26 -55.17 -128.08
C GLY K 71 9.79 -55.25 -128.11
N ILE K 72 10.50 -54.19 -127.69
CA ILE K 72 11.96 -54.03 -127.73
C ILE K 72 12.53 -54.01 -126.31
N ILE K 73 13.61 -54.74 -126.05
CA ILE K 73 14.25 -54.77 -124.73
C ILE K 73 15.06 -53.49 -124.58
N THR K 74 14.68 -52.67 -123.59
CA THR K 74 15.35 -51.39 -123.36
C THR K 74 16.40 -51.45 -122.27
N ASN K 75 16.33 -52.41 -121.35
CA ASN K 75 17.28 -52.54 -120.26
C ASN K 75 17.62 -54.01 -120.10
N TRP K 76 18.85 -54.39 -120.44
CA TRP K 76 19.21 -55.80 -120.47
C TRP K 76 19.61 -56.36 -119.10
N ASP K 77 19.91 -55.52 -118.11
CA ASP K 77 20.18 -56.01 -116.75
C ASP K 77 18.87 -56.41 -116.06
N ASP K 78 17.84 -55.57 -116.16
CA ASP K 78 16.51 -55.93 -115.68
C ASP K 78 15.90 -57.05 -116.52
N MET K 79 16.15 -57.10 -117.84
CA MET K 79 15.67 -58.21 -118.64
C MET K 79 16.37 -59.52 -118.29
N GLU K 80 17.70 -59.56 -118.12
CA GLU K 80 18.39 -60.76 -117.67
C GLU K 80 17.86 -61.22 -116.32
N LYS K 81 17.47 -60.30 -115.44
CA LYS K 81 16.85 -60.64 -114.16
C LYS K 81 15.49 -61.31 -114.36
N ILE K 82 14.65 -60.81 -115.28
CA ILE K 82 13.39 -61.48 -115.65
C ILE K 82 13.66 -62.86 -116.26
N TRP K 83 14.64 -63.01 -117.15
CA TRP K 83 15.01 -64.31 -117.69
C TRP K 83 15.35 -65.29 -116.57
N HIS K 84 16.27 -64.88 -115.69
CA HIS K 84 16.73 -65.76 -114.62
C HIS K 84 15.58 -66.15 -113.71
N HIS K 85 14.66 -65.22 -113.42
CA HIS K 85 13.50 -65.49 -112.58
C HIS K 85 12.50 -66.43 -113.25
N THR K 86 12.18 -66.22 -114.53
CA THR K 86 11.30 -67.12 -115.24
C THR K 86 11.88 -68.52 -115.29
N PHE K 87 13.19 -68.65 -115.42
CA PHE K 87 13.79 -69.99 -115.49
C PHE K 87 13.85 -70.65 -114.12
N TYR K 88 14.51 -70.02 -113.16
CA TYR K 88 14.88 -70.71 -111.93
C TYR K 88 13.82 -70.69 -110.84
N ASN K 89 12.82 -69.81 -110.92
CA ASN K 89 11.82 -69.71 -109.86
C ASN K 89 10.42 -70.10 -110.33
N GLU K 90 9.93 -69.47 -111.40
CA GLU K 90 8.56 -69.64 -111.86
C GLU K 90 8.34 -70.98 -112.57
N LEU K 91 9.26 -71.39 -113.44
CA LEU K 91 9.30 -72.77 -113.94
C LEU K 91 10.08 -73.71 -113.04
N ARG K 92 11.01 -73.21 -112.20
CA ARG K 92 11.86 -74.01 -111.33
C ARG K 92 12.66 -75.03 -112.15
N VAL K 93 13.24 -74.55 -113.24
CA VAL K 93 13.93 -75.39 -114.21
C VAL K 93 15.29 -74.80 -114.51
N ALA K 94 16.31 -75.64 -114.54
CA ALA K 94 17.63 -75.22 -114.99
C ALA K 94 17.65 -75.17 -116.51
N PRO K 95 17.87 -73.99 -117.12
CA PRO K 95 17.77 -73.89 -118.58
C PRO K 95 18.97 -74.48 -119.32
N GLU K 96 19.95 -75.03 -118.61
CA GLU K 96 21.15 -75.55 -119.25
C GLU K 96 20.89 -76.79 -120.09
N GLU K 97 19.72 -77.41 -119.98
CA GLU K 97 19.45 -78.66 -120.69
C GLU K 97 18.10 -78.70 -121.38
N HIS K 98 17.36 -77.60 -121.44
CA HIS K 98 16.07 -77.56 -122.12
C HIS K 98 16.12 -76.57 -123.27
N PRO K 99 15.93 -77.02 -124.52
CA PRO K 99 15.84 -76.05 -125.63
C PRO K 99 14.66 -75.12 -125.42
N THR K 100 14.83 -73.87 -125.86
CA THR K 100 13.90 -72.80 -125.53
C THR K 100 13.46 -72.08 -126.81
N LEU K 101 12.16 -71.86 -126.95
CA LEU K 101 11.60 -71.11 -128.07
C LEU K 101 11.13 -69.76 -127.56
N LEU K 102 11.48 -68.70 -128.30
CA LEU K 102 11.14 -67.33 -127.93
C LEU K 102 10.32 -66.69 -129.03
N THR K 103 9.33 -65.90 -128.65
CA THR K 103 8.43 -65.23 -129.58
C THR K 103 8.73 -63.74 -129.56
N GLU K 104 8.90 -63.15 -130.75
CA GLU K 104 9.22 -61.74 -130.89
C GLU K 104 8.28 -61.08 -131.88
N ALA K 105 7.97 -59.79 -131.71
CA ALA K 105 7.18 -59.04 -132.69
C ALA K 105 7.93 -58.84 -134.01
N PRO K 106 7.24 -58.70 -135.16
CA PRO K 106 7.88 -58.45 -136.44
C PRO K 106 8.46 -57.02 -136.51
N LEU K 107 9.39 -56.80 -137.45
CA LEU K 107 10.05 -55.51 -137.70
C LEU K 107 10.82 -54.93 -136.50
N ASN K 108 11.20 -55.74 -135.52
CA ASN K 108 12.08 -55.34 -134.42
C ASN K 108 13.51 -55.05 -134.89
N PRO K 109 14.30 -54.24 -134.16
CA PRO K 109 15.72 -54.08 -134.41
C PRO K 109 16.46 -55.40 -134.35
N LYS K 110 17.37 -55.67 -135.28
CA LYS K 110 18.10 -56.93 -135.35
C LYS K 110 19.00 -57.13 -134.14
N ALA K 111 19.54 -56.04 -133.58
CA ALA K 111 20.39 -56.15 -132.41
C ALA K 111 19.63 -56.74 -131.23
N ASN K 112 18.31 -56.53 -131.17
CA ASN K 112 17.51 -57.17 -130.13
C ASN K 112 17.60 -58.68 -130.22
N ARG K 113 17.44 -59.23 -131.42
CA ARG K 113 17.60 -60.67 -131.61
C ARG K 113 19.02 -61.11 -131.27
N GLU K 114 20.02 -60.33 -131.69
CA GLU K 114 21.40 -60.68 -131.44
C GLU K 114 21.69 -60.79 -129.95
N LYS K 115 21.23 -59.81 -129.17
CA LYS K 115 21.55 -59.84 -127.75
C LYS K 115 20.68 -60.85 -127.02
N MET K 116 19.45 -61.09 -127.50
CA MET K 116 18.68 -62.23 -127.01
C MET K 116 19.48 -63.51 -127.15
N THR K 117 20.06 -63.73 -128.33
CA THR K 117 20.79 -64.97 -128.59
C THR K 117 22.05 -65.07 -127.73
N GLN K 118 22.79 -63.96 -127.61
CA GLN K 118 23.97 -63.98 -126.76
C GLN K 118 23.62 -64.25 -125.31
N ILE K 119 22.53 -63.65 -124.82
CA ILE K 119 22.10 -63.92 -123.46
C ILE K 119 21.74 -65.39 -123.30
N MET K 120 20.97 -65.94 -124.24
CA MET K 120 20.50 -67.31 -124.11
C MET K 120 21.67 -68.29 -124.14
N PHE K 121 22.68 -68.04 -124.98
CA PHE K 121 23.76 -68.99 -125.15
C PHE K 121 24.95 -68.77 -124.23
N GLU K 122 25.08 -67.60 -123.59
CA GLU K 122 26.32 -67.31 -122.87
C GLU K 122 26.15 -66.98 -121.39
N THR K 123 24.94 -66.76 -120.89
CA THR K 123 24.74 -66.70 -119.45
C THR K 123 23.77 -67.75 -118.93
N PHE K 124 22.91 -68.29 -119.79
CA PHE K 124 22.05 -69.41 -119.41
C PHE K 124 22.49 -70.72 -120.05
N ASN K 125 23.39 -70.68 -121.03
CA ASN K 125 24.00 -71.89 -121.60
C ASN K 125 22.94 -72.83 -122.17
N VAL K 126 21.90 -72.28 -122.77
CA VAL K 126 20.81 -73.08 -123.32
C VAL K 126 21.32 -73.92 -124.48
N PRO K 127 21.06 -75.22 -124.54
CA PRO K 127 21.60 -76.05 -125.63
C PRO K 127 21.11 -75.66 -127.02
N ALA K 128 19.87 -75.20 -127.16
CA ALA K 128 19.36 -74.82 -128.46
C ALA K 128 18.18 -73.87 -128.27
N MET K 129 17.98 -72.99 -129.25
CA MET K 129 16.95 -71.98 -129.13
C MET K 129 16.47 -71.55 -130.51
N TYR K 130 15.33 -70.85 -130.54
CA TYR K 130 14.72 -70.41 -131.78
C TYR K 130 13.88 -69.16 -131.50
N VAL K 131 13.74 -68.32 -132.52
CA VAL K 131 12.93 -67.11 -132.46
C VAL K 131 11.89 -67.17 -133.58
N ALA K 132 10.62 -66.97 -133.23
CA ALA K 132 9.54 -67.01 -134.20
C ALA K 132 8.59 -65.84 -133.97
N ILE K 133 7.92 -65.43 -135.04
CA ILE K 133 7.10 -64.22 -135.02
C ILE K 133 5.75 -64.55 -134.40
N GLN K 134 5.37 -63.79 -133.36
CA GLN K 134 4.19 -64.00 -132.50
C GLN K 134 2.91 -64.22 -133.33
N ALA K 135 2.76 -63.51 -134.45
CA ALA K 135 1.61 -63.69 -135.32
C ALA K 135 1.51 -65.13 -135.85
N VAL K 136 2.59 -65.70 -136.35
CA VAL K 136 2.62 -67.08 -136.86
C VAL K 136 2.31 -68.08 -135.75
N LEU K 137 2.76 -67.84 -134.52
CA LEU K 137 2.41 -68.70 -133.40
C LEU K 137 0.92 -68.69 -133.15
N SER K 138 0.27 -67.54 -133.29
CA SER K 138 -1.18 -67.44 -133.17
C SER K 138 -1.87 -68.24 -134.25
N LEU K 139 -1.32 -68.27 -135.46
CA LEU K 139 -1.87 -69.06 -136.56
C LEU K 139 -1.75 -70.57 -136.29
N TYR K 140 -0.62 -71.01 -135.75
CA TYR K 140 -0.47 -72.39 -135.28
C TYR K 140 -1.47 -72.70 -134.16
N ALA K 141 -1.75 -71.77 -133.25
CA ALA K 141 -2.72 -72.03 -132.19
C ALA K 141 -4.12 -72.19 -132.77
N SER K 142 -4.50 -71.38 -133.75
CA SER K 142 -5.82 -71.51 -134.39
C SER K 142 -5.94 -72.77 -135.26
N GLY K 143 -4.83 -73.42 -135.61
CA GLY K 143 -4.81 -74.66 -136.39
C GLY K 143 -5.12 -74.45 -137.87
N ARG K 144 -4.61 -73.36 -138.46
CA ARG K 144 -4.85 -72.96 -139.86
C ARG K 144 -3.55 -72.86 -140.64
N THR K 145 -3.59 -73.14 -141.94
CA THR K 145 -2.50 -72.81 -142.87
C THR K 145 -2.67 -71.46 -143.55
N THR K 146 -3.84 -70.84 -143.43
CA THR K 146 -4.21 -69.62 -144.16
C THR K 146 -4.95 -68.67 -143.24
N GLY K 147 -4.68 -67.38 -143.35
CA GLY K 147 -5.38 -66.35 -142.58
C GLY K 147 -4.53 -65.12 -142.36
N ILE K 148 -5.15 -64.06 -141.89
CA ILE K 148 -4.43 -62.87 -141.42
C ILE K 148 -4.55 -62.83 -139.92
N VAL K 149 -3.42 -62.81 -139.22
CA VAL K 149 -3.42 -62.68 -137.77
C VAL K 149 -3.32 -61.23 -137.42
N LEU K 150 -4.17 -60.74 -136.52
CA LEU K 150 -3.98 -59.48 -135.81
C LEU K 150 -3.64 -59.81 -134.37
N ASP K 151 -2.43 -59.49 -133.97
CA ASP K 151 -1.93 -59.77 -132.64
C ASP K 151 -1.72 -58.46 -131.91
N SER K 152 -2.37 -58.31 -130.76
CA SER K 152 -2.36 -57.09 -129.99
C SER K 152 -2.11 -57.39 -128.54
N GLY K 153 -0.87 -57.68 -128.22
CA GLY K 153 -0.46 -57.78 -126.84
C GLY K 153 -0.41 -56.43 -126.16
N ASP K 154 0.42 -56.33 -125.16
CA ASP K 154 0.55 -55.21 -124.30
C ASP K 154 1.36 -54.07 -124.89
N GLY K 155 2.44 -54.33 -125.65
CA GLY K 155 3.36 -53.25 -126.03
C GLY K 155 3.36 -52.92 -127.51
N VAL K 156 2.95 -53.83 -128.38
CA VAL K 156 2.89 -53.61 -129.82
C VAL K 156 1.69 -54.35 -130.38
N THR K 157 1.13 -53.84 -131.46
CA THR K 157 0.11 -54.56 -132.21
C THR K 157 0.52 -54.63 -133.66
N HIS K 158 0.32 -55.78 -134.30
CA HIS K 158 0.78 -56.01 -135.66
C HIS K 158 -0.12 -57.02 -136.33
N ASN K 159 -0.16 -57.00 -137.66
CA ASN K 159 -0.85 -58.02 -138.40
C ASN K 159 -0.03 -58.54 -139.56
N VAL K 160 -0.13 -59.85 -139.77
CA VAL K 160 0.64 -60.62 -140.74
C VAL K 160 -0.32 -61.51 -141.53
N PRO K 161 -0.38 -61.41 -142.86
CA PRO K 161 -1.11 -62.33 -143.69
C PRO K 161 -0.26 -63.55 -144.05
N ILE K 162 -0.87 -64.74 -144.02
CA ILE K 162 -0.25 -66.02 -144.36
C ILE K 162 -1.20 -66.77 -145.31
N TYR K 163 -0.68 -67.42 -146.34
CA TYR K 163 -1.48 -68.24 -147.25
C TYR K 163 -0.84 -69.58 -147.52
N GLU K 164 -1.53 -70.68 -147.25
CA GLU K 164 -0.99 -72.05 -147.36
C GLU K 164 0.42 -72.20 -146.77
N GLY K 165 0.67 -71.54 -145.65
CA GLY K 165 1.93 -71.50 -144.93
C GLY K 165 2.91 -70.40 -145.37
N TYR K 166 2.77 -69.81 -146.56
CA TYR K 166 3.65 -68.73 -147.02
C TYR K 166 3.23 -67.39 -146.41
N ALA K 167 4.06 -66.84 -145.53
CA ALA K 167 3.87 -65.48 -145.05
C ALA K 167 4.25 -64.48 -146.15
N LEU K 168 3.57 -63.34 -146.16
CA LEU K 168 3.84 -62.27 -147.12
C LEU K 168 4.49 -61.11 -146.37
N PRO K 169 5.81 -61.06 -146.28
CA PRO K 169 6.47 -60.04 -145.46
C PRO K 169 6.19 -58.62 -145.91
N HIS K 170 6.01 -58.39 -147.22
CA HIS K 170 5.81 -57.03 -147.70
C HIS K 170 4.46 -56.45 -147.27
N ALA K 171 3.52 -57.28 -146.85
CA ALA K 171 2.21 -56.82 -146.42
C ALA K 171 2.08 -56.67 -144.91
N ILE K 172 3.14 -56.96 -144.13
CA ILE K 172 3.10 -56.82 -142.66
C ILE K 172 2.86 -55.37 -142.29
N MET K 173 1.98 -55.12 -141.33
CA MET K 173 1.73 -53.79 -140.77
C MET K 173 1.95 -53.86 -139.27
N ARG K 174 2.50 -52.80 -138.69
CA ARG K 174 2.80 -52.70 -137.26
C ARG K 174 2.39 -51.32 -136.73
N LEU K 175 1.77 -51.29 -135.56
CA LEU K 175 1.50 -50.10 -134.77
C LEU K 175 2.12 -50.26 -133.39
N ASP K 176 2.85 -49.25 -132.94
CA ASP K 176 3.37 -49.22 -131.58
C ASP K 176 2.32 -48.76 -130.55
N LEU K 177 1.11 -48.37 -130.99
CA LEU K 177 -0.06 -48.25 -130.11
C LEU K 177 -0.51 -49.64 -129.65
N ALA K 178 -0.54 -49.87 -128.33
CA ALA K 178 -0.96 -51.14 -127.72
C ALA K 178 -1.40 -50.93 -126.26
N GLY K 179 -1.54 -52.01 -125.50
CA GLY K 179 -1.99 -52.02 -124.11
C GLY K 179 -1.37 -50.95 -123.20
N ARG K 180 -0.05 -50.81 -123.17
CA ARG K 180 0.59 -49.81 -122.30
C ARG K 180 0.19 -48.40 -122.68
N ASP K 181 0.38 -48.00 -123.94
CA ASP K 181 0.08 -46.66 -124.45
C ASP K 181 -1.40 -46.31 -124.26
N LEU K 182 -2.25 -47.30 -124.46
CA LEU K 182 -3.69 -47.15 -124.28
C LEU K 182 -4.08 -47.01 -122.80
N THR K 183 -3.33 -47.62 -121.88
CA THR K 183 -3.47 -47.41 -120.43
C THR K 183 -3.04 -46.01 -120.02
N ASP K 184 -1.98 -45.45 -120.63
CA ASP K 184 -1.62 -44.05 -120.43
C ASP K 184 -2.75 -43.11 -120.83
N TYR K 185 -3.48 -43.42 -121.91
CA TYR K 185 -4.63 -42.62 -122.26
C TYR K 185 -5.73 -42.71 -121.19
N LEU K 186 -5.98 -43.87 -120.59
CA LEU K 186 -6.98 -44.00 -119.53
C LEU K 186 -6.59 -43.17 -118.31
N MET K 187 -5.30 -43.13 -117.99
CA MET K 187 -4.84 -42.23 -116.93
C MET K 187 -5.23 -40.80 -117.22
N LYS K 188 -5.00 -40.35 -118.46
CA LYS K 188 -5.27 -38.97 -118.82
C LYS K 188 -6.75 -38.67 -118.73
N ILE K 189 -7.60 -39.57 -119.25
CA ILE K 189 -9.03 -39.31 -119.29
C ILE K 189 -9.70 -39.48 -117.93
N LEU K 190 -9.07 -40.20 -117.00
CA LEU K 190 -9.65 -40.30 -115.65
C LEU K 190 -9.62 -38.95 -114.94
N THR K 191 -8.70 -38.07 -115.33
CA THR K 191 -8.61 -36.77 -114.68
C THR K 191 -9.79 -35.87 -115.00
N GLU K 192 -10.55 -36.16 -116.07
CA GLU K 192 -11.75 -35.38 -116.34
C GLU K 192 -12.76 -35.47 -115.21
N ARG K 193 -12.76 -36.59 -114.47
CA ARG K 193 -13.65 -36.75 -113.34
C ARG K 193 -12.96 -36.50 -112.01
N GLY K 194 -11.69 -36.08 -112.01
CA GLY K 194 -10.99 -35.73 -110.80
C GLY K 194 -10.01 -36.76 -110.28
N TYR K 195 -10.11 -38.00 -110.75
CA TYR K 195 -9.18 -39.04 -110.29
C TYR K 195 -7.82 -38.84 -110.94
N SER K 196 -6.76 -38.85 -110.12
CA SER K 196 -5.41 -38.49 -110.58
C SER K 196 -4.42 -39.58 -110.17
N PHE K 197 -4.23 -40.57 -111.05
CA PHE K 197 -3.20 -41.56 -110.86
C PHE K 197 -1.94 -41.16 -111.61
N VAL K 198 -0.83 -41.01 -110.89
CA VAL K 198 0.38 -40.44 -111.48
C VAL K 198 1.57 -41.37 -111.31
N THR K 199 1.56 -42.20 -110.27
CA THR K 199 2.73 -43.02 -110.00
C THR K 199 2.68 -44.32 -110.81
N THR K 200 3.86 -44.94 -110.95
CA THR K 200 3.94 -46.19 -111.68
C THR K 200 3.20 -47.32 -110.96
N ALA K 201 3.08 -47.23 -109.63
CA ALA K 201 2.28 -48.19 -108.90
C ALA K 201 0.79 -48.03 -109.22
N GLU K 202 0.33 -46.78 -109.29
CA GLU K 202 -1.06 -46.53 -109.64
C GLU K 202 -1.36 -46.87 -111.09
N ARG K 203 -0.34 -46.92 -111.98
CA ARG K 203 -0.52 -47.40 -113.35
C ARG K 203 -1.09 -48.81 -113.33
N GLU K 204 -0.65 -49.66 -112.41
CA GLU K 204 -1.16 -51.01 -112.35
C GLU K 204 -2.61 -51.03 -111.88
N ILE K 205 -3.04 -50.08 -111.04
CA ILE K 205 -4.45 -49.95 -110.68
C ILE K 205 -5.26 -49.50 -111.89
N VAL K 206 -4.72 -48.56 -112.67
CA VAL K 206 -5.40 -48.13 -113.88
C VAL K 206 -5.51 -49.28 -114.87
N ARG K 207 -4.48 -50.13 -114.98
CA ARG K 207 -4.52 -51.32 -115.82
C ARG K 207 -5.59 -52.28 -115.32
N ASP K 208 -5.77 -52.45 -114.02
CA ASP K 208 -6.83 -53.28 -113.49
C ASP K 208 -8.20 -52.73 -113.85
N ILE K 209 -8.38 -51.42 -113.71
CA ILE K 209 -9.64 -50.78 -114.09
C ILE K 209 -9.92 -51.01 -115.57
N LYS K 210 -8.89 -50.85 -116.39
CA LYS K 210 -8.98 -51.07 -117.83
C LYS K 210 -9.43 -52.48 -118.13
N GLU K 211 -8.82 -53.47 -117.51
CA GLU K 211 -9.13 -54.86 -117.80
C GLU K 211 -10.49 -55.27 -117.27
N LYS K 212 -10.97 -54.62 -116.20
CA LYS K 212 -12.23 -55.04 -115.60
C LYS K 212 -13.42 -54.36 -116.25
N LEU K 213 -13.34 -53.05 -116.50
CA LEU K 213 -14.53 -52.28 -116.84
C LEU K 213 -14.61 -51.85 -118.30
N CYS K 214 -13.49 -51.81 -119.03
CA CYS K 214 -13.51 -51.27 -120.38
C CYS K 214 -14.17 -52.24 -121.36
N TYR K 215 -14.72 -51.66 -122.43
CA TYR K 215 -15.33 -52.43 -123.51
C TYR K 215 -15.29 -51.55 -124.76
N VAL K 216 -15.64 -52.16 -125.90
CA VAL K 216 -15.56 -51.48 -127.19
C VAL K 216 -16.97 -51.24 -127.71
N ALA K 217 -17.24 -50.01 -128.12
CA ALA K 217 -18.56 -49.63 -128.61
C ALA K 217 -18.82 -50.23 -129.99
N LEU K 218 -20.09 -50.60 -130.23
CA LEU K 218 -20.50 -50.99 -131.58
C LEU K 218 -20.63 -49.77 -132.48
N ASP K 219 -21.19 -48.67 -131.94
CA ASP K 219 -21.28 -47.40 -132.65
C ASP K 219 -20.89 -46.32 -131.65
N PHE K 220 -19.77 -45.66 -131.90
CA PHE K 220 -19.17 -44.77 -130.89
C PHE K 220 -20.11 -43.62 -130.55
N GLU K 221 -20.69 -42.98 -131.56
CA GLU K 221 -21.57 -41.84 -131.29
C GLU K 221 -22.83 -42.26 -130.54
N ASN K 222 -23.34 -43.47 -130.80
CA ASN K 222 -24.51 -43.94 -130.07
C ASN K 222 -24.20 -44.13 -128.59
N GLU K 223 -23.04 -44.69 -128.27
CA GLU K 223 -22.68 -44.86 -126.87
C GLU K 223 -22.37 -43.52 -126.20
N MET K 224 -21.81 -42.58 -126.97
CA MET K 224 -21.62 -41.24 -126.43
C MET K 224 -22.96 -40.57 -126.13
N ALA K 225 -23.94 -40.74 -127.01
CA ALA K 225 -25.26 -40.17 -126.79
C ALA K 225 -25.96 -40.80 -125.59
N THR K 226 -25.89 -42.13 -125.49
CA THR K 226 -26.50 -42.80 -124.35
C THR K 226 -25.78 -42.47 -123.05
N ALA K 227 -24.51 -42.06 -123.12
CA ALA K 227 -23.79 -41.62 -121.93
C ALA K 227 -24.27 -40.27 -121.43
N ALA K 228 -25.01 -39.51 -122.27
CA ALA K 228 -25.63 -38.29 -121.77
C ALA K 228 -26.72 -38.58 -120.75
N SER K 229 -27.50 -39.64 -120.97
CA SER K 229 -28.37 -40.19 -119.93
C SER K 229 -27.53 -41.10 -119.04
N SER K 230 -26.71 -40.46 -118.21
CA SER K 230 -25.59 -41.10 -117.52
C SER K 230 -26.07 -41.82 -116.26
N SER K 231 -26.84 -42.90 -116.46
CA SER K 231 -27.17 -43.80 -115.38
C SER K 231 -26.89 -45.24 -115.76
N SER K 232 -27.15 -45.58 -117.03
CA SER K 232 -27.08 -46.98 -117.45
C SER K 232 -25.66 -47.46 -117.66
N LEU K 233 -24.80 -46.63 -118.23
CA LEU K 233 -23.46 -47.09 -118.61
C LEU K 233 -22.43 -46.96 -117.51
N GLU K 234 -22.75 -46.26 -116.43
CA GLU K 234 -21.76 -46.03 -115.38
C GLU K 234 -21.52 -47.29 -114.56
N LYS K 235 -20.25 -47.53 -114.24
CA LYS K 235 -19.84 -48.66 -113.43
C LYS K 235 -18.92 -48.18 -112.31
N SER K 236 -18.73 -49.02 -111.31
CA SER K 236 -17.96 -48.67 -110.13
C SER K 236 -16.84 -49.67 -109.90
N TYR K 237 -15.73 -49.16 -109.38
CA TYR K 237 -14.54 -49.96 -109.07
C TYR K 237 -14.02 -49.55 -107.70
N GLU K 238 -13.62 -50.53 -106.90
CA GLU K 238 -13.15 -50.28 -105.54
C GLU K 238 -11.63 -50.31 -105.50
N LEU K 239 -11.03 -49.20 -105.12
CA LEU K 239 -9.59 -49.10 -105.00
C LEU K 239 -9.11 -49.90 -103.78
N PRO K 240 -7.83 -50.27 -103.75
CA PRO K 240 -7.31 -50.99 -102.57
C PRO K 240 -7.39 -50.19 -101.28
N ASP K 241 -7.48 -48.86 -101.36
CA ASP K 241 -7.59 -48.04 -100.17
C ASP K 241 -9.03 -47.87 -99.71
N GLY K 242 -10.01 -48.30 -100.49
CA GLY K 242 -11.40 -48.21 -100.12
C GLY K 242 -12.21 -47.15 -100.81
N GLN K 243 -11.58 -46.20 -101.50
CA GLN K 243 -12.33 -45.29 -102.34
C GLN K 243 -12.90 -46.05 -103.54
N VAL K 244 -14.02 -45.58 -104.06
CA VAL K 244 -14.68 -46.23 -105.19
C VAL K 244 -14.75 -45.25 -106.34
N ILE K 245 -14.18 -45.64 -107.48
CA ILE K 245 -14.25 -44.86 -108.71
C ILE K 245 -15.57 -45.15 -109.41
N THR K 246 -16.14 -44.12 -110.03
CA THR K 246 -17.26 -44.29 -110.95
C THR K 246 -16.86 -43.72 -112.31
N ILE K 247 -17.04 -44.51 -113.36
CA ILE K 247 -16.67 -44.08 -114.70
C ILE K 247 -17.84 -44.29 -115.65
N GLY K 248 -18.01 -43.34 -116.56
CA GLY K 248 -19.05 -43.40 -117.58
C GLY K 248 -18.47 -43.57 -118.97
N ASN K 249 -18.33 -42.45 -119.69
CA ASN K 249 -17.78 -42.48 -121.05
C ASN K 249 -16.42 -43.15 -121.09
N GLU K 250 -15.60 -42.94 -120.05
CA GLU K 250 -14.20 -43.31 -120.10
C GLU K 250 -13.99 -44.79 -120.39
N ARG K 251 -14.94 -45.64 -119.99
CA ARG K 251 -14.75 -47.08 -120.14
C ARG K 251 -14.79 -47.53 -121.60
N PHE K 252 -15.43 -46.77 -122.48
CA PHE K 252 -15.37 -47.07 -123.91
C PHE K 252 -14.64 -46.01 -124.73
N ARG K 253 -14.40 -44.83 -124.17
CA ARG K 253 -13.51 -43.87 -124.81
C ARG K 253 -12.09 -44.42 -124.91
N CYS K 254 -11.61 -45.05 -123.84
CA CYS K 254 -10.24 -45.54 -123.81
C CYS K 254 -9.97 -46.62 -124.84
N PRO K 255 -10.79 -47.68 -124.96
CA PRO K 255 -10.53 -48.67 -126.03
C PRO K 255 -10.69 -48.11 -127.43
N GLU K 256 -11.43 -47.01 -127.60
CA GLU K 256 -11.64 -46.46 -128.92
C GLU K 256 -10.35 -45.95 -129.57
N THR K 257 -9.30 -45.70 -128.79
CA THR K 257 -8.00 -45.33 -129.35
C THR K 257 -7.50 -46.34 -130.37
N LEU K 258 -7.83 -47.64 -130.22
CA LEU K 258 -7.46 -48.67 -131.18
C LEU K 258 -8.08 -48.43 -132.55
N PHE K 259 -9.30 -47.91 -132.60
CA PHE K 259 -9.99 -47.60 -133.86
C PHE K 259 -9.73 -46.17 -134.31
N GLN K 260 -9.35 -45.27 -133.40
CA GLN K 260 -9.10 -43.87 -133.73
C GLN K 260 -7.85 -43.42 -132.99
N PRO K 261 -6.65 -43.68 -133.53
CA PRO K 261 -5.42 -43.26 -132.88
C PRO K 261 -5.28 -41.74 -132.79
N SER K 262 -6.19 -40.97 -133.40
CA SER K 262 -6.16 -39.52 -133.24
C SER K 262 -6.32 -39.10 -131.78
N PHE K 263 -6.97 -39.96 -130.97
CA PHE K 263 -7.17 -39.63 -129.57
C PHE K 263 -5.84 -39.51 -128.83
N ILE K 264 -4.95 -40.48 -129.03
CA ILE K 264 -3.62 -40.46 -128.42
C ILE K 264 -2.66 -39.56 -129.21
N GLY K 265 -3.17 -38.91 -130.28
CA GLY K 265 -2.40 -37.98 -131.07
C GLY K 265 -1.64 -38.57 -132.24
N MET K 266 -1.77 -39.85 -132.51
CA MET K 266 -1.10 -40.50 -133.64
C MET K 266 -1.85 -40.25 -134.94
N GLU K 267 -1.12 -40.13 -136.04
CA GLU K 267 -1.70 -39.96 -137.37
C GLU K 267 -2.18 -41.28 -137.96
N SER K 268 -1.65 -42.42 -137.54
CA SER K 268 -1.94 -43.73 -138.13
C SER K 268 -3.42 -44.09 -138.13
N ALA K 269 -3.85 -44.89 -139.10
CA ALA K 269 -5.13 -45.57 -139.05
C ALA K 269 -5.18 -46.59 -137.90
N GLY K 270 -6.38 -46.99 -137.46
CA GLY K 270 -6.55 -47.91 -136.33
C GLY K 270 -6.19 -49.37 -136.61
N ILE K 271 -6.67 -50.28 -135.76
CA ILE K 271 -6.56 -51.72 -136.01
C ILE K 271 -7.48 -52.14 -137.16
N HIS K 272 -8.68 -51.55 -137.27
CA HIS K 272 -9.36 -51.52 -138.56
C HIS K 272 -8.58 -50.60 -139.51
N GLU K 273 -8.65 -50.84 -140.81
CA GLU K 273 -8.10 -50.05 -141.91
C GLU K 273 -6.58 -50.22 -141.98
N THR K 274 -5.91 -50.83 -141.00
CA THR K 274 -4.56 -51.40 -141.18
C THR K 274 -4.64 -52.89 -141.53
N THR K 275 -5.55 -53.64 -140.91
CA THR K 275 -5.85 -55.02 -141.29
C THR K 275 -6.46 -55.05 -142.71
N TYR K 276 -7.24 -54.03 -143.06
CA TYR K 276 -7.76 -53.89 -144.42
C TYR K 276 -6.65 -53.56 -145.40
N ASN K 277 -5.73 -52.66 -145.01
CA ASN K 277 -4.62 -52.33 -145.89
C ASN K 277 -3.70 -53.53 -146.11
N SER K 278 -3.35 -54.31 -145.09
CA SER K 278 -2.47 -55.47 -145.33
C SER K 278 -3.14 -56.50 -146.23
N ILE K 279 -4.47 -56.65 -146.19
CA ILE K 279 -5.19 -57.48 -147.15
C ILE K 279 -5.01 -56.96 -148.58
N MET K 280 -5.13 -55.66 -148.86
CA MET K 280 -5.00 -55.15 -150.22
C MET K 280 -3.55 -55.08 -150.68
N LYS K 281 -2.57 -55.21 -149.77
CA LYS K 281 -1.20 -55.38 -150.22
C LYS K 281 -0.91 -56.80 -150.70
N CYS K 282 -1.74 -57.76 -150.32
CA CYS K 282 -1.68 -59.14 -150.81
C CYS K 282 -2.18 -59.23 -152.26
N ASP K 283 -1.86 -60.33 -152.93
CA ASP K 283 -2.28 -60.54 -154.30
C ASP K 283 -3.80 -60.65 -154.39
N ILE K 284 -4.32 -60.45 -155.60
CA ILE K 284 -5.77 -60.35 -155.77
C ILE K 284 -6.46 -61.66 -155.44
N ASP K 285 -5.85 -62.79 -155.82
CA ASP K 285 -6.46 -64.08 -155.53
C ASP K 285 -6.40 -64.44 -154.06
N ILE K 286 -5.55 -63.79 -153.26
CA ILE K 286 -5.34 -64.14 -151.85
C ILE K 286 -6.44 -63.55 -150.98
N ARG K 287 -7.06 -62.42 -151.38
CA ARG K 287 -7.86 -61.63 -150.44
C ARG K 287 -9.14 -62.35 -150.03
N LYS K 288 -9.71 -63.18 -150.92
CA LYS K 288 -10.95 -63.87 -150.59
C LYS K 288 -10.80 -64.70 -149.32
N ASP K 289 -9.72 -65.45 -149.18
CA ASP K 289 -9.50 -66.33 -148.03
C ASP K 289 -9.07 -65.56 -146.78
N LEU K 290 -8.32 -64.46 -146.92
CA LEU K 290 -7.97 -63.62 -145.78
C LEU K 290 -9.19 -62.96 -145.14
N TYR K 291 -10.19 -62.51 -145.91
CA TYR K 291 -11.37 -61.88 -145.31
C TYR K 291 -12.11 -62.82 -144.37
N ALA K 292 -12.05 -64.13 -144.63
CA ALA K 292 -12.79 -65.10 -143.84
C ALA K 292 -12.00 -65.67 -142.67
N ASN K 293 -10.72 -65.31 -142.53
CA ASN K 293 -9.78 -65.93 -141.60
C ASN K 293 -8.95 -64.85 -140.87
N ASN K 294 -9.61 -63.79 -140.43
CA ASN K 294 -8.99 -62.73 -139.66
C ASN K 294 -8.90 -63.15 -138.19
N VAL K 295 -7.77 -63.70 -137.76
CA VAL K 295 -7.58 -64.36 -136.46
C VAL K 295 -7.02 -63.37 -135.45
N MET K 296 -7.74 -63.08 -134.37
CA MET K 296 -7.24 -62.20 -133.30
C MET K 296 -6.43 -62.94 -132.23
N SER K 297 -5.45 -62.26 -131.64
CA SER K 297 -4.64 -62.74 -130.52
C SER K 297 -4.11 -61.61 -129.65
N GLY K 298 -3.60 -61.92 -128.47
CA GLY K 298 -3.01 -60.95 -127.57
C GLY K 298 -4.02 -60.24 -126.68
N GLY K 299 -3.56 -59.68 -125.58
CA GLY K 299 -4.39 -59.28 -124.46
C GLY K 299 -5.41 -58.21 -124.79
N THR K 300 -5.05 -57.24 -125.62
CA THR K 300 -5.91 -56.09 -125.92
C THR K 300 -6.97 -56.41 -126.95
N THR K 301 -7.04 -57.65 -127.45
CA THR K 301 -8.19 -58.16 -128.20
C THR K 301 -9.23 -58.80 -127.27
N MET K 302 -9.09 -58.66 -125.95
CA MET K 302 -10.02 -59.25 -124.99
C MET K 302 -11.22 -58.35 -124.71
N TYR K 303 -11.17 -57.06 -125.11
CA TYR K 303 -12.27 -56.16 -124.81
C TYR K 303 -13.57 -56.74 -125.36
N PRO K 304 -14.65 -56.72 -124.58
CA PRO K 304 -15.95 -57.15 -125.11
C PRO K 304 -16.40 -56.24 -126.25
N GLY K 305 -16.98 -56.85 -127.28
CA GLY K 305 -17.43 -56.12 -128.44
C GLY K 305 -16.37 -55.84 -129.48
N ILE K 306 -15.12 -56.27 -129.26
CA ILE K 306 -14.08 -56.08 -130.27
C ILE K 306 -14.45 -56.81 -131.56
N ALA K 307 -14.97 -58.04 -131.43
CA ALA K 307 -15.29 -58.83 -132.61
C ALA K 307 -16.38 -58.17 -133.44
N ASP K 308 -17.47 -57.76 -132.80
CA ASP K 308 -18.58 -57.15 -133.54
C ASP K 308 -18.15 -55.84 -134.19
N ARG K 309 -17.45 -54.99 -133.43
CA ARG K 309 -17.03 -53.70 -133.96
C ARG K 309 -16.09 -53.87 -135.15
N MET K 310 -15.07 -54.71 -134.99
CA MET K 310 -14.11 -54.89 -136.07
C MET K 310 -14.76 -55.55 -137.27
N GLN K 311 -15.64 -56.53 -137.07
CA GLN K 311 -16.35 -57.12 -138.19
C GLN K 311 -17.17 -56.08 -138.94
N LYS K 312 -17.84 -55.19 -138.20
CA LYS K 312 -18.61 -54.13 -138.84
C LYS K 312 -17.69 -53.22 -139.66
N GLU K 313 -16.54 -52.83 -139.10
CA GLU K 313 -15.63 -51.95 -139.83
C GLU K 313 -15.10 -52.61 -141.10
N ILE K 314 -14.69 -53.88 -141.00
CA ILE K 314 -14.12 -54.55 -142.15
C ILE K 314 -15.19 -54.78 -143.22
N THR K 315 -16.41 -55.13 -142.82
CA THR K 315 -17.48 -55.26 -143.80
C THR K 315 -17.86 -53.91 -144.41
N ALA K 316 -17.62 -52.80 -143.69
CA ALA K 316 -17.85 -51.49 -144.28
C ALA K 316 -16.78 -51.13 -145.29
N LEU K 317 -15.52 -51.51 -145.03
CA LEU K 317 -14.45 -51.16 -145.96
C LEU K 317 -14.41 -52.10 -147.16
N ALA K 318 -14.45 -53.40 -146.92
CA ALA K 318 -14.27 -54.39 -147.97
C ALA K 318 -15.49 -54.44 -148.90
N PRO K 319 -15.33 -54.99 -150.11
CA PRO K 319 -16.47 -55.13 -151.02
C PRO K 319 -17.57 -55.98 -150.40
N SER K 320 -18.82 -55.64 -150.74
CA SER K 320 -19.97 -56.27 -150.10
C SER K 320 -20.05 -57.77 -150.40
N THR K 321 -19.57 -58.20 -151.58
CA THR K 321 -19.70 -59.61 -151.94
C THR K 321 -18.78 -60.52 -151.14
N MET K 322 -17.75 -59.96 -150.50
CA MET K 322 -16.80 -60.76 -149.72
C MET K 322 -17.43 -61.10 -148.37
N LYS K 323 -17.67 -62.38 -148.13
CA LYS K 323 -18.11 -62.81 -146.81
C LYS K 323 -16.96 -62.67 -145.83
N ILE K 324 -17.19 -61.93 -144.75
CA ILE K 324 -16.15 -61.57 -143.80
C ILE K 324 -16.43 -62.28 -142.48
N LYS K 325 -15.44 -63.01 -141.99
CA LYS K 325 -15.58 -63.77 -140.75
C LYS K 325 -14.29 -63.65 -139.98
N ILE K 326 -14.36 -63.03 -138.79
CA ILE K 326 -13.20 -62.78 -137.93
C ILE K 326 -13.26 -63.67 -136.70
N ILE K 327 -12.14 -64.33 -136.39
CA ILE K 327 -12.08 -65.44 -135.46
C ILE K 327 -11.52 -64.95 -134.13
N ALA K 328 -12.27 -65.18 -133.06
CA ALA K 328 -11.88 -64.78 -131.71
C ALA K 328 -12.06 -65.95 -130.75
N PRO K 329 -11.12 -66.89 -130.74
CA PRO K 329 -11.17 -67.98 -129.78
C PRO K 329 -11.07 -67.46 -128.36
N PRO K 330 -11.71 -68.11 -127.38
CA PRO K 330 -11.73 -67.56 -126.02
C PRO K 330 -10.35 -67.46 -125.38
N GLU K 331 -9.35 -68.17 -125.90
CA GLU K 331 -8.00 -68.15 -125.38
C GLU K 331 -7.09 -67.09 -126.04
N ARG K 332 -7.65 -65.96 -126.46
CA ARG K 332 -6.87 -64.93 -127.14
C ARG K 332 -5.57 -64.61 -126.41
N LYS K 333 -5.63 -64.53 -125.07
CA LYS K 333 -4.47 -64.06 -124.30
C LYS K 333 -3.28 -64.98 -124.47
N TYR K 334 -3.49 -66.29 -124.42
CA TYR K 334 -2.40 -67.26 -124.43
C TYR K 334 -2.17 -67.91 -125.78
N SER K 335 -2.88 -67.48 -126.82
CA SER K 335 -2.81 -68.18 -128.11
C SER K 335 -1.41 -68.18 -128.69
N VAL K 336 -0.65 -67.09 -128.54
CA VAL K 336 0.75 -67.02 -129.02
C VAL K 336 1.57 -68.10 -128.33
N TRP K 337 1.43 -68.24 -127.02
CA TRP K 337 2.17 -69.26 -126.30
C TRP K 337 1.67 -70.65 -126.66
N ILE K 338 0.37 -70.79 -126.92
CA ILE K 338 -0.17 -72.10 -127.27
C ILE K 338 0.40 -72.57 -128.60
N GLY K 339 0.48 -71.68 -129.58
CA GLY K 339 1.16 -72.01 -130.82
C GLY K 339 2.63 -72.35 -130.59
N GLY K 340 3.28 -71.62 -129.67
CA GLY K 340 4.65 -71.95 -129.32
C GLY K 340 4.80 -73.36 -128.78
N SER K 341 3.90 -73.77 -127.89
CA SER K 341 3.92 -75.12 -127.36
C SER K 341 3.58 -76.14 -128.43
N ILE K 342 2.78 -75.75 -129.42
CA ILE K 342 2.36 -76.68 -130.46
C ILE K 342 3.53 -76.98 -131.41
N LEU K 343 4.12 -75.93 -131.99
CA LEU K 343 5.12 -76.17 -133.01
C LEU K 343 6.46 -76.63 -132.42
N ALA K 344 6.72 -76.31 -131.15
CA ALA K 344 7.93 -76.80 -130.51
C ALA K 344 7.93 -78.32 -130.36
N SER K 345 6.76 -78.94 -130.36
CA SER K 345 6.65 -80.39 -130.22
C SER K 345 6.62 -81.12 -131.56
N LEU K 346 6.54 -80.38 -132.67
CA LEU K 346 6.48 -81.03 -133.98
C LEU K 346 7.81 -81.69 -134.33
N SER K 347 7.74 -82.90 -134.87
CA SER K 347 8.96 -83.59 -135.31
C SER K 347 9.61 -82.87 -136.48
N THR K 348 8.81 -82.29 -137.37
CA THR K 348 9.35 -81.57 -138.51
C THR K 348 10.08 -80.30 -138.11
N PHE K 349 9.78 -79.75 -136.93
CA PHE K 349 10.43 -78.52 -136.47
C PHE K 349 11.75 -78.78 -135.76
N GLN K 350 12.02 -80.02 -135.34
CA GLN K 350 13.20 -80.31 -134.53
C GLN K 350 14.50 -80.00 -135.25
N GLN K 351 14.49 -79.97 -136.58
CA GLN K 351 15.71 -79.68 -137.33
C GLN K 351 16.05 -78.19 -137.35
N MET K 352 15.11 -77.32 -137.01
CA MET K 352 15.31 -75.88 -137.12
C MET K 352 15.84 -75.23 -135.86
N TRP K 353 16.05 -75.99 -134.79
CA TRP K 353 16.67 -75.45 -133.58
C TRP K 353 18.06 -74.91 -133.88
N ILE K 354 18.36 -73.73 -133.35
CA ILE K 354 19.70 -73.16 -133.45
C ILE K 354 20.53 -73.78 -132.32
N THR K 355 21.41 -74.72 -132.67
CA THR K 355 22.14 -75.46 -131.66
C THR K 355 23.30 -74.64 -131.10
N LYS K 356 23.78 -75.08 -129.94
CA LYS K 356 24.97 -74.47 -129.34
C LYS K 356 26.17 -74.58 -130.27
N GLN K 357 26.33 -75.74 -130.91
CA GLN K 357 27.45 -75.98 -131.80
C GLN K 357 27.37 -75.15 -133.08
N GLU K 358 26.17 -74.68 -133.45
CA GLU K 358 26.05 -73.72 -134.55
C GLU K 358 26.37 -72.31 -134.08
N TYR K 359 25.90 -71.94 -132.89
CA TYR K 359 26.12 -70.59 -132.39
C TYR K 359 27.61 -70.33 -132.14
N ASP K 360 28.29 -71.25 -131.46
CA ASP K 360 29.69 -71.00 -131.12
C ASP K 360 30.60 -71.00 -132.35
N GLU K 361 30.10 -71.43 -133.50
CA GLU K 361 30.86 -71.39 -134.75
C GLU K 361 30.50 -70.20 -135.63
N ALA K 362 29.22 -69.85 -135.72
CA ALA K 362 28.78 -68.79 -136.62
C ALA K 362 28.72 -67.43 -135.96
N GLY K 363 28.66 -67.38 -134.63
CA GLY K 363 28.46 -66.13 -133.92
C GLY K 363 26.99 -65.87 -133.68
N PRO K 364 26.68 -64.81 -132.92
CA PRO K 364 25.27 -64.49 -132.67
C PRO K 364 24.46 -64.15 -133.91
N SER K 365 25.11 -63.79 -135.03
CA SER K 365 24.39 -63.40 -136.23
C SER K 365 23.69 -64.57 -136.91
N ILE K 366 23.75 -65.77 -136.33
CA ILE K 366 23.14 -66.96 -136.92
C ILE K 366 21.64 -66.81 -137.11
N VAL K 367 20.98 -66.01 -136.25
CA VAL K 367 19.52 -66.02 -136.19
C VAL K 367 18.91 -65.39 -137.45
N HIS K 368 19.61 -64.44 -138.07
CA HIS K 368 19.07 -63.87 -139.30
C HIS K 368 19.08 -64.87 -140.45
N ARG K 369 19.84 -65.94 -140.35
CA ARG K 369 19.82 -66.97 -141.37
C ARG K 369 18.81 -68.08 -141.04
N LYS K 370 18.81 -68.52 -139.77
CA LYS K 370 17.94 -69.63 -139.38
C LYS K 370 16.49 -69.21 -139.26
N CYS K 371 16.22 -68.05 -138.68
CA CYS K 371 14.87 -67.64 -138.33
C CYS K 371 14.27 -66.74 -139.41
N PHE K 372 12.95 -66.61 -139.37
CA PHE K 372 12.21 -65.75 -140.29
C PHE K 372 12.50 -64.28 -140.01
N LYS L 1 -4.43 81.73 112.46
CA LYS L 1 -5.38 80.61 112.23
C LYS L 1 -5.49 79.73 113.47
N LYS L 2 -6.70 79.23 113.75
CA LYS L 2 -7.00 78.15 114.70
C LYS L 2 -7.92 77.13 114.02
N TRP L 3 -7.60 75.85 114.09
CA TRP L 3 -8.53 74.78 113.73
C TRP L 3 -9.38 74.40 114.94
N PRO L 4 -10.60 73.86 114.76
CA PRO L 4 -11.45 73.46 115.87
C PRO L 4 -10.76 72.40 116.74
N GLU L 5 -11.10 72.35 118.03
CA GLU L 5 -10.56 71.35 118.94
C GLU L 5 -10.99 69.94 118.51
N VAL L 6 -10.05 69.04 118.25
CA VAL L 6 -10.35 67.63 118.05
C VAL L 6 -10.75 66.97 119.37
N LYS L 7 -11.84 66.20 119.35
CA LYS L 7 -12.30 65.40 120.49
C LYS L 7 -11.46 64.16 120.67
N ILE L 8 -11.40 63.65 121.90
CA ILE L 8 -10.89 62.31 122.20
C ILE L 8 -12.09 61.40 122.50
N PRO L 9 -12.27 60.27 121.80
CA PRO L 9 -13.31 59.30 122.13
C PRO L 9 -12.96 58.63 123.46
N ALA L 10 -13.92 58.57 124.40
CA ALA L 10 -13.68 58.01 125.73
C ALA L 10 -13.24 56.53 125.66
N ARG L 11 -12.15 56.17 126.35
CA ARG L 11 -11.58 54.81 126.27
C ARG L 11 -12.53 53.80 126.89
N ILE L 12 -12.59 52.59 126.32
CA ILE L 12 -13.43 51.50 126.79
C ILE L 12 -12.58 50.54 127.60
N ILE L 13 -13.03 50.20 128.80
CA ILE L 13 -12.26 49.36 129.72
C ILE L 13 -12.57 47.91 129.34
N THR L 14 -11.80 47.40 128.38
CA THR L 14 -11.84 45.99 128.04
C THR L 14 -11.10 45.19 129.11
N THR L 15 -11.27 43.86 129.10
CA THR L 15 -10.57 43.01 130.05
C THR L 15 -9.06 43.19 129.96
N SER L 16 -8.54 43.52 128.79
CA SER L 16 -7.15 43.89 128.61
C SER L 16 -7.05 44.83 127.42
N GLY L 17 -6.12 45.77 127.50
CA GLY L 17 -5.96 46.74 126.43
C GLY L 17 -5.58 48.13 126.88
N ASN L 18 -6.23 49.15 126.32
CA ASN L 18 -5.88 50.54 126.59
C ASN L 18 -6.34 51.03 127.95
N ALA L 19 -7.10 50.22 128.69
CA ALA L 19 -7.57 50.61 130.01
C ALA L 19 -7.74 49.35 130.85
N SER L 20 -7.80 49.55 132.17
CA SER L 20 -7.92 48.44 133.09
C SER L 20 -8.89 48.82 134.21
N VAL L 21 -9.57 47.80 134.75
CA VAL L 21 -10.43 48.02 135.90
C VAL L 21 -9.64 48.47 137.12
N ASP L 22 -8.37 48.07 137.20
CA ASP L 22 -7.49 48.56 138.26
C ASP L 22 -7.19 50.04 138.08
N GLY L 23 -6.80 50.42 136.87
CA GLY L 23 -6.71 51.82 136.51
C GLY L 23 -5.60 52.58 137.20
N ASN L 24 -5.44 53.83 136.77
CA ASN L 24 -4.46 54.72 137.38
C ASN L 24 -4.92 55.14 138.78
N PRO L 25 -3.97 55.39 139.69
CA PRO L 25 -4.36 55.72 141.07
C PRO L 25 -4.82 57.16 141.29
N GLY L 26 -4.64 58.04 140.30
CA GLY L 26 -4.93 59.44 140.52
C GLY L 26 -6.11 60.01 139.77
N TYR L 27 -6.90 59.15 139.12
CA TYR L 27 -8.06 59.59 138.35
C TYR L 27 -9.28 58.76 138.73
N ARG L 28 -10.41 59.44 138.93
CA ARG L 28 -11.64 58.73 139.24
C ARG L 28 -12.37 58.36 137.95
N PRO L 29 -12.97 57.16 137.89
CA PRO L 29 -13.83 56.83 136.76
C PRO L 29 -15.18 57.53 136.89
N THR L 30 -15.45 58.47 135.98
CA THR L 30 -16.68 59.24 136.04
C THR L 30 -17.88 58.38 135.68
N ARG L 31 -18.97 58.56 136.43
CA ARG L 31 -20.22 57.85 136.17
C ARG L 31 -20.94 58.55 135.02
N VAL L 32 -20.63 58.10 133.81
CA VAL L 32 -21.22 58.65 132.58
C VAL L 32 -22.56 57.96 132.35
N ASP L 33 -23.01 57.18 133.34
CA ASP L 33 -24.25 56.42 133.23
C ASP L 33 -25.39 57.29 132.74
N SER L 34 -25.93 56.93 131.58
CA SER L 34 -26.99 57.68 130.94
C SER L 34 -27.80 56.69 130.10
N ASN L 35 -28.94 57.15 129.60
CA ASN L 35 -29.85 56.32 128.80
C ASN L 35 -30.28 55.06 129.54
N GLY L 36 -30.18 55.06 130.87
CA GLY L 36 -30.53 53.91 131.68
C GLY L 36 -29.47 52.84 131.81
N GLU L 37 -28.21 53.13 131.42
CA GLU L 37 -27.17 52.12 131.49
C GLU L 37 -25.82 52.80 131.69
N THR L 38 -24.80 51.99 132.02
CA THR L 38 -23.53 52.52 132.50
C THR L 38 -22.81 53.38 131.47
N MET L 39 -22.82 52.98 130.19
CA MET L 39 -22.21 53.75 129.11
C MET L 39 -20.68 53.80 129.17
N GLY L 40 -20.09 53.25 130.22
CA GLY L 40 -18.65 53.07 130.27
C GLY L 40 -17.90 54.19 130.98
N TYR L 41 -17.43 53.92 132.19
CA TYR L 41 -16.73 54.94 132.96
C TYR L 41 -15.39 55.28 132.32
N GLU L 42 -15.01 56.56 132.40
CA GLU L 42 -13.73 57.04 131.89
C GLU L 42 -13.09 57.92 132.95
N MET L 43 -11.76 57.97 132.94
CA MET L 43 -10.96 58.47 134.06
C MET L 43 -10.63 59.94 133.89
N ARG L 44 -10.84 60.71 134.95
CA ARG L 44 -10.50 62.12 134.98
C ARG L 44 -10.51 62.61 136.43
N ASP L 45 -10.05 63.84 136.63
CA ASP L 45 -10.21 64.60 137.87
C ASP L 45 -9.59 63.94 139.09
N ARG L 46 -9.81 64.53 140.27
CA ARG L 46 -9.28 64.08 141.58
C ARG L 46 -9.81 62.70 141.96
N VAL L 47 -9.07 62.02 142.82
CA VAL L 47 -9.42 60.71 143.41
C VAL L 47 -9.65 59.66 142.33
N LYS M 1 -11.85 -5.14 112.23
CA LYS M 1 -10.71 -4.61 111.42
C LYS M 1 -10.30 -3.22 111.89
N LYS M 2 -9.00 -2.93 111.80
CA LYS M 2 -8.36 -1.62 112.06
C LYS M 2 -7.23 -1.41 111.05
N TRP M 3 -6.94 -0.17 110.66
CA TRP M 3 -5.82 0.19 109.79
C TRP M 3 -4.84 1.14 110.52
N PRO M 4 -3.53 1.10 110.24
CA PRO M 4 -2.57 2.06 110.78
C PRO M 4 -2.96 3.50 110.43
N GLU M 5 -3.00 4.39 111.43
CA GLU M 5 -3.48 5.76 111.21
C GLU M 5 -2.54 6.59 110.32
N VAL M 6 -3.12 7.51 109.54
CA VAL M 6 -2.32 8.52 108.84
C VAL M 6 -1.90 9.61 109.81
N LYS M 7 -0.58 9.75 110.03
CA LYS M 7 -0.02 10.91 110.73
C LYS M 7 -0.05 12.13 109.80
N ILE M 8 -0.60 13.25 110.26
CA ILE M 8 -0.70 14.48 109.48
C ILE M 8 0.71 15.04 109.23
N PRO M 9 1.10 15.40 107.99
CA PRO M 9 2.38 16.06 107.75
C PRO M 9 2.38 17.45 108.41
N ALA M 10 3.42 17.79 109.17
CA ALA M 10 3.46 19.03 109.96
C ALA M 10 3.40 20.28 109.06
N ARG M 11 2.66 21.32 109.47
CA ARG M 11 2.32 22.44 108.58
C ARG M 11 3.53 23.33 108.31
N ILE M 12 3.88 23.56 107.05
CA ILE M 12 4.86 24.58 106.68
C ILE M 12 4.16 25.94 106.67
N ILE M 13 4.59 26.83 107.57
CA ILE M 13 3.87 28.07 107.85
C ILE M 13 4.36 29.16 106.89
N THR M 14 3.77 29.25 105.70
CA THR M 14 4.15 30.26 104.74
C THR M 14 3.47 31.59 105.10
N THR M 15 4.03 32.69 104.60
CA THR M 15 3.50 34.02 104.89
C THR M 15 2.07 34.18 104.41
N SER M 16 1.64 33.38 103.43
CA SER M 16 0.27 33.40 102.95
C SER M 16 -0.13 31.99 102.59
N GLY M 17 -1.43 31.75 102.54
CA GLY M 17 -1.93 30.42 102.27
C GLY M 17 -2.64 29.81 103.46
N ASN M 18 -2.66 28.47 103.45
CA ASN M 18 -3.51 27.71 104.37
C ASN M 18 -2.88 27.49 105.74
N ALA M 19 -1.89 28.30 106.12
CA ALA M 19 -1.24 28.13 107.40
C ALA M 19 -0.89 29.49 107.99
N SER M 20 -1.17 29.65 109.29
CA SER M 20 -0.81 30.85 110.03
C SER M 20 -0.81 30.52 111.51
N VAL M 21 0.02 31.26 112.26
CA VAL M 21 0.16 30.98 113.69
C VAL M 21 -0.87 31.76 114.51
N ASP M 22 -1.20 32.98 114.10
CA ASP M 22 -2.00 33.87 114.93
C ASP M 22 -3.48 33.56 114.90
N GLY M 23 -3.92 32.68 114.00
CA GLY M 23 -5.34 32.39 113.85
C GLY M 23 -5.99 31.77 115.07
N ASN M 24 -5.24 30.98 115.82
CA ASN M 24 -5.70 30.29 117.01
C ASN M 24 -4.82 30.67 118.20
N PRO M 25 -5.15 31.74 118.96
CA PRO M 25 -4.33 32.09 120.14
C PRO M 25 -4.35 31.04 121.24
N GLY M 26 -5.21 30.03 121.15
CA GLY M 26 -5.29 28.99 122.15
C GLY M 26 -4.33 27.84 121.97
N TYR M 27 -3.51 27.81 120.92
CA TYR M 27 -2.52 26.75 120.70
C TYR M 27 -1.12 27.36 120.61
N ARG M 28 -0.08 26.62 121.04
CA ARG M 28 1.33 26.99 120.81
C ARG M 28 1.93 26.20 119.64
N PRO M 29 2.68 26.82 118.72
CA PRO M 29 3.52 26.11 117.76
C PRO M 29 4.65 25.36 118.46
N THR M 30 5.02 24.17 117.95
CA THR M 30 6.08 23.32 118.51
C THR M 30 7.04 22.80 117.42
N ARG M 31 8.36 22.82 117.72
CA ARG M 31 9.42 22.27 116.85
C ARG M 31 9.32 20.73 116.79
N VAL M 32 9.68 20.14 115.65
CA VAL M 32 9.85 18.68 115.48
C VAL M 32 11.02 18.39 114.53
N ASP M 33 12.24 18.37 115.06
CA ASP M 33 13.44 18.13 114.26
C ASP M 33 13.54 16.68 113.74
N SER M 34 13.86 16.51 112.46
CA SER M 34 14.57 15.32 111.98
C SER M 34 15.75 15.73 111.11
N ASN M 35 16.84 14.97 111.16
CA ASN M 35 18.05 15.18 110.36
C ASN M 35 18.72 16.57 110.52
N GLY M 36 18.31 17.39 111.49
CA GLY M 36 18.82 18.75 111.71
C GLY M 36 17.92 19.88 111.20
N GLU M 37 16.68 19.61 110.78
CA GLU M 37 15.68 20.63 110.40
C GLU M 37 14.29 20.25 110.91
N THR M 38 13.39 21.23 111.12
CA THR M 38 12.09 21.00 111.81
C THR M 38 10.96 20.44 110.95
N MET M 39 11.15 20.18 109.66
CA MET M 39 10.05 20.04 108.70
C MET M 39 9.09 21.25 108.79
N GLY M 40 7.89 21.07 109.30
CA GLY M 40 6.93 22.12 109.64
C GLY M 40 6.61 22.18 111.14
N TYR M 41 5.40 22.62 111.50
CA TYR M 41 4.97 22.86 112.87
C TYR M 41 3.69 22.10 113.24
N GLU M 42 3.63 21.66 114.49
CA GLU M 42 2.44 21.12 115.17
C GLU M 42 1.95 22.14 116.22
N MET M 43 0.65 22.42 116.26
CA MET M 43 0.04 23.36 117.20
C MET M 43 -0.86 22.66 118.23
N ARG M 44 -0.63 22.94 119.52
CA ARG M 44 -1.12 22.11 120.64
C ARG M 44 -1.09 22.87 121.99
N ASP M 45 -1.60 22.26 123.07
CA ASP M 45 -1.41 22.65 124.49
C ASP M 45 -1.94 24.06 124.87
N ARG M 46 -1.62 24.54 126.07
CA ARG M 46 -2.02 25.82 126.63
C ARG M 46 -1.17 26.95 126.04
N VAL M 47 -1.69 28.18 126.18
CA VAL M 47 -0.99 29.39 125.76
C VAL M 47 -0.62 29.33 124.29
N LYS N 1 15.61 59.93 61.43
CA LYS N 1 14.26 59.73 60.89
C LYS N 1 13.46 58.74 61.72
N LYS N 2 12.68 59.27 62.67
CA LYS N 2 11.83 58.43 63.50
C LYS N 2 10.64 57.90 62.70
N TRP N 3 10.11 56.77 63.16
CA TRP N 3 8.93 56.18 62.55
C TRP N 3 7.83 56.00 63.60
N PRO N 4 6.56 56.00 63.17
CA PRO N 4 5.46 56.00 64.14
C PRO N 4 5.40 54.71 64.95
N GLU N 5 4.82 54.83 66.14
CA GLU N 5 4.67 53.70 67.04
C GLU N 5 3.72 52.66 66.45
N VAL N 6 4.16 51.39 66.44
CA VAL N 6 3.25 50.29 66.17
C VAL N 6 2.57 49.88 67.47
N LYS N 7 1.30 49.49 67.36
CA LYS N 7 0.48 49.16 68.52
C LYS N 7 0.30 47.65 68.62
N ILE N 8 0.59 47.11 69.80
CA ILE N 8 0.38 45.67 70.01
C ILE N 8 -1.11 45.38 70.07
N PRO N 9 -1.64 44.47 69.24
CA PRO N 9 -3.07 44.12 69.30
C PRO N 9 -3.39 43.51 70.67
N ALA N 10 -4.43 44.00 71.33
CA ALA N 10 -4.84 43.50 72.64
C ALA N 10 -5.14 41.99 72.56
N ARG N 11 -4.64 41.20 73.51
CA ARG N 11 -4.60 39.73 73.37
C ARG N 11 -6.00 39.13 73.54
N ILE N 12 -6.29 38.09 72.75
CA ILE N 12 -7.46 37.24 72.92
C ILE N 12 -7.08 36.12 73.87
N ILE N 13 -7.74 36.01 75.02
CA ILE N 13 -7.37 35.04 76.05
C ILE N 13 -8.04 33.71 75.74
N THR N 14 -7.38 32.86 74.96
CA THR N 14 -7.92 31.55 74.57
C THR N 14 -7.49 30.46 75.58
N THR N 15 -8.35 29.48 75.88
CA THR N 15 -8.17 28.61 77.07
C THR N 15 -6.86 27.82 77.12
N SER N 16 -6.35 27.33 75.98
CA SER N 16 -5.06 26.63 75.88
C SER N 16 -4.00 27.42 75.09
N GLY N 17 -4.24 28.70 74.82
CA GLY N 17 -3.42 29.53 73.94
C GLY N 17 -2.24 30.23 74.61
N ASN N 18 -1.54 31.05 73.82
CA ASN N 18 -0.36 31.82 74.25
C ASN N 18 -0.64 32.99 75.22
N ALA N 19 -1.90 33.21 75.62
CA ALA N 19 -2.31 34.28 76.52
C ALA N 19 -3.14 33.71 77.69
N SER N 20 -2.84 34.16 78.91
CA SER N 20 -3.52 33.75 80.13
C SER N 20 -3.35 34.83 81.18
N VAL N 21 -4.27 34.84 82.16
CA VAL N 21 -4.24 35.87 83.18
C VAL N 21 -3.30 35.51 84.33
N ASP N 22 -3.32 34.26 84.77
CA ASP N 22 -2.72 33.89 86.04
C ASP N 22 -1.20 33.82 85.98
N GLY N 23 -0.60 33.79 84.79
CA GLY N 23 0.84 33.66 84.66
C GLY N 23 1.62 34.86 85.16
N ASN N 24 1.01 36.05 85.21
CA ASN N 24 1.67 37.27 85.69
C ASN N 24 0.80 37.90 86.77
N PRO N 25 0.98 37.49 88.03
CA PRO N 25 0.19 38.08 89.13
C PRO N 25 0.48 39.55 89.38
N GLY N 26 1.50 40.13 88.76
CA GLY N 26 1.84 41.52 88.93
C GLY N 26 1.08 42.49 88.06
N TYR N 27 0.13 42.01 87.25
CA TYR N 27 -0.66 42.85 86.37
C TYR N 27 -2.14 42.53 86.56
N ARG N 28 -2.99 43.56 86.42
CA ARG N 28 -4.42 43.31 86.38
C ARG N 28 -4.92 43.30 84.94
N PRO N 29 -5.84 42.41 84.59
CA PRO N 29 -6.49 42.49 83.28
C PRO N 29 -7.44 43.68 83.23
N THR N 30 -7.45 44.37 82.08
CA THR N 30 -8.27 45.56 81.92
C THR N 30 -9.03 45.49 80.60
N ARG N 31 -10.26 46.00 80.60
CA ARG N 31 -11.10 46.16 79.41
C ARG N 31 -10.49 47.24 78.51
N VAL N 32 -10.45 47.02 77.19
CA VAL N 32 -9.90 47.97 76.22
C VAL N 32 -10.98 48.22 75.15
N ASP N 33 -12.24 48.21 75.59
CA ASP N 33 -13.38 48.22 74.69
C ASP N 33 -13.31 49.35 73.67
N SER N 34 -13.66 49.02 72.42
CA SER N 34 -13.91 49.98 71.38
C SER N 34 -15.03 49.46 70.49
N ASN N 35 -15.84 50.38 69.96
CA ASN N 35 -16.95 50.06 69.06
C ASN N 35 -17.96 49.11 69.69
N GLY N 36 -18.07 49.11 71.02
CA GLY N 36 -19.07 48.32 71.71
C GLY N 36 -18.64 46.95 72.19
N GLU N 37 -17.40 46.55 71.93
CA GLU N 37 -16.89 45.27 72.42
C GLU N 37 -15.45 45.45 72.87
N THR N 38 -15.00 44.51 73.71
CA THR N 38 -13.76 44.66 74.45
C THR N 38 -12.51 44.49 73.59
N MET N 39 -12.65 44.18 72.30
CA MET N 39 -11.51 43.78 71.48
C MET N 39 -10.83 42.59 72.15
N GLY N 40 -9.63 42.75 72.71
CA GLY N 40 -8.95 41.77 73.55
C GLY N 40 -8.86 42.26 74.99
N TYR N 41 -7.69 42.11 75.58
CA TYR N 41 -7.36 42.66 76.90
C TYR N 41 -5.91 43.11 76.92
N GLU N 42 -5.61 44.02 77.85
CA GLU N 42 -4.25 44.45 78.11
C GLU N 42 -4.03 44.47 79.62
N MET N 43 -2.77 44.30 80.02
CA MET N 43 -2.41 44.11 81.41
C MET N 43 -1.47 45.21 81.87
N ARG N 44 -1.70 45.72 83.08
CA ARG N 44 -0.89 46.78 83.66
C ARG N 44 -1.23 46.92 85.13
N ASP N 45 -0.48 47.79 85.82
CA ASP N 45 -0.81 48.28 87.15
C ASP N 45 -0.84 47.20 88.24
N ARG N 46 -1.11 47.63 89.47
CA ARG N 46 -1.09 46.76 90.64
C ARG N 46 -2.31 45.84 90.66
N VAL N 47 -2.24 44.83 91.53
CA VAL N 47 -3.34 43.90 91.77
C VAL N 47 -3.82 43.25 90.48
N LYS O 1 -27.61 -15.27 56.93
CA LYS O 1 -26.23 -15.18 56.36
C LYS O 1 -25.54 -13.88 56.79
N LYS O 2 -24.35 -13.97 57.39
CA LYS O 2 -23.36 -12.88 57.51
C LYS O 2 -22.03 -13.32 56.89
N TRP O 3 -21.36 -12.42 56.20
CA TRP O 3 -20.05 -12.68 55.58
C TRP O 3 -18.88 -12.35 56.53
N PRO O 4 -17.66 -12.83 56.25
CA PRO O 4 -16.47 -12.47 57.01
C PRO O 4 -16.25 -10.95 57.06
N GLU O 5 -15.58 -10.46 58.10
CA GLU O 5 -15.25 -9.04 58.20
C GLU O 5 -14.22 -8.63 57.15
N VAL O 6 -14.51 -7.60 56.35
CA VAL O 6 -13.46 -6.93 55.55
C VAL O 6 -12.64 -6.00 56.44
N LYS O 7 -11.38 -6.35 56.67
CA LYS O 7 -10.44 -5.52 57.43
C LYS O 7 -9.96 -4.33 56.60
N ILE O 8 -9.86 -3.16 57.23
CA ILE O 8 -9.26 -1.97 56.62
C ILE O 8 -7.73 -2.09 56.67
N PRO O 9 -6.99 -1.85 55.57
CA PRO O 9 -5.53 -1.85 55.60
C PRO O 9 -5.00 -0.66 56.41
N ALA O 10 -3.87 -0.84 57.12
CA ALA O 10 -3.24 0.24 57.86
C ALA O 10 -2.88 1.38 56.92
N ARG O 11 -3.28 2.60 57.28
CA ARG O 11 -3.09 3.73 56.39
C ARG O 11 -1.62 4.13 56.38
N ILE O 12 -1.00 4.06 55.20
CA ILE O 12 0.37 4.54 55.02
C ILE O 12 0.31 6.07 55.00
N ILE O 13 0.84 6.70 56.04
CA ILE O 13 0.79 8.15 56.16
C ILE O 13 1.84 8.75 55.22
N THR O 14 1.37 9.28 54.10
CA THR O 14 2.26 9.86 53.09
C THR O 14 2.56 11.29 53.50
N THR O 15 3.34 12.02 52.70
CA THR O 15 3.68 13.40 53.08
C THR O 15 2.45 14.30 53.06
N SER O 16 1.57 14.11 52.07
CA SER O 16 0.32 14.87 51.98
C SER O 16 -0.61 14.08 51.07
N GLY O 17 -1.71 13.57 51.63
CA GLY O 17 -2.61 12.75 50.85
C GLY O 17 -3.76 12.17 51.65
N ASN O 18 -4.03 10.88 51.46
CA ASN O 18 -5.18 10.24 52.07
C ASN O 18 -5.12 10.17 53.58
N ALA O 19 -3.95 10.41 54.20
CA ALA O 19 -3.82 10.28 55.64
C ALA O 19 -2.85 11.32 56.18
N SER O 20 -3.16 11.84 57.37
CA SER O 20 -2.28 12.76 58.07
C SER O 20 -2.59 12.69 59.56
N VAL O 21 -1.55 12.90 60.37
CA VAL O 21 -1.71 12.76 61.82
C VAL O 21 -2.53 13.90 62.41
N ASP O 22 -2.26 15.14 61.99
CA ASP O 22 -2.76 16.30 62.71
C ASP O 22 -4.22 16.61 62.43
N GLY O 23 -4.81 15.99 61.40
CA GLY O 23 -6.18 16.28 61.04
C GLY O 23 -7.20 15.93 62.12
N ASN O 24 -6.94 14.89 62.90
CA ASN O 24 -7.87 14.42 63.94
C ASN O 24 -7.14 14.35 65.26
N PRO O 25 -7.10 15.45 66.05
CA PRO O 25 -6.41 15.50 67.33
C PRO O 25 -7.09 14.65 68.41
N GLY O 26 -8.26 14.05 68.13
CA GLY O 26 -8.94 13.20 69.08
C GLY O 26 -8.48 11.77 69.11
N TYR O 27 -7.51 11.40 68.27
CA TYR O 27 -6.99 10.04 68.20
C TYR O 27 -5.48 10.05 68.33
N ARG O 28 -4.92 8.99 68.92
CA ARG O 28 -3.47 8.84 68.94
C ARG O 28 -3.02 7.90 67.82
N PRO O 29 -1.93 8.22 67.13
CA PRO O 29 -1.37 7.25 66.18
C PRO O 29 -0.68 6.12 66.92
N THR O 30 -0.91 4.90 66.45
CA THR O 30 -0.39 3.70 67.10
C THR O 30 0.31 2.80 66.09
N ARG O 31 1.31 2.06 66.58
CA ARG O 31 2.02 1.10 65.73
C ARG O 31 1.19 -0.17 65.56
N VAL O 32 1.20 -0.71 64.34
CA VAL O 32 0.42 -1.89 63.98
C VAL O 32 1.37 -2.92 63.38
N ASP O 33 2.61 -2.93 63.89
CA ASP O 33 3.70 -3.70 63.30
C ASP O 33 3.34 -5.17 63.10
N SER O 34 3.76 -5.70 61.95
CA SER O 34 3.83 -7.13 61.69
C SER O 34 5.13 -7.43 60.96
N ASN O 35 5.77 -8.54 61.33
CA ASN O 35 7.01 -9.04 60.74
C ASN O 35 8.18 -8.06 60.87
N GLY O 36 8.15 -7.16 61.84
CA GLY O 36 9.26 -6.28 62.10
C GLY O 36 9.16 -4.89 61.52
N GLU O 37 8.05 -4.55 60.86
CA GLU O 37 7.83 -3.19 60.38
C GLU O 37 6.37 -2.81 60.64
N THR O 38 6.15 -1.49 60.78
CA THR O 38 4.89 -0.96 61.28
C THR O 38 3.75 -1.03 60.28
N MET O 39 3.98 -1.47 59.04
CA MET O 39 3.00 -1.30 57.96
C MET O 39 2.60 0.16 57.88
N GLY O 40 1.35 0.47 58.20
CA GLY O 40 0.91 1.85 58.30
C GLY O 40 0.64 2.24 59.75
N TYR O 41 -0.48 2.90 59.99
CA TYR O 41 -0.87 3.27 61.35
C TYR O 41 -2.38 3.21 61.49
N GLU O 42 -2.83 3.05 62.73
CA GLU O 42 -4.24 3.10 63.07
C GLU O 42 -4.39 3.97 64.31
N MET O 43 -5.58 4.54 64.46
CA MET O 43 -5.82 5.52 65.51
C MET O 43 -7.00 5.12 66.37
N ARG O 44 -6.91 5.47 67.65
CA ARG O 44 -7.90 5.14 68.66
C ARG O 44 -7.58 5.95 69.91
N ASP O 45 -8.44 5.83 70.92
CA ASP O 45 -8.13 6.25 72.28
C ASP O 45 -7.85 7.73 72.46
N ARG O 46 -7.57 8.13 73.70
CA ARG O 46 -7.36 9.52 74.07
C ARG O 46 -5.99 10.02 73.62
N VAL O 47 -5.82 11.33 73.66
CA VAL O 47 -4.56 12.00 73.37
C VAL O 47 -3.97 11.57 72.03
N LYS P 1 31.72 31.51 13.69
CA LYS P 1 30.44 31.71 12.96
C LYS P 1 29.25 31.13 13.74
N LYS P 2 28.57 31.94 14.57
CA LYS P 2 27.28 31.61 15.20
C LYS P 2 26.16 31.67 14.15
N TRP P 3 25.32 30.64 14.05
CA TRP P 3 24.09 30.69 13.26
C TRP P 3 22.91 31.22 14.10
N PRO P 4 21.80 31.68 13.50
CA PRO P 4 20.62 32.13 14.23
C PRO P 4 20.05 31.04 15.13
N GLU P 5 19.37 31.42 16.22
CA GLU P 5 18.60 30.48 17.03
C GLU P 5 17.51 29.80 16.19
N VAL P 6 17.31 28.49 16.37
CA VAL P 6 16.11 27.79 15.90
C VAL P 6 15.23 27.45 17.09
N LYS P 7 14.02 28.02 17.14
CA LYS P 7 13.07 27.82 18.25
C LYS P 7 12.26 26.55 18.05
N ILE P 8 11.88 25.89 19.15
CA ILE P 8 10.89 24.81 19.13
C ILE P 8 9.50 25.44 18.89
N PRO P 9 8.68 24.96 17.94
CA PRO P 9 7.30 25.42 17.78
C PRO P 9 6.47 25.06 19.01
N ALA P 10 5.64 25.99 19.46
CA ALA P 10 4.83 25.82 20.66
C ALA P 10 3.95 24.57 20.54
N ARG P 11 3.93 23.74 21.59
CA ARG P 11 3.31 22.41 21.53
C ARG P 11 1.79 22.49 21.53
N ILE P 12 1.19 21.57 20.79
CA ILE P 12 -0.25 21.34 20.68
C ILE P 12 -0.53 19.95 21.25
N ILE P 13 -1.48 19.87 22.19
CA ILE P 13 -1.53 18.73 23.12
C ILE P 13 -2.56 17.72 22.63
N THR P 14 -2.08 16.54 22.20
CA THR P 14 -2.92 15.44 21.78
C THR P 14 -3.76 14.93 22.95
N THR P 15 -4.79 14.14 22.68
CA THR P 15 -5.47 13.44 23.76
C THR P 15 -4.51 12.50 24.49
N SER P 16 -3.63 11.86 23.74
CA SER P 16 -2.51 11.09 24.30
C SER P 16 -1.46 11.00 23.20
N GLY P 17 -0.35 11.71 23.34
CA GLY P 17 0.62 11.89 22.27
C GLY P 17 2.00 12.30 22.76
N ASN P 18 2.73 13.05 21.95
CA ASN P 18 4.16 13.32 22.17
C ASN P 18 4.47 14.33 23.29
N ALA P 19 3.44 14.95 23.87
CA ALA P 19 3.53 15.72 25.12
C ALA P 19 2.19 15.70 25.85
N SER P 20 2.23 15.89 27.17
CA SER P 20 1.07 16.09 28.04
C SER P 20 1.47 16.96 29.24
N VAL P 21 0.49 17.61 29.86
CA VAL P 21 0.69 18.58 30.94
C VAL P 21 1.08 17.93 32.28
N ASP P 22 0.56 16.75 32.60
CA ASP P 22 0.71 16.17 33.92
C ASP P 22 2.01 15.41 34.11
N GLY P 23 2.74 15.06 33.05
CA GLY P 23 3.95 14.23 33.16
C GLY P 23 5.16 14.94 33.75
N ASN P 24 5.15 16.28 33.81
CA ASN P 24 6.26 17.11 34.31
C ASN P 24 5.72 18.14 35.33
N PRO P 25 5.21 17.71 36.51
CA PRO P 25 4.42 18.55 37.42
C PRO P 25 5.20 19.70 38.07
N GLY P 26 6.53 19.73 37.94
CA GLY P 26 7.36 20.84 38.39
C GLY P 26 7.35 22.09 37.49
N TYR P 27 6.68 22.06 36.33
CA TYR P 27 6.48 23.24 35.47
C TYR P 27 4.99 23.57 35.37
N ARG P 28 4.63 24.86 35.23
CA ARG P 28 3.28 25.23 34.78
C ARG P 28 3.19 25.32 33.25
N PRO P 29 2.08 24.92 32.63
CA PRO P 29 1.79 25.27 31.24
C PRO P 29 1.61 26.78 31.11
N THR P 30 2.11 27.36 30.02
CA THR P 30 1.90 28.76 29.65
C THR P 30 1.43 28.85 28.20
N ARG P 31 0.43 29.67 27.92
CA ARG P 31 -0.24 29.77 26.61
C ARG P 31 0.27 30.96 25.82
N VAL P 32 0.56 30.76 24.53
CA VAL P 32 1.04 31.77 23.59
C VAL P 32 0.01 32.04 22.49
N ASP P 33 -0.20 33.33 22.19
CA ASP P 33 -1.09 33.82 21.14
C ASP P 33 -0.35 34.86 20.29
N SER P 34 -0.35 34.66 18.97
CA SER P 34 0.47 35.39 18.00
C SER P 34 -0.16 35.34 16.61
N ASN P 35 0.20 36.27 15.71
CA ASN P 35 -0.52 36.52 14.45
C ASN P 35 -2.04 36.76 14.67
N GLY P 36 -2.42 37.27 15.84
CA GLY P 36 -3.81 37.46 16.27
C GLY P 36 -4.55 36.19 16.73
N GLU P 37 -3.89 35.03 16.90
CA GLU P 37 -4.55 33.78 17.29
C GLU P 37 -3.72 32.85 18.21
N THR P 38 -4.40 31.99 18.97
CA THR P 38 -3.83 31.22 20.09
C THR P 38 -3.07 29.97 19.64
N MET P 39 -1.81 30.17 19.27
CA MET P 39 -0.87 29.16 18.79
C MET P 39 -0.87 27.84 19.60
N GLY P 40 -0.50 27.89 20.88
CA GLY P 40 -0.22 26.68 21.67
C GLY P 40 0.44 26.98 23.01
N TYR P 41 1.31 26.09 23.49
CA TYR P 41 1.89 26.18 24.84
C TYR P 41 3.40 25.97 24.91
N GLU P 42 3.99 26.42 26.02
CA GLU P 42 5.30 25.97 26.51
C GLU P 42 5.32 25.86 28.04
N MET P 43 6.22 25.04 28.59
CA MET P 43 6.27 24.67 30.02
C MET P 43 7.42 25.40 30.74
N ARG P 44 7.13 26.08 31.87
CA ARG P 44 8.09 26.93 32.60
C ARG P 44 7.66 27.18 34.05
N ASP P 45 8.55 27.75 34.87
CA ASP P 45 8.28 28.34 36.20
C ASP P 45 7.71 27.38 37.28
N ARG P 46 7.53 27.88 38.51
CA ARG P 46 7.03 27.11 39.65
C ARG P 46 5.55 26.78 39.48
N VAL P 47 5.06 25.96 40.44
CA VAL P 47 3.65 25.71 40.84
C VAL P 47 2.71 25.58 39.64
N LYS Q 1 -37.98 -18.41 -0.31
CA LYS Q 1 -36.64 -18.98 -0.62
C LYS Q 1 -35.53 -18.27 0.16
N LYS Q 2 -34.53 -19.02 0.60
CA LYS Q 2 -33.24 -18.55 1.16
C LYS Q 2 -32.11 -19.37 0.56
N TRP Q 3 -31.01 -18.74 0.15
CA TRP Q 3 -29.82 -19.45 -0.34
C TRP Q 3 -28.80 -19.67 0.80
N PRO Q 4 -27.87 -20.64 0.66
CA PRO Q 4 -26.76 -20.79 1.59
C PRO Q 4 -25.94 -19.51 1.68
N GLU Q 5 -25.51 -19.12 2.88
CA GLU Q 5 -24.81 -17.86 3.10
C GLU Q 5 -23.50 -17.80 2.30
N VAL Q 6 -23.20 -16.64 1.71
CA VAL Q 6 -21.94 -16.43 0.97
C VAL Q 6 -20.78 -16.34 1.96
N LYS Q 7 -19.89 -17.32 2.00
CA LYS Q 7 -18.64 -17.21 2.76
C LYS Q 7 -17.70 -16.21 2.09
N ILE Q 8 -16.98 -15.42 2.88
CA ILE Q 8 -15.93 -14.52 2.39
C ILE Q 8 -14.57 -15.22 2.60
N PRO Q 9 -13.68 -15.31 1.59
CA PRO Q 9 -12.34 -15.82 1.80
C PRO Q 9 -11.57 -14.88 2.74
N ALA Q 10 -10.97 -15.42 3.80
CA ALA Q 10 -10.21 -14.64 4.77
C ALA Q 10 -9.04 -13.92 4.09
N ARG Q 11 -8.90 -12.60 4.32
CA ARG Q 11 -8.00 -11.77 3.50
C ARG Q 11 -6.54 -12.12 3.71
N ILE Q 12 -5.75 -12.06 2.64
CA ILE Q 12 -4.31 -12.27 2.67
C ILE Q 12 -3.63 -10.92 2.55
N ILE Q 13 -2.78 -10.61 3.52
CA ILE Q 13 -2.22 -9.26 3.64
C ILE Q 13 -0.94 -9.14 2.83
N THR Q 14 -1.08 -8.80 1.55
CA THR Q 14 0.08 -8.47 0.74
C THR Q 14 0.64 -7.12 1.17
N THR Q 15 1.91 -6.88 0.81
CA THR Q 15 2.62 -5.72 1.33
C THR Q 15 2.00 -4.40 0.88
N SER Q 16 1.38 -4.36 -0.30
CA SER Q 16 0.79 -3.13 -0.80
C SER Q 16 -0.55 -3.36 -1.48
N GLY Q 17 -1.23 -4.46 -1.15
CA GLY Q 17 -2.48 -4.82 -1.79
C GLY Q 17 -3.69 -4.17 -1.14
N ASN Q 18 -4.83 -4.78 -1.36
CA ASN Q 18 -6.12 -4.26 -0.92
C ASN Q 18 -6.36 -4.46 0.58
N ALA Q 19 -5.41 -5.09 1.27
CA ALA Q 19 -5.56 -5.39 2.68
C ALA Q 19 -4.40 -4.81 3.48
N SER Q 20 -4.72 -4.22 4.63
CA SER Q 20 -3.72 -3.72 5.56
C SER Q 20 -4.33 -3.69 6.96
N VAL Q 21 -3.46 -3.80 7.96
CA VAL Q 21 -3.94 -3.89 9.34
C VAL Q 21 -4.25 -2.52 9.94
N ASP Q 22 -3.49 -1.48 9.57
CA ASP Q 22 -3.56 -0.19 10.25
C ASP Q 22 -4.69 0.70 9.77
N GLY Q 23 -5.39 0.35 8.68
CA GLY Q 23 -6.44 1.19 8.11
C GLY Q 23 -7.67 1.34 9.02
N ASN Q 24 -8.01 0.34 9.84
CA ASN Q 24 -9.11 0.44 10.81
C ASN Q 24 -8.57 0.08 12.19
N PRO Q 25 -8.21 1.08 12.99
CA PRO Q 25 -7.75 0.81 14.36
C PRO Q 25 -8.82 0.27 15.29
N GLY Q 26 -10.08 0.24 14.85
CA GLY Q 26 -11.19 -0.23 15.65
C GLY Q 26 -11.44 -1.72 15.61
N TYR Q 27 -10.59 -2.50 14.94
CA TYR Q 27 -10.74 -3.94 14.85
C TYR Q 27 -9.45 -4.63 15.27
N ARG Q 28 -9.59 -5.82 15.89
CA ARG Q 28 -8.41 -6.64 16.05
C ARG Q 28 -8.38 -7.74 14.99
N PRO Q 29 -7.21 -8.13 14.51
CA PRO Q 29 -7.13 -9.26 13.58
C PRO Q 29 -7.10 -10.58 14.34
N THR Q 30 -7.72 -11.59 13.72
CA THR Q 30 -7.71 -12.95 14.27
C THR Q 30 -7.18 -13.90 13.21
N ARG Q 31 -6.32 -14.83 13.64
CA ARG Q 31 -5.72 -15.82 12.74
C ARG Q 31 -6.67 -17.00 12.62
N VAL Q 32 -7.42 -17.03 11.51
CA VAL Q 32 -8.43 -18.07 11.30
C VAL Q 32 -7.78 -19.28 10.62
N ASP Q 33 -7.27 -20.20 11.43
CA ASP Q 33 -6.64 -21.40 10.89
C ASP Q 33 -7.68 -22.50 10.66
N SER Q 34 -7.50 -23.24 9.57
CA SER Q 34 -8.35 -24.39 9.25
C SER Q 34 -7.47 -25.57 8.87
N ASN Q 35 -7.69 -26.70 9.55
CA ASN Q 35 -7.02 -27.97 9.29
C ASN Q 35 -5.50 -27.88 9.41
N GLY Q 36 -4.99 -26.93 10.19
CA GLY Q 36 -3.56 -26.74 10.33
C GLY Q 36 -2.95 -25.74 9.36
N GLU Q 37 -3.72 -25.24 8.42
CA GLU Q 37 -3.28 -24.22 7.48
C GLU Q 37 -3.90 -22.89 7.90
N THR Q 38 -3.07 -21.85 7.98
CA THR Q 38 -3.44 -20.60 8.65
C THR Q 38 -4.49 -19.78 7.90
N MET Q 39 -4.78 -20.11 6.64
CA MET Q 39 -5.66 -19.30 5.80
C MET Q 39 -5.24 -17.83 5.79
N GLY Q 40 -6.09 -16.98 6.37
CA GLY Q 40 -5.83 -15.55 6.43
C GLY Q 40 -6.32 -14.93 7.71
N TYR Q 41 -6.98 -13.78 7.62
CA TYR Q 41 -7.41 -13.03 8.78
C TYR Q 41 -8.81 -12.46 8.58
N GLU Q 42 -9.48 -12.23 9.71
CA GLU Q 42 -10.74 -11.50 9.76
C GLU Q 42 -10.67 -10.52 10.94
N MET Q 43 -11.44 -9.44 10.85
CA MET Q 43 -11.34 -8.33 11.78
C MET Q 43 -12.65 -8.14 12.53
N ARG Q 44 -12.57 -7.97 13.84
CA ARG Q 44 -13.74 -7.84 14.70
C ARG Q 44 -13.28 -7.36 16.08
N ASP Q 45 -14.25 -7.07 16.94
CA ASP Q 45 -14.05 -6.89 18.38
C ASP Q 45 -13.19 -5.70 18.76
N ARG Q 46 -13.06 -5.47 20.07
CA ARG Q 46 -12.37 -4.32 20.62
C ARG Q 46 -10.85 -4.44 20.43
N VAL Q 47 -10.18 -3.29 20.49
CA VAL Q 47 -8.72 -3.21 20.46
C VAL Q 47 -8.14 -3.91 19.23
N LYS R 1 41.11 -2.72 -32.46
CA LYS R 1 40.13 -2.04 -33.34
C LYS R 1 38.72 -2.08 -32.73
N LYS R 2 38.13 -0.93 -32.46
CA LYS R 2 36.69 -0.75 -32.16
C LYS R 2 35.96 -0.11 -33.34
N TRP R 3 34.75 -0.55 -33.61
CA TRP R 3 33.83 0.13 -34.54
C TRP R 3 32.98 1.18 -33.79
N PRO R 4 32.34 2.13 -34.51
CA PRO R 4 31.40 3.06 -33.89
C PRO R 4 30.26 2.33 -33.18
N GLU R 5 29.72 2.90 -32.10
CA GLU R 5 28.60 2.30 -31.38
C GLU R 5 27.36 2.15 -32.27
N VAL R 6 26.72 0.98 -32.22
CA VAL R 6 25.45 0.73 -32.92
C VAL R 6 24.31 0.85 -31.92
N LYS R 7 23.25 1.58 -32.28
CA LYS R 7 22.21 2.03 -31.35
C LYS R 7 20.85 1.44 -31.68
N ILE R 8 20.08 1.10 -30.63
CA ILE R 8 18.72 0.56 -30.80
C ILE R 8 17.77 1.68 -31.25
N PRO R 9 16.96 1.50 -32.31
CA PRO R 9 15.94 2.48 -32.67
C PRO R 9 14.87 2.56 -31.57
N ALA R 10 14.39 3.77 -31.28
CA ALA R 10 13.40 3.97 -30.23
C ALA R 10 12.15 3.14 -30.50
N ARG R 11 11.66 2.43 -29.48
CA ARG R 11 10.58 1.44 -29.66
C ARG R 11 9.23 2.11 -29.86
N ILE R 12 8.40 1.51 -30.71
CA ILE R 12 6.99 1.85 -30.88
C ILE R 12 6.17 0.93 -29.97
N ILE R 13 5.44 1.51 -29.02
CA ILE R 13 4.64 0.73 -28.06
C ILE R 13 3.32 0.32 -28.73
N THR R 14 3.28 -0.78 -29.47
CA THR R 14 2.04 -1.25 -30.06
C THR R 14 1.18 -1.92 -29.01
N THR R 15 -0.12 -2.06 -29.30
CA THR R 15 -1.04 -2.68 -28.34
C THR R 15 -0.60 -4.10 -27.99
N SER R 16 0.10 -4.78 -28.90
CA SER R 16 0.73 -6.06 -28.63
C SER R 16 1.95 -6.18 -29.53
N GLY R 17 3.08 -6.58 -28.97
CA GLY R 17 4.28 -6.67 -29.77
C GLY R 17 5.54 -6.67 -28.91
N ASN R 18 6.57 -6.02 -29.46
CA ASN R 18 7.93 -6.16 -28.94
C ASN R 18 8.10 -5.64 -27.52
N ALA R 19 7.30 -4.68 -27.07
CA ALA R 19 7.34 -4.18 -25.71
C ALA R 19 5.96 -3.69 -25.24
N SER R 20 5.74 -3.71 -23.93
CA SER R 20 4.63 -3.06 -23.25
C SER R 20 5.09 -2.48 -21.92
N VAL R 21 4.57 -1.32 -21.55
CA VAL R 21 5.09 -0.51 -20.43
C VAL R 21 4.93 -1.16 -19.05
N ASP R 22 3.94 -2.03 -18.87
CA ASP R 22 3.65 -2.67 -17.59
C ASP R 22 4.50 -3.90 -17.31
N GLY R 23 5.18 -4.43 -18.32
CA GLY R 23 5.98 -5.63 -18.13
C GLY R 23 7.13 -5.46 -17.15
N ASN R 24 7.76 -4.29 -17.13
CA ASN R 24 8.91 -3.98 -16.29
C ASN R 24 8.57 -2.80 -15.36
N PRO R 25 7.95 -3.04 -14.19
CA PRO R 25 7.65 -1.94 -13.27
C PRO R 25 8.87 -1.21 -12.74
N GLY R 26 10.06 -1.80 -12.80
CA GLY R 26 11.28 -1.19 -12.26
C GLY R 26 11.95 -0.16 -13.19
N TYR R 27 11.47 0.03 -14.42
CA TYR R 27 11.89 1.11 -15.32
C TYR R 27 10.75 2.11 -15.52
N ARG R 28 11.05 3.40 -15.56
CA ARG R 28 10.12 4.38 -16.14
C ARG R 28 10.26 4.40 -17.67
N PRO R 29 9.16 4.51 -18.42
CA PRO R 29 9.21 4.82 -19.85
C PRO R 29 9.57 6.31 -20.02
N THR R 30 10.51 6.63 -20.89
CA THR R 30 10.84 8.02 -21.27
C THR R 30 10.76 8.21 -22.78
N ARG R 31 10.22 9.36 -23.19
CA ARG R 31 10.01 9.76 -24.59
C ARG R 31 11.31 10.27 -25.22
N VAL R 32 11.55 9.97 -26.49
CA VAL R 32 12.59 10.62 -27.32
C VAL R 32 11.96 11.37 -28.49
N ASP R 33 12.32 12.63 -28.67
CA ASP R 33 11.55 13.62 -29.44
C ASP R 33 12.44 14.79 -29.88
N SER R 34 12.58 15.01 -31.19
CA SER R 34 13.41 16.07 -31.79
C SER R 34 12.94 16.40 -33.22
N ASN R 35 13.30 17.60 -33.72
CA ASN R 35 12.88 18.09 -35.04
C ASN R 35 11.34 18.03 -35.28
N GLY R 36 10.56 18.20 -34.21
CA GLY R 36 9.09 18.10 -34.23
C GLY R 36 8.53 16.68 -34.32
N GLU R 37 9.35 15.64 -34.18
CA GLU R 37 8.94 14.23 -34.31
C GLU R 37 9.46 13.36 -33.14
N THR R 38 8.61 12.45 -32.65
CA THR R 38 8.95 11.56 -31.53
C THR R 38 9.06 10.10 -31.96
N MET R 39 10.32 9.67 -32.10
CA MET R 39 10.66 8.36 -32.66
C MET R 39 10.18 7.18 -31.81
N GLY R 40 9.77 7.42 -30.56
CA GLY R 40 9.22 6.41 -29.67
C GLY R 40 9.76 6.54 -28.25
N TYR R 41 10.00 5.38 -27.62
CA TYR R 41 10.25 5.27 -26.18
C TYR R 41 11.48 4.43 -25.85
N GLU R 42 11.98 4.64 -24.64
CA GLU R 42 13.11 3.96 -24.00
C GLU R 42 12.77 3.66 -22.52
N MET R 43 13.46 2.69 -21.91
CA MET R 43 13.20 2.25 -20.53
C MET R 43 14.40 2.53 -19.62
N ARG R 44 14.16 3.18 -18.47
CA ARG R 44 15.21 3.92 -17.76
C ARG R 44 14.99 4.08 -16.24
N ASP R 45 16.05 4.49 -15.57
CA ASP R 45 16.07 5.17 -14.26
C ASP R 45 15.34 4.43 -13.11
N ARG R 46 14.55 5.16 -12.31
CA ARG R 46 13.89 4.74 -11.06
C ARG R 46 12.46 5.31 -10.98
N VAL R 47 11.65 4.77 -10.06
CA VAL R 47 10.27 5.21 -9.71
C VAL R 47 9.35 5.35 -10.92
N LYS S 1 -40.15 -17.41 -58.29
CA LYS S 1 -39.38 -18.62 -58.54
C LYS S 1 -38.09 -18.63 -57.74
N LYS S 2 -37.63 -19.84 -57.38
CA LYS S 2 -36.40 -20.02 -56.62
C LYS S 2 -35.69 -21.27 -57.13
N TRP S 3 -34.37 -21.30 -56.92
CA TRP S 3 -33.56 -22.43 -57.35
C TRP S 3 -32.70 -22.92 -56.20
N PRO S 4 -32.32 -24.20 -56.22
CA PRO S 4 -31.57 -24.76 -55.07
C PRO S 4 -30.21 -24.11 -54.90
N GLU S 5 -29.74 -24.12 -53.66
CA GLU S 5 -28.47 -23.49 -53.31
C GLU S 5 -27.31 -24.17 -54.04
N VAL S 6 -26.44 -23.36 -54.63
CA VAL S 6 -25.19 -23.87 -55.20
C VAL S 6 -24.09 -23.76 -54.14
N LYS S 7 -23.94 -24.80 -53.33
CA LYS S 7 -23.00 -24.76 -52.22
C LYS S 7 -21.57 -24.68 -52.71
N ILE S 8 -20.78 -23.81 -52.11
CA ILE S 8 -19.38 -23.63 -52.51
C ILE S 8 -18.59 -24.85 -52.09
N PRO S 9 -17.81 -25.47 -52.99
CA PRO S 9 -16.94 -26.57 -52.57
C PRO S 9 -15.90 -26.10 -51.58
N ALA S 10 -15.57 -26.97 -50.62
CA ALA S 10 -14.59 -26.63 -49.60
C ALA S 10 -13.24 -26.33 -50.24
N ARG S 11 -12.62 -25.23 -49.80
CA ARG S 11 -11.40 -24.76 -50.43
C ARG S 11 -10.23 -25.66 -50.05
N ILE S 12 -9.43 -26.05 -51.04
CA ILE S 12 -8.21 -26.80 -50.82
C ILE S 12 -7.08 -25.78 -50.62
N ILE S 13 -6.45 -25.82 -49.44
CA ILE S 13 -5.47 -24.80 -49.07
C ILE S 13 -4.10 -25.21 -49.56
N THR S 14 -3.82 -24.90 -50.82
CA THR S 14 -2.53 -25.14 -51.46
C THR S 14 -1.47 -24.21 -50.86
N THR S 15 -0.19 -24.59 -50.93
CA THR S 15 0.87 -23.80 -50.33
C THR S 15 0.88 -22.36 -50.85
N SER S 16 0.43 -22.15 -52.08
CA SER S 16 0.26 -20.82 -52.64
C SER S 16 -0.87 -20.87 -53.64
N GLY S 17 -1.59 -19.76 -53.77
CA GLY S 17 -2.72 -19.74 -54.68
C GLY S 17 -3.94 -19.04 -54.13
N ASN S 18 -5.11 -19.51 -54.53
CA ASN S 18 -6.37 -18.82 -54.27
C ASN S 18 -6.88 -18.97 -52.84
N ALA S 19 -6.11 -19.59 -51.92
CA ALA S 19 -6.59 -19.79 -50.56
C ALA S 19 -5.42 -19.82 -49.59
N SER S 20 -5.62 -19.23 -48.42
CA SER S 20 -4.65 -19.29 -47.34
C SER S 20 -5.36 -18.99 -46.02
N VAL S 21 -4.91 -19.65 -44.95
CA VAL S 21 -5.56 -19.48 -43.66
C VAL S 21 -5.28 -18.11 -43.05
N ASP S 22 -4.05 -17.61 -43.17
CA ASP S 22 -3.64 -16.45 -42.40
C ASP S 22 -4.13 -15.13 -43.00
N GLY S 23 -4.61 -15.12 -44.25
CA GLY S 23 -5.00 -13.89 -44.95
C GLY S 23 -6.20 -13.17 -44.33
N ASN S 24 -7.03 -13.90 -43.58
CA ASN S 24 -8.21 -13.38 -42.88
C ASN S 24 -8.18 -13.81 -41.39
N PRO S 25 -7.52 -13.06 -40.50
CA PRO S 25 -7.43 -13.41 -39.07
C PRO S 25 -8.76 -13.37 -38.33
N GLY S 26 -9.81 -12.83 -38.94
CA GLY S 26 -11.12 -12.78 -38.32
C GLY S 26 -11.96 -14.03 -38.46
N TYR S 27 -11.43 -15.08 -39.09
CA TYR S 27 -12.15 -16.32 -39.29
C TYR S 27 -11.32 -17.49 -38.76
N ARG S 28 -12.00 -18.51 -38.24
CA ARG S 28 -11.24 -19.71 -37.94
C ARG S 28 -11.51 -20.79 -38.99
N PRO S 29 -10.52 -21.59 -39.35
CA PRO S 29 -10.77 -22.73 -40.23
C PRO S 29 -11.28 -23.93 -39.45
N THR S 30 -12.21 -24.66 -40.08
CA THR S 30 -12.83 -25.81 -39.44
C THR S 30 -12.83 -27.00 -40.40
N ARG S 31 -12.85 -28.19 -39.82
CA ARG S 31 -12.91 -29.42 -40.61
C ARG S 31 -14.33 -29.64 -41.15
N VAL S 32 -14.40 -30.04 -42.41
CA VAL S 32 -15.68 -30.23 -43.11
C VAL S 32 -15.74 -31.69 -43.58
N ASP S 33 -15.20 -32.59 -42.77
CA ASP S 33 -14.97 -33.98 -43.15
C ASP S 33 -16.24 -34.65 -43.66
N SER S 34 -16.08 -35.45 -44.72
CA SER S 34 -17.07 -36.41 -45.15
C SER S 34 -16.36 -37.71 -45.53
N ASN S 35 -16.95 -38.84 -45.09
CA ASN S 35 -16.45 -40.18 -45.40
C ASN S 35 -15.02 -40.42 -44.91
N GLY S 36 -14.61 -39.75 -43.83
CA GLY S 36 -13.33 -40.02 -43.21
C GLY S 36 -12.18 -39.14 -43.64
N GLU S 37 -12.42 -38.14 -44.49
CA GLU S 37 -11.40 -37.17 -44.85
C GLU S 37 -12.02 -35.78 -44.92
N THR S 38 -11.17 -34.77 -44.70
CA THR S 38 -11.62 -33.40 -44.48
C THR S 38 -12.12 -32.70 -45.74
N MET S 39 -11.97 -33.29 -46.93
CA MET S 39 -12.20 -32.58 -48.18
C MET S 39 -11.36 -31.31 -48.22
N GLY S 40 -11.98 -30.16 -48.03
CA GLY S 40 -11.24 -28.91 -47.92
C GLY S 40 -11.44 -28.26 -46.56
N TYR S 41 -11.70 -26.95 -46.55
CA TYR S 41 -11.93 -26.23 -45.31
C TYR S 41 -12.93 -25.12 -45.53
N GLU S 42 -13.54 -24.68 -44.43
CA GLU S 42 -14.45 -23.53 -44.42
C GLU S 42 -14.05 -22.62 -43.26
N MET S 43 -14.31 -21.33 -43.43
CA MET S 43 -13.86 -20.32 -42.48
C MET S 43 -15.06 -19.53 -41.97
N ARG S 44 -15.14 -19.36 -40.65
CA ARG S 44 -16.27 -18.67 -40.02
C ARG S 44 -15.91 -18.36 -38.58
N ASP S 45 -16.79 -17.59 -37.93
CA ASP S 45 -16.82 -17.42 -36.48
C ASP S 45 -15.58 -16.75 -35.89
N ARG S 46 -15.59 -16.58 -34.57
CA ARG S 46 -14.57 -15.84 -33.85
C ARG S 46 -13.24 -16.60 -33.85
N VAL S 47 -12.17 -15.85 -33.59
CA VAL S 47 -10.82 -16.41 -33.45
C VAL S 47 -10.41 -17.24 -34.66
N LYS T 1 41.38 -37.85 -79.81
CA LYS T 1 41.10 -36.67 -80.63
C LYS T 1 39.80 -35.99 -80.21
N LYS T 2 39.94 -34.94 -79.38
CA LYS T 2 38.82 -34.15 -78.88
C LYS T 2 38.42 -33.15 -79.96
N TRP T 3 37.27 -33.38 -80.61
CA TRP T 3 36.79 -32.42 -81.60
C TRP T 3 36.14 -31.21 -80.94
N PRO T 4 36.06 -30.09 -81.65
CA PRO T 4 35.49 -28.88 -81.06
C PRO T 4 34.02 -29.04 -80.69
N GLU T 5 33.61 -28.28 -79.68
CA GLU T 5 32.24 -28.34 -79.18
C GLU T 5 31.28 -27.72 -80.18
N VAL T 6 30.16 -28.39 -80.42
CA VAL T 6 29.07 -27.83 -81.21
C VAL T 6 28.13 -27.06 -80.28
N LYS T 7 27.51 -26.02 -80.82
CA LYS T 7 26.62 -25.16 -80.04
C LYS T 7 25.17 -25.36 -80.51
N ILE T 8 24.27 -25.53 -79.55
CA ILE T 8 22.84 -25.65 -79.88
C ILE T 8 22.33 -24.30 -80.37
N PRO T 9 21.69 -24.22 -81.53
CA PRO T 9 21.13 -22.94 -81.97
C PRO T 9 20.07 -22.44 -81.00
N ALA T 10 20.04 -21.12 -80.81
CA ALA T 10 19.08 -20.52 -79.90
C ALA T 10 17.66 -20.82 -80.34
N ARG T 11 16.83 -21.21 -79.39
CA ARG T 11 15.47 -21.65 -79.71
C ARG T 11 14.61 -20.46 -80.13
N ILE T 12 13.92 -20.61 -81.25
CA ILE T 12 12.99 -19.60 -81.74
C ILE T 12 11.61 -20.00 -81.22
N ILE T 13 11.09 -19.22 -80.27
CA ILE T 13 9.88 -19.57 -79.57
C ILE T 13 8.65 -19.13 -80.36
N THR T 14 8.08 -20.06 -81.12
CA THR T 14 6.87 -19.79 -81.90
C THR T 14 5.63 -19.94 -81.02
N THR T 15 4.44 -19.88 -81.63
CA THR T 15 3.22 -19.89 -80.84
C THR T 15 2.90 -21.29 -80.30
N SER T 16 3.14 -22.33 -81.11
CA SER T 16 2.79 -23.68 -80.68
C SER T 16 3.81 -24.71 -81.11
N GLY T 17 5.03 -24.31 -81.44
CA GLY T 17 6.06 -25.22 -81.89
C GLY T 17 6.67 -26.00 -80.75
N ASN T 18 7.90 -26.47 -81.00
CA ASN T 18 8.61 -27.29 -80.03
C ASN T 18 9.16 -26.51 -78.84
N ALA T 19 8.91 -25.20 -78.76
CA ALA T 19 9.46 -24.37 -77.70
C ALA T 19 8.37 -23.55 -77.04
N SER T 20 8.41 -23.50 -75.70
CA SER T 20 7.54 -22.62 -74.93
C SER T 20 8.22 -22.31 -73.60
N VAL T 21 8.03 -21.07 -73.13
CA VAL T 21 8.72 -20.62 -71.92
C VAL T 21 8.16 -21.29 -70.68
N ASP T 22 6.85 -21.50 -70.62
CA ASP T 22 6.20 -21.89 -69.38
C ASP T 22 6.40 -23.36 -69.02
N GLY T 23 6.95 -24.16 -69.93
CA GLY T 23 7.11 -25.59 -69.68
C GLY T 23 8.03 -25.93 -68.52
N ASN T 24 9.09 -25.16 -68.31
CA ASN T 24 10.01 -25.35 -67.19
C ASN T 24 10.07 -24.08 -66.36
N PRO T 25 9.23 -23.99 -65.33
CA PRO T 25 9.29 -22.83 -64.43
C PRO T 25 10.61 -22.70 -63.66
N GLY T 26 11.44 -23.73 -63.66
CA GLY T 26 12.71 -23.70 -62.97
C GLY T 26 13.83 -22.99 -63.71
N TYR T 27 13.58 -22.50 -64.92
CA TYR T 27 14.56 -21.75 -65.70
C TYR T 27 14.00 -20.38 -66.03
N ARG T 28 14.89 -19.39 -66.06
CA ARG T 28 14.42 -18.14 -66.63
C ARG T 28 14.81 -18.04 -68.10
N PRO T 29 13.98 -17.45 -68.94
CA PRO T 29 14.39 -17.20 -70.34
C PRO T 29 15.42 -16.09 -70.40
N THR T 30 16.52 -16.36 -71.11
CA THR T 30 17.59 -15.38 -71.29
C THR T 30 17.78 -15.11 -72.76
N ARG T 31 17.87 -13.83 -73.13
CA ARG T 31 18.08 -13.44 -74.51
C ARG T 31 19.55 -13.50 -74.86
N VAL T 32 19.87 -14.16 -75.99
CA VAL T 32 21.24 -14.23 -76.48
C VAL T 32 21.34 -13.42 -77.77
N ASP T 33 21.75 -12.16 -77.63
CA ASP T 33 21.75 -11.24 -78.76
C ASP T 33 23.09 -11.27 -79.49
N SER T 34 23.11 -10.72 -80.69
CA SER T 34 24.34 -10.54 -81.46
C SER T 34 24.19 -9.28 -82.31
N ASN T 35 24.66 -8.16 -81.77
CA ASN T 35 24.68 -6.87 -82.48
C ASN T 35 23.29 -6.47 -82.98
N GLY T 36 22.27 -6.69 -82.15
CA GLY T 36 20.92 -6.34 -82.50
C GLY T 36 20.13 -7.44 -83.16
N GLU T 37 20.80 -8.45 -83.74
CA GLU T 37 20.13 -9.64 -84.25
C GLU T 37 19.97 -10.60 -83.08
N THR T 38 18.77 -10.63 -82.51
CA THR T 38 18.55 -11.24 -81.20
C THR T 38 18.66 -12.76 -81.20
N MET T 39 18.78 -13.39 -82.37
CA MET T 39 18.77 -14.85 -82.47
C MET T 39 17.54 -15.43 -81.78
N GLY T 40 17.75 -16.12 -80.66
CA GLY T 40 16.66 -16.71 -79.91
C GLY T 40 16.90 -16.69 -78.42
N TYR T 41 16.58 -17.78 -77.73
CA TYR T 41 16.64 -17.83 -76.28
C TYR T 41 17.27 -19.12 -75.80
N GLU T 42 17.88 -19.04 -74.61
CA GLU T 42 18.34 -20.21 -73.86
C GLU T 42 17.94 -20.01 -72.41
N MET T 43 17.83 -21.11 -71.67
CA MET T 43 17.22 -21.10 -70.35
C MET T 43 18.20 -21.60 -69.31
N ARG T 44 18.24 -20.92 -68.16
CA ARG T 44 19.15 -21.25 -67.07
C ARG T 44 18.70 -20.51 -65.81
N ASP T 45 19.42 -20.76 -64.72
CA ASP T 45 19.34 -19.95 -63.49
C ASP T 45 17.99 -19.96 -62.80
N ARG T 46 17.91 -19.28 -61.66
CA ARG T 46 16.73 -19.24 -60.81
C ARG T 46 15.65 -18.34 -61.41
N VAL T 47 14.43 -18.50 -60.87
CA VAL T 47 13.28 -17.67 -61.23
C VAL T 47 13.03 -17.67 -62.74
N LYS U 1 -34.10 -17.44 -116.27
CA LYS U 1 -33.64 -18.84 -116.51
C LYS U 1 -32.43 -19.17 -115.64
N LYS U 2 -32.45 -20.33 -114.98
CA LYS U 2 -31.31 -20.97 -114.29
C LYS U 2 -31.32 -22.48 -114.54
N TRP U 3 -30.15 -23.08 -114.69
CA TRP U 3 -29.99 -24.53 -114.91
C TRP U 3 -29.75 -25.28 -113.59
N PRO U 4 -29.89 -26.61 -113.55
CA PRO U 4 -29.64 -27.42 -112.35
C PRO U 4 -28.21 -27.26 -111.82
N GLU U 5 -28.01 -27.47 -110.52
CA GLU U 5 -26.68 -27.34 -109.92
C GLU U 5 -25.72 -28.43 -110.40
N VAL U 6 -24.54 -28.05 -110.89
CA VAL U 6 -23.43 -28.95 -111.16
C VAL U 6 -22.88 -29.49 -109.85
N LYS U 7 -23.03 -30.79 -109.61
CA LYS U 7 -22.40 -31.46 -108.45
C LYS U 7 -20.93 -31.75 -108.73
N ILE U 8 -20.05 -31.36 -107.82
CA ILE U 8 -18.63 -31.71 -107.88
C ILE U 8 -18.48 -33.19 -107.50
N PRO U 9 -17.78 -34.04 -108.27
CA PRO U 9 -17.51 -35.42 -107.87
C PRO U 9 -16.59 -35.43 -106.64
N ALA U 10 -16.86 -36.32 -105.68
CA ALA U 10 -16.02 -36.45 -104.50
C ALA U 10 -14.60 -36.81 -104.91
N ARG U 11 -13.64 -36.00 -104.47
CA ARG U 11 -12.26 -36.20 -104.87
C ARG U 11 -11.69 -37.46 -104.22
N ILE U 12 -10.98 -38.24 -105.01
CA ILE U 12 -10.29 -39.43 -104.53
C ILE U 12 -8.83 -39.07 -104.30
N ILE U 13 -8.38 -39.26 -103.07
CA ILE U 13 -7.07 -38.79 -102.64
C ILE U 13 -6.01 -39.84 -102.93
N THR U 14 -5.32 -39.69 -104.06
CA THR U 14 -4.24 -40.59 -104.42
C THR U 14 -2.98 -40.25 -103.63
N THR U 15 -1.90 -40.97 -103.89
CA THR U 15 -0.67 -40.76 -103.14
C THR U 15 0.02 -39.46 -103.53
N SER U 16 -0.05 -39.09 -104.80
CA SER U 16 0.62 -37.86 -105.25
C SER U 16 -0.21 -37.09 -106.27
N GLY U 17 -1.52 -37.29 -106.30
CA GLY U 17 -2.36 -36.65 -107.29
C GLY U 17 -2.72 -35.23 -106.92
N ASN U 18 -3.79 -34.75 -107.54
CA ASN U 18 -4.23 -33.36 -107.39
C ASN U 18 -4.92 -33.09 -106.05
N ALA U 19 -4.99 -34.10 -105.18
CA ALA U 19 -5.67 -33.97 -103.90
C ALA U 19 -4.79 -34.46 -102.77
N SER U 20 -4.80 -33.73 -101.66
CA SER U 20 -4.10 -34.13 -100.45
C SER U 20 -4.79 -33.48 -99.25
N VAL U 21 -4.80 -34.21 -98.13
CA VAL U 21 -5.50 -33.73 -96.94
C VAL U 21 -4.77 -32.56 -96.28
N ASP U 22 -3.44 -32.58 -96.24
CA ASP U 22 -2.69 -31.66 -95.40
C ASP U 22 -2.55 -30.26 -96.01
N GLY U 23 -2.95 -30.09 -97.28
CA GLY U 23 -2.76 -28.79 -97.92
C GLY U 23 -3.55 -27.66 -97.28
N ASN U 24 -4.75 -27.94 -96.79
CA ASN U 24 -5.62 -26.94 -96.17
C ASN U 24 -6.00 -27.40 -94.77
N PRO U 25 -5.24 -27.00 -93.76
CA PRO U 25 -5.57 -27.39 -92.38
C PRO U 25 -6.87 -26.80 -91.85
N GLY U 26 -7.49 -25.85 -92.58
CA GLY U 26 -8.73 -25.25 -92.15
C GLY U 26 -9.98 -26.06 -92.47
N TYR U 27 -9.83 -27.23 -93.08
CA TYR U 27 -10.96 -28.08 -93.43
C TYR U 27 -10.75 -29.48 -92.84
N ARG U 28 -11.86 -30.12 -92.47
CA ARG U 28 -11.72 -31.53 -92.13
C ARG U 28 -12.24 -32.40 -93.28
N PRO U 29 -11.62 -33.54 -93.54
CA PRO U 29 -12.20 -34.48 -94.51
C PRO U 29 -13.29 -35.32 -93.87
N THR U 30 -14.34 -35.58 -94.63
CA THR U 30 -15.49 -36.33 -94.15
C THR U 30 -15.87 -37.42 -95.14
N ARG U 31 -16.50 -38.47 -94.62
CA ARG U 31 -16.98 -39.56 -95.46
C ARG U 31 -18.26 -39.15 -96.18
N VAL U 32 -18.33 -39.47 -97.47
CA VAL U 32 -19.46 -39.09 -98.32
C VAL U 32 -20.07 -40.38 -98.87
N ASP U 33 -20.07 -41.42 -98.04
CA ASP U 33 -20.41 -42.78 -98.46
C ASP U 33 -21.75 -42.84 -99.20
N SER U 34 -21.76 -43.63 -100.28
CA SER U 34 -22.98 -44.07 -100.93
C SER U 34 -22.86 -45.55 -101.25
N ASN U 35 -23.95 -46.29 -101.00
CA ASN U 35 -24.05 -47.73 -101.29
C ASN U 35 -22.99 -48.55 -100.55
N GLY U 36 -22.51 -48.06 -99.41
CA GLY U 36 -21.59 -48.80 -98.59
C GLY U 36 -20.11 -48.53 -98.82
N GLU U 37 -19.77 -47.58 -99.69
CA GLU U 37 -18.38 -47.19 -99.90
C GLU U 37 -18.30 -45.67 -99.97
N THR U 38 -17.13 -45.15 -99.60
CA THR U 38 -16.97 -43.72 -99.31
C THR U 38 -16.96 -42.85 -100.56
N MET U 39 -16.97 -43.43 -101.76
CA MET U 39 -16.74 -42.67 -102.99
C MET U 39 -15.40 -41.95 -102.89
N GLY U 40 -15.45 -40.65 -102.62
CA GLY U 40 -14.26 -39.88 -102.31
C GLY U 40 -14.38 -39.17 -100.98
N TYR U 41 -14.00 -37.90 -100.93
CA TYR U 41 -14.13 -37.09 -99.73
C TYR U 41 -14.58 -35.68 -100.10
N GLU U 42 -15.00 -34.93 -99.07
CA GLU U 42 -15.32 -33.53 -99.19
C GLU U 42 -14.75 -32.78 -98.00
N MET U 43 -14.46 -31.50 -98.20
CA MET U 43 -13.78 -30.68 -97.21
C MET U 43 -14.73 -29.59 -96.70
N ARG U 44 -14.82 -29.45 -95.37
CA ARG U 44 -15.67 -28.45 -94.75
C ARG U 44 -15.33 -28.36 -93.27
N ASP U 45 -15.89 -27.34 -92.62
CA ASP U 45 -15.97 -27.23 -91.16
C ASP U 45 -14.63 -27.09 -90.45
N ARG U 46 -14.69 -26.87 -89.15
CA ARG U 46 -13.52 -26.62 -88.33
C ARG U 46 -12.71 -27.89 -88.09
N VAL U 47 -11.47 -27.71 -87.65
CA VAL U 47 -10.59 -28.81 -87.25
C VAL U 47 -10.44 -29.84 -88.37
N LYS V 1 33.73 -71.28 -126.76
CA LYS V 1 34.09 -70.14 -127.60
C LYS V 1 33.11 -68.98 -127.41
N LYS V 2 33.56 -67.95 -126.70
CA LYS V 2 32.75 -66.77 -126.47
C LYS V 2 32.72 -65.89 -127.71
N TRP V 3 31.72 -65.02 -127.78
CA TRP V 3 31.66 -64.00 -128.82
C TRP V 3 31.50 -62.63 -128.18
N PRO V 4 32.16 -61.59 -128.73
CA PRO V 4 32.41 -60.37 -127.94
C PRO V 4 31.17 -59.59 -127.49
N GLU V 5 30.36 -59.10 -128.44
CA GLU V 5 29.27 -58.18 -128.11
C GLU V 5 28.46 -57.88 -129.35
N VAL V 6 27.18 -57.55 -129.13
CA VAL V 6 26.27 -57.13 -130.18
C VAL V 6 25.59 -55.83 -129.77
N LYS V 7 26.32 -54.97 -129.05
CA LYS V 7 25.74 -53.82 -128.35
C LYS V 7 24.61 -53.15 -129.13
N ILE V 8 23.50 -52.93 -128.44
CA ILE V 8 22.31 -52.33 -129.06
C ILE V 8 22.64 -50.91 -129.50
N PRO V 9 22.31 -50.50 -130.72
CA PRO V 9 22.51 -49.11 -131.12
C PRO V 9 21.60 -48.18 -130.32
N ALA V 10 22.07 -46.94 -130.14
CA ALA V 10 21.27 -45.95 -129.43
C ALA V 10 19.98 -45.66 -130.20
N ARG V 11 18.86 -45.69 -129.50
CA ARG V 11 17.56 -45.56 -130.15
C ARG V 11 17.29 -44.11 -130.53
N ILE V 12 16.44 -43.93 -131.54
CA ILE V 12 16.00 -42.63 -132.01
C ILE V 12 14.54 -42.45 -131.63
N ILE V 13 14.23 -41.34 -130.97
CA ILE V 13 12.88 -41.09 -130.48
C ILE V 13 12.05 -40.45 -131.58
N THR V 14 11.42 -41.27 -132.42
CA THR V 14 10.49 -40.76 -133.41
C THR V 14 9.16 -40.45 -132.73
N THR V 15 8.49 -39.39 -133.21
CA THR V 15 7.29 -38.91 -132.54
C THR V 15 6.21 -39.98 -132.43
N SER V 16 6.10 -40.91 -133.38
CA SER V 16 5.05 -41.94 -133.43
C SER V 16 5.62 -43.36 -133.59
N GLY V 17 6.88 -43.54 -133.18
CA GLY V 17 7.64 -44.77 -133.40
C GLY V 17 7.71 -45.69 -132.19
N ASN V 18 8.64 -46.64 -132.25
CA ASN V 18 8.87 -47.67 -131.24
C ASN V 18 9.67 -47.20 -130.00
N ALA V 19 9.82 -45.89 -129.76
CA ALA V 19 10.55 -45.41 -128.60
C ALA V 19 9.87 -44.18 -128.03
N SER V 20 9.73 -44.14 -126.71
CA SER V 20 9.17 -42.99 -126.01
C SER V 20 9.65 -43.02 -124.57
N VAL V 21 10.10 -41.86 -124.07
CA VAL V 21 10.68 -41.81 -122.73
C VAL V 21 9.62 -42.00 -121.65
N ASP V 22 8.41 -41.47 -121.85
CA ASP V 22 7.42 -41.46 -120.79
C ASP V 22 6.86 -42.86 -120.49
N GLY V 23 7.04 -43.84 -121.38
CA GLY V 23 6.47 -45.19 -121.20
C GLY V 23 7.11 -45.98 -120.05
N ASN V 24 8.32 -45.61 -119.63
CA ASN V 24 9.08 -46.26 -118.57
C ASN V 24 9.60 -45.21 -117.57
N PRO V 25 8.78 -44.70 -116.62
CA PRO V 25 9.18 -43.63 -115.70
C PRO V 25 10.28 -44.04 -114.73
N GLY V 26 10.67 -45.31 -114.68
CA GLY V 26 11.73 -45.77 -113.81
C GLY V 26 13.13 -45.60 -114.35
N TYR V 27 13.32 -45.06 -115.55
CA TYR V 27 14.65 -44.85 -116.15
C TYR V 27 14.82 -43.39 -116.59
N ARG V 28 15.99 -42.80 -116.36
CA ARG V 28 16.26 -41.45 -116.84
C ARG V 28 16.89 -41.51 -118.23
N PRO V 29 16.53 -40.58 -119.11
CA PRO V 29 17.22 -40.51 -120.42
C PRO V 29 18.54 -39.78 -120.30
N THR V 30 19.53 -40.26 -121.06
CA THR V 30 20.86 -39.68 -121.07
C THR V 30 21.33 -39.49 -122.50
N ARG V 31 22.21 -38.51 -122.69
CA ARG V 31 22.81 -38.29 -123.99
C ARG V 31 23.98 -39.25 -124.19
N VAL V 32 24.12 -39.76 -125.41
CA VAL V 32 25.13 -40.78 -125.71
C VAL V 32 26.03 -40.27 -126.84
N ASP V 33 26.28 -38.97 -126.84
CA ASP V 33 27.04 -38.33 -127.91
C ASP V 33 28.44 -38.92 -128.01
N SER V 34 28.89 -39.17 -129.25
CA SER V 34 30.25 -39.60 -129.52
C SER V 34 30.57 -39.26 -130.98
N ASN V 35 31.86 -39.03 -131.24
CA ASN V 35 32.36 -38.73 -132.58
C ASN V 35 31.68 -37.51 -133.20
N GLY V 36 31.31 -36.55 -132.36
CA GLY V 36 30.76 -35.29 -132.83
C GLY V 36 29.26 -35.28 -133.06
N GLU V 37 28.57 -36.39 -132.86
CA GLU V 37 27.13 -36.45 -133.02
C GLU V 37 26.51 -37.20 -131.86
N THR V 38 25.23 -36.91 -131.59
CA THR V 38 24.56 -37.42 -130.41
C THR V 38 24.33 -38.92 -130.47
N MET V 39 24.05 -39.47 -131.67
CA MET V 39 23.92 -40.90 -131.92
C MET V 39 22.63 -41.50 -131.38
N GLY V 40 21.85 -40.72 -130.65
CA GLY V 40 20.56 -41.19 -130.19
C GLY V 40 20.39 -40.96 -128.69
N TYR V 41 19.64 -41.87 -128.05
CA TYR V 41 19.29 -41.73 -126.65
C TYR V 41 19.26 -43.12 -126.01
N GLU V 42 19.35 -43.13 -124.67
CA GLU V 42 19.38 -44.36 -123.90
C GLU V 42 18.92 -44.05 -122.48
N MET V 43 18.27 -45.04 -121.86
CA MET V 43 17.69 -44.89 -120.53
C MET V 43 18.34 -45.87 -119.57
N ARG V 44 18.50 -45.45 -118.32
CA ARG V 44 19.11 -46.27 -117.28
C ARG V 44 18.86 -45.60 -115.94
N ASP V 45 19.24 -46.30 -114.87
CA ASP V 45 19.41 -45.72 -113.54
C ASP V 45 18.14 -45.14 -112.92
N ARG V 46 18.25 -44.62 -111.69
CA ARG V 46 17.16 -44.05 -110.91
C ARG V 46 16.59 -42.78 -111.57
N VAL V 47 15.37 -42.43 -111.18
CA VAL V 47 14.64 -41.23 -111.61
C VAL V 47 14.51 -41.17 -113.13
MG MG W . 8.90 55.22 125.40
PG ANP X . 7.34 53.84 126.77
O1G ANP X . 6.10 53.03 126.85
O2G ANP X . 8.43 53.37 125.88
O3G ANP X . 6.98 55.09 126.07
PB ANP X . 9.09 54.90 128.44
O1B ANP X . 8.83 55.83 129.57
O2B ANP X . 9.62 55.50 127.17
N3B ANP X . 7.76 54.15 128.23
PA ANP X . 11.38 53.83 128.90
O1A ANP X . 11.99 53.38 127.63
O2A ANP X . 11.95 55.14 129.25
O3A ANP X . 9.86 53.69 128.90
O5' ANP X . 11.65 52.79 130.07
C5' ANP X . 11.34 53.22 131.39
C4' ANP X . 10.84 52.03 132.20
O4' ANP X . 11.76 50.93 132.11
C3' ANP X . 10.77 52.33 133.69
O3' ANP X . 9.63 53.08 134.06
C2' ANP X . 10.83 50.93 134.30
O2' ANP X . 9.54 50.29 134.20
C1' ANP X . 11.83 50.23 133.36
N9 ANP X . 13.22 50.28 133.79
C8 ANP X . 14.11 51.35 133.82
N7 ANP X . 15.38 50.98 134.04
C5 ANP X . 15.24 49.63 134.18
C6 ANP X . 16.20 48.67 134.49
N6 ANP X . 17.48 48.96 134.72
N1 ANP X . 15.90 47.40 134.64
C2 ANP X . 14.62 47.08 134.46
N3 ANP X . 13.61 47.92 134.17
C4 ANP X . 13.97 49.19 134.04
PG ANP Y . -16.19 27.41 106.03
O1G ANP Y . -14.86 27.95 105.65
O2G ANP Y . -17.24 27.30 104.97
O3G ANP Y . -15.99 26.02 106.45
PB ANP Y . -18.09 28.04 107.79
O1B ANP Y . -18.03 28.01 109.27
O2B ANP Y . -18.84 26.93 107.11
N3B ANP Y . -16.61 28.18 107.30
PA ANP Y . -19.90 29.71 107.05
O1A ANP Y . -20.37 29.40 105.68
O2A ANP Y . -20.82 29.11 108.03
O3A ANP Y . -18.42 29.41 107.21
O5' ANP Y . -19.80 31.26 107.33
C5' ANP Y . -19.66 31.63 108.70
C4' ANP Y . -18.86 32.93 108.78
O4' ANP Y . -19.48 33.94 107.97
C3' ANP Y . -18.87 33.52 110.18
O3' ANP Y . -17.93 32.89 111.05
C2' ANP Y . -18.59 34.98 109.91
O2' ANP Y . -17.18 35.17 109.66
C1' ANP Y . -19.39 35.22 108.60
N9 ANP Y . -20.76 35.69 108.80
C8 ANP Y . -21.87 34.97 109.24
N7 ANP Y . -23.02 35.64 109.08
C5 ANP Y . -22.58 36.80 108.52
C6 ANP Y . -23.32 37.93 108.20
N6 ANP Y . -24.65 38.03 108.39
N1 ANP Y . -22.77 39.02 107.74
C2 ANP Y . -21.45 38.97 107.59
N3 ANP Y . -20.63 37.94 107.87
C4 ANP Y . -21.26 36.86 108.33
MG MG Z . -18.28 25.80 105.74
PG ANP AA . 11.90 30.63 76.05
O1G ANP AA . 10.72 29.66 76.00
O2G ANP AA . 13.16 30.11 75.34
O3G ANP AA . 11.54 32.07 75.71
PB ANP AA . 14.00 30.81 78.33
O1B ANP AA . 14.05 31.68 79.54
O2B ANP AA . 15.02 30.99 77.24
N3B ANP AA . 12.45 30.67 77.76
PA ANP AA . 15.73 28.78 79.51
O1A ANP AA . 16.41 27.85 78.58
O2A ANP AA . 16.46 29.97 80.09
O3A ANP AA . 14.29 29.27 78.98
O5' ANP AA . 15.18 27.86 80.77
C5' ANP AA . 14.78 28.47 81.97
C4' ANP AA . 13.68 27.70 82.66
O4' ANP AA . 13.88 26.30 82.47
C3' ANP AA . 13.57 27.89 84.17
O3' ANP AA . 12.92 29.05 84.57
C2' ANP AA . 12.95 26.59 84.61
O2' ANP AA . 11.57 26.65 84.38
C1' ANP AA . 13.62 25.60 83.64
N9 ANP AA . 14.88 25.05 84.14
C8 ANP AA . 16.09 25.67 84.27
N7 ANP AA . 17.03 24.91 84.74
C5 ANP AA . 16.41 23.71 84.94
C6 ANP AA . 16.84 22.47 85.43
N6 ANP AA . 18.10 22.25 85.82
N1 ANP AA . 15.95 21.47 85.50
C2 ANP AA . 14.70 21.69 85.11
N3 ANP AA . 14.17 22.80 84.64
C4 ANP AA . 15.07 23.78 84.57
MG MG BA . 15.04 30.65 75.27
MG MG CA . -18.21 16.75 49.24
PG ANP DA . -16.13 16.20 51.36
O1G ANP DA . -16.45 16.66 49.98
O2G ANP DA . -16.66 14.83 51.56
O3G ANP DA . -14.67 16.15 51.61
PB ANP DA . -18.27 17.45 52.33
O1B ANP DA . -18.99 16.80 53.45
O2B ANP DA . -18.88 17.22 50.98
N3B ANP DA . -16.73 17.10 52.47
PA ANP DA . -19.25 19.84 52.68
O1A ANP DA . -20.01 19.84 51.40
O2A ANP DA . -20.18 19.55 53.79
O3A ANP DA . -18.01 18.94 52.62
O5' ANP DA . -18.51 21.23 52.91
C5' ANP DA . -18.38 21.66 54.26
C4' ANP DA . -17.12 22.55 54.45
O4' ANP DA . -17.12 23.66 53.55
C3' ANP DA . -17.09 23.19 55.84
O3' ANP DA . -16.57 22.32 56.83
C2' ANP DA . -16.24 24.43 55.61
O2' ANP DA . -14.86 24.07 55.57
C1' ANP DA . -16.73 24.87 54.21
N9 ANP DA . -17.86 25.76 54.17
C8 ANP DA . -19.22 25.51 54.42
N7 ANP DA . -20.01 26.53 54.07
C5 ANP DA . -19.10 27.44 53.62
C6 ANP DA . -19.30 28.74 53.19
N6 ANP DA . -20.50 29.36 53.19
N1 ANP DA . -18.31 29.53 52.84
C2 ANP DA . -17.09 28.98 52.88
N3 ANP DA . -16.78 27.74 53.28
C4 ANP DA . -17.83 26.99 53.63
MG MG EA . 17.00 6.37 26.18
PG ANP FA . 14.47 6.45 26.63
O1G ANP FA . 13.11 6.87 26.18
O2G ANP FA . 15.09 5.29 25.95
O3G ANP FA . 15.37 7.57 26.28
PB ANP FA . 15.65 5.78 28.87
O1B ANP FA . 15.84 6.65 30.05
O2B ANP FA . 16.86 5.58 28.00
N3B ANP FA . 14.39 6.35 28.17
PA ANP FA . 15.76 3.36 29.73
O1A ANP FA . 16.07 2.36 28.70
O2A ANP FA . 17.00 3.73 30.46
O3A ANP FA . 14.91 4.49 29.18
O5' ANP FA . 14.67 2.83 30.76
C5' ANP FA . 14.54 3.56 31.97
C4' ANP FA . 13.12 3.34 32.53
O4' ANP FA . 12.78 1.94 32.49
C3' ANP FA . 13.03 3.71 34.00
O3' ANP FA . 12.83 5.11 34.19
C2' ANP FA . 11.87 2.85 34.48
O2' ANP FA . 10.61 3.44 34.09
C1' ANP FA . 12.09 1.55 33.69
N9 ANP FA . 12.90 0.54 34.33
C8 ANP FA . 14.27 0.52 34.59
N7 ANP FA . 14.70 -0.69 35.01
C5 ANP FA . 13.55 -1.40 35.02
C6 ANP FA . 13.33 -2.71 35.43
N6 ANP FA . 14.28 -3.50 35.94
N1 ANP FA . 12.13 -3.25 35.44
C2 ANP FA . 11.14 -2.47 35.00
N3 ANP FA . 11.23 -1.21 34.59
C4 ANP FA . 12.47 -0.70 34.61
MG MG GA . -17.32 5.52 -3.62
PG ANP HA . -14.86 5.34 -2.86
O1G ANP HA . -13.65 4.46 -2.83
O2G ANP HA . -15.23 5.91 -4.18
O3G ANP HA . -16.00 4.45 -2.56
PB ANP HA . -15.77 7.44 -1.59
O1B ANP HA . -16.06 7.52 -0.14
O2B ANP HA . -16.94 7.23 -2.51
N3B ANP HA . -14.68 6.35 -1.70
PA ANP HA . -15.39 9.89 -2.28
O1A ANP HA . -15.61 10.12 -3.73
O2A ANP HA . -16.61 10.27 -1.57
O3A ANP HA . -14.80 8.52 -2.03
O5' ANP HA . -14.15 10.74 -1.76
C5' ANP HA . -14.10 10.92 -0.35
C4' ANP HA . -12.65 11.15 0.10
O4' ANP HA . -12.02 12.15 -0.72
C3' ANP HA . -12.58 11.70 1.51
O3' ANP HA . -12.71 10.69 2.50
C2' ANP HA . -11.23 12.41 1.50
O2' ANP HA . -10.18 11.43 1.65
C1' ANP HA . -11.20 13.02 0.09
N9 ANP HA . -11.77 14.35 -0.02
C8 ANP HA . -13.12 14.74 0.06
N7 ANP HA . -13.31 16.04 -0.22
C5 ANP HA . -12.04 16.45 -0.46
C6 ANP HA . -11.57 17.73 -0.73
N6 ANP HA . -12.35 18.82 -0.74
N1 ANP HA . -10.30 18.00 -0.90
C2 ANP HA . -9.48 16.96 -0.83
N3 ANP HA . -9.79 15.68 -0.55
C4 ANP HA . -11.11 15.47 -0.37
MG MG IA . 14.93 -18.53 -23.67
PG ANP JA . 13.08 -17.08 -23.94
O1G ANP JA . 11.98 -16.15 -24.49
O2G ANP JA . 13.04 -18.50 -24.49
O3G ANP JA . 14.46 -16.43 -23.93
PB ANP JA . 13.40 -18.48 -21.20
O1B ANP JA . 13.61 -17.88 -19.84
O2B ANP JA . 14.51 -19.24 -21.88
N3B ANP JA . 12.65 -17.40 -22.23
PA ANP JA . 12.49 -20.97 -20.07
O1A ANP JA . 12.39 -22.20 -20.90
O2A ANP JA . 13.68 -20.75 -19.17
O3A ANP JA . 12.20 -19.63 -20.91
O5' ANP JA . 11.11 -20.90 -19.15
C5' ANP JA . 11.05 -20.02 -18.06
C4' ANP JA . 9.63 -19.60 -17.77
O4' ANP JA . 8.74 -20.65 -18.09
C3' ANP JA . 9.33 -19.23 -16.31
O3' ANP JA . 9.69 -17.95 -15.95
C2' ANP JA . 7.85 -19.57 -16.20
O2' ANP JA . 7.11 -18.53 -16.72
C1' ANP JA . 7.77 -20.82 -17.10
N9 ANP JA . 8.04 -22.08 -16.41
C8 ANP JA . 9.25 -22.58 -15.98
N7 ANP JA . 9.14 -23.75 -15.40
C5 ANP JA . 7.81 -24.02 -15.43
C6 ANP JA . 7.05 -25.11 -14.97
N6 ANP JA . 7.58 -26.16 -14.35
N1 ANP JA . 5.73 -25.08 -15.17
C2 ANP JA . 5.19 -24.02 -15.79
N3 ANP JA . 5.79 -22.95 -16.27
C4 ANP JA . 7.11 -23.00 -16.06
MG MG KA . -11.05 -5.14 -58.61
PG ANP LA . -9.01 -6.88 -56.77
O1G ANP LA . -7.81 -7.16 -57.57
O2G ANP LA . -10.16 -6.59 -57.68
O3G ANP LA . -9.31 -8.06 -55.91
PB ANP LA . -9.41 -4.32 -55.90
O1B ANP LA . -10.27 -4.24 -54.69
O2B ANP LA . -10.10 -4.02 -57.22
N3B ANP LA . -8.69 -5.72 -55.77
PA ANP LA . -8.05 -2.12 -56.08
O1A ANP LA . -7.82 -1.96 -57.53
O2A ANP LA . -9.21 -1.30 -55.66
O3A ANP LA . -8.09 -3.59 -55.69
O5' ANP LA . -6.75 -1.73 -55.26
C5' ANP LA . -6.85 -1.62 -53.85
C4' ANP LA . -5.50 -2.03 -53.21
O4' ANP LA . -4.41 -1.45 -53.94
C3' ANP LA . -5.32 -1.51 -51.80
O3' ANP LA . -5.96 -2.33 -50.83
C2' ANP LA . -3.81 -1.45 -51.65
O2' ANP LA . -3.25 -2.74 -51.37
C1' ANP LA . -3.37 -1.03 -53.06
N9 ANP LA . -3.17 0.39 -53.24
C8 ANP LA . -4.10 1.40 -53.46
N7 ANP LA . -3.53 2.57 -53.79
C5 ANP LA . -2.21 2.24 -53.77
C6 ANP LA . -1.10 3.06 -53.95
N6 ANP LA . -1.18 4.37 -54.19
N1 ANP LA . 0.13 2.61 -53.82
C2 ANP LA . 0.25 1.32 -53.51
N3 ANP LA . -0.75 0.44 -53.28
C4 ANP LA . -1.96 0.94 -53.45
MG MG MA . 10.00 -41.42 -74.37
PG ANP NA . 8.59 -39.47 -74.44
O1G ANP NA . 7.86 -38.35 -75.07
O2G ANP NA . 8.19 -40.83 -74.88
O3G ANP NA . 10.02 -39.50 -74.83
PB ANP NA . 8.55 -40.44 -71.97
O1B ANP NA . 8.93 -39.87 -70.65
O2B ANP NA . 9.38 -41.57 -72.53
N3B ANP NA . 8.62 -39.21 -72.92
PA ANP NA . 6.58 -42.07 -71.55
O1A ANP NA . 6.28 -42.95 -72.70
O2A ANP NA . 7.43 -42.80 -70.59
O3A ANP NA . 7.04 -40.67 -71.99
O5' ANP NA . 5.25 -41.60 -70.86
C5' ANP NA . 5.34 -40.90 -69.63
C4' ANP NA . 4.17 -39.90 -69.55
O4' ANP NA . 2.93 -40.56 -69.79
C3' ANP NA . 4.03 -39.28 -68.17
O3' ANP NA . 4.93 -38.19 -67.92
C2' ANP NA . 2.57 -38.87 -68.16
O2' ANP NA . 2.40 -37.66 -68.91
C1' ANP NA . 1.91 -40.06 -68.93
N9 ANP NA . 1.45 -41.18 -68.13
C8 ANP NA . 2.19 -42.15 -67.46
N7 ANP NA . 1.44 -43.20 -67.08
C5 ANP NA . 0.21 -42.85 -67.52
C6 ANP NA . -1.02 -43.49 -67.35
N6 ANP NA . -1.17 -44.63 -66.67
N1 ANP NA . -2.14 -42.98 -67.81
C2 ANP NA . -2.03 -41.83 -68.47
N3 ANP NA . -0.92 -41.12 -68.66
C4 ANP NA . 0.19 -41.66 -68.16
MG MG OA . -2.23 -18.96 -111.15
PG ANP PA . -1.82 -21.10 -110.15
O1G ANP PA . -1.58 -22.58 -109.85
O2G ANP PA . -1.00 -20.53 -111.31
O3G ANP PA . -3.30 -20.72 -110.17
PB ANP PA . -0.85 -18.56 -108.67
O1B ANP PA . -1.18 -18.06 -107.29
O2B ANP PA . -1.33 -17.80 -109.87
N3B ANP PA . -1.08 -20.20 -108.78
PA ANP PA . 1.57 -16.99 -108.88
O1A ANP PA . 2.25 -16.84 -110.20
O2A ANP PA . 0.65 -15.90 -108.37
O3A ANP PA . 0.84 -18.41 -108.71
O5' ANP PA . 2.75 -17.26 -107.75
C5' ANP PA . 2.44 -17.22 -106.39
C4' ANP PA . 3.31 -18.15 -105.57
O4' ANP PA . 4.62 -18.20 -106.14
C3' ANP PA . 3.52 -17.76 -104.11
O3' ANP PA . 2.48 -18.12 -103.27
C2' ANP PA . 4.87 -18.39 -103.79
O2' ANP PA . 4.69 -19.73 -103.48
C1' ANP PA . 5.59 -18.20 -105.14
N9 ANP PA . 6.35 -16.96 -105.23
C8 ANP PA . 5.88 -15.67 -105.29
N7 ANP PA . 6.82 -14.78 -105.37
C5 ANP PA . 7.98 -15.52 -105.37
C6 ANP PA . 9.34 -15.16 -105.44
N6 ANP PA . 9.75 -13.89 -105.53
N1 ANP PA . 10.25 -16.15 -105.43
C2 ANP PA . 9.82 -17.40 -105.35
N3 ANP PA . 8.59 -17.86 -105.28
C4 ANP PA . 7.70 -16.87 -105.29
MG MG QA . 3.57 -60.78 -126.07
PG ANP RA . 3.21 -58.36 -126.24
O1G ANP RA . 3.44 -57.04 -126.90
O2G ANP RA . 2.50 -59.41 -127.03
O3G ANP RA . 4.51 -58.98 -126.05
PB ANP RA . 2.16 -59.27 -123.99
O1B ANP RA . 2.64 -59.00 -122.61
O2B ANP RA . 2.49 -60.63 -124.55
N3B ANP RA . 2.65 -58.06 -124.82
PA ANP RA . -0.31 -59.94 -123.77
O1A ANP RA . -0.78 -60.69 -124.95
O2A ANP RA . 0.06 -60.88 -122.69
O3A ANP RA . 0.71 -58.88 -124.18
O5' ANP RA . -1.41 -58.94 -123.24
C5' ANP RA . -1.20 -58.36 -121.96
C4' ANP RA . -1.79 -56.94 -121.95
O4' ANP RA . -3.11 -56.97 -122.48
C3' ANP RA . -1.94 -56.38 -120.55
O3' ANP RA . -0.73 -55.85 -120.04
C2' ANP RA . -3.03 -55.35 -120.75
O2' ANP RA . -2.53 -54.18 -121.41
C1' ANP RA . -3.97 -56.10 -121.74
N9 ANP RA . -5.00 -56.92 -121.14
C8 ANP RA . -4.90 -58.17 -120.53
N7 ANP RA . -6.09 -58.77 -120.38
C5 ANP RA . -6.94 -57.85 -120.89
C6 ANP RA . -8.32 -57.84 -120.90
N6 ANP RA . -9.07 -58.82 -120.37
N1 ANP RA . -9.02 -56.83 -121.36
C2 ANP RA . -8.31 -55.81 -121.83
N3 ANP RA . -6.96 -55.66 -121.82
C4 ANP RA . -6.32 -56.74 -121.36
#